data_7XL4
#
_entry.id   7XL4
#
_cell.length_a   1.00
_cell.length_b   1.00
_cell.length_c   1.00
_cell.angle_alpha   90.00
_cell.angle_beta   90.00
_cell.angle_gamma   90.00
#
_symmetry.space_group_name_H-M   'P 1'
#
loop_
_entity.id
_entity.type
_entity.pdbx_description
1 polymer 'DNA-directed RNA polymerase subunit alpha'
2 polymer 'DNA-directed RNA polymerase subunit beta'
3 polymer "DNA-directed RNA polymerase subunit beta'"
4 polymer 'DNA-directed RNA polymerase subunit omega'
5 polymer 'Transcriptional factor SutA'
6 polymer 'RNA polymerase sigma factor RpoS'
7 non-polymer 'ZINC ION'
8 non-polymer 'MAGNESIUM ION'
#
loop_
_entity_poly.entity_id
_entity_poly.type
_entity_poly.pdbx_seq_one_letter_code
_entity_poly.pdbx_strand_id
1 'polypeptide(L)'
;MGHHHHHHHHHHMQSSVNEFLTPRHIDVQVVSQTRAKITLEPLERGFGHTLGNALRRILLSSMPGCAVVEAEIDGVLHEY
SAIEGVQEDVIEILLNLKGLAIKLHGRDEVTLTLAKKGSGVVTAADIQLDHDVEIINGDHVIANLADNGALNMKLKVARG
RGYEPADARQSDEDESRSIGRLQLDASFSPVRRVSYVVENARVEQRTNLDKLVLDLETNGTLDPEEAIRRAATILQQQLA
AFVDLKGDSEPVVEEQEDEIDPILLRPVDDLELTVRSANCLKAENIYYIGDLIQRTEVELLKTPNLGKKSLTEIKDVLAS
RGLSLGMRLDNWPPASLKKDDKATA
;
A,B
2 'polypeptide(L)'
;MGMAYSYTEKKRIRKDFSKLPDVMDVPYLLAIQLDSYREFLQAGATKEQFRDVGLHAAFKSVFPIISYSGNAALEYVGYR
LGEPAFDVKECVLRGVTFAVPLRVKVRLIIFDRESSNKAIKDIKEQEVYMGEIPLMTENGTFIINGTERVIVSQLHRSPG
VFFDHDRGKTHSSGKLLYSARIIPYRGSWLDFEFDPKDCVFVRIDRRRKLPASVLLRALGYSTEEILNAFYATNVFHIKG
ETLNLELVPQRLRGEVASIDIKDGSGKVIVEQGRRITARHINQLEKAGVSQLEVPFDYLIGRTIAKAIVHPATGEIIAEC
NTELTLDLLAKVAKAQVVRIETLYTNDIDCGPFISDTLKIDNTSNQLEALVEIYRMMRPGEPPTKEAAETLFGNLFFSAE
RYDLSAVGRMKFNRRIGRTEIEGPGVLSKEDIIDVLKTLVDIRNGKGIVDDIDHLGNRRVRCVGEMAENQFRVGLVRVER
AVKERLSMAESEGLMPQDLINAKPVAAAIKEFFGSSQLSQFMDQNNPLSEITHKRRVSALGPGGLTRERAGFEVRDVHPT
HYGRVCPIETPEGPNIGLINSLATYARTNKYGFLESPYRVVKDSLVTDEIVFLSAIEEADHVIAQASATLNEKGQLVDEL
VAVRHLNEFTVKAPEDVTLMDVSPKQVVSVAASLIPFLEHDDANRALMGSNMQRQAVPTLRADKPLVGTGMERNVARDSG
VCVVARRGGVIDSVDASRVVVRVADDEVETGEAGVDIYNLTKYTRSNQNTCINQRPLVSKGDVVARGDILADGPSTDMGE
LALGQNMRVAFMPWNGFNFEDSICLSERVVQEDRFTTIHIQELTCVARDTKLGPEEITADIPNVGEAALNKLDEAGIVYV
GAEVQAGDILVGKVTPKGETQLTPEEKLLRAIFGEKASDVKDTSLRVPTGTKGTVIDVQVFTRDGVERDSRALSIEKMQL
DQIRKDLNEEFRIVEGATFERLRAALVGAKAEGGPALKKGTEITDDYLDGLERGQWFKLRMADDALNEQLEKAQAYISDR
RQLLDDKFEDKKRKLQQGDDLAPGVLKIVKVYLAIKRRIQPGDKMAGRHGNKGVVSVIMPVEDMPHDANGTPVDIVLNPL
GVPSRMNVGQILETHLGLAAKGLGEKINRMLEEQRKVAELRKFLHEIYNEIGGREENLDELGDNEILALAKNLRGGVPMA
TPVFDGAKEREIKAMLKLADLPESGQMRLFDGRTGNQFERPTTVGYMYMLKLNHLVDDKMHARSTGSYSLVTQQPLGGKA
QFGGQRFGEMEVWALEAYGAAYTLQEMLTVKSDDVNGRTKMYKNIVDGDHRMEAGMPESFNVLIKEIRSLGIDIELETE
;
C
3 'polypeptide(L)'
;MLKDLLNLLKNQGQIEEFDAIRIGLASPEMIRSWSFGEVKKPETINYRTFKPERDGLFCAKIFGPVKDYECLCGKYKRLK
HRGVICEKCGVEVALAKVRRERMGHIELASPVAHIWFLKSLPSRIGLLLDMTLRDIERVLYFESYVVIDPGMTTLEKGQL
LNDEQYFEALEEFGDDFDARMGAEAVHELLNAIDLEHEIGRLREEIPQTNSETKIKKLSKRLKLMEAFQGSGNKPEWMVL
TVLPVLPPDLRPLVPLDGGRFATSDLNDLYRRVINRNNRLKRLLDLAAPDIIVRNEKRMLQEAVDALLDNGRRGRAITGS
NKRPLKSLADMIKGKQGRFRQNLLGKRVDYSGRSVITVGPTLRLHQCGLPKKMALELFKPFIFGKLEGRGMATTIKAAKK
MVERELPEVWDVLAEVIREHPVLLNRAPTLHRLGIQAFEPVLIEGKAIQLHPLVCAAYNADFDGDQMAVHVPLTLEAQLE
ARALMMSTNNILSPANGEPIIVPSQDVVMGLYYMTREAINAKGEGMAFADLQEVDRAYRSGQASLHARVKVRINEKIKGE
DGQLTANTRIVDTTVGRALLFQVVPAGLPFDVVNQSMKKKAISKLINHCYRVVGLKDTVIFADQLMYTGFAYSTISGVSI
GVNDFVIPDEKARIINAATDEVKEIESQYASGLVTQGEKYNKVIDLWSKANDEVSKAMMANLSKEKVVDREGKEVDQESF
NSMYMMADSGARGSAAQIRQLAGMRGLMAKPDGSIIETPITANFREGLNVLQYFISTHGARKGLADTALKTANSGYLTRR
LVDVAQDLVVTEIDCGTEHGLLMSPHIEGGDVVEPLGERVLGRVIARDVFKPGSDEVIVPAGTLIDEKWVDFLEVMSVDE
VVVRSPITCETRHGICAMCYGRDLARGHRVNIGEAVGVIAAQSIGEPGTQLTMRTFHIGGAASRTSAADNVQVKNGGTIR
LHNLKHVVRADGALVAVSRSGELAVADDFGRERERYKLPYGAVISVKEGDKVDPGAIVAKWDPHTHPIVTEVDGTVAFVG
MEEGITVKRQTDELTGLTNIEVMDPKDRPAAGKDIRPAVKLIDAAGKDLLLPGTDVPAQYFLPANALVNLTDGAKVSIGD
VVARIPQETSKTRDITGGLPRVADLFEARRPKEPSILAEISGTISFGKETKGKRRLVITPNDGSDPYEELIPKWRHLNVF
EGEQVNRGEVISDGPSNPHDILRLLGVSSLAKYIVNEIQDVYRLQGVKINDKHIETILRQMLRKVEVSESGDSSFIKGDQ
VELTQVLEENEQLGTEDKFPAKYERVLLGITKASLSTESFISAASFQETTRVLTEAAVTGKRDFLRGLKENVVVGRLIPA
GTGLAYHSERKRQRDLGKPQRVSASEAEAALTEALNSSGNGSGSWSHPQFEK
;
D
4 'polypeptide(L)'
;MARVTVEDCLDNVDNRFELVMLATKRARQLATGGKEPKVAWENDKPTVVALREIASGLVDENVVQQEDIVEDEPLFAAFD
DEANTEAL
;
E
5 'polypeptide(L)'
;GAMGMSEEELEQDELDGADEDDGEELAAADDGEADSGDGDEAPAPGKKAKAAVVEEELPSVEAKQKERDALAKAMEEFLS
RGGKVQEIEPNVVADPPKKPDSKYGSRPI
;
G
6 'polypeptide(L)'
;GAMGMALKKEGPEFDHDDEVLLLEPGIMLDESSADEQPSPRATPKATTSFSSKQHKHIDYTRALDATQLYLNEIGFSPLL
TPEEEVHFARLAQKGDPAGRKRMIESNLRLVVKIARRYVNRGLSLLDLIEEGNLGLIRAVEKFDPERGFRFSTYATWWIR
QTIERAIMNQTRTIRLPIHVVKELNVYLRAARELTHKLDHEPSPEEIANLLEKPVAEVKRMLGLNERVTSVDVSLGPDSD
KTLLDTLTDDRPTDPCELLQDDDLSESIDQWLTELTDKQREVVIRRFGLRGHESSTLEEVGQEIGLTRERVRQIQVEALK
RLREILEKNGLSSDALFQ
;
F
#
# COMPACT_ATOMS: atom_id res chain seq x y z
N PHE A 20 -1.83 -57.20 35.91
CA PHE A 20 -1.56 -58.51 36.50
C PHE A 20 -0.06 -58.76 36.63
N LEU A 21 0.72 -58.09 35.78
CA LEU A 21 2.17 -58.21 35.78
C LEU A 21 2.79 -56.86 36.12
N THR A 22 3.86 -56.90 36.92
CA THR A 22 4.55 -55.71 37.35
C THR A 22 6.03 -55.79 37.01
N PRO A 23 6.64 -54.71 36.54
CA PRO A 23 8.07 -54.74 36.21
C PRO A 23 8.92 -54.80 37.47
N ARG A 24 9.78 -55.81 37.54
CA ARG A 24 10.65 -56.01 38.69
C ARG A 24 12.07 -56.32 38.22
N HIS A 25 13.05 -55.71 38.87
CA HIS A 25 14.47 -55.94 38.58
C HIS A 25 14.79 -55.64 37.12
N ILE A 26 14.64 -54.36 36.77
CA ILE A 26 14.90 -53.93 35.39
C ILE A 26 16.40 -54.04 35.10
N ASP A 27 16.72 -54.01 33.81
CA ASP A 27 18.10 -54.10 33.34
C ASP A 27 18.53 -52.79 32.70
N VAL A 28 19.75 -52.36 33.00
CA VAL A 28 20.31 -51.13 32.48
C VAL A 28 21.52 -51.50 31.64
N GLN A 29 21.37 -51.45 30.31
CA GLN A 29 22.45 -51.77 29.39
C GLN A 29 23.18 -50.48 29.02
N VAL A 30 24.31 -50.23 29.69
CA VAL A 30 25.09 -49.03 29.45
C VAL A 30 26.10 -49.32 28.34
N VAL A 31 25.85 -48.77 27.15
CA VAL A 31 26.76 -48.96 26.03
C VAL A 31 27.75 -47.81 25.88
N SER A 32 27.48 -46.66 26.48
CA SER A 32 28.39 -45.51 26.41
C SER A 32 28.10 -44.60 27.59
N GLN A 33 28.94 -43.57 27.74
CA GLN A 33 28.74 -42.62 28.84
C GLN A 33 27.52 -41.75 28.61
N THR A 34 27.22 -41.42 27.35
CA THR A 34 26.08 -40.57 27.04
C THR A 34 24.83 -41.40 26.71
N ARG A 35 24.94 -42.29 25.72
CA ARG A 35 23.81 -43.10 25.29
C ARG A 35 23.73 -44.37 26.14
N ALA A 36 22.55 -44.65 26.68
CA ALA A 36 22.33 -45.82 27.51
C ALA A 36 20.91 -46.34 27.27
N LYS A 37 20.79 -47.63 27.02
CA LYS A 37 19.49 -48.27 26.78
C LYS A 37 19.08 -49.09 27.99
N ILE A 38 17.78 -49.14 28.23
CA ILE A 38 17.21 -49.87 29.36
C ILE A 38 16.02 -50.68 28.89
N THR A 39 15.91 -51.92 29.38
CA THR A 39 14.80 -52.81 29.09
C THR A 39 14.15 -53.17 30.42
N LEU A 40 13.02 -52.54 30.73
CA LEU A 40 12.39 -52.69 32.03
C LEU A 40 11.93 -54.12 32.30
N GLU A 41 10.94 -54.59 31.53
CA GLU A 41 10.32 -55.89 31.76
C GLU A 41 9.33 -56.19 30.65
N PRO A 42 9.11 -57.47 30.29
CA PRO A 42 8.04 -57.79 29.35
C PRO A 42 6.67 -57.59 29.96
N LEU A 43 5.97 -56.53 29.55
CA LEU A 43 4.68 -56.18 30.12
C LEU A 43 3.55 -56.79 29.30
N GLU A 44 2.32 -56.47 29.68
CA GLU A 44 1.15 -56.95 28.98
C GLU A 44 0.93 -56.18 27.68
N ARG A 45 0.21 -56.81 26.76
CA ARG A 45 -0.08 -56.17 25.47
C ARG A 45 -1.07 -55.03 25.67
N GLY A 46 -0.77 -53.88 25.11
CA GLY A 46 -1.60 -52.70 25.27
C GLY A 46 -1.00 -51.69 26.21
N PHE A 47 -0.37 -52.17 27.28
CA PHE A 47 0.29 -51.30 28.25
C PHE A 47 1.75 -51.03 27.90
N GLY A 48 2.32 -51.73 26.92
CA GLY A 48 3.70 -51.48 26.55
C GLY A 48 3.86 -50.17 25.82
N HIS A 49 3.10 -49.98 24.73
CA HIS A 49 3.17 -48.73 23.98
C HIS A 49 2.59 -47.56 24.76
N THR A 50 1.71 -47.82 25.73
CA THR A 50 1.14 -46.74 26.52
C THR A 50 2.17 -46.18 27.50
N LEU A 51 2.87 -47.07 28.21
CA LEU A 51 3.89 -46.63 29.15
C LEU A 51 5.14 -46.10 28.45
N GLY A 52 5.38 -46.51 27.20
CA GLY A 52 6.56 -46.01 26.50
C GLY A 52 6.42 -44.55 26.11
N ASN A 53 5.26 -44.17 25.57
CA ASN A 53 5.04 -42.76 25.23
C ASN A 53 4.84 -41.91 26.46
N ALA A 54 4.35 -42.49 27.55
CA ALA A 54 4.15 -41.72 28.78
C ALA A 54 5.47 -41.38 29.44
N LEU A 55 6.40 -42.34 29.48
CA LEU A 55 7.70 -42.09 30.09
C LEU A 55 8.59 -41.19 29.24
N ARG A 56 8.33 -41.10 27.93
CA ARG A 56 9.14 -40.24 27.08
C ARG A 56 8.88 -38.77 27.37
N ARG A 57 7.61 -38.41 27.60
CA ARG A 57 7.28 -37.02 27.87
C ARG A 57 7.69 -36.59 29.28
N ILE A 58 7.92 -37.54 30.18
CA ILE A 58 8.33 -37.19 31.54
C ILE A 58 9.81 -36.84 31.58
N LEU A 59 10.63 -37.61 30.87
CA LEU A 59 12.08 -37.39 30.89
C LEU A 59 12.48 -36.09 30.22
N LEU A 60 11.59 -35.49 29.41
CA LEU A 60 11.89 -34.23 28.74
C LEU A 60 11.20 -33.02 29.36
N SER A 61 10.17 -33.24 30.17
CA SER A 61 9.42 -32.13 30.75
C SER A 61 10.12 -31.57 31.97
N SER A 62 10.32 -32.39 33.00
CA SER A 62 10.90 -31.94 34.27
C SER A 62 11.88 -32.98 34.76
N MET A 63 13.16 -32.62 34.82
CA MET A 63 14.21 -33.47 35.35
C MET A 63 15.22 -32.61 36.11
N PRO A 64 15.73 -33.10 37.24
CA PRO A 64 16.70 -32.31 38.00
C PRO A 64 18.00 -32.12 37.24
N GLY A 65 18.44 -30.86 37.14
CA GLY A 65 19.67 -30.54 36.45
C GLY A 65 20.32 -29.32 37.06
N CYS A 66 21.57 -29.11 36.69
CA CYS A 66 22.36 -27.99 37.19
C CYS A 66 23.10 -27.33 36.04
N ALA A 67 23.16 -26.00 36.07
CA ALA A 67 23.86 -25.24 35.04
C ALA A 67 24.32 -23.92 35.64
N VAL A 68 25.17 -23.21 34.89
CA VAL A 68 25.69 -21.92 35.34
C VAL A 68 24.58 -20.89 35.22
N VAL A 69 24.19 -20.31 36.37
CA VAL A 69 23.12 -19.32 36.38
C VAL A 69 23.66 -17.93 36.05
N GLU A 70 24.74 -17.53 36.72
CA GLU A 70 25.32 -16.21 36.51
C GLU A 70 26.84 -16.32 36.62
N ALA A 71 27.53 -15.38 35.96
CA ALA A 71 28.98 -15.32 35.98
C ALA A 71 29.41 -13.88 36.18
N GLU A 72 30.28 -13.66 37.16
CA GLU A 72 30.75 -12.32 37.51
C GLU A 72 32.23 -12.21 37.18
N ILE A 73 32.58 -11.26 36.32
CA ILE A 73 33.96 -10.99 35.93
C ILE A 73 34.37 -9.64 36.52
N ASP A 74 35.52 -9.62 37.18
CA ASP A 74 36.05 -8.42 37.80
C ASP A 74 36.91 -7.59 36.85
N GLY A 75 36.81 -7.81 35.55
CA GLY A 75 37.60 -7.07 34.59
C GLY A 75 36.78 -6.43 33.49
N VAL A 76 35.48 -6.72 33.46
CA VAL A 76 34.58 -6.19 32.44
C VAL A 76 33.31 -5.70 33.11
N LEU A 77 32.66 -4.73 32.49
CA LEU A 77 31.42 -4.16 33.02
C LEU A 77 30.19 -4.90 32.49
N HIS A 78 30.02 -4.94 31.18
CA HIS A 78 28.91 -5.62 30.54
C HIS A 78 29.42 -6.72 29.63
N GLU A 79 28.49 -7.59 29.21
CA GLU A 79 28.84 -8.74 28.40
C GLU A 79 29.10 -8.40 26.94
N TYR A 80 28.76 -7.18 26.50
CA TYR A 80 28.93 -6.84 25.09
C TYR A 80 30.36 -6.44 24.76
N SER A 81 31.02 -5.71 25.65
CA SER A 81 32.39 -5.28 25.41
C SER A 81 33.37 -6.42 25.63
N ALA A 82 34.33 -6.54 24.72
CA ALA A 82 35.35 -7.57 24.83
C ALA A 82 36.47 -7.13 25.76
N ILE A 83 37.33 -8.09 26.11
CA ILE A 83 38.45 -7.83 27.01
C ILE A 83 39.76 -8.02 26.26
N GLU A 84 40.87 -7.70 26.90
CA GLU A 84 42.19 -7.78 26.28
C GLU A 84 42.88 -9.09 26.66
N GLY A 85 43.47 -9.75 25.67
CA GLY A 85 44.21 -10.96 25.86
C GLY A 85 43.47 -12.23 25.44
N VAL A 86 42.14 -12.20 25.43
CA VAL A 86 41.34 -13.36 25.07
C VAL A 86 40.98 -13.26 23.60
N GLN A 87 41.17 -14.35 22.86
CA GLN A 87 40.87 -14.35 21.43
C GLN A 87 39.37 -14.28 21.18
N GLU A 88 38.61 -15.15 21.83
CA GLU A 88 37.17 -15.18 21.63
C GLU A 88 36.49 -14.04 22.38
N ASP A 89 35.32 -13.65 21.89
CA ASP A 89 34.56 -12.56 22.50
C ASP A 89 33.94 -13.01 23.82
N VAL A 90 33.54 -12.02 24.63
CA VAL A 90 32.93 -12.32 25.92
C VAL A 90 31.58 -13.00 25.73
N ILE A 91 30.85 -12.62 24.67
CA ILE A 91 29.56 -13.26 24.40
C ILE A 91 29.77 -14.73 24.05
N GLU A 92 30.82 -15.04 23.30
CA GLU A 92 31.12 -16.43 22.97
C GLU A 92 31.59 -17.20 24.20
N ILE A 93 32.17 -16.51 25.18
CA ILE A 93 32.57 -17.18 26.42
C ILE A 93 31.35 -17.58 27.24
N LEU A 94 30.37 -16.68 27.34
CA LEU A 94 29.15 -17.01 28.08
C LEU A 94 28.32 -18.06 27.37
N LEU A 95 28.45 -18.18 26.05
CA LEU A 95 27.75 -19.21 25.31
C LEU A 95 28.40 -20.58 25.44
N ASN A 96 29.66 -20.63 25.87
CA ASN A 96 30.34 -21.90 26.11
C ASN A 96 30.09 -22.45 27.51
N LEU A 97 29.69 -21.60 28.46
CA LEU A 97 29.41 -22.06 29.81
C LEU A 97 28.10 -22.83 29.89
N LYS A 98 27.20 -22.66 28.91
CA LYS A 98 25.94 -23.39 28.94
C LYS A 98 26.13 -24.87 28.65
N GLY A 99 27.16 -25.23 27.89
CA GLY A 99 27.44 -26.61 27.57
C GLY A 99 28.11 -27.42 28.65
N LEU A 100 28.39 -26.82 29.79
CA LEU A 100 29.03 -27.54 30.88
C LEU A 100 28.03 -28.49 31.56
N ALA A 101 28.57 -29.55 32.18
CA ALA A 101 27.78 -30.54 32.89
C ALA A 101 28.35 -30.67 34.30
N ILE A 102 27.76 -29.92 35.24
CA ILE A 102 28.20 -29.89 36.63
C ILE A 102 27.18 -30.66 37.46
N LYS A 103 27.66 -31.60 38.26
CA LYS A 103 26.82 -32.44 39.11
C LYS A 103 26.95 -31.99 40.55
N LEU A 104 25.82 -31.69 41.18
CA LEU A 104 25.76 -31.27 42.58
C LEU A 104 25.16 -32.41 43.39
N HIS A 105 25.96 -33.00 44.29
CA HIS A 105 25.50 -34.12 45.09
C HIS A 105 24.71 -33.66 46.30
N GLY A 106 25.35 -32.92 47.19
CA GLY A 106 24.70 -32.48 48.41
C GLY A 106 24.23 -31.04 48.39
N ARG A 107 25.09 -30.14 47.94
CA ARG A 107 24.78 -28.71 47.98
C ARG A 107 23.85 -28.31 46.83
N ASP A 108 22.94 -27.39 47.12
CA ASP A 108 22.01 -26.90 46.12
C ASP A 108 22.59 -25.76 45.29
N GLU A 109 23.29 -24.82 45.93
CA GLU A 109 23.89 -23.68 45.25
C GLU A 109 25.32 -23.51 45.74
N VAL A 110 26.27 -23.53 44.81
CA VAL A 110 27.69 -23.41 45.13
C VAL A 110 28.31 -22.37 44.21
N THR A 111 29.39 -21.76 44.67
CA THR A 111 30.11 -20.74 43.92
C THR A 111 31.47 -21.29 43.51
N LEU A 112 31.78 -21.21 42.22
CA LEU A 112 33.04 -21.68 41.67
C LEU A 112 33.88 -20.51 41.17
N THR A 113 35.18 -20.74 41.11
CA THR A 113 36.14 -19.73 40.66
C THR A 113 36.93 -20.26 39.48
N LEU A 114 37.57 -19.33 38.76
CA LEU A 114 38.38 -19.67 37.60
C LEU A 114 39.39 -18.55 37.37
N ALA A 115 40.66 -18.92 37.22
CA ALA A 115 41.71 -17.93 36.98
C ALA A 115 42.88 -18.63 36.31
N LYS A 116 43.38 -18.02 35.23
CA LYS A 116 44.52 -18.56 34.50
C LYS A 116 45.26 -17.43 33.81
N LYS A 117 46.58 -17.43 33.92
CA LYS A 117 47.43 -16.41 33.31
C LYS A 117 48.51 -17.09 32.48
N GLY A 118 48.68 -16.63 31.25
CA GLY A 118 49.67 -17.16 30.34
C GLY A 118 49.06 -17.56 29.02
N SER A 119 49.93 -18.02 28.12
CA SER A 119 49.53 -18.43 26.77
C SER A 119 49.07 -19.89 26.80
N GLY A 120 47.90 -20.09 27.39
CA GLY A 120 47.32 -21.42 27.48
C GLY A 120 45.81 -21.42 27.41
N VAL A 121 45.23 -22.36 26.67
CA VAL A 121 43.78 -22.43 26.55
C VAL A 121 43.18 -22.92 27.85
N VAL A 122 41.99 -22.42 28.17
CA VAL A 122 41.28 -22.78 29.38
C VAL A 122 40.19 -23.79 29.04
N THR A 123 40.04 -24.80 29.88
CA THR A 123 39.03 -25.85 29.67
C THR A 123 38.15 -26.00 30.90
N ALA A 124 37.28 -27.01 30.91
CA ALA A 124 36.42 -27.24 32.04
C ALA A 124 37.17 -27.77 33.25
N ALA A 125 38.36 -28.35 33.04
CA ALA A 125 39.16 -28.87 34.15
C ALA A 125 39.95 -27.80 34.88
N ASP A 126 39.98 -26.57 34.35
CA ASP A 126 40.70 -25.49 35.00
C ASP A 126 40.00 -24.97 36.25
N ILE A 127 38.72 -25.31 36.43
CA ILE A 127 37.99 -24.88 37.62
C ILE A 127 38.54 -25.60 38.84
N GLN A 128 38.60 -24.89 39.97
CA GLN A 128 39.12 -25.48 41.19
C GLN A 128 38.23 -26.62 41.67
N LEU A 129 38.86 -27.73 42.05
CA LEU A 129 38.13 -28.91 42.46
C LEU A 129 37.45 -28.69 43.81
N ASP A 130 36.36 -29.43 44.03
CA ASP A 130 35.61 -29.35 45.28
C ASP A 130 35.20 -30.76 45.69
N HIS A 131 34.90 -30.91 46.98
CA HIS A 131 34.53 -32.23 47.50
C HIS A 131 33.14 -32.65 47.07
N ASP A 132 32.27 -31.71 46.71
CA ASP A 132 30.90 -32.03 46.31
C ASP A 132 30.58 -31.59 44.90
N VAL A 133 31.53 -31.03 44.16
CA VAL A 133 31.32 -30.58 42.79
C VAL A 133 32.14 -31.46 41.87
N GLU A 134 31.46 -32.15 40.94
CA GLU A 134 32.12 -33.03 39.99
C GLU A 134 31.68 -32.66 38.58
N ILE A 135 32.64 -32.31 37.74
CA ILE A 135 32.39 -31.95 36.35
C ILE A 135 32.57 -33.19 35.48
N ILE A 136 31.61 -33.46 34.60
CA ILE A 136 31.68 -34.65 33.76
C ILE A 136 32.71 -34.47 32.66
N ASN A 137 32.51 -33.47 31.81
CA ASN A 137 33.40 -33.25 30.68
C ASN A 137 34.64 -32.46 31.12
N GLY A 138 35.77 -32.77 30.48
CA GLY A 138 37.01 -32.10 30.77
C GLY A 138 37.67 -31.53 29.54
N ASP A 139 37.28 -32.02 28.36
CA ASP A 139 37.82 -31.57 27.10
C ASP A 139 37.08 -30.38 26.51
N HIS A 140 36.06 -29.87 27.20
CA HIS A 140 35.27 -28.75 26.70
C HIS A 140 36.06 -27.46 26.86
N VAL A 141 36.38 -26.82 25.74
CA VAL A 141 37.13 -25.57 25.78
C VAL A 141 36.20 -24.42 26.15
N ILE A 142 36.79 -23.33 26.65
CA ILE A 142 36.04 -22.16 27.06
C ILE A 142 36.47 -20.96 26.21
N ALA A 143 37.75 -20.62 26.27
CA ALA A 143 38.28 -19.48 25.53
C ALA A 143 39.76 -19.69 25.27
N ASN A 144 40.29 -18.90 24.34
CA ASN A 144 41.71 -18.92 24.00
C ASN A 144 42.40 -17.71 24.61
N LEU A 145 43.55 -17.94 25.21
CA LEU A 145 44.30 -16.90 25.92
C LEU A 145 45.55 -16.53 25.14
N ALA A 146 46.33 -15.62 25.72
CA ALA A 146 47.58 -15.16 25.12
C ALA A 146 48.53 -14.76 26.24
N ASP A 147 49.69 -14.23 25.86
CA ASP A 147 50.69 -13.83 26.82
C ASP A 147 50.49 -12.42 27.36
N ASN A 148 49.77 -11.57 26.63
CA ASN A 148 49.57 -10.19 27.03
C ASN A 148 48.33 -9.99 27.89
N GLY A 149 47.53 -11.04 28.11
CA GLY A 149 46.31 -10.90 28.89
C GLY A 149 46.03 -12.13 29.72
N ALA A 150 45.10 -11.97 30.66
CA ALA A 150 44.68 -13.05 31.53
C ALA A 150 43.22 -12.83 31.89
N LEU A 151 42.60 -13.86 32.46
CA LEU A 151 41.19 -13.82 32.83
C LEU A 151 41.01 -14.29 34.27
N ASN A 152 39.92 -13.86 34.87
CA ASN A 152 39.56 -14.27 36.23
C ASN A 152 38.09 -13.96 36.45
N MET A 153 37.32 -14.97 36.86
CA MET A 153 35.89 -14.80 37.05
C MET A 153 35.41 -15.77 38.12
N LYS A 154 34.17 -15.55 38.57
CA LYS A 154 33.53 -16.39 39.57
C LYS A 154 32.25 -16.96 38.99
N LEU A 155 32.09 -18.28 39.10
CA LEU A 155 30.92 -18.97 38.58
C LEU A 155 29.97 -19.32 39.72
N LYS A 156 28.68 -19.34 39.40
CA LYS A 156 27.65 -19.67 40.39
C LYS A 156 26.58 -20.53 39.71
N VAL A 157 26.42 -21.75 40.18
CA VAL A 157 25.45 -22.68 39.63
C VAL A 157 24.34 -22.91 40.66
N ALA A 158 23.24 -23.48 40.18
CA ALA A 158 22.10 -23.75 41.04
C ALA A 158 21.34 -24.96 40.49
N ARG A 159 20.42 -25.46 41.30
CA ARG A 159 19.61 -26.62 40.94
C ARG A 159 18.21 -26.15 40.53
N GLY A 160 17.78 -26.54 39.33
CA GLY A 160 16.48 -26.17 38.82
C GLY A 160 15.75 -27.35 38.25
N ARG A 161 14.53 -27.09 37.78
CA ARG A 161 13.65 -28.10 37.21
C ARG A 161 13.54 -28.02 35.70
N GLY A 162 13.21 -26.86 35.17
CA GLY A 162 13.05 -26.70 33.74
C GLY A 162 13.70 -25.46 33.18
N TYR A 163 13.38 -25.11 31.94
CA TYR A 163 13.98 -23.95 31.30
C TYR A 163 13.41 -22.67 31.90
N GLU A 164 14.30 -21.71 32.18
CA GLU A 164 13.90 -20.43 32.75
C GLU A 164 14.79 -19.32 32.20
N PRO A 165 14.20 -18.28 31.61
CA PRO A 165 15.02 -17.19 31.06
C PRO A 165 15.59 -16.29 32.16
N ALA A 166 16.40 -15.31 31.76
CA ALA A 166 16.99 -14.39 32.73
C ALA A 166 16.04 -13.32 33.19
N ASP A 167 14.95 -13.08 32.46
CA ASP A 167 13.98 -12.06 32.83
C ASP A 167 12.85 -12.57 33.72
N ALA A 168 12.76 -13.89 33.93
CA ALA A 168 11.70 -14.45 34.74
C ALA A 168 12.12 -14.65 36.19
N ARG A 169 13.36 -15.07 36.43
CA ARG A 169 13.86 -15.31 37.79
C ARG A 169 14.56 -14.07 38.34
N GLN A 170 13.78 -12.99 38.44
CA GLN A 170 14.28 -11.71 38.94
C GLN A 170 14.32 -11.77 40.47
N SER A 171 15.46 -12.20 41.00
CA SER A 171 15.64 -12.29 42.44
C SER A 171 17.12 -12.07 42.76
N ASP A 172 17.40 -11.94 44.06
CA ASP A 172 18.76 -11.71 44.56
C ASP A 172 19.39 -10.47 43.91
N GLU A 173 18.75 -9.33 44.16
CA GLU A 173 19.20 -8.06 43.61
C GLU A 173 19.00 -6.96 44.63
N ASP A 174 19.88 -5.95 44.57
CA ASP A 174 19.80 -4.81 45.48
C ASP A 174 19.98 -3.48 44.76
N GLU A 175 19.73 -3.45 43.45
CA GLU A 175 19.85 -2.23 42.64
C GLU A 175 21.27 -1.65 42.69
N SER A 176 22.26 -2.51 42.95
CA SER A 176 23.66 -2.08 42.98
C SER A 176 24.61 -3.01 42.26
N ARG A 177 24.20 -4.23 41.91
CA ARG A 177 25.06 -5.18 41.23
C ARG A 177 24.82 -5.20 39.72
N SER A 178 24.40 -4.07 39.15
CA SER A 178 24.09 -4.03 37.73
C SER A 178 25.37 -4.04 36.88
N ILE A 179 26.34 -3.21 37.25
CA ILE A 179 27.58 -3.11 36.47
C ILE A 179 28.59 -4.20 36.79
N GLY A 180 28.41 -4.91 37.90
CA GLY A 180 29.38 -5.93 38.30
C GLY A 180 28.98 -7.34 37.93
N ARG A 181 27.72 -7.71 38.20
CA ARG A 181 27.27 -9.07 37.99
C ARG A 181 26.58 -9.20 36.63
N LEU A 182 26.82 -10.34 35.99
CA LEU A 182 26.23 -10.66 34.69
C LEU A 182 25.45 -11.96 34.80
N GLN A 183 24.20 -11.94 34.35
CA GLN A 183 23.33 -13.10 34.39
C GLN A 183 23.35 -13.83 33.05
N LEU A 184 23.04 -15.12 33.09
CA LEU A 184 23.00 -15.98 31.92
C LEU A 184 21.60 -16.53 31.73
N ASP A 185 21.42 -17.30 30.65
CA ASP A 185 20.15 -17.93 30.32
C ASP A 185 20.20 -19.38 30.77
N ALA A 186 19.45 -19.69 31.83
CA ALA A 186 19.42 -21.05 32.38
C ALA A 186 18.60 -21.95 31.47
N SER A 187 19.27 -22.84 30.74
CA SER A 187 18.64 -23.76 29.80
C SER A 187 19.14 -25.18 30.03
N PHE A 188 19.17 -25.60 31.29
CA PHE A 188 19.67 -26.93 31.62
C PHE A 188 18.65 -28.00 31.24
N SER A 189 19.15 -29.07 30.63
CA SER A 189 18.32 -30.20 30.21
C SER A 189 19.18 -31.44 30.18
N PRO A 190 19.16 -32.25 31.24
CA PRO A 190 20.02 -33.45 31.26
C PRO A 190 19.67 -34.48 30.21
N VAL A 191 18.42 -34.51 29.74
CA VAL A 191 17.97 -35.48 28.76
C VAL A 191 17.81 -34.78 27.41
N ARG A 192 18.31 -35.42 26.35
CA ARG A 192 18.27 -34.85 25.02
C ARG A 192 17.41 -35.66 24.05
N ARG A 193 17.64 -36.97 23.94
CA ARG A 193 16.93 -37.82 23.00
C ARG A 193 16.38 -39.03 23.72
N VAL A 194 15.12 -39.34 23.48
CA VAL A 194 14.45 -40.51 24.05
C VAL A 194 13.78 -41.27 22.90
N SER A 195 14.01 -42.58 22.84
CA SER A 195 13.42 -43.42 21.82
C SER A 195 13.00 -44.74 22.44
N TYR A 196 11.79 -45.20 22.12
CA TYR A 196 11.25 -46.43 22.67
C TYR A 196 10.70 -47.30 21.54
N VAL A 197 10.91 -48.61 21.66
CA VAL A 197 10.37 -49.58 20.71
C VAL A 197 9.67 -50.68 21.49
N VAL A 198 8.87 -51.46 20.78
CA VAL A 198 8.10 -52.56 21.36
C VAL A 198 8.67 -53.87 20.83
N GLU A 199 9.32 -54.62 21.71
CA GLU A 199 9.91 -55.90 21.35
C GLU A 199 9.02 -57.04 21.87
N ASN A 200 9.44 -58.27 21.58
CA ASN A 200 8.73 -59.47 22.02
C ASN A 200 9.60 -60.28 22.94
N ALA A 201 9.00 -60.88 23.97
CA ALA A 201 9.70 -61.70 24.94
C ALA A 201 8.87 -62.92 25.27
N ARG A 202 9.55 -63.94 25.81
CA ARG A 202 8.91 -65.20 26.18
C ARG A 202 9.03 -65.39 27.68
N VAL A 203 7.92 -65.78 28.31
CA VAL A 203 7.88 -66.01 29.76
C VAL A 203 7.25 -67.38 30.00
N GLU A 204 6.71 -67.97 28.93
CA GLU A 204 6.04 -69.27 28.99
C GLU A 204 4.83 -69.24 29.93
N GLN A 205 4.16 -68.09 30.00
CA GLN A 205 2.95 -67.93 30.78
C GLN A 205 1.77 -67.46 29.94
N ARG A 206 1.99 -66.55 29.01
CA ARG A 206 0.95 -66.08 28.10
C ARG A 206 1.58 -65.78 26.75
N THR A 207 0.71 -65.47 25.78
CA THR A 207 1.17 -65.20 24.42
C THR A 207 1.30 -63.71 24.12
N ASN A 208 0.61 -62.84 24.86
CA ASN A 208 0.64 -61.41 24.62
C ASN A 208 1.61 -60.76 25.61
N LEU A 209 2.89 -60.82 25.28
CA LEU A 209 3.94 -60.23 26.08
C LEU A 209 4.80 -59.32 25.23
N ASP A 210 5.16 -58.16 25.77
CA ASP A 210 5.99 -57.20 25.07
C ASP A 210 6.74 -56.35 26.09
N LYS A 211 7.98 -56.01 25.75
CA LYS A 211 8.83 -55.22 26.63
C LYS A 211 9.17 -53.89 25.96
N LEU A 212 9.69 -52.96 26.77
CA LEU A 212 10.07 -51.64 26.30
C LEU A 212 11.58 -51.50 26.31
N VAL A 213 12.11 -50.89 25.24
CA VAL A 213 13.54 -50.64 25.12
C VAL A 213 13.70 -49.12 24.97
N LEU A 214 13.96 -48.44 26.08
CA LEU A 214 14.09 -46.99 26.08
C LEU A 214 15.53 -46.62 25.72
N ASP A 215 15.68 -45.90 24.60
CA ASP A 215 16.99 -45.43 24.15
C ASP A 215 17.21 -44.04 24.75
N LEU A 216 17.78 -44.02 25.95
CA LEU A 216 18.00 -42.78 26.68
C LEU A 216 19.34 -42.16 26.28
N GLU A 217 19.33 -40.83 26.11
CA GLU A 217 20.53 -40.07 25.76
C GLU A 217 20.70 -38.97 26.81
N THR A 218 21.51 -39.25 27.82
CA THR A 218 21.77 -38.32 28.91
C THR A 218 23.15 -37.69 28.74
N ASN A 219 23.25 -36.39 29.01
CA ASN A 219 24.52 -35.69 28.89
C ASN A 219 25.54 -36.14 29.92
N GLY A 220 25.12 -36.84 30.97
CA GLY A 220 26.03 -37.31 31.99
C GLY A 220 25.81 -36.71 33.37
N THR A 221 24.82 -35.83 33.53
CA THR A 221 24.59 -35.21 34.83
C THR A 221 23.95 -36.19 35.80
N LEU A 222 23.12 -37.10 35.30
CA LEU A 222 22.41 -38.06 36.13
C LEU A 222 22.60 -39.47 35.58
N ASP A 223 22.48 -40.45 36.46
CA ASP A 223 22.60 -41.85 36.09
C ASP A 223 21.30 -42.33 35.45
N PRO A 224 21.37 -43.16 34.39
CA PRO A 224 20.14 -43.64 33.76
C PRO A 224 19.29 -44.53 34.67
N GLU A 225 19.89 -45.13 35.71
CA GLU A 225 19.10 -45.95 36.63
C GLU A 225 18.19 -45.07 37.48
N GLU A 226 18.69 -43.93 37.95
CA GLU A 226 17.89 -43.02 38.75
C GLU A 226 16.90 -42.22 37.92
N ALA A 227 17.08 -42.18 36.59
CA ALA A 227 16.16 -41.43 35.75
C ALA A 227 14.78 -42.07 35.70
N ILE A 228 14.73 -43.42 35.73
CA ILE A 228 13.44 -44.10 35.70
C ILE A 228 12.76 -44.03 37.07
N ARG A 229 13.55 -44.06 38.15
CA ARG A 229 12.97 -43.95 39.49
C ARG A 229 12.42 -42.54 39.73
N ARG A 230 13.14 -41.52 39.27
CA ARG A 230 12.65 -40.15 39.43
C ARG A 230 11.47 -39.88 38.52
N ALA A 231 11.35 -40.61 37.41
CA ALA A 231 10.20 -40.47 36.52
C ALA A 231 9.01 -41.32 36.96
N ALA A 232 9.19 -42.17 37.97
CA ALA A 232 8.11 -43.01 38.47
C ALA A 232 7.34 -42.35 39.60
N THR A 233 8.03 -41.66 40.51
CA THR A 233 7.38 -41.00 41.63
C THR A 233 6.59 -39.76 41.18
N ILE A 234 6.95 -39.16 40.05
CA ILE A 234 6.22 -38.00 39.57
C ILE A 234 4.93 -38.41 38.87
N LEU A 235 4.96 -39.54 38.16
CA LEU A 235 3.73 -40.03 37.52
C LEU A 235 2.76 -40.60 38.54
N GLN A 236 3.27 -41.23 39.61
CA GLN A 236 2.41 -41.75 40.66
C GLN A 236 1.76 -40.61 41.45
N GLN A 237 2.44 -39.48 41.58
CA GLN A 237 1.86 -38.35 42.29
C GLN A 237 0.77 -37.68 41.49
N GLN A 238 0.84 -37.73 40.16
CA GLN A 238 -0.21 -37.15 39.33
C GLN A 238 -1.43 -38.04 39.23
N LEU A 239 -1.25 -39.36 39.26
CA LEU A 239 -2.36 -40.29 39.20
C LEU A 239 -3.03 -40.49 40.56
N ALA A 240 -2.41 -40.04 41.64
CA ALA A 240 -3.01 -40.20 42.96
C ALA A 240 -4.19 -39.24 43.18
N ALA A 241 -4.30 -38.19 42.36
CA ALA A 241 -5.40 -37.25 42.51
C ALA A 241 -6.74 -37.89 42.17
N PHE A 242 -6.74 -38.94 41.33
CA PHE A 242 -7.98 -39.62 40.98
C PHE A 242 -8.48 -40.50 42.11
N VAL A 243 -7.58 -41.06 42.92
CA VAL A 243 -8.00 -41.93 44.02
C VAL A 243 -8.63 -41.11 45.14
N ASP A 244 -7.93 -40.07 45.58
CA ASP A 244 -8.44 -39.20 46.64
C ASP A 244 -9.55 -38.30 46.11
N ASN B 18 11.51 -30.36 44.14
CA ASN B 18 10.64 -31.15 43.28
C ASN B 18 9.16 -30.87 43.58
N GLU B 19 8.77 -29.61 43.43
CA GLU B 19 7.39 -29.19 43.68
C GLU B 19 6.61 -29.17 42.37
N PHE B 20 5.37 -29.68 42.43
CA PHE B 20 4.51 -29.74 41.27
C PHE B 20 3.09 -29.37 41.68
N LEU B 21 2.27 -29.03 40.68
CA LEU B 21 0.89 -28.65 40.91
C LEU B 21 0.02 -29.90 40.88
N THR B 22 -0.53 -30.27 42.04
CA THR B 22 -1.39 -31.44 42.12
C THR B 22 -2.83 -31.06 41.83
N PRO B 23 -3.50 -31.72 40.89
CA PRO B 23 -4.88 -31.35 40.57
C PRO B 23 -5.86 -31.81 41.63
N ARG B 24 -6.97 -31.08 41.72
CA ARG B 24 -8.05 -31.39 42.66
C ARG B 24 -9.38 -31.25 41.94
N HIS B 25 -10.19 -32.29 41.98
CA HIS B 25 -11.49 -32.29 41.30
C HIS B 25 -12.43 -31.31 42.02
N ILE B 26 -12.71 -30.18 41.37
CA ILE B 26 -13.63 -29.21 41.96
C ILE B 26 -15.07 -29.71 41.82
N ASP B 27 -15.41 -30.30 40.67
CA ASP B 27 -16.75 -30.81 40.44
C ASP B 27 -16.69 -31.89 39.36
N VAL B 28 -17.70 -32.76 39.37
CA VAL B 28 -17.83 -33.83 38.39
C VAL B 28 -19.17 -33.63 37.69
N GLN B 29 -19.12 -33.12 36.46
CA GLN B 29 -20.35 -32.85 35.71
C GLN B 29 -20.96 -34.17 35.25
N VAL B 30 -22.06 -34.56 35.89
CA VAL B 30 -22.77 -35.80 35.57
C VAL B 30 -24.06 -35.43 34.87
N VAL B 31 -24.11 -35.65 33.56
CA VAL B 31 -25.30 -35.31 32.78
C VAL B 31 -26.28 -36.48 32.66
N SER B 32 -25.82 -37.71 32.80
CA SER B 32 -26.68 -38.88 32.72
C SER B 32 -26.11 -39.98 33.59
N GLN B 33 -26.88 -41.06 33.73
CA GLN B 33 -26.43 -42.20 34.53
C GLN B 33 -25.28 -42.95 33.87
N THR B 34 -25.14 -42.84 32.55
CA THR B 34 -24.07 -43.52 31.82
C THR B 34 -23.03 -42.58 31.24
N ARG B 35 -23.33 -41.28 31.15
CA ARG B 35 -22.41 -40.30 30.59
C ARG B 35 -22.00 -39.32 31.68
N ALA B 36 -20.70 -39.13 31.86
CA ALA B 36 -20.16 -38.23 32.87
C ALA B 36 -19.13 -37.32 32.21
N LYS B 37 -18.64 -36.35 32.99
CA LYS B 37 -17.66 -35.39 32.49
C LYS B 37 -16.90 -34.82 33.66
N ILE B 38 -15.58 -35.03 33.71
CA ILE B 38 -14.75 -34.54 34.78
C ILE B 38 -13.83 -33.45 34.25
N THR B 39 -13.24 -32.70 35.17
CA THR B 39 -12.34 -31.60 34.82
C THR B 39 -11.25 -31.49 35.87
N LEU B 40 -10.03 -31.25 35.42
CA LEU B 40 -8.86 -31.08 36.30
C LEU B 40 -8.23 -29.73 35.96
N GLU B 41 -8.51 -28.70 36.79
CA GLU B 41 -8.04 -27.36 36.47
C GLU B 41 -6.53 -27.22 36.66
N PRO B 42 -5.95 -27.45 37.85
CA PRO B 42 -4.52 -27.17 38.04
C PRO B 42 -3.66 -28.32 37.54
N LEU B 43 -2.87 -28.07 36.50
CA LEU B 43 -1.97 -29.05 35.93
C LEU B 43 -0.67 -28.35 35.53
N GLU B 44 0.27 -29.13 35.03
CA GLU B 44 1.55 -28.60 34.58
C GLU B 44 1.45 -28.19 33.11
N ARG B 45 2.60 -27.88 32.49
CA ARG B 45 2.60 -27.45 31.10
C ARG B 45 2.36 -28.63 30.16
N GLY B 46 3.26 -29.62 30.18
CA GLY B 46 3.16 -30.78 29.34
C GLY B 46 2.42 -31.96 29.93
N PHE B 47 1.70 -31.76 31.04
CA PHE B 47 0.96 -32.82 31.69
C PHE B 47 -0.53 -32.82 31.35
N GLY B 48 -1.02 -31.77 30.69
CA GLY B 48 -2.42 -31.72 30.31
C GLY B 48 -2.80 -32.72 29.24
N HIS B 49 -1.83 -33.18 28.44
CA HIS B 49 -2.08 -34.15 27.39
C HIS B 49 -1.47 -35.52 27.67
N THR B 50 -0.52 -35.62 28.61
CA THR B 50 0.07 -36.91 28.94
C THR B 50 -0.87 -37.77 29.77
N LEU B 51 -1.52 -37.17 30.77
CA LEU B 51 -2.46 -37.92 31.60
C LEU B 51 -3.75 -38.25 30.86
N GLY B 52 -4.13 -37.46 29.86
CA GLY B 52 -5.33 -37.71 29.10
C GLY B 52 -5.18 -38.86 28.13
N ASN B 53 -4.03 -38.93 27.46
CA ASN B 53 -3.79 -40.00 26.51
C ASN B 53 -3.46 -41.32 27.20
N ALA B 54 -2.82 -41.26 28.37
CA ALA B 54 -2.50 -42.49 29.09
C ALA B 54 -3.76 -43.13 29.67
N LEU B 55 -4.71 -42.32 30.13
CA LEU B 55 -5.96 -42.85 30.66
C LEU B 55 -6.94 -43.24 29.57
N ARG B 56 -6.80 -42.69 28.37
CA ARG B 56 -7.70 -43.04 27.28
C ARG B 56 -7.35 -44.39 26.68
N ARG B 57 -6.06 -44.72 26.61
CA ARG B 57 -5.64 -45.98 26.01
C ARG B 57 -5.97 -47.17 26.90
N ILE B 58 -6.05 -46.96 28.21
CA ILE B 58 -6.36 -48.06 29.12
C ILE B 58 -7.85 -48.36 29.12
N LEU B 59 -8.69 -47.32 29.14
CA LEU B 59 -10.13 -47.55 29.19
C LEU B 59 -10.67 -48.08 27.86
N LEU B 60 -10.09 -47.62 26.75
CA LEU B 60 -10.64 -47.97 25.44
C LEU B 60 -10.10 -49.30 24.93
N SER B 61 -8.79 -49.50 25.01
CA SER B 61 -8.18 -50.68 24.39
C SER B 61 -8.33 -51.91 25.25
N SER B 62 -7.75 -51.89 26.46
CA SER B 62 -7.69 -53.07 27.33
C SER B 62 -8.33 -52.73 28.68
N MET B 63 -9.62 -53.01 28.79
CA MET B 63 -10.35 -52.83 30.04
C MET B 63 -11.06 -54.13 30.40
N PRO B 64 -10.90 -54.64 31.62
CA PRO B 64 -11.53 -55.92 31.98
C PRO B 64 -13.05 -55.80 32.00
N GLY B 65 -13.71 -56.74 31.34
CA GLY B 65 -15.15 -56.76 31.29
C GLY B 65 -15.67 -58.10 30.85
N CYS B 66 -16.91 -58.10 30.38
CA CYS B 66 -17.58 -59.32 29.95
C CYS B 66 -18.49 -59.01 28.78
N ALA B 67 -18.46 -59.88 27.76
CA ALA B 67 -19.29 -59.71 26.58
C ALA B 67 -19.54 -61.08 25.96
N VAL B 68 -20.22 -61.08 24.83
CA VAL B 68 -20.55 -62.30 24.11
C VAL B 68 -19.42 -62.60 23.12
N VAL B 69 -18.91 -63.84 23.17
CA VAL B 69 -17.83 -64.25 22.29
C VAL B 69 -18.30 -65.16 21.17
N GLU B 70 -19.34 -65.97 21.38
CA GLU B 70 -19.84 -66.90 20.39
C GLU B 70 -21.35 -66.82 20.32
N ALA B 71 -21.88 -66.88 19.10
CA ALA B 71 -23.32 -66.80 18.88
C ALA B 71 -23.69 -67.77 17.76
N GLU B 72 -24.48 -68.79 18.10
CA GLU B 72 -24.93 -69.78 17.14
C GLU B 72 -26.44 -69.92 17.23
N ILE B 73 -27.09 -69.99 16.06
CA ILE B 73 -28.53 -70.12 15.97
C ILE B 73 -28.87 -71.31 15.08
N ASP B 74 -30.15 -71.60 14.95
CA ASP B 74 -30.64 -72.70 14.13
C ASP B 74 -30.72 -72.24 12.68
N GLY B 75 -29.82 -72.75 11.84
CA GLY B 75 -29.81 -72.37 10.44
C GLY B 75 -28.79 -71.29 10.11
N VAL B 76 -27.57 -71.43 10.63
CA VAL B 76 -26.51 -70.46 10.37
C VAL B 76 -25.82 -70.90 9.09
N LEU B 77 -26.39 -70.49 7.96
CA LEU B 77 -25.81 -70.82 6.66
C LEU B 77 -24.67 -69.88 6.30
N HIS B 78 -24.97 -68.59 6.20
CA HIS B 78 -23.96 -67.58 5.88
C HIS B 78 -24.34 -66.29 6.61
N GLU B 79 -23.58 -65.23 6.33
CA GLU B 79 -23.88 -63.94 6.94
C GLU B 79 -25.06 -63.25 6.27
N TYR B 80 -25.20 -63.43 4.95
CA TYR B 80 -26.30 -62.82 4.21
C TYR B 80 -27.55 -63.69 4.17
N SER B 81 -27.43 -64.98 4.48
CA SER B 81 -28.58 -65.88 4.45
C SER B 81 -29.46 -65.61 5.67
N ALA B 82 -30.68 -65.14 5.43
CA ALA B 82 -31.60 -64.82 6.50
C ALA B 82 -32.36 -66.08 6.94
N ILE B 83 -33.20 -65.94 7.95
CA ILE B 83 -34.00 -67.03 8.49
C ILE B 83 -35.47 -66.67 8.34
N GLU B 84 -36.28 -67.66 7.97
CA GLU B 84 -37.71 -67.45 7.79
C GLU B 84 -38.42 -67.36 9.14
N GLY B 85 -39.61 -66.74 9.12
CA GLY B 85 -40.40 -66.57 10.30
C GLY B 85 -40.08 -65.33 11.13
N VAL B 86 -38.96 -64.67 10.85
CA VAL B 86 -38.56 -63.47 11.58
C VAL B 86 -38.66 -62.28 10.64
N GLN B 87 -39.34 -61.22 11.10
CA GLN B 87 -39.51 -60.03 10.28
C GLN B 87 -38.21 -59.24 10.14
N GLU B 88 -37.29 -59.37 11.09
CA GLU B 88 -36.03 -58.66 11.05
C GLU B 88 -34.97 -59.51 10.34
N ASP B 89 -34.02 -58.82 9.70
CA ASP B 89 -32.97 -59.51 8.98
C ASP B 89 -32.03 -60.21 9.94
N VAL B 90 -31.24 -61.15 9.40
CA VAL B 90 -30.30 -61.90 10.22
C VAL B 90 -29.08 -61.05 10.58
N ILE B 91 -28.81 -59.98 9.83
CA ILE B 91 -27.68 -59.13 10.15
C ILE B 91 -27.98 -58.28 11.37
N GLU B 92 -29.23 -57.84 11.52
CA GLU B 92 -29.60 -57.01 12.67
C GLU B 92 -29.67 -57.81 13.96
N ILE B 93 -29.75 -59.14 13.88
CA ILE B 93 -29.78 -59.95 15.09
C ILE B 93 -28.41 -59.96 15.75
N LEU B 94 -27.35 -60.08 14.95
CA LEU B 94 -26.00 -60.07 15.52
C LEU B 94 -25.60 -58.68 16.00
N LEU B 95 -26.20 -57.64 15.42
CA LEU B 95 -25.89 -56.28 15.84
C LEU B 95 -26.57 -55.89 17.14
N ASN B 96 -27.66 -56.56 17.50
CA ASN B 96 -28.34 -56.29 18.76
C ASN B 96 -27.70 -57.03 19.94
N LEU B 97 -26.96 -58.11 19.67
CA LEU B 97 -26.30 -58.85 20.74
C LEU B 97 -25.01 -58.19 21.21
N LYS B 98 -24.39 -57.35 20.37
CA LYS B 98 -23.17 -56.67 20.79
C LYS B 98 -23.44 -55.61 21.83
N GLY B 99 -24.62 -54.98 21.77
CA GLY B 99 -24.99 -53.97 22.75
C GLY B 99 -25.55 -54.49 24.04
N LEU B 100 -25.70 -55.80 24.17
CA LEU B 100 -26.24 -56.39 25.40
C LEU B 100 -25.19 -56.33 26.51
N ALA B 101 -25.63 -55.95 27.70
CA ALA B 101 -24.74 -55.82 28.86
C ALA B 101 -24.90 -57.06 29.73
N ILE B 102 -23.90 -57.94 29.68
CA ILE B 102 -23.88 -59.17 30.46
C ILE B 102 -22.68 -59.11 31.40
N LYS B 103 -22.93 -59.36 32.69
CA LYS B 103 -21.88 -59.30 33.70
C LYS B 103 -22.00 -60.53 34.60
N LEU B 104 -20.96 -61.36 34.60
CA LEU B 104 -20.91 -62.54 35.46
C LEU B 104 -19.58 -62.59 36.18
N HIS B 105 -19.58 -63.19 37.37
CA HIS B 105 -18.38 -63.27 38.19
C HIS B 105 -18.14 -64.65 38.79
N GLY B 106 -19.07 -65.59 38.66
CA GLY B 106 -18.89 -66.91 39.22
C GLY B 106 -17.88 -67.76 38.47
N ARG B 107 -18.20 -68.09 37.21
CA ARG B 107 -17.34 -68.89 36.37
C ARG B 107 -16.70 -68.03 35.29
N ASP B 108 -15.57 -68.50 34.78
CA ASP B 108 -14.82 -67.74 33.78
C ASP B 108 -15.52 -67.75 32.42
N GLU B 109 -16.12 -68.87 32.04
CA GLU B 109 -16.77 -68.98 30.73
C GLU B 109 -17.95 -69.94 30.86
N VAL B 110 -19.15 -69.43 30.60
CA VAL B 110 -20.37 -70.25 30.64
C VAL B 110 -21.05 -70.20 29.28
N THR B 111 -22.14 -70.94 29.13
CA THR B 111 -22.91 -70.98 27.90
C THR B 111 -24.38 -70.77 28.22
N LEU B 112 -24.97 -69.76 27.62
CA LEU B 112 -26.37 -69.42 27.83
C LEU B 112 -27.25 -69.99 26.72
N THR B 113 -28.55 -69.94 26.95
CA THR B 113 -29.52 -70.43 25.98
C THR B 113 -30.79 -69.58 26.07
N LEU B 114 -31.61 -69.67 25.03
CA LEU B 114 -32.86 -68.91 24.99
C LEU B 114 -33.83 -69.64 24.05
N ALA B 115 -35.01 -69.97 24.56
CA ALA B 115 -36.04 -70.64 23.78
C ALA B 115 -37.33 -69.84 23.91
N LYS B 116 -37.72 -69.18 22.83
CA LYS B 116 -38.93 -68.36 22.80
C LYS B 116 -39.88 -68.91 21.74
N LYS B 117 -41.03 -69.41 22.18
CA LYS B 117 -42.04 -69.94 21.27
C LYS B 117 -43.14 -68.94 20.94
N GLY B 118 -43.38 -67.95 21.80
CA GLY B 118 -44.42 -66.98 21.54
C GLY B 118 -43.99 -65.92 20.54
N SER B 119 -44.99 -65.38 19.83
CA SER B 119 -44.75 -64.36 18.83
C SER B 119 -44.87 -62.97 19.46
N GLY B 120 -44.94 -61.94 18.63
CA GLY B 120 -45.07 -60.57 19.11
C GLY B 120 -43.74 -59.86 19.28
N VAL B 121 -42.96 -60.26 20.28
CA VAL B 121 -41.68 -59.61 20.56
C VAL B 121 -40.82 -60.58 21.36
N VAL B 122 -39.51 -60.45 21.21
CA VAL B 122 -38.54 -61.25 21.95
C VAL B 122 -37.59 -60.28 22.65
N THR B 123 -37.64 -60.25 23.98
CA THR B 123 -36.82 -59.35 24.76
C THR B 123 -35.66 -60.11 25.42
N ALA B 124 -34.71 -59.35 25.96
CA ALA B 124 -33.55 -59.93 26.62
C ALA B 124 -33.85 -60.42 28.02
N ALA B 125 -34.97 -60.01 28.62
CA ALA B 125 -35.31 -60.45 29.97
C ALA B 125 -35.79 -61.90 30.00
N ASP B 126 -36.14 -62.48 28.85
CA ASP B 126 -36.59 -63.86 28.78
C ASP B 126 -35.45 -64.86 28.73
N ILE B 127 -34.19 -64.39 28.74
CA ILE B 127 -33.04 -65.29 28.69
C ILE B 127 -32.87 -65.95 30.05
N GLN B 128 -32.75 -67.27 30.05
CA GLN B 128 -32.56 -68.01 31.30
C GLN B 128 -31.14 -67.78 31.82
N LEU B 129 -31.04 -67.21 33.02
CA LEU B 129 -29.77 -66.89 33.64
C LEU B 129 -29.52 -67.80 34.84
N ASP B 130 -28.25 -68.09 35.09
CA ASP B 130 -27.86 -68.94 36.20
C ASP B 130 -27.59 -68.07 37.44
N HIS B 131 -27.02 -68.68 38.48
CA HIS B 131 -26.74 -67.94 39.70
C HIS B 131 -25.59 -66.94 39.53
N ASP B 132 -24.75 -67.13 38.52
CA ASP B 132 -23.62 -66.24 38.29
C ASP B 132 -23.86 -65.24 37.16
N VAL B 133 -24.71 -65.57 36.20
CA VAL B 133 -24.98 -64.68 35.08
C VAL B 133 -25.96 -63.60 35.51
N GLU B 134 -25.58 -62.34 35.34
CA GLU B 134 -26.43 -61.21 35.67
C GLU B 134 -26.52 -60.28 34.47
N ILE B 135 -27.75 -59.89 34.12
CA ILE B 135 -28.01 -59.02 32.98
C ILE B 135 -28.37 -57.64 33.49
N ILE B 136 -27.73 -56.61 32.94
CA ILE B 136 -27.98 -55.25 33.39
C ILE B 136 -29.24 -54.69 32.73
N ASN B 137 -29.26 -54.64 31.40
CA ASN B 137 -30.40 -54.11 30.66
C ASN B 137 -31.32 -55.26 30.27
N GLY B 138 -32.52 -55.27 30.85
CA GLY B 138 -33.49 -56.30 30.55
C GLY B 138 -34.57 -55.84 29.60
N ASP B 139 -34.59 -54.54 29.33
CA ASP B 139 -35.57 -53.95 28.42
C ASP B 139 -35.06 -53.84 26.99
N HIS B 140 -33.82 -54.23 26.73
CA HIS B 140 -33.27 -54.15 25.38
C HIS B 140 -33.85 -55.25 24.51
N VAL B 141 -34.45 -54.86 23.38
CA VAL B 141 -35.05 -55.82 22.47
C VAL B 141 -33.96 -56.49 21.64
N ILE B 142 -34.22 -57.73 21.23
CA ILE B 142 -33.30 -58.51 20.41
C ILE B 142 -33.80 -58.64 18.98
N ALA B 143 -34.97 -59.24 18.80
CA ALA B 143 -35.54 -59.41 17.48
C ALA B 143 -37.05 -59.55 17.59
N ASN B 144 -37.75 -59.20 16.52
CA ASN B 144 -39.20 -59.29 16.46
C ASN B 144 -39.60 -60.59 15.76
N LEU B 145 -40.53 -61.32 16.38
CA LEU B 145 -41.00 -62.59 15.85
C LEU B 145 -42.46 -62.46 15.41
N ALA B 146 -42.76 -63.00 14.23
CA ALA B 146 -44.12 -62.96 13.70
C ALA B 146 -44.88 -64.22 14.05
N LEU B 151 -37.94 -69.39 17.43
CA LEU B 151 -36.52 -69.54 17.11
C LEU B 151 -35.72 -69.96 18.34
N ASN B 152 -34.61 -70.67 18.09
CA ASN B 152 -33.75 -71.16 19.16
C ASN B 152 -32.30 -70.95 18.76
N MET B 153 -31.54 -70.30 19.64
CA MET B 153 -30.13 -70.03 19.41
C MET B 153 -29.32 -70.52 20.59
N LYS B 154 -28.00 -70.61 20.40
CA LYS B 154 -27.06 -71.05 21.43
C LYS B 154 -25.89 -70.07 21.44
N LEU B 155 -25.88 -69.17 22.42
CA LEU B 155 -24.83 -68.18 22.57
C LEU B 155 -23.89 -68.57 23.71
N LYS B 156 -22.67 -68.03 23.65
CA LYS B 156 -21.65 -68.30 24.65
C LYS B 156 -20.94 -67.00 25.00
N VAL B 157 -20.73 -66.78 26.30
CA VAL B 157 -20.06 -65.59 26.80
C VAL B 157 -18.78 -66.01 27.52
N ALA B 158 -17.84 -65.07 27.57
CA ALA B 158 -16.56 -65.30 28.23
C ALA B 158 -16.03 -63.97 28.75
N ARG B 159 -14.89 -64.03 29.43
CA ARG B 159 -14.25 -62.86 30.00
C ARG B 159 -13.08 -62.44 29.11
N GLY B 160 -13.16 -61.23 28.57
CA GLY B 160 -12.09 -60.71 27.73
C GLY B 160 -11.49 -59.43 28.26
N ARG B 161 -10.25 -59.13 27.87
CA ARG B 161 -9.56 -57.93 28.31
C ARG B 161 -9.57 -56.82 27.27
N GLY B 162 -9.13 -57.11 26.05
CA GLY B 162 -9.08 -56.11 25.01
C GLY B 162 -10.18 -56.27 23.96
N TYR B 163 -10.46 -55.19 23.22
CA TYR B 163 -11.44 -55.23 22.16
C TYR B 163 -10.90 -56.06 21.00
N GLU B 164 -11.39 -57.29 20.87
CA GLU B 164 -10.94 -58.20 19.83
C GLU B 164 -11.98 -58.33 18.75
N PRO B 165 -11.61 -58.16 17.49
CA PRO B 165 -12.57 -58.29 16.39
C PRO B 165 -12.79 -59.76 16.03
N ALA B 166 -13.59 -59.97 14.99
CA ALA B 166 -13.89 -61.32 14.52
C ALA B 166 -12.75 -61.93 13.72
N ASP B 167 -11.84 -61.10 13.20
CA ASP B 167 -10.74 -61.63 12.39
C ASP B 167 -9.68 -62.32 13.25
N ALA B 168 -9.54 -61.91 14.50
CA ALA B 168 -8.56 -62.51 15.39
C ALA B 168 -9.06 -63.86 15.90
N ARG B 169 -8.20 -64.86 15.83
CA ARG B 169 -8.52 -66.23 16.26
C ARG B 169 -9.77 -66.77 15.57
N ARG B 181 -20.90 -72.83 11.18
CA ARG B 181 -19.87 -71.92 11.72
C ARG B 181 -20.51 -70.79 12.51
N LEU B 182 -19.69 -70.07 13.26
CA LEU B 182 -20.17 -68.96 14.08
C LEU B 182 -18.99 -68.05 14.40
N GLN B 183 -19.21 -66.74 14.27
CA GLN B 183 -18.19 -65.74 14.53
C GLN B 183 -18.83 -64.36 14.58
N LEU B 184 -18.43 -63.55 15.54
CA LEU B 184 -18.95 -62.21 15.67
C LEU B 184 -17.97 -61.37 16.49
N ASP B 185 -18.13 -60.06 16.40
CA ASP B 185 -17.27 -59.13 17.13
C ASP B 185 -17.65 -59.10 18.60
N ALA B 186 -16.67 -58.81 19.45
CA ALA B 186 -16.86 -58.73 20.88
C ALA B 186 -16.33 -57.40 21.40
N SER B 187 -17.00 -56.86 22.42
CA SER B 187 -16.64 -55.59 23.03
C SER B 187 -16.68 -55.77 24.55
N PHE B 188 -15.54 -56.12 25.14
CA PHE B 188 -15.46 -56.32 26.58
C PHE B 188 -15.27 -55.02 27.35
N SER B 189 -14.96 -53.92 26.67
CA SER B 189 -14.75 -52.65 27.36
C SER B 189 -16.08 -52.08 27.82
N PRO B 190 -16.25 -51.78 29.10
CA PRO B 190 -17.52 -51.18 29.56
C PRO B 190 -17.78 -49.81 28.97
N VAL B 191 -16.75 -48.99 28.80
CA VAL B 191 -16.91 -47.66 28.22
C VAL B 191 -17.01 -47.79 26.71
N ARG B 192 -17.69 -46.83 26.09
CA ARG B 192 -17.91 -46.81 24.65
C ARG B 192 -17.17 -45.70 23.94
N ARG B 193 -17.35 -44.46 24.37
CA ARG B 193 -16.74 -43.29 23.73
C ARG B 193 -15.91 -42.54 24.76
N VAL B 194 -14.59 -42.52 24.56
CA VAL B 194 -13.67 -41.83 25.45
C VAL B 194 -12.94 -40.77 24.64
N SER B 195 -12.95 -39.53 25.13
CA SER B 195 -12.30 -38.42 24.47
C SER B 195 -11.83 -37.43 25.53
N TYR B 196 -11.00 -36.48 25.10
CA TYR B 196 -10.48 -35.46 26.00
C TYR B 196 -10.05 -34.25 25.18
N VAL B 197 -10.36 -33.06 25.70
CA VAL B 197 -9.99 -31.80 25.08
C VAL B 197 -9.10 -31.03 26.05
N VAL B 198 -7.94 -30.60 25.57
CA VAL B 198 -6.98 -29.87 26.39
C VAL B 198 -7.11 -28.38 26.07
N GLU B 199 -7.50 -27.60 27.06
CA GLU B 199 -7.64 -26.16 26.92
C GLU B 199 -6.89 -25.47 28.07
N ASN B 200 -6.51 -24.22 27.81
CA ASN B 200 -5.73 -23.46 28.79
C ASN B 200 -6.62 -23.01 29.95
N ALA B 201 -5.99 -22.83 31.11
CA ALA B 201 -6.66 -22.38 32.31
C ALA B 201 -5.96 -21.15 32.87
N ARG B 202 -6.75 -20.17 33.28
CA ARG B 202 -6.21 -18.92 33.82
C ARG B 202 -5.85 -19.12 35.28
N VAL B 203 -4.55 -19.05 35.59
CA VAL B 203 -4.05 -19.22 36.95
C VAL B 203 -3.46 -17.88 37.40
N GLU B 204 -3.68 -17.54 38.67
CA GLU B 204 -3.17 -16.29 39.21
C GLU B 204 -1.65 -16.28 39.34
N GLN B 205 -1.02 -17.46 39.39
CA GLN B 205 0.43 -17.55 39.54
C GLN B 205 1.14 -17.80 38.22
N ARG B 206 0.65 -18.75 37.43
CA ARG B 206 1.22 -19.08 36.12
C ARG B 206 0.31 -18.55 35.03
N THR B 207 0.93 -17.99 33.98
CA THR B 207 0.19 -17.41 32.87
C THR B 207 -0.09 -18.38 31.74
N ASN B 208 0.56 -19.56 31.74
CA ASN B 208 0.39 -20.54 30.66
C ASN B 208 0.26 -21.92 31.29
N LEU B 209 -0.98 -22.33 31.55
CA LEU B 209 -1.28 -23.66 32.07
C LEU B 209 -2.56 -24.17 31.42
N ASP B 210 -2.58 -25.47 31.14
CA ASP B 210 -3.72 -26.10 30.50
C ASP B 210 -4.38 -27.11 31.43
N LYS B 211 -5.66 -27.35 31.18
CA LYS B 211 -6.47 -28.26 31.99
C LYS B 211 -6.89 -29.46 31.14
N LEU B 212 -7.40 -30.48 31.83
CA LEU B 212 -7.85 -31.72 31.20
C LEU B 212 -9.34 -31.89 31.43
N VAL B 213 -10.07 -32.19 30.36
CA VAL B 213 -11.52 -32.40 30.41
C VAL B 213 -11.81 -33.77 29.81
N LEU B 214 -12.18 -34.73 30.67
CA LEU B 214 -12.47 -36.09 30.24
C LEU B 214 -13.96 -36.35 30.32
N ASP B 215 -14.46 -37.15 29.37
CA ASP B 215 -15.86 -37.57 29.35
C ASP B 215 -15.93 -39.03 28.96
N LEU B 216 -16.82 -39.77 29.60
CA LEU B 216 -16.98 -41.20 29.35
C LEU B 216 -18.43 -41.51 28.97
N GLU B 217 -18.62 -42.74 28.49
CA GLU B 217 -19.96 -43.21 28.12
C GLU B 217 -19.94 -44.73 28.20
N THR B 218 -20.59 -45.29 29.21
CA THR B 218 -20.65 -46.73 29.43
C THR B 218 -22.06 -47.24 29.13
N ASN B 219 -22.22 -48.56 29.24
CA ASN B 219 -23.51 -49.20 29.03
C ASN B 219 -24.23 -49.52 30.34
N GLY B 220 -23.79 -48.90 31.44
CA GLY B 220 -24.48 -49.04 32.71
C GLY B 220 -23.99 -50.14 33.63
N THR B 221 -22.99 -50.92 33.21
CA THR B 221 -22.49 -51.98 34.07
C THR B 221 -21.60 -51.43 35.18
N LEU B 222 -20.92 -50.31 34.93
CA LEU B 222 -20.02 -49.70 35.89
C LEU B 222 -20.29 -48.21 35.97
N ASP B 223 -20.02 -47.64 37.14
CA ASP B 223 -20.18 -46.21 37.34
C ASP B 223 -19.16 -45.45 36.50
N PRO B 224 -19.57 -44.50 35.67
CA PRO B 224 -18.59 -43.72 34.90
C PRO B 224 -17.57 -43.01 35.76
N GLU B 225 -17.94 -42.63 36.99
CA GLU B 225 -16.98 -42.02 37.90
C GLU B 225 -16.03 -43.05 38.49
N GLU B 226 -16.55 -44.22 38.85
CA GLU B 226 -15.71 -45.29 39.40
C GLU B 226 -14.82 -45.92 38.34
N ALA B 227 -15.18 -45.81 37.06
CA ALA B 227 -14.36 -46.38 36.00
C ALA B 227 -13.04 -45.64 35.86
N ILE B 228 -13.01 -44.35 36.18
CA ILE B 228 -11.76 -43.60 36.11
C ILE B 228 -10.83 -44.00 37.24
N ARG B 229 -11.38 -44.27 38.42
CA ARG B 229 -10.56 -44.72 39.55
C ARG B 229 -10.00 -46.12 39.32
N ARG B 230 -10.66 -46.94 38.51
CA ARG B 230 -10.14 -48.27 38.21
C ARG B 230 -9.02 -48.22 37.18
N ALA B 231 -9.14 -47.32 36.20
CA ALA B 231 -8.10 -47.19 35.18
C ALA B 231 -6.83 -46.58 35.77
N ALA B 232 -6.97 -45.64 36.69
CA ALA B 232 -5.81 -45.04 37.33
C ALA B 232 -5.12 -46.01 38.28
N THR B 233 -5.86 -46.98 38.80
CA THR B 233 -5.25 -47.98 39.68
C THR B 233 -4.41 -48.97 38.91
N ILE B 234 -4.87 -49.34 37.70
CA ILE B 234 -4.11 -50.27 36.87
C ILE B 234 -2.79 -49.65 36.43
N LEU B 235 -2.82 -48.36 36.06
CA LEU B 235 -1.60 -47.68 35.64
C LEU B 235 -0.66 -47.45 36.80
N GLN B 236 -1.20 -47.33 38.03
CA GLN B 236 -0.36 -47.13 39.19
C GLN B 236 0.28 -48.41 39.68
N GLN B 237 -0.41 -49.55 39.50
CA GLN B 237 0.15 -50.83 39.93
C GLN B 237 1.31 -51.28 39.05
N GLN B 238 1.38 -50.80 37.81
CA GLN B 238 2.46 -51.15 36.89
C GLN B 238 3.71 -50.30 37.10
N LEU B 239 3.72 -49.43 38.11
CA LEU B 239 4.87 -48.58 38.38
C LEU B 239 5.26 -48.52 39.85
N ALA B 240 4.41 -49.00 40.76
CA ALA B 240 4.74 -48.96 42.19
C ALA B 240 5.87 -49.92 42.54
N ALA B 241 6.13 -50.93 41.72
CA ALA B 241 7.20 -51.87 42.00
C ALA B 241 8.58 -51.26 41.77
N PHE B 242 8.65 -50.15 41.04
CA PHE B 242 9.91 -49.46 40.76
C PHE B 242 9.87 -48.02 41.28
N VAL B 243 9.31 -47.83 42.46
CA VAL B 243 9.19 -46.52 43.07
C VAL B 243 9.45 -46.64 44.57
N ASP B 244 9.89 -45.54 45.17
CA ASP B 244 10.19 -45.51 46.60
C ASP B 244 10.04 -44.10 47.16
N TYR C 5 46.21 -21.90 -3.62
CA TYR C 5 44.96 -22.09 -2.90
C TYR C 5 44.90 -21.20 -1.66
N SER C 6 43.74 -20.61 -1.43
CA SER C 6 43.57 -19.71 -0.29
C SER C 6 43.61 -20.50 1.02
N TYR C 7 43.95 -19.78 2.09
CA TYR C 7 44.01 -20.40 3.41
C TYR C 7 42.63 -20.75 3.94
N THR C 8 41.61 -19.98 3.55
CA THR C 8 40.26 -20.26 4.01
C THR C 8 39.61 -21.41 3.25
N GLU C 9 40.10 -21.70 2.04
CA GLU C 9 39.53 -22.79 1.26
C GLU C 9 39.84 -24.15 1.87
N LYS C 10 41.04 -24.30 2.45
CA LYS C 10 41.42 -25.59 3.01
C LYS C 10 40.58 -25.94 4.24
N LYS C 11 40.01 -24.93 4.90
CA LYS C 11 39.19 -25.20 6.08
C LYS C 11 37.84 -25.78 5.70
N ARG C 12 37.20 -25.22 4.69
CA ARG C 12 35.89 -25.67 4.25
C ARG C 12 35.82 -25.66 2.73
N ILE C 13 35.42 -26.79 2.15
CA ILE C 13 35.31 -26.94 0.70
C ILE C 13 33.87 -27.30 0.37
N ARG C 14 33.27 -26.52 -0.53
CA ARG C 14 31.91 -26.76 -0.99
C ARG C 14 31.93 -27.51 -2.30
N LYS C 15 31.10 -28.54 -2.40
CA LYS C 15 31.01 -29.33 -3.63
C LYS C 15 30.13 -28.60 -4.64
N ASP C 16 30.71 -28.25 -5.78
CA ASP C 16 29.99 -27.55 -6.83
C ASP C 16 29.32 -28.55 -7.77
N PHE C 17 28.15 -28.18 -8.28
CA PHE C 17 27.40 -29.00 -9.22
C PHE C 17 27.37 -28.40 -10.62
N SER C 18 28.32 -27.52 -10.93
CA SER C 18 28.35 -26.90 -12.25
C SER C 18 28.83 -27.90 -13.29
N LYS C 19 28.07 -28.02 -14.38
CA LYS C 19 28.41 -28.96 -15.44
C LYS C 19 29.38 -28.38 -16.45
N LEU C 20 29.55 -27.06 -16.48
CA LEU C 20 30.44 -26.42 -17.44
C LEU C 20 31.43 -25.51 -16.72
N PRO C 21 32.67 -25.46 -17.19
CA PRO C 21 33.65 -24.57 -16.57
C PRO C 21 33.42 -23.12 -16.93
N ASP C 22 33.78 -22.23 -16.01
CA ASP C 22 33.62 -20.80 -16.17
C ASP C 22 34.92 -20.21 -16.71
N VAL C 23 34.86 -19.62 -17.91
CA VAL C 23 36.05 -19.03 -18.53
C VAL C 23 36.35 -17.63 -18.05
N MET C 24 35.44 -17.02 -17.29
CA MET C 24 35.64 -15.66 -16.77
C MET C 24 35.08 -15.60 -15.36
N ASP C 25 35.93 -15.22 -14.40
CA ASP C 25 35.50 -15.10 -13.02
C ASP C 25 34.62 -13.85 -12.84
N VAL C 26 33.95 -13.80 -11.70
CA VAL C 26 33.06 -12.68 -11.38
C VAL C 26 33.91 -11.44 -11.08
N PRO C 27 33.71 -10.34 -11.80
CA PRO C 27 34.51 -9.14 -11.55
C PRO C 27 34.10 -8.43 -10.27
N TYR C 28 34.70 -7.27 -10.01
CA TYR C 28 34.37 -6.50 -8.81
C TYR C 28 32.94 -6.00 -8.89
N LEU C 29 32.15 -6.28 -7.86
CA LEU C 29 30.74 -5.89 -7.86
C LEU C 29 30.57 -4.38 -7.67
N LEU C 30 31.46 -3.76 -6.88
CA LEU C 30 31.40 -2.33 -6.63
C LEU C 30 32.27 -1.52 -7.59
N ALA C 31 32.53 -2.06 -8.78
CA ALA C 31 33.36 -1.35 -9.75
C ALA C 31 32.63 -0.18 -10.40
N ILE C 32 31.29 -0.14 -10.30
CA ILE C 32 30.54 0.96 -10.89
C ILE C 32 30.66 2.22 -10.03
N GLN C 33 30.80 2.07 -8.72
CA GLN C 33 30.91 3.21 -7.82
C GLN C 33 32.34 3.68 -7.64
N LEU C 34 33.31 2.77 -7.66
CA LEU C 34 34.70 3.16 -7.47
C LEU C 34 35.29 3.81 -8.71
N ASP C 35 34.99 3.27 -9.89
CA ASP C 35 35.51 3.84 -11.13
C ASP C 35 34.83 5.15 -11.49
N SER C 36 33.63 5.41 -10.96
CA SER C 36 32.93 6.66 -11.24
C SER C 36 33.43 7.81 -10.37
N TYR C 37 34.08 7.52 -9.25
CA TYR C 37 34.59 8.56 -8.36
C TYR C 37 36.06 8.89 -8.58
N ARG C 38 36.83 7.94 -9.13
CA ARG C 38 38.23 8.22 -9.41
C ARG C 38 38.40 9.19 -10.58
N GLU C 39 37.40 9.31 -11.43
CA GLU C 39 37.45 10.28 -12.52
C GLU C 39 36.98 11.66 -12.11
N PHE C 40 36.14 11.76 -11.09
CA PHE C 40 35.69 13.06 -10.57
C PHE C 40 36.66 13.64 -9.56
N LEU C 41 37.13 12.82 -8.61
CA LEU C 41 38.06 13.31 -7.60
C LEU C 41 39.48 13.44 -8.15
N GLN C 42 39.91 12.47 -8.96
CA GLN C 42 41.25 12.46 -9.55
C GLN C 42 42.33 12.52 -8.47
N ALA C 43 42.33 11.47 -7.62
CA ALA C 43 43.30 11.38 -6.54
C ALA C 43 44.64 10.82 -6.99
N GLY C 44 44.73 10.28 -8.21
CA GLY C 44 45.99 9.74 -8.70
C GLY C 44 46.94 10.85 -9.13
N ALA C 45 48.19 10.72 -8.72
CA ALA C 45 49.24 11.69 -9.05
C ALA C 45 50.18 11.04 -10.05
N THR C 46 50.17 11.55 -11.28
CA THR C 46 51.02 11.04 -12.35
C THR C 46 52.07 12.08 -12.71
N LYS C 47 53.06 11.64 -13.49
CA LYS C 47 54.14 12.51 -13.92
C LYS C 47 53.88 13.17 -15.26
N GLU C 48 52.94 12.67 -16.05
CA GLU C 48 52.63 13.21 -17.36
C GLU C 48 51.33 14.02 -17.31
N GLN C 49 51.02 14.64 -18.44
CA GLN C 49 49.81 15.47 -18.57
C GLN C 49 48.61 14.53 -18.67
N PHE C 50 47.94 14.30 -17.55
CA PHE C 50 46.78 13.43 -17.53
C PHE C 50 45.56 14.15 -18.10
N ARG C 51 44.62 13.35 -18.62
CA ARG C 51 43.39 13.92 -19.16
C ARG C 51 42.44 14.35 -18.05
N ASP C 52 42.23 13.47 -17.07
CA ASP C 52 41.38 13.74 -15.90
C ASP C 52 39.98 14.19 -16.35
N VAL C 53 39.31 13.29 -17.07
CA VAL C 53 37.95 13.56 -17.51
C VAL C 53 37.03 13.57 -16.30
N GLY C 54 36.35 14.69 -16.08
CA GLY C 54 35.48 14.84 -14.94
C GLY C 54 35.44 16.25 -14.38
N LEU C 55 35.72 16.39 -13.08
CA LEU C 55 35.73 17.71 -12.47
C LEU C 55 36.86 18.57 -13.01
N HIS C 56 37.97 17.95 -13.43
CA HIS C 56 39.08 18.72 -13.99
C HIS C 56 38.70 19.34 -15.33
N ALA C 57 37.91 18.62 -16.13
CA ALA C 57 37.46 19.18 -17.40
C ALA C 57 36.49 20.33 -17.20
N ALA C 58 35.60 20.22 -16.21
CA ALA C 58 34.69 21.31 -15.91
C ALA C 58 35.40 22.49 -15.27
N PHE C 59 36.48 22.23 -14.54
CA PHE C 59 37.24 23.31 -13.92
C PHE C 59 37.99 24.14 -14.97
N LYS C 60 38.32 23.53 -16.11
CA LYS C 60 39.03 24.25 -17.17
C LYS C 60 38.15 25.25 -17.90
N SER C 61 36.83 25.19 -17.72
CA SER C 61 35.90 26.12 -18.37
C SER C 61 35.48 27.25 -17.44
N VAL C 62 36.37 27.68 -16.54
CA VAL C 62 36.09 28.73 -15.58
C VAL C 62 37.07 29.90 -15.73
N PHE C 63 38.36 29.60 -15.86
CA PHE C 63 39.36 30.66 -15.98
C PHE C 63 39.19 31.51 -17.23
N PRO C 64 39.00 30.94 -18.45
CA PRO C 64 38.79 31.80 -19.62
C PRO C 64 37.44 32.52 -19.56
N ILE C 65 37.48 33.84 -19.39
CA ILE C 65 36.26 34.65 -19.28
C ILE C 65 36.32 35.77 -20.30
N ILE C 66 35.15 36.33 -20.59
CA ILE C 66 35.00 37.43 -21.54
C ILE C 66 34.07 38.47 -20.91
N SER C 67 34.56 39.70 -20.79
CA SER C 67 33.79 40.79 -20.19
C SER C 67 33.54 41.86 -21.24
N TYR C 68 32.29 42.30 -21.35
CA TYR C 68 31.94 43.34 -22.30
C TYR C 68 32.43 44.69 -21.83
N SER C 69 32.98 45.47 -22.77
CA SER C 69 33.53 46.80 -22.48
C SER C 69 34.61 46.73 -21.39
N GLY C 70 35.44 45.70 -21.46
CA GLY C 70 36.50 45.52 -20.48
C GLY C 70 37.46 44.44 -20.92
N ASN C 71 38.52 44.28 -20.14
CA ASN C 71 39.55 43.27 -20.40
C ASN C 71 39.85 42.55 -19.09
N ALA C 72 39.41 41.30 -18.98
CA ALA C 72 39.66 40.50 -17.80
C ALA C 72 39.77 39.04 -18.21
N ALA C 73 40.79 38.35 -17.67
CA ALA C 73 41.01 36.95 -17.98
C ALA C 73 41.70 36.29 -16.81
N LEU C 74 41.62 34.95 -16.77
CA LEU C 74 42.22 34.17 -15.72
C LEU C 74 42.87 32.92 -16.31
N GLU C 75 43.85 32.38 -15.60
CA GLU C 75 44.57 31.19 -16.01
C GLU C 75 44.68 30.25 -14.81
N TYR C 76 44.26 29.01 -14.99
CA TYR C 76 44.29 28.00 -13.93
C TYR C 76 45.09 26.80 -14.42
N VAL C 77 46.20 26.51 -13.75
CA VAL C 77 47.03 25.38 -14.13
C VAL C 77 46.41 24.07 -13.65
N GLY C 78 46.05 24.00 -12.38
CA GLY C 78 45.45 22.79 -11.85
C GLY C 78 45.00 22.99 -10.42
N TYR C 79 44.66 21.88 -9.78
CA TYR C 79 44.21 21.89 -8.39
C TYR C 79 45.04 20.90 -7.58
N ARG C 80 44.96 21.04 -6.27
CA ARG C 80 45.68 20.19 -5.33
C ARG C 80 44.72 19.68 -4.27
N LEU C 81 44.77 18.38 -4.00
CA LEU C 81 43.90 17.75 -3.02
C LEU C 81 44.69 17.50 -1.74
N GLY C 82 44.19 18.02 -0.62
CA GLY C 82 44.84 17.86 0.66
C GLY C 82 44.44 16.58 1.38
N GLU C 83 45.10 16.34 2.51
CA GLU C 83 44.82 15.15 3.31
C GLU C 83 43.71 15.44 4.32
N PRO C 84 42.82 14.47 4.55
CA PRO C 84 41.73 14.70 5.52
C PRO C 84 42.25 14.69 6.94
N ALA C 85 41.59 15.46 7.80
CA ALA C 85 41.99 15.56 9.20
C ALA C 85 41.49 14.37 10.00
N PHE C 86 40.18 14.18 10.05
CA PHE C 86 39.60 13.07 10.80
C PHE C 86 39.74 11.76 10.03
N ASP C 87 39.91 10.68 10.77
CA ASP C 87 40.06 9.36 10.18
C ASP C 87 38.68 8.79 9.83
N VAL C 88 38.68 7.55 9.34
CA VAL C 88 37.43 6.89 8.97
C VAL C 88 36.67 6.40 10.20
N LYS C 89 37.35 6.18 11.32
CA LYS C 89 36.70 5.75 12.55
C LYS C 89 36.39 6.89 13.50
N GLU C 90 37.10 8.03 13.38
CA GLU C 90 36.81 9.17 14.23
C GLU C 90 35.69 10.04 13.68
N CYS C 91 35.52 10.04 12.35
CA CYS C 91 34.45 10.85 11.75
C CYS C 91 33.08 10.29 12.07
N VAL C 92 32.98 8.98 12.33
CA VAL C 92 31.69 8.39 12.67
C VAL C 92 31.39 8.46 14.16
N LEU C 93 32.42 8.61 15.01
CA LEU C 93 32.19 8.73 16.45
C LEU C 93 31.66 10.11 16.80
N ARG C 94 32.41 11.16 16.49
CA ARG C 94 31.99 12.52 16.74
C ARG C 94 31.16 13.04 15.55
N GLY C 95 30.62 14.24 15.73
CA GLY C 95 29.83 14.86 14.68
C GLY C 95 30.66 15.67 13.71
N VAL C 96 30.98 15.07 12.55
CA VAL C 96 31.79 15.73 11.54
C VAL C 96 31.54 15.01 10.22
N THR C 97 31.84 15.70 9.12
CA THR C 97 31.70 15.15 7.78
C THR C 97 33.08 14.88 7.19
N PHE C 98 33.22 13.71 6.56
CA PHE C 98 34.49 13.32 5.95
C PHE C 98 34.70 14.15 4.68
N ALA C 99 35.69 15.05 4.72
CA ALA C 99 35.99 15.94 3.61
C ALA C 99 37.50 15.98 3.39
N VAL C 100 37.91 16.78 2.42
CA VAL C 100 39.33 16.94 2.09
C VAL C 100 39.55 18.32 1.48
N PRO C 101 40.63 19.01 1.82
CA PRO C 101 40.85 20.35 1.26
C PRO C 101 41.13 20.29 -0.23
N LEU C 102 40.69 21.33 -0.94
CA LEU C 102 40.85 21.45 -2.39
C LEU C 102 41.38 22.85 -2.69
N ARG C 103 42.70 22.97 -2.81
CA ARG C 103 43.35 24.23 -3.10
C ARG C 103 43.69 24.31 -4.59
N VAL C 104 43.26 25.39 -5.23
CA VAL C 104 43.49 25.59 -6.65
C VAL C 104 44.45 26.77 -6.84
N LYS C 105 44.92 26.93 -8.07
CA LYS C 105 45.82 28.02 -8.44
C LYS C 105 45.25 28.74 -9.64
N VAL C 106 44.95 30.03 -9.48
CA VAL C 106 44.38 30.85 -10.53
C VAL C 106 45.28 32.06 -10.74
N ARG C 107 45.70 32.28 -11.97
CA ARG C 107 46.56 33.41 -12.33
C ARG C 107 45.72 34.47 -13.02
N LEU C 108 45.67 35.66 -12.42
CA LEU C 108 44.89 36.75 -13.00
C LEU C 108 45.61 37.34 -14.21
N ILE C 109 44.87 37.54 -15.29
CA ILE C 109 45.41 38.10 -16.53
C ILE C 109 44.66 39.39 -16.82
N ILE C 110 45.36 40.52 -16.69
CA ILE C 110 44.79 41.84 -16.93
C ILE C 110 45.31 42.36 -18.26
N PHE C 111 44.41 42.90 -19.07
CA PHE C 111 44.75 43.44 -20.38
C PHE C 111 44.16 44.83 -20.52
N ASP C 112 44.37 45.44 -21.70
CA ASP C 112 43.87 46.77 -21.98
C ASP C 112 42.78 46.79 -23.05
N ARG C 113 42.42 45.63 -23.60
CA ARG C 113 41.39 45.53 -24.63
C ARG C 113 41.71 46.41 -25.84
N GLU C 114 42.98 46.39 -26.26
CA GLU C 114 43.43 47.17 -27.40
C GLU C 114 43.95 46.30 -28.53
N SER C 115 43.78 44.98 -28.45
CA SER C 115 44.25 44.05 -29.47
C SER C 115 45.75 44.18 -29.70
N SER C 116 46.50 44.34 -28.61
CA SER C 116 47.95 44.46 -28.69
C SER C 116 48.56 43.89 -27.43
N ASN C 117 49.83 43.50 -27.53
CA ASN C 117 50.56 42.93 -26.41
C ASN C 117 51.38 44.03 -25.72
N LYS C 118 50.65 44.89 -25.02
CA LYS C 118 51.26 46.00 -24.30
C LYS C 118 50.46 46.28 -23.03
N ALA C 119 51.18 46.57 -21.95
CA ALA C 119 50.58 46.86 -20.64
C ALA C 119 49.70 45.71 -20.17
N ILE C 120 50.31 44.52 -20.09
CA ILE C 120 49.63 43.32 -19.64
C ILE C 120 50.39 42.79 -18.43
N LYS C 121 49.69 42.68 -17.30
CA LYS C 121 50.26 42.21 -16.05
C LYS C 121 49.60 40.89 -15.64
N ASP C 122 50.40 40.00 -15.07
CA ASP C 122 49.92 38.70 -14.62
C ASP C 122 50.53 38.38 -13.26
N ILE C 123 49.70 37.86 -12.35
CA ILE C 123 50.12 37.50 -11.01
C ILE C 123 49.74 36.05 -10.76
N LYS C 124 50.72 35.25 -10.33
CA LYS C 124 50.53 33.84 -10.07
C LYS C 124 50.48 33.61 -8.56
N GLU C 125 49.38 33.02 -8.08
CA GLU C 125 49.21 32.75 -6.66
C GLU C 125 48.17 31.66 -6.49
N GLN C 126 48.29 30.94 -5.37
CA GLN C 126 47.33 29.88 -5.05
C GLN C 126 46.08 30.50 -4.43
N GLU C 127 44.91 30.07 -4.91
CA GLU C 127 43.66 30.60 -4.43
C GLU C 127 43.26 29.94 -3.10
N VAL C 128 42.10 30.31 -2.60
CA VAL C 128 41.58 29.76 -1.34
C VAL C 128 41.06 28.35 -1.58
N TYR C 129 40.80 27.62 -0.50
CA TYR C 129 40.28 26.26 -0.60
C TYR C 129 38.84 26.32 -1.08
N MET C 130 38.63 26.09 -2.38
CA MET C 130 37.32 26.16 -3.00
C MET C 130 36.52 24.92 -2.60
N GLY C 131 35.75 25.06 -1.53
CA GLY C 131 34.92 23.96 -1.07
C GLY C 131 35.74 22.84 -0.45
N GLU C 132 35.07 21.70 -0.26
CA GLU C 132 35.68 20.51 0.30
C GLU C 132 35.13 19.29 -0.42
N ILE C 133 36.03 18.50 -1.01
CA ILE C 133 35.63 17.29 -1.75
C ILE C 133 35.22 16.22 -0.74
N PRO C 134 34.23 15.39 -1.07
CA PRO C 134 33.83 14.34 -0.11
C PRO C 134 34.92 13.30 0.13
N LEU C 135 35.58 12.82 -0.92
CA LEU C 135 36.64 11.83 -0.81
C LEU C 135 36.15 10.56 -0.11
N MET C 136 35.21 9.89 -0.76
CA MET C 136 34.60 8.69 -0.19
C MET C 136 35.65 7.59 -0.01
N THR C 137 35.30 6.60 0.82
CA THR C 137 36.19 5.50 1.12
C THR C 137 36.21 4.50 -0.03
N GLU C 138 36.97 3.43 0.14
CA GLU C 138 37.09 2.40 -0.88
C GLU C 138 35.89 1.45 -0.92
N ASN C 139 35.00 1.54 0.07
CA ASN C 139 33.81 0.69 0.08
C ASN C 139 32.69 1.20 -0.80
N GLY C 140 32.81 2.42 -1.34
CA GLY C 140 31.79 3.00 -2.17
C GLY C 140 30.81 3.92 -1.46
N THR C 141 31.09 4.31 -0.22
CA THR C 141 30.22 5.18 0.54
C THR C 141 31.04 6.30 1.17
N PHE C 142 30.37 7.42 1.44
CA PHE C 142 30.98 8.56 2.08
C PHE C 142 30.21 8.92 3.33
N ILE C 143 30.91 9.38 4.36
CA ILE C 143 30.30 9.73 5.64
C ILE C 143 29.92 11.20 5.62
N ILE C 144 28.67 11.49 5.93
CA ILE C 144 28.14 12.85 5.97
C ILE C 144 27.55 13.08 7.35
N ASN C 145 28.19 13.95 8.13
CA ASN C 145 27.74 14.30 9.49
C ASN C 145 27.62 13.06 10.37
N GLY C 146 28.57 12.14 10.22
CA GLY C 146 28.59 10.92 11.01
C GLY C 146 27.74 9.79 10.48
N THR C 147 26.97 10.01 9.42
CA THR C 147 26.11 8.98 8.83
C THR C 147 26.61 8.62 7.45
N GLU C 148 26.52 7.33 7.12
CA GLU C 148 26.96 6.83 5.82
C GLU C 148 25.82 6.96 4.82
N ARG C 149 26.07 7.67 3.72
CA ARG C 149 25.09 7.89 2.68
C ARG C 149 25.66 7.48 1.33
N VAL C 150 24.82 6.86 0.51
CA VAL C 150 25.22 6.42 -0.83
C VAL C 150 24.31 7.10 -1.84
N ILE C 151 24.79 7.16 -3.09
CA ILE C 151 24.06 7.77 -4.19
C ILE C 151 23.83 6.69 -5.25
N VAL C 152 22.57 6.44 -5.57
CA VAL C 152 22.24 5.44 -6.58
C VAL C 152 22.42 6.04 -7.98
N SER C 153 22.59 5.16 -8.95
CA SER C 153 22.76 5.59 -10.34
C SER C 153 21.44 6.05 -10.93
N GLN C 154 21.51 7.11 -11.72
CA GLN C 154 20.33 7.70 -12.36
C GLN C 154 20.17 7.14 -13.76
N LEU C 155 18.91 6.93 -14.16
CA LEU C 155 18.58 6.41 -15.49
C LEU C 155 17.68 7.42 -16.19
N HIS C 156 18.24 8.15 -17.14
CA HIS C 156 17.51 9.16 -17.90
C HIS C 156 17.54 8.81 -19.38
N ARG C 157 16.74 9.54 -20.15
CA ARG C 157 16.66 9.30 -21.58
C ARG C 157 17.89 9.84 -22.30
N SER C 158 18.26 9.18 -23.40
CA SER C 158 19.42 9.61 -24.16
C SER C 158 19.11 10.88 -24.95
N PRO C 159 20.09 11.76 -25.11
CA PRO C 159 19.86 13.00 -25.87
C PRO C 159 19.65 12.70 -27.35
N GLY C 160 18.49 13.10 -27.87
CA GLY C 160 18.20 12.88 -29.26
C GLY C 160 16.73 13.16 -29.54
N VAL C 161 16.34 12.85 -30.78
CA VAL C 161 14.97 13.04 -31.24
C VAL C 161 14.24 11.71 -31.19
N PHE C 162 12.98 11.74 -30.73
CA PHE C 162 12.18 10.53 -30.61
C PHE C 162 10.78 10.81 -31.12
N PHE C 163 10.27 9.89 -31.95
CA PHE C 163 8.92 9.98 -32.51
C PHE C 163 8.06 8.87 -31.92
N ASP C 164 6.91 9.24 -31.38
CA ASP C 164 5.99 8.29 -30.77
C ASP C 164 4.59 8.49 -31.35
N HIS C 165 3.69 7.59 -30.97
CA HIS C 165 2.30 7.64 -31.42
C HIS C 165 1.32 8.02 -30.32
N ASP C 166 1.51 7.49 -29.11
CA ASP C 166 0.64 7.77 -27.95
C ASP C 166 -0.82 7.45 -28.27
N ARG C 167 -1.06 6.17 -28.56
CA ARG C 167 -2.40 5.70 -28.88
C ARG C 167 -3.26 5.61 -27.62
N GLY C 168 -4.02 6.68 -27.34
CA GLY C 168 -4.87 6.72 -26.18
C GLY C 168 -6.35 6.84 -26.57
N LYS C 169 -7.21 6.58 -25.60
CA LYS C 169 -8.65 6.65 -25.81
C LYS C 169 -9.18 8.08 -25.75
N THR C 170 -8.38 9.05 -25.29
CA THR C 170 -8.84 10.42 -25.21
C THR C 170 -8.80 11.12 -26.57
N HIS C 171 -7.91 10.69 -27.46
CA HIS C 171 -7.82 11.31 -28.78
C HIS C 171 -8.97 10.94 -29.70
N SER C 172 -9.62 9.80 -29.45
CA SER C 172 -10.74 9.33 -30.27
C SER C 172 -10.35 9.22 -31.73
N SER C 173 -9.14 8.71 -31.99
CA SER C 173 -8.64 8.56 -33.35
C SER C 173 -7.63 7.41 -33.37
N GLY C 174 -7.68 6.62 -34.44
CA GLY C 174 -6.76 5.50 -34.56
C GLY C 174 -5.34 5.92 -34.92
N LYS C 175 -5.19 6.98 -35.69
CA LYS C 175 -3.89 7.49 -36.12
C LYS C 175 -3.78 8.96 -35.70
N LEU C 176 -2.89 9.24 -34.75
CA LEU C 176 -2.67 10.60 -34.28
C LEU C 176 -1.20 10.75 -33.91
N LEU C 177 -0.54 11.72 -34.54
CA LEU C 177 0.88 11.94 -34.28
C LEU C 177 1.07 12.53 -32.89
N TYR C 178 1.98 11.95 -32.12
CA TYR C 178 2.26 12.39 -30.76
C TYR C 178 3.25 13.54 -30.80
N SER C 179 3.75 13.94 -29.62
CA SER C 179 4.68 15.06 -29.53
C SER C 179 6.10 14.56 -29.80
N ALA C 180 6.75 15.17 -30.80
CA ALA C 180 8.13 14.84 -31.13
C ALA C 180 9.08 15.73 -30.32
N ARG C 181 9.04 15.53 -29.01
CA ARG C 181 9.82 16.35 -28.09
C ARG C 181 11.25 15.83 -28.00
N ILE C 182 12.21 16.74 -28.16
CA ILE C 182 13.62 16.41 -28.04
C ILE C 182 14.08 16.73 -26.63
N ILE C 183 15.03 15.95 -26.13
CA ILE C 183 15.53 16.13 -24.77
C ILE C 183 17.04 16.39 -24.83
N PRO C 184 17.49 17.62 -24.62
CA PRO C 184 18.93 17.90 -24.62
C PRO C 184 19.58 17.47 -23.30
N TYR C 185 20.91 17.56 -23.27
CA TYR C 185 21.64 17.22 -22.07
C TYR C 185 21.47 18.25 -20.96
N ARG C 186 21.12 19.49 -21.32
CA ARG C 186 20.92 20.54 -20.33
C ARG C 186 20.05 21.62 -20.95
N GLY C 187 19.24 22.25 -20.10
CA GLY C 187 18.37 23.33 -20.54
C GLY C 187 16.93 22.89 -20.69
N SER C 188 16.15 23.75 -21.34
CA SER C 188 14.75 23.47 -21.57
C SER C 188 14.57 22.60 -22.80
N TRP C 189 13.39 21.98 -22.90
CA TRP C 189 13.05 21.11 -24.00
C TRP C 189 11.87 21.68 -24.78
N LEU C 190 11.85 21.40 -26.09
CA LEU C 190 10.81 21.88 -26.98
C LEU C 190 9.80 20.76 -27.21
N ASP C 191 8.54 21.01 -26.83
CA ASP C 191 7.47 20.04 -26.98
C ASP C 191 6.68 20.41 -28.24
N PHE C 192 7.00 19.73 -29.34
CA PHE C 192 6.34 19.96 -30.63
C PHE C 192 5.35 18.82 -30.86
N GLU C 193 4.07 19.11 -30.62
CA GLU C 193 3.00 18.13 -30.77
C GLU C 193 2.17 18.48 -32.00
N PHE C 194 1.88 17.48 -32.82
CA PHE C 194 1.06 17.68 -34.01
C PHE C 194 -0.42 17.70 -33.64
N ASP C 195 -1.13 18.72 -34.13
CA ASP C 195 -2.54 18.83 -33.82
C ASP C 195 -3.35 17.77 -34.58
N PRO C 196 -4.46 17.30 -34.01
CA PRO C 196 -5.28 16.30 -34.70
C PRO C 196 -5.95 16.81 -35.97
N LYS C 197 -5.94 18.13 -36.21
CA LYS C 197 -6.54 18.72 -37.39
C LYS C 197 -5.52 18.99 -38.49
N ASP C 198 -4.49 18.14 -38.59
CA ASP C 198 -3.43 18.28 -39.59
C ASP C 198 -2.71 19.62 -39.46
N CYS C 199 -2.36 19.96 -38.22
CA CYS C 199 -1.66 21.20 -37.92
C CYS C 199 -0.50 20.92 -36.97
N VAL C 200 0.43 21.87 -36.90
CA VAL C 200 1.62 21.75 -36.05
C VAL C 200 1.57 22.89 -35.04
N PHE C 201 1.60 22.55 -33.75
CA PHE C 201 1.55 23.53 -32.67
C PHE C 201 2.67 23.19 -31.68
N VAL C 202 3.74 23.98 -31.69
CA VAL C 202 4.84 23.76 -30.77
C VAL C 202 4.48 24.34 -29.40
N ARG C 203 5.21 23.90 -28.38
CA ARG C 203 4.98 24.34 -27.02
C ARG C 203 6.28 24.24 -26.23
N ILE C 204 6.27 24.84 -25.04
CA ILE C 204 7.43 24.81 -24.16
C ILE C 204 7.09 24.01 -22.90
N ASP C 205 8.08 23.85 -22.01
CA ASP C 205 7.85 23.07 -20.80
C ASP C 205 6.97 23.80 -19.80
N ARG C 206 7.02 25.14 -19.79
CA ARG C 206 6.26 25.94 -18.84
C ARG C 206 5.53 27.09 -19.53
N ARG C 207 5.19 26.92 -20.81
CA ARG C 207 4.48 27.94 -21.57
C ARG C 207 3.30 27.29 -22.29
N ARG C 208 2.55 28.11 -23.02
CA ARG C 208 1.39 27.64 -23.76
C ARG C 208 1.81 27.16 -25.14
N LYS C 209 0.83 26.72 -25.93
CA LYS C 209 1.09 26.24 -27.27
C LYS C 209 1.31 27.39 -28.23
N LEU C 210 2.30 27.23 -29.11
CA LEU C 210 2.62 28.24 -30.11
C LEU C 210 2.45 27.67 -31.51
N PRO C 211 1.99 28.48 -32.46
CA PRO C 211 1.80 27.99 -33.82
C PRO C 211 3.13 27.75 -34.52
N ALA C 212 3.08 26.93 -35.57
CA ALA C 212 4.28 26.60 -36.33
C ALA C 212 4.75 27.76 -37.21
N SER C 213 3.85 28.67 -37.58
CA SER C 213 4.25 29.80 -38.40
C SER C 213 5.06 30.81 -37.62
N VAL C 214 4.84 30.91 -36.31
CA VAL C 214 5.59 31.85 -35.50
C VAL C 214 7.00 31.32 -35.20
N LEU C 215 7.14 29.99 -35.09
CA LEU C 215 8.45 29.40 -34.82
C LEU C 215 9.32 29.36 -36.08
N LEU C 216 8.71 29.19 -37.25
CA LEU C 216 9.49 29.13 -38.48
C LEU C 216 9.97 30.52 -38.91
N ARG C 217 9.23 31.57 -38.55
CA ARG C 217 9.62 32.91 -38.92
C ARG C 217 10.76 33.46 -38.06
N ALA C 218 10.95 32.93 -36.85
CA ALA C 218 12.02 33.39 -35.98
C ALA C 218 13.38 32.88 -36.42
N LEU C 219 13.44 31.81 -37.20
CA LEU C 219 14.72 31.27 -37.66
C LEU C 219 15.33 32.09 -38.79
N GLY C 220 14.53 32.88 -39.49
CA GLY C 220 15.01 33.70 -40.59
C GLY C 220 14.41 33.37 -41.94
N TYR C 221 13.71 32.26 -42.08
CA TYR C 221 13.09 31.88 -43.34
C TYR C 221 11.69 32.45 -43.45
N SER C 222 11.27 32.71 -44.68
CA SER C 222 9.95 33.26 -44.93
C SER C 222 8.89 32.18 -44.80
N THR C 223 7.65 32.62 -44.58
CA THR C 223 6.54 31.68 -44.43
C THR C 223 6.08 31.11 -45.77
N GLU C 224 6.30 31.84 -46.86
CA GLU C 224 5.89 31.34 -48.18
C GLU C 224 6.86 30.30 -48.71
N GLU C 225 8.16 30.50 -48.50
CA GLU C 225 9.15 29.53 -48.99
C GLU C 225 9.13 28.25 -48.15
N ILE C 226 8.88 28.38 -46.84
CA ILE C 226 8.83 27.20 -45.99
C ILE C 226 7.60 26.37 -46.29
N LEU C 227 6.49 27.03 -46.62
CA LEU C 227 5.27 26.29 -46.97
C LEU C 227 5.35 25.68 -48.36
N ASN C 228 6.14 26.27 -49.25
CA ASN C 228 6.30 25.75 -50.60
C ASN C 228 7.48 24.79 -50.73
N ALA C 229 8.24 24.58 -49.66
CA ALA C 229 9.38 23.66 -49.71
C ALA C 229 8.92 22.21 -49.57
N PHE C 230 8.05 21.94 -48.59
CA PHE C 230 7.53 20.59 -48.38
C PHE C 230 6.36 20.26 -49.29
N TYR C 231 5.84 21.24 -50.03
CA TYR C 231 4.72 21.00 -50.93
C TYR C 231 5.04 21.49 -52.33
N ALA C 232 4.03 21.50 -53.21
CA ALA C 232 4.17 21.95 -54.60
C ALA C 232 5.25 21.15 -55.33
N THR C 233 5.01 19.85 -55.44
CA THR C 233 5.92 18.95 -56.12
C THR C 233 5.64 18.85 -57.62
N ASN C 234 4.68 19.61 -58.13
CA ASN C 234 4.35 19.60 -59.55
C ASN C 234 4.14 21.02 -60.03
N VAL C 235 4.59 21.30 -61.25
CA VAL C 235 4.50 22.62 -61.84
C VAL C 235 3.60 22.53 -63.08
N PHE C 236 2.91 23.63 -63.37
CA PHE C 236 2.02 23.73 -64.52
C PHE C 236 2.49 24.86 -65.43
N HIS C 237 2.39 24.63 -66.74
CA HIS C 237 2.83 25.60 -67.74
C HIS C 237 1.74 25.76 -68.79
N ILE C 238 1.68 26.95 -69.37
CA ILE C 238 0.69 27.28 -70.40
C ILE C 238 1.43 27.23 -71.73
N LYS C 239 1.39 26.06 -72.36
CA LYS C 239 2.02 25.86 -73.67
C LYS C 239 1.15 24.95 -74.51
N GLY C 240 1.31 25.06 -75.83
CA GLY C 240 0.53 24.26 -76.74
C GLY C 240 -0.93 24.66 -76.77
N GLU C 241 -1.79 23.80 -76.23
CA GLU C 241 -3.22 24.08 -76.15
C GLU C 241 -3.60 24.76 -74.84
N THR C 242 -2.88 25.83 -74.51
CA THR C 242 -3.11 26.68 -73.34
C THR C 242 -2.98 25.93 -72.02
N LEU C 243 -2.47 24.70 -72.03
CA LEU C 243 -2.31 23.92 -70.81
C LEU C 243 -1.39 22.74 -71.09
N ASN C 244 -0.61 22.37 -70.07
CA ASN C 244 0.28 21.22 -70.17
C ASN C 244 0.49 20.69 -68.76
N LEU C 245 -0.06 19.51 -68.48
CA LEU C 245 0.04 18.90 -67.16
C LEU C 245 1.13 17.84 -67.16
N GLU C 246 1.87 17.77 -66.05
CA GLU C 246 2.95 16.79 -65.90
C GLU C 246 2.34 15.43 -65.61
N LEU C 247 2.49 14.50 -66.55
CA LEU C 247 1.92 13.16 -66.41
C LEU C 247 2.76 12.33 -65.45
N VAL C 248 2.17 11.95 -64.32
CA VAL C 248 2.82 11.13 -63.32
C VAL C 248 2.00 9.86 -63.16
N PRO C 249 2.56 8.67 -63.44
CA PRO C 249 1.78 7.44 -63.31
C PRO C 249 1.40 7.09 -61.88
N GLN C 250 2.08 7.66 -60.88
CA GLN C 250 1.79 7.33 -59.50
C GLN C 250 0.52 8.02 -59.00
N ARG C 251 0.24 9.23 -59.46
CA ARG C 251 -0.94 9.96 -58.99
C ARG C 251 -2.23 9.35 -59.50
N LEU C 252 -2.22 8.83 -60.74
CA LEU C 252 -3.41 8.25 -61.34
C LEU C 252 -3.59 6.77 -61.01
N ARG C 253 -2.78 6.22 -60.11
CA ARG C 253 -2.87 4.82 -59.74
C ARG C 253 -3.99 4.66 -58.70
N GLY C 254 -5.06 3.99 -59.08
CA GLY C 254 -6.17 3.75 -58.17
C GLY C 254 -7.19 4.86 -58.09
N GLU C 255 -7.19 5.81 -59.03
CA GLU C 255 -8.12 6.92 -59.03
C GLU C 255 -8.84 6.98 -60.36
N VAL C 256 -10.08 7.45 -60.33
CA VAL C 256 -10.89 7.56 -61.54
C VAL C 256 -10.45 8.77 -62.34
N ALA C 257 -10.43 8.61 -63.67
CA ALA C 257 -10.02 9.67 -64.58
C ALA C 257 -11.25 10.19 -65.32
N SER C 258 -11.71 11.37 -64.93
CA SER C 258 -12.87 11.99 -65.56
C SER C 258 -12.49 12.97 -66.66
N ILE C 259 -11.19 13.13 -66.94
CA ILE C 259 -10.70 14.03 -67.99
C ILE C 259 -9.99 13.19 -69.03
N ASP C 260 -10.39 13.35 -70.29
CA ASP C 260 -9.78 12.61 -71.39
C ASP C 260 -8.45 13.25 -71.78
N ILE C 261 -7.43 12.41 -71.96
CA ILE C 261 -6.10 12.85 -72.34
C ILE C 261 -5.87 12.38 -73.78
N LYS C 262 -6.10 13.28 -74.73
CA LYS C 262 -5.93 12.97 -76.15
C LYS C 262 -4.54 13.29 -76.66
N ASP C 263 -3.65 13.81 -75.83
CA ASP C 263 -2.30 14.13 -76.26
C ASP C 263 -1.44 12.87 -76.33
N GLY C 264 -0.28 13.01 -76.96
CA GLY C 264 0.63 11.89 -77.12
C GLY C 264 0.85 11.51 -78.57
N SER C 265 0.73 12.50 -79.47
CA SER C 265 0.87 12.31 -80.91
C SER C 265 -0.03 11.18 -81.41
N GLY C 266 -1.32 11.30 -81.08
CA GLY C 266 -2.31 10.32 -81.49
C GLY C 266 -2.40 9.09 -80.62
N LYS C 267 -1.67 9.05 -79.50
CA LYS C 267 -1.67 7.91 -78.60
C LYS C 267 -2.40 8.31 -77.32
N VAL C 268 -3.66 7.89 -77.21
CA VAL C 268 -4.48 8.23 -76.05
C VAL C 268 -4.07 7.37 -74.87
N ILE C 269 -4.29 7.89 -73.67
CA ILE C 269 -3.94 7.18 -72.44
C ILE C 269 -5.20 6.61 -71.81
N VAL C 270 -6.14 7.49 -71.46
CA VAL C 270 -7.38 7.10 -70.81
C VAL C 270 -8.54 7.77 -71.54
N GLU C 271 -9.75 7.38 -71.16
CA GLU C 271 -10.98 7.93 -71.73
C GLU C 271 -11.83 8.54 -70.63
N GLN C 272 -12.85 9.30 -71.06
CA GLN C 272 -13.75 9.96 -70.12
C GLN C 272 -14.78 8.96 -69.61
N GLY C 273 -14.84 8.79 -68.29
CA GLY C 273 -15.78 7.89 -67.68
C GLY C 273 -15.29 6.48 -67.47
N ARG C 274 -13.98 6.24 -67.57
CA ARG C 274 -13.41 4.91 -67.39
C ARG C 274 -12.54 4.89 -66.14
N ARG C 275 -12.67 3.81 -65.37
CA ARG C 275 -11.88 3.65 -64.15
C ARG C 275 -10.50 3.14 -64.49
N ILE C 276 -9.48 3.73 -63.87
CA ILE C 276 -8.09 3.35 -64.10
C ILE C 276 -7.81 2.05 -63.36
N THR C 277 -7.49 1.00 -64.10
CA THR C 277 -7.17 -0.31 -63.55
C THR C 277 -5.68 -0.59 -63.72
N ALA C 278 -5.28 -1.81 -63.37
CA ALA C 278 -3.89 -2.22 -63.50
C ALA C 278 -3.41 -2.31 -64.94
N ARG C 279 -4.32 -2.28 -65.91
CA ARG C 279 -3.92 -2.34 -67.31
C ARG C 279 -3.50 -0.97 -67.84
N HIS C 280 -4.11 0.11 -67.34
CA HIS C 280 -3.78 1.45 -67.83
C HIS C 280 -2.41 1.91 -67.35
N ILE C 281 -1.85 1.27 -66.32
CA ILE C 281 -0.53 1.65 -65.83
C ILE C 281 0.61 1.08 -66.67
N ASN C 282 0.32 0.12 -67.55
CA ASN C 282 1.34 -0.48 -68.39
C ASN C 282 1.56 0.29 -69.68
N GLN C 283 0.52 0.91 -70.23
CA GLN C 283 0.64 1.68 -71.46
C GLN C 283 1.26 3.05 -71.26
N LEU C 284 1.34 3.53 -70.02
CA LEU C 284 1.91 4.84 -69.75
C LEU C 284 3.41 4.78 -69.46
N GLU C 285 3.89 3.66 -68.91
CA GLU C 285 5.30 3.53 -68.58
C GLU C 285 6.16 3.08 -69.76
N LYS C 286 5.55 2.43 -70.76
CA LYS C 286 6.30 1.96 -71.91
C LYS C 286 6.63 3.07 -72.90
N ALA C 287 5.92 4.20 -72.84
CA ALA C 287 6.17 5.32 -73.74
C ALA C 287 7.01 6.42 -73.10
N GLY C 288 6.78 6.71 -71.82
CA GLY C 288 7.54 7.75 -71.15
C GLY C 288 7.06 9.15 -71.44
N VAL C 289 5.78 9.34 -71.73
CA VAL C 289 5.25 10.67 -72.01
C VAL C 289 5.09 11.44 -70.70
N SER C 290 5.04 12.77 -70.83
CA SER C 290 4.90 13.64 -69.67
C SER C 290 3.82 14.70 -69.82
N GLN C 291 3.29 14.92 -71.02
CA GLN C 291 2.27 15.93 -71.25
C GLN C 291 0.97 15.27 -71.68
N LEU C 292 -0.15 15.86 -71.26
CA LEU C 292 -1.47 15.34 -71.61
C LEU C 292 -2.44 16.52 -71.68
N GLU C 293 -3.56 16.28 -72.37
CA GLU C 293 -4.59 17.29 -72.54
C GLU C 293 -5.58 17.24 -71.38
N VAL C 294 -5.76 18.39 -70.73
CA VAL C 294 -6.69 18.50 -69.59
C VAL C 294 -7.64 19.66 -69.87
N PRO C 295 -8.95 19.45 -69.75
CA PRO C 295 -9.88 20.56 -69.98
C PRO C 295 -9.83 21.58 -68.84
N PHE C 296 -10.40 22.74 -69.12
CA PHE C 296 -10.42 23.83 -68.14
C PHE C 296 -11.42 23.59 -67.02
N ASP C 297 -12.41 22.72 -67.23
CA ASP C 297 -13.40 22.42 -66.20
C ASP C 297 -12.90 21.42 -65.17
N TYR C 298 -11.76 20.77 -65.41
CA TYR C 298 -11.22 19.81 -64.47
C TYR C 298 -10.45 20.46 -63.33
N LEU C 299 -9.99 21.70 -63.51
CA LEU C 299 -9.20 22.40 -62.50
C LEU C 299 -10.07 23.20 -61.53
N ILE C 300 -11.35 22.83 -61.38
CA ILE C 300 -12.22 23.57 -60.48
C ILE C 300 -12.05 23.14 -59.03
N GLY C 301 -11.46 21.98 -58.77
CA GLY C 301 -11.28 21.50 -57.41
C GLY C 301 -9.87 21.66 -56.89
N ARG C 302 -8.93 21.93 -57.80
CA ARG C 302 -7.53 22.09 -57.42
C ARG C 302 -7.28 23.49 -56.89
N THR C 303 -6.30 23.61 -56.01
CA THR C 303 -5.92 24.87 -55.40
C THR C 303 -4.47 25.20 -55.73
N ILE C 304 -4.12 26.46 -55.53
CA ILE C 304 -2.77 26.93 -55.82
C ILE C 304 -1.90 26.76 -54.58
N ALA C 305 -0.58 26.80 -54.78
CA ALA C 305 0.37 26.63 -53.68
C ALA C 305 0.76 27.95 -53.06
N LYS C 306 1.31 28.87 -53.86
CA LYS C 306 1.75 30.17 -53.39
C LYS C 306 0.96 31.27 -54.11
N ALA C 307 1.30 32.52 -53.78
CA ALA C 307 0.64 33.67 -54.38
C ALA C 307 1.17 33.86 -55.80
N ILE C 308 0.32 33.59 -56.79
CA ILE C 308 0.70 33.72 -58.19
C ILE C 308 0.64 35.20 -58.56
N VAL C 309 1.80 35.79 -58.83
CA VAL C 309 1.91 37.19 -59.20
C VAL C 309 2.47 37.29 -60.61
N HIS C 310 1.90 38.19 -61.41
CA HIS C 310 2.35 38.35 -62.78
C HIS C 310 3.23 39.58 -62.92
N PRO C 311 4.28 39.51 -63.73
CA PRO C 311 5.18 40.66 -63.91
C PRO C 311 4.68 41.72 -64.86
N ALA C 312 3.45 41.59 -65.38
CA ALA C 312 2.87 42.57 -66.29
C ALA C 312 1.98 43.57 -65.59
N THR C 313 0.98 43.09 -64.83
CA THR C 313 0.08 43.98 -64.12
C THR C 313 0.68 44.50 -62.81
N GLY C 314 1.70 43.83 -62.29
CA GLY C 314 2.32 44.25 -61.05
C GLY C 314 1.56 43.92 -59.79
N GLU C 315 0.43 43.23 -59.90
CA GLU C 315 -0.38 42.86 -58.74
C GLU C 315 -0.60 41.36 -58.72
N ILE C 316 -0.85 40.82 -57.53
CA ILE C 316 -1.02 39.39 -57.34
C ILE C 316 -2.38 38.95 -57.89
N ILE C 317 -2.37 38.33 -59.07
CA ILE C 317 -3.62 37.92 -59.70
C ILE C 317 -4.25 36.73 -58.99
N ALA C 318 -3.48 35.98 -58.19
CA ALA C 318 -4.00 34.83 -57.48
C ALA C 318 -3.20 34.65 -56.20
N GLU C 319 -3.85 34.83 -55.06
CA GLU C 319 -3.19 34.70 -53.77
C GLU C 319 -3.00 33.23 -53.42
N CYS C 320 -2.24 32.99 -52.35
CA CYS C 320 -1.96 31.64 -51.91
C CYS C 320 -3.19 31.02 -51.26
N ASN C 321 -3.29 29.70 -51.35
CA ASN C 321 -4.39 28.92 -50.77
C ASN C 321 -5.73 29.39 -51.31
N THR C 322 -5.89 29.28 -52.63
CA THR C 322 -7.12 29.67 -53.30
C THR C 322 -7.39 28.70 -54.44
N GLU C 323 -8.68 28.45 -54.68
CA GLU C 323 -9.10 27.53 -55.73
C GLU C 323 -9.09 28.22 -57.09
N LEU C 324 -8.84 27.42 -58.13
CA LEU C 324 -8.80 27.92 -59.50
C LEU C 324 -10.21 27.87 -60.07
N THR C 325 -10.83 29.03 -60.23
CA THR C 325 -12.19 29.14 -60.72
C THR C 325 -12.20 29.52 -62.20
N LEU C 326 -13.41 29.75 -62.73
CA LEU C 326 -13.55 30.10 -64.13
C LEU C 326 -13.21 31.57 -64.37
N ASP C 327 -13.69 32.48 -63.52
CA ASP C 327 -13.41 33.89 -63.69
C ASP C 327 -11.95 34.22 -63.40
N LEU C 328 -11.29 33.41 -62.57
CA LEU C 328 -9.89 33.66 -62.26
C LEU C 328 -8.97 33.24 -63.40
N LEU C 329 -9.37 32.24 -64.19
CA LEU C 329 -8.54 31.81 -65.32
C LEU C 329 -8.55 32.84 -66.44
N ALA C 330 -9.61 33.64 -66.55
CA ALA C 330 -9.65 34.67 -67.58
C ALA C 330 -8.65 35.78 -67.31
N LYS C 331 -8.34 36.04 -66.03
CA LYS C 331 -7.34 37.05 -65.70
C LYS C 331 -5.92 36.52 -65.86
N VAL C 332 -5.70 35.23 -65.60
CA VAL C 332 -4.37 34.66 -65.76
C VAL C 332 -4.02 34.39 -67.21
N ALA C 333 -5.03 34.24 -68.08
CA ALA C 333 -4.75 33.99 -69.49
C ALA C 333 -4.32 35.26 -70.22
N LYS C 334 -4.90 36.40 -69.85
CA LYS C 334 -4.53 37.66 -70.49
C LYS C 334 -3.26 38.27 -69.90
N ALA C 335 -2.83 37.80 -68.73
CA ALA C 335 -1.63 38.32 -68.08
C ALA C 335 -0.36 37.63 -68.55
N GLN C 336 -0.48 36.62 -69.43
CA GLN C 336 0.67 35.90 -69.98
C GLN C 336 1.51 35.27 -68.86
N VAL C 337 0.88 34.35 -68.12
CA VAL C 337 1.55 33.65 -67.04
C VAL C 337 2.42 32.56 -67.62
N VAL C 338 3.68 32.49 -67.17
CA VAL C 338 4.62 31.51 -67.71
C VAL C 338 4.41 30.16 -67.06
N ARG C 339 4.57 30.09 -65.73
CA ARG C 339 4.45 28.85 -64.98
C ARG C 339 3.40 29.03 -63.89
N ILE C 340 2.51 28.04 -63.77
CA ILE C 340 1.46 28.05 -62.76
C ILE C 340 1.87 27.10 -61.64
N GLU C 341 1.94 27.60 -60.42
CA GLU C 341 2.34 26.82 -59.27
C GLU C 341 1.10 26.23 -58.62
N THR C 342 0.97 24.90 -58.66
CA THR C 342 -0.16 24.18 -58.09
C THR C 342 0.37 23.04 -57.24
N LEU C 343 0.01 23.04 -55.96
CA LEU C 343 0.45 22.01 -55.03
C LEU C 343 -0.34 20.73 -55.32
N TYR C 344 0.32 19.77 -55.96
CA TYR C 344 -0.31 18.50 -56.31
C TYR C 344 -0.40 17.64 -55.06
N THR C 345 -1.56 17.67 -54.41
CA THR C 345 -1.80 16.88 -53.20
C THR C 345 -3.10 16.12 -53.37
N ASN C 346 -3.06 14.81 -53.17
CA ASN C 346 -4.21 13.93 -53.32
C ASN C 346 -4.34 13.07 -52.06
N ASP C 347 -5.36 12.22 -52.06
CA ASP C 347 -5.57 11.34 -50.92
C ASP C 347 -4.57 10.19 -50.89
N ILE C 348 -4.05 9.79 -52.06
CA ILE C 348 -3.09 8.71 -52.10
C ILE C 348 -1.69 9.16 -51.69
N ASP C 349 -1.44 10.46 -51.65
CA ASP C 349 -0.15 10.99 -51.26
C ASP C 349 -0.12 11.21 -49.74
N CYS C 350 0.95 11.83 -49.25
CA CYS C 350 1.06 12.08 -47.82
C CYS C 350 0.23 13.29 -47.40
N GLY C 351 0.30 14.38 -48.16
CA GLY C 351 -0.44 15.58 -47.86
C GLY C 351 0.35 16.54 -46.99
N PRO C 352 0.48 17.79 -47.44
CA PRO C 352 1.23 18.78 -46.65
C PRO C 352 0.39 19.44 -45.58
N PHE C 353 0.86 19.42 -44.34
CA PHE C 353 0.16 20.01 -43.22
C PHE C 353 0.68 21.40 -42.86
N ILE C 354 1.68 21.90 -43.57
CA ILE C 354 2.21 23.23 -43.27
C ILE C 354 1.26 24.32 -43.75
N SER C 355 0.45 24.03 -44.77
CA SER C 355 -0.49 25.00 -45.28
C SER C 355 -1.70 25.21 -44.37
N ASP C 356 -2.04 24.21 -43.55
CA ASP C 356 -3.18 24.34 -42.65
C ASP C 356 -2.85 25.14 -41.39
N THR C 357 -1.56 25.27 -41.05
CA THR C 357 -1.15 26.01 -39.87
C THR C 357 -0.45 27.32 -40.20
N LEU C 358 -0.21 27.60 -41.49
CA LEU C 358 0.47 28.83 -41.88
C LEU C 358 -0.42 30.06 -41.72
N LYS C 359 -1.74 29.87 -41.63
CA LYS C 359 -2.67 30.97 -41.47
C LYS C 359 -3.10 31.15 -40.02
N ILE C 360 -2.21 30.87 -39.08
CA ILE C 360 -2.50 30.98 -37.65
C ILE C 360 -2.01 32.33 -37.16
N ASP C 361 -2.92 33.14 -36.61
CA ASP C 361 -2.61 34.45 -36.04
C ASP C 361 -2.02 35.41 -37.06
N ASN C 362 -2.22 35.15 -38.35
CA ASN C 362 -1.73 36.00 -39.44
C ASN C 362 -0.22 36.20 -39.33
N THR C 363 0.51 35.10 -39.17
CA THR C 363 1.96 35.13 -39.05
C THR C 363 2.59 34.95 -40.43
N SER C 364 2.37 35.95 -41.28
CA SER C 364 2.88 35.95 -42.65
C SER C 364 4.20 36.68 -42.79
N ASN C 365 4.74 37.24 -41.70
CA ASN C 365 6.00 37.95 -41.73
C ASN C 365 6.75 37.69 -40.44
N GLN C 366 8.05 38.03 -40.45
CA GLN C 366 8.88 37.82 -39.26
C GLN C 366 8.61 38.85 -38.18
N LEU C 367 7.94 39.96 -38.52
CA LEU C 367 7.65 40.98 -37.53
C LEU C 367 6.49 40.59 -36.62
N GLU C 368 5.53 39.82 -37.13
CA GLU C 368 4.41 39.38 -36.30
C GLU C 368 4.80 38.27 -35.34
N ALA C 369 5.80 37.46 -35.70
CA ALA C 369 6.24 36.38 -34.84
C ALA C 369 7.13 36.85 -33.71
N LEU C 370 7.76 38.03 -33.84
CA LEU C 370 8.61 38.53 -32.77
C LEU C 370 7.79 39.04 -31.59
N VAL C 371 6.66 39.70 -31.87
CA VAL C 371 5.80 40.21 -30.80
C VAL C 371 4.92 39.13 -30.19
N GLU C 372 4.81 37.97 -30.83
CA GLU C 372 4.01 36.88 -30.30
C GLU C 372 4.82 35.91 -29.47
N ILE C 373 6.11 35.73 -29.78
CA ILE C 373 6.96 34.82 -29.02
C ILE C 373 7.43 35.41 -27.69
N TYR C 374 7.27 36.73 -27.50
CA TYR C 374 7.68 37.38 -26.27
C TYR C 374 6.61 37.35 -25.19
N ARG C 375 5.36 37.03 -25.55
CA ARG C 375 4.31 36.99 -24.55
C ARG C 375 4.41 35.76 -23.66
N MET C 376 4.92 34.65 -24.20
CA MET C 376 5.08 33.44 -23.41
C MET C 376 6.34 33.47 -22.57
N MET C 377 7.38 34.17 -23.03
CA MET C 377 8.62 34.25 -22.26
C MET C 377 8.46 35.16 -21.04
N ARG C 378 7.99 36.38 -21.27
CA ARG C 378 7.78 37.33 -20.18
C ARG C 378 6.29 37.61 -20.03
N PRO C 379 5.68 37.30 -18.88
CA PRO C 379 4.24 37.55 -18.72
C PRO C 379 3.95 38.96 -18.22
N GLY C 380 3.07 39.67 -18.91
CA GLY C 380 2.70 41.01 -18.53
C GLY C 380 3.75 42.07 -18.75
N GLU C 381 4.90 41.73 -19.32
CA GLU C 381 5.95 42.69 -19.56
C GLU C 381 5.75 43.38 -20.90
N PRO C 382 6.33 44.58 -21.08
CA PRO C 382 6.18 45.30 -22.34
C PRO C 382 6.99 44.64 -23.43
N PRO C 383 6.43 44.54 -24.65
CA PRO C 383 7.17 43.90 -25.75
C PRO C 383 8.13 44.88 -26.40
N THR C 384 9.39 44.46 -26.53
CA THR C 384 10.43 45.27 -27.14
C THR C 384 11.14 44.47 -28.21
N LYS C 385 11.66 45.17 -29.22
CA LYS C 385 12.38 44.51 -30.31
C LYS C 385 13.69 43.88 -29.85
N GLU C 386 14.29 44.41 -28.77
CA GLU C 386 15.55 43.86 -28.27
C GLU C 386 15.32 42.71 -27.29
N ALA C 387 14.32 42.83 -26.41
CA ALA C 387 14.07 41.78 -25.44
C ALA C 387 13.49 40.53 -26.10
N ALA C 388 12.64 40.70 -27.11
CA ALA C 388 12.06 39.56 -27.78
C ALA C 388 13.11 38.80 -28.60
N GLU C 389 14.07 39.52 -29.17
CA GLU C 389 15.11 38.85 -29.96
C GLU C 389 16.06 38.05 -29.06
N THR C 390 16.32 38.53 -27.86
CA THR C 390 17.22 37.81 -26.95
C THR C 390 16.55 36.55 -26.41
N LEU C 391 15.25 36.63 -26.11
CA LEU C 391 14.55 35.45 -25.59
C LEU C 391 14.34 34.40 -26.67
N PHE C 392 14.04 34.84 -27.90
CA PHE C 392 13.83 33.88 -28.98
C PHE C 392 15.15 33.28 -29.44
N GLY C 393 16.21 34.07 -29.50
CA GLY C 393 17.51 33.60 -29.92
C GLY C 393 18.35 32.93 -28.87
N ASN C 394 17.83 32.77 -27.66
CA ASN C 394 18.58 32.11 -26.59
C ASN C 394 18.64 30.60 -26.76
N LEU C 395 17.70 30.01 -27.49
CA LEU C 395 17.65 28.57 -27.71
C LEU C 395 18.14 28.17 -29.11
N PHE C 396 18.51 29.14 -29.94
CA PHE C 396 18.97 28.85 -31.30
C PHE C 396 20.43 29.23 -31.51
N PHE C 397 20.82 30.46 -31.20
CA PHE C 397 22.19 30.92 -31.39
C PHE C 397 22.88 31.25 -30.08
N SER C 398 22.28 32.09 -29.23
CA SER C 398 22.85 32.46 -27.95
C SER C 398 22.53 31.40 -26.89
N ALA C 399 23.03 30.19 -27.13
CA ALA C 399 22.78 29.06 -26.25
C ALA C 399 23.57 29.25 -24.95
N GLU C 400 22.89 29.71 -23.91
CA GLU C 400 23.55 29.87 -22.61
C GLU C 400 23.60 28.57 -21.84
N ARG C 401 22.54 27.76 -21.93
CA ARG C 401 22.48 26.47 -21.25
C ARG C 401 21.89 25.40 -22.14
N TYR C 402 22.05 25.54 -23.46
CA TYR C 402 21.52 24.60 -24.43
C TYR C 402 22.64 23.75 -25.05
N ASP C 403 23.63 23.38 -24.23
CA ASP C 403 24.73 22.57 -24.71
C ASP C 403 24.30 21.11 -24.86
N LEU C 404 24.84 20.46 -25.88
CA LEU C 404 24.56 19.07 -26.18
C LEU C 404 25.86 18.26 -26.18
N SER C 405 25.73 16.97 -25.87
CA SER C 405 26.89 16.10 -25.84
C SER C 405 27.37 15.77 -27.25
N ALA C 406 28.56 15.16 -27.33
CA ALA C 406 29.11 14.79 -28.63
C ALA C 406 28.35 13.63 -29.26
N VAL C 407 27.74 12.77 -28.43
CA VAL C 407 26.98 11.65 -28.97
C VAL C 407 25.57 12.05 -29.35
N GLY C 408 25.05 13.16 -28.80
CA GLY C 408 23.70 13.58 -29.13
C GLY C 408 23.58 14.12 -30.54
N ARG C 409 24.67 14.64 -31.10
CA ARG C 409 24.63 15.16 -32.46
C ARG C 409 24.56 14.02 -33.47
N MET C 410 25.30 12.94 -33.23
CA MET C 410 25.27 11.79 -34.13
C MET C 410 24.03 10.94 -33.94
N LYS C 411 23.39 10.99 -32.77
CA LYS C 411 22.18 10.21 -32.53
C LYS C 411 20.97 10.83 -33.21
N PHE C 412 20.86 12.17 -33.17
CA PHE C 412 19.73 12.83 -33.81
C PHE C 412 19.85 12.81 -35.33
N ASN C 413 21.08 12.80 -35.85
CA ASN C 413 21.29 12.74 -37.30
C ASN C 413 21.11 11.34 -37.86
N ARG C 414 21.19 10.31 -37.03
CA ARG C 414 21.03 8.93 -37.50
C ARG C 414 19.58 8.57 -37.79
N ARG C 415 18.63 9.24 -37.15
CA ARG C 415 17.23 8.93 -37.38
C ARG C 415 16.73 9.55 -38.68
N ILE C 416 17.19 10.75 -39.01
CA ILE C 416 16.77 11.42 -40.24
C ILE C 416 17.69 11.14 -41.41
N GLY C 417 18.91 10.67 -41.16
CA GLY C 417 19.84 10.38 -42.22
C GLY C 417 20.79 11.54 -42.53
N ARG C 418 22.07 11.34 -42.26
CA ARG C 418 23.07 12.37 -42.50
C ARG C 418 24.43 11.71 -42.66
N THR C 419 25.21 12.21 -43.62
CA THR C 419 26.55 11.66 -43.87
C THR C 419 27.59 12.20 -42.89
N GLU C 420 27.34 13.35 -42.28
CA GLU C 420 28.29 13.92 -41.34
C GLU C 420 28.22 13.19 -40.00
N ILE C 421 29.39 12.95 -39.41
CA ILE C 421 29.46 12.23 -38.14
C ILE C 421 29.18 13.19 -36.98
N GLU C 422 30.01 14.22 -36.83
CA GLU C 422 29.88 15.19 -35.77
C GLU C 422 29.56 16.56 -36.36
N GLY C 423 28.67 17.29 -35.70
CA GLY C 423 28.29 18.61 -36.14
C GLY C 423 28.28 19.62 -35.01
N PRO C 424 27.51 20.70 -35.17
CA PRO C 424 27.44 21.71 -34.13
C PRO C 424 26.56 21.26 -32.96
N GLY C 425 26.86 21.81 -31.79
CA GLY C 425 26.12 21.48 -30.59
C GLY C 425 24.73 22.06 -30.56
N VAL C 426 24.63 23.38 -30.73
CA VAL C 426 23.32 24.03 -30.73
C VAL C 426 22.63 23.81 -32.07
N LEU C 427 21.31 24.01 -32.07
CA LEU C 427 20.51 23.81 -33.27
C LEU C 427 20.69 25.01 -34.20
N SER C 428 20.77 24.73 -35.50
CA SER C 428 20.94 25.74 -36.53
C SER C 428 19.69 25.78 -37.41
N LYS C 429 19.76 26.62 -38.45
CA LYS C 429 18.63 26.74 -39.36
C LYS C 429 18.48 25.49 -40.23
N GLU C 430 19.60 24.93 -40.69
CA GLU C 430 19.56 23.72 -41.50
C GLU C 430 19.36 22.46 -40.67
N ASP C 431 19.73 22.49 -39.39
CA ASP C 431 19.57 21.35 -38.51
C ASP C 431 18.21 21.29 -37.84
N ILE C 432 17.33 22.25 -38.13
CA ILE C 432 15.99 22.26 -37.56
C ILE C 432 14.91 21.94 -38.58
N ILE C 433 15.24 21.84 -39.86
CA ILE C 433 14.26 21.51 -40.89
C ILE C 433 14.12 20.01 -41.10
N ASP C 434 15.06 19.20 -40.61
CA ASP C 434 14.97 17.75 -40.77
C ASP C 434 13.93 17.15 -39.84
N VAL C 435 13.78 17.67 -38.63
CA VAL C 435 12.78 17.15 -37.71
C VAL C 435 11.38 17.54 -38.13
N LEU C 436 11.24 18.61 -38.91
CA LEU C 436 9.92 19.01 -39.38
C LEU C 436 9.47 18.19 -40.59
N LYS C 437 10.41 17.78 -41.44
CA LYS C 437 10.07 16.95 -42.59
C LYS C 437 10.00 15.47 -42.27
N THR C 438 10.54 15.05 -41.12
CA THR C 438 10.49 13.65 -40.71
C THR C 438 9.19 13.30 -39.99
N LEU C 439 8.48 14.29 -39.45
CA LEU C 439 7.23 14.01 -38.76
C LEU C 439 6.07 13.79 -39.73
N VAL C 440 6.10 14.45 -40.89
CA VAL C 440 5.02 14.27 -41.87
C VAL C 440 5.18 12.93 -42.57
N ASP C 441 6.40 12.43 -42.71
CA ASP C 441 6.61 11.13 -43.35
C ASP C 441 6.06 10.00 -42.49
N ILE C 442 6.24 10.09 -41.16
CA ILE C 442 5.71 9.08 -40.27
C ILE C 442 4.20 9.20 -40.09
N ARG C 443 3.63 10.37 -40.41
CA ARG C 443 2.19 10.55 -40.26
C ARG C 443 1.41 9.81 -41.35
N ASN C 444 1.97 9.74 -42.56
CA ASN C 444 1.30 9.03 -43.64
C ASN C 444 1.39 7.52 -43.47
N GLY C 445 2.53 7.03 -43.01
CA GLY C 445 2.73 5.61 -42.82
C GLY C 445 4.11 5.14 -43.23
N LYS C 446 4.89 6.03 -43.83
CA LYS C 446 6.24 5.71 -44.27
C LYS C 446 7.15 5.67 -43.05
N GLY C 447 7.60 4.47 -42.68
CA GLY C 447 8.46 4.29 -41.53
C GLY C 447 7.69 3.92 -40.29
N ILE C 448 8.44 3.75 -39.20
CA ILE C 448 7.88 3.39 -37.91
C ILE C 448 8.29 4.45 -36.87
N VAL C 449 7.64 4.38 -35.72
CA VAL C 449 7.92 5.31 -34.62
C VAL C 449 9.21 4.90 -33.93
N ASP C 450 9.77 5.80 -33.12
CA ASP C 450 11.01 5.51 -32.43
C ASP C 450 10.76 4.55 -31.26
N ASP C 451 11.85 3.98 -30.75
CA ASP C 451 11.81 3.03 -29.64
C ASP C 451 12.35 3.74 -28.40
N ILE C 452 11.43 4.13 -27.51
CA ILE C 452 11.82 4.82 -26.29
C ILE C 452 12.05 3.84 -25.13
N ASP C 453 11.30 2.74 -25.09
CA ASP C 453 11.41 1.77 -24.00
C ASP C 453 12.65 0.90 -24.12
N HIS C 454 13.30 0.86 -25.28
CA HIS C 454 14.48 0.04 -25.45
C HIS C 454 15.67 0.63 -24.69
N LEU C 455 16.74 -0.17 -24.59
CA LEU C 455 17.94 0.28 -23.89
C LEU C 455 18.74 1.30 -24.70
N GLY C 456 18.48 1.40 -26.00
CA GLY C 456 19.20 2.36 -26.82
C GLY C 456 18.74 3.80 -26.65
N ASN C 457 17.61 4.01 -25.99
CA ASN C 457 17.07 5.35 -25.76
C ASN C 457 17.30 5.84 -24.33
N ARG C 458 17.82 4.99 -23.45
CA ARG C 458 18.06 5.34 -22.06
C ARG C 458 19.55 5.24 -21.76
N ARG C 459 20.01 6.11 -20.86
CA ARG C 459 21.42 6.17 -20.47
C ARG C 459 21.51 6.07 -18.96
N VAL C 460 22.42 5.21 -18.48
CA VAL C 460 22.63 5.02 -17.05
C VAL C 460 23.72 5.98 -16.59
N ARG C 461 23.39 6.85 -15.64
CA ARG C 461 24.35 7.81 -15.11
C ARG C 461 25.19 7.15 -14.02
N CYS C 462 25.97 7.96 -13.31
CA CYS C 462 26.82 7.46 -12.24
C CYS C 462 26.93 8.53 -11.16
N VAL C 463 27.74 8.24 -10.14
CA VAL C 463 27.92 9.19 -9.05
C VAL C 463 28.86 10.31 -9.45
N GLY C 464 29.78 10.06 -10.38
CA GLY C 464 30.71 11.08 -10.83
C GLY C 464 30.08 12.06 -11.78
N GLU C 465 29.21 11.58 -12.67
CA GLU C 465 28.54 12.47 -13.62
C GLU C 465 27.46 13.30 -12.94
N MET C 466 26.84 12.77 -11.88
CA MET C 466 25.84 13.53 -11.15
C MET C 466 26.46 14.60 -10.27
N ALA C 467 27.65 14.34 -9.73
CA ALA C 467 28.34 15.33 -8.90
C ALA C 467 29.10 16.36 -9.72
N GLU C 468 29.32 16.09 -11.01
CA GLU C 468 30.02 17.06 -11.86
C GLU C 468 29.11 18.22 -12.25
N ASN C 469 27.85 17.91 -12.62
CA ASN C 469 26.92 18.98 -12.97
C ASN C 469 26.49 19.77 -11.74
N GLN C 470 26.46 19.12 -10.57
CA GLN C 470 26.16 19.85 -9.34
C GLN C 470 27.31 20.72 -8.87
N PHE C 471 28.53 20.40 -9.29
CA PHE C 471 29.69 21.21 -8.94
C PHE C 471 29.92 22.34 -9.94
N ARG C 472 29.50 22.17 -11.20
CA ARG C 472 29.67 23.22 -12.19
C ARG C 472 28.72 24.39 -11.94
N VAL C 473 27.51 24.10 -11.44
CA VAL C 473 26.58 25.17 -11.13
C VAL C 473 27.08 25.98 -9.93
N GLY C 474 27.62 25.31 -8.92
CA GLY C 474 28.20 25.99 -7.78
C GLY C 474 29.49 26.73 -8.08
N LEU C 475 30.11 26.46 -9.23
CA LEU C 475 31.35 27.12 -9.62
C LEU C 475 31.13 28.21 -10.67
N VAL C 476 30.09 28.08 -11.49
CA VAL C 476 29.81 29.11 -12.49
C VAL C 476 29.27 30.39 -11.84
N ARG C 477 28.76 30.29 -10.62
CA ARG C 477 28.28 31.46 -9.90
C ARG C 477 29.38 32.15 -9.12
N VAL C 478 30.39 31.40 -8.66
CA VAL C 478 31.48 32.01 -7.89
C VAL C 478 32.39 32.83 -8.80
N GLU C 479 32.47 32.46 -10.08
CA GLU C 479 33.31 33.21 -11.02
C GLU C 479 32.64 34.49 -11.50
N ARG C 480 31.33 34.62 -11.32
CA ARG C 480 30.64 35.84 -11.75
C ARG C 480 30.94 37.00 -10.81
N ALA C 481 31.07 36.72 -9.51
CA ALA C 481 31.37 37.78 -8.55
C ALA C 481 32.83 38.20 -8.60
N VAL C 482 33.73 37.29 -8.95
CA VAL C 482 35.14 37.63 -9.04
C VAL C 482 35.47 38.41 -10.30
N LYS C 483 34.68 38.27 -11.36
CA LYS C 483 34.94 38.99 -12.60
C LYS C 483 34.48 40.44 -12.51
N GLU C 484 33.32 40.68 -11.88
CA GLU C 484 32.81 42.03 -11.76
C GLU C 484 33.55 42.84 -10.71
N ARG C 485 34.01 42.18 -9.64
CA ARG C 485 34.74 42.90 -8.59
C ARG C 485 36.16 43.25 -9.00
N LEU C 486 36.74 42.50 -9.95
CA LEU C 486 38.09 42.80 -10.39
C LEU C 486 38.17 44.02 -11.28
N SER C 487 37.07 44.37 -11.97
CA SER C 487 37.05 45.54 -12.84
C SER C 487 36.60 46.80 -12.11
N MET C 488 35.81 46.66 -11.05
CA MET C 488 35.33 47.84 -10.32
C MET C 488 36.42 48.43 -9.43
N ALA C 489 37.26 47.58 -8.84
CA ALA C 489 38.33 48.02 -7.97
C ALA C 489 39.66 47.95 -8.72
N GLU C 490 40.73 48.38 -8.05
CA GLU C 490 42.05 48.36 -8.65
C GLU C 490 42.63 46.95 -8.65
N SER C 491 43.57 46.72 -9.57
CA SER C 491 44.22 45.42 -9.69
C SER C 491 45.45 45.29 -8.81
N GLU C 492 46.14 46.39 -8.52
CA GLU C 492 47.33 46.32 -7.67
C GLU C 492 46.96 46.13 -6.20
N GLY C 493 45.90 46.81 -5.74
CA GLY C 493 45.49 46.68 -4.36
C GLY C 493 44.73 45.41 -4.05
N LEU C 494 44.17 44.75 -5.06
CA LEU C 494 43.41 43.53 -4.85
C LEU C 494 44.35 42.32 -4.85
N MET C 495 43.89 41.25 -4.21
CA MET C 495 44.63 40.01 -4.11
C MET C 495 43.76 38.84 -4.56
N PRO C 496 44.38 37.79 -5.12
CA PRO C 496 43.58 36.63 -5.55
C PRO C 496 42.86 35.93 -4.41
N GLN C 497 43.34 36.07 -3.18
CA GLN C 497 42.65 35.46 -2.04
C GLN C 497 41.35 36.20 -1.74
N ASP C 498 41.37 37.53 -1.76
CA ASP C 498 40.17 38.32 -1.52
C ASP C 498 39.27 38.38 -2.74
N LEU C 499 39.80 38.15 -3.94
CA LEU C 499 38.97 38.17 -5.14
C LEU C 499 38.15 36.89 -5.28
N ILE C 500 38.73 35.75 -4.90
CA ILE C 500 38.01 34.49 -5.00
C ILE C 500 37.00 34.38 -3.85
N ASN C 501 35.99 33.54 -4.05
CA ASN C 501 34.94 33.33 -3.06
C ASN C 501 34.61 31.85 -3.02
N ALA C 502 34.99 31.18 -1.94
CA ALA C 502 34.73 29.76 -1.76
C ALA C 502 33.38 29.48 -1.09
N LYS C 503 32.58 30.53 -0.85
CA LYS C 503 31.28 30.31 -0.21
C LYS C 503 30.27 29.67 -1.15
N PRO C 504 30.07 30.14 -2.39
CA PRO C 504 29.10 29.47 -3.27
C PRO C 504 29.53 28.07 -3.70
N VAL C 505 30.80 27.71 -3.52
CA VAL C 505 31.25 26.38 -3.91
C VAL C 505 30.98 25.38 -2.80
N ALA C 506 31.28 25.73 -1.55
CA ALA C 506 31.06 24.81 -0.45
C ALA C 506 29.58 24.71 -0.09
N ALA C 507 28.80 25.75 -0.35
CA ALA C 507 27.38 25.73 -0.02
C ALA C 507 26.58 24.93 -1.04
N ALA C 508 26.92 25.05 -2.32
CA ALA C 508 26.20 24.32 -3.36
C ALA C 508 26.55 22.84 -3.39
N ILE C 509 27.66 22.45 -2.77
CA ILE C 509 28.06 21.05 -2.73
C ILE C 509 27.67 20.36 -1.43
N LYS C 510 27.36 21.12 -0.38
CA LYS C 510 26.93 20.53 0.88
C LYS C 510 25.42 20.33 0.95
N GLU C 511 24.65 21.34 0.51
CA GLU C 511 23.20 21.21 0.51
C GLU C 511 22.70 20.26 -0.58
N PHE C 512 23.52 19.98 -1.59
CA PHE C 512 23.12 19.05 -2.65
C PHE C 512 23.19 17.61 -2.16
N PHE C 513 24.17 17.29 -1.33
CA PHE C 513 24.35 15.93 -0.82
C PHE C 513 23.40 15.60 0.33
N GLY C 514 22.53 16.52 0.73
CA GLY C 514 21.62 16.27 1.82
C GLY C 514 20.16 16.48 1.46
N SER C 515 19.91 17.21 0.38
CA SER C 515 18.54 17.52 -0.06
C SER C 515 18.21 16.90 -1.41
N SER C 516 18.98 15.90 -1.85
CA SER C 516 18.75 15.23 -3.11
C SER C 516 18.03 13.91 -2.89
N GLN C 517 17.26 13.50 -3.90
CA GLN C 517 16.54 12.23 -3.82
C GLN C 517 17.46 11.04 -4.05
N LEU C 518 18.54 11.24 -4.82
CA LEU C 518 19.46 10.15 -5.09
C LEU C 518 20.39 9.88 -3.91
N SER C 519 20.66 10.90 -3.09
CA SER C 519 21.54 10.75 -1.93
C SER C 519 20.71 10.33 -0.72
N GLN C 520 20.24 9.08 -0.78
CA GLN C 520 19.40 8.52 0.28
C GLN C 520 20.27 7.83 1.33
N PHE C 521 19.62 7.29 2.36
CA PHE C 521 20.33 6.64 3.44
C PHE C 521 20.80 5.25 3.02
N MET C 522 21.95 4.85 3.55
CA MET C 522 22.54 3.54 3.28
C MET C 522 22.17 2.59 4.40
N ASP C 523 21.46 1.51 4.05
CA ASP C 523 21.03 0.54 5.04
C ASP C 523 22.15 -0.48 5.30
N GLN C 524 22.41 -0.74 6.58
CA GLN C 524 23.46 -1.67 6.99
C GLN C 524 22.91 -2.82 7.81
N ASN C 525 21.62 -3.15 7.62
CA ASN C 525 21.01 -4.26 8.34
C ASN C 525 21.45 -5.62 7.83
N ASN C 526 22.17 -5.67 6.70
CA ASN C 526 22.60 -6.92 6.11
C ASN C 526 23.73 -6.65 5.11
N PRO C 527 24.80 -7.44 5.14
CA PRO C 527 25.87 -7.25 4.16
C PRO C 527 25.42 -7.49 2.72
N LEU C 528 24.41 -8.32 2.52
CA LEU C 528 23.83 -8.47 1.18
C LEU C 528 23.04 -7.24 0.78
N SER C 529 22.37 -6.60 1.74
CA SER C 529 21.64 -5.38 1.46
C SER C 529 22.56 -4.20 1.17
N GLU C 530 23.82 -4.27 1.61
CA GLU C 530 24.76 -3.19 1.32
C GLU C 530 25.23 -3.24 -0.12
N ILE C 531 25.42 -4.44 -0.66
CA ILE C 531 25.88 -4.58 -2.04
C ILE C 531 24.77 -4.24 -3.02
N THR C 532 23.58 -4.80 -2.78
CA THR C 532 22.45 -4.59 -3.70
C THR C 532 21.90 -3.18 -3.65
N HIS C 533 22.29 -2.37 -2.66
CA HIS C 533 21.83 -0.99 -2.62
C HIS C 533 22.68 -0.08 -3.50
N LYS C 534 24.00 -0.25 -3.46
CA LYS C 534 24.86 0.52 -4.35
C LYS C 534 24.74 0.05 -5.79
N ARG C 535 24.38 -1.21 -6.00
CA ARG C 535 24.21 -1.76 -7.34
C ARG C 535 22.75 -1.63 -7.79
N ARG C 536 22.27 -0.40 -7.82
CA ARG C 536 20.91 -0.09 -8.20
C ARG C 536 20.91 1.04 -9.23
N VAL C 537 19.99 0.95 -10.19
CA VAL C 537 19.83 1.95 -11.24
C VAL C 537 18.46 2.57 -11.06
N SER C 538 18.41 3.79 -10.57
CA SER C 538 17.15 4.48 -10.30
C SER C 538 16.73 5.30 -11.51
N ALA C 539 15.41 5.37 -11.73
CA ALA C 539 14.85 6.13 -12.84
C ALA C 539 14.33 7.50 -12.40
N LEU C 540 13.59 7.55 -11.31
CA LEU C 540 13.06 8.82 -10.81
C LEU C 540 14.14 9.59 -10.06
N GLY C 541 13.97 10.91 -10.02
CA GLY C 541 14.91 11.76 -9.33
C GLY C 541 14.90 13.18 -9.89
N PRO C 542 16.06 13.84 -9.82
CA PRO C 542 16.15 15.21 -10.32
C PRO C 542 16.12 15.28 -11.84
N GLY C 543 14.93 15.18 -12.42
CA GLY C 543 14.76 15.23 -13.86
C GLY C 543 14.04 14.03 -14.45
N GLY C 544 13.97 12.93 -13.73
CA GLY C 544 13.29 11.75 -14.22
C GLY C 544 11.78 11.83 -14.07
N LEU C 545 11.11 10.78 -14.53
CA LEU C 545 9.66 10.71 -14.46
C LEU C 545 9.22 10.22 -13.09
N THR C 546 8.07 10.73 -12.65
CA THR C 546 7.52 10.35 -11.35
C THR C 546 6.74 9.04 -11.50
N ARG C 547 6.07 8.61 -10.41
CA ARG C 547 5.34 7.35 -10.44
C ARG C 547 4.06 7.44 -11.26
N GLU C 548 3.58 8.66 -11.55
CA GLU C 548 2.37 8.84 -12.35
C GLU C 548 2.66 9.21 -13.80
N ARG C 549 3.72 9.99 -14.05
CA ARG C 549 4.06 10.35 -15.41
C ARG C 549 4.62 9.17 -16.20
N ALA C 550 5.21 8.20 -15.50
CA ALA C 550 5.80 7.04 -16.18
C ALA C 550 4.72 6.19 -16.84
N GLY C 551 3.64 5.89 -16.11
CA GLY C 551 2.57 5.09 -16.68
C GLY C 551 2.93 3.62 -16.69
N PHE C 552 2.73 2.97 -17.84
CA PHE C 552 3.00 1.55 -17.99
C PHE C 552 4.05 1.25 -19.05
N GLU C 553 4.64 2.27 -19.67
CA GLU C 553 5.61 2.03 -20.74
C GLU C 553 6.95 1.55 -20.21
N VAL C 554 7.30 1.89 -18.98
CA VAL C 554 8.57 1.51 -18.38
C VAL C 554 8.42 0.43 -17.32
N ARG C 555 7.19 0.05 -16.97
CA ARG C 555 6.94 -0.97 -15.97
C ARG C 555 6.90 -2.37 -16.57
N ASP C 556 7.38 -2.55 -17.79
CA ASP C 556 7.41 -3.85 -18.46
C ASP C 556 8.83 -4.18 -18.88
N VAL C 557 9.19 -5.45 -18.74
CA VAL C 557 10.52 -5.91 -19.13
C VAL C 557 10.59 -6.05 -20.64
N HIS C 558 11.77 -5.77 -21.20
CA HIS C 558 11.98 -5.84 -22.64
C HIS C 558 13.14 -6.78 -22.97
N PRO C 559 13.13 -7.40 -24.14
CA PRO C 559 14.23 -8.31 -24.49
C PRO C 559 15.58 -7.63 -24.61
N THR C 560 15.62 -6.30 -24.72
CA THR C 560 16.88 -5.58 -24.79
C THR C 560 17.59 -5.50 -23.45
N HIS C 561 16.91 -5.87 -22.36
CA HIS C 561 17.49 -5.83 -21.03
C HIS C 561 18.17 -7.15 -20.66
N TYR C 562 18.53 -7.97 -21.64
CA TYR C 562 19.15 -9.26 -21.38
C TYR C 562 20.62 -9.06 -21.01
N GLY C 563 21.00 -9.48 -19.81
CA GLY C 563 22.37 -9.38 -19.36
C GLY C 563 22.78 -8.02 -18.84
N ARG C 564 21.85 -7.06 -18.73
CA ARG C 564 22.15 -5.73 -18.24
C ARG C 564 21.47 -5.43 -16.91
N VAL C 565 20.16 -5.61 -16.82
CA VAL C 565 19.43 -5.43 -15.58
C VAL C 565 18.76 -6.75 -15.20
N CYS C 566 18.10 -6.78 -14.04
CA CYS C 566 17.45 -7.99 -13.57
C CYS C 566 15.95 -7.89 -13.74
N PRO C 567 15.31 -8.90 -14.34
CA PRO C 567 13.84 -8.87 -14.46
C PRO C 567 13.10 -9.41 -13.25
N ILE C 568 13.78 -10.07 -12.32
CA ILE C 568 13.15 -10.65 -11.13
C ILE C 568 13.67 -10.02 -9.85
N GLU C 569 14.31 -8.85 -9.93
CA GLU C 569 14.80 -8.12 -8.77
C GLU C 569 14.26 -6.70 -8.85
N THR C 570 13.05 -6.50 -8.30
CA THR C 570 12.40 -5.20 -8.32
C THR C 570 11.46 -5.13 -7.13
N PRO C 571 11.57 -4.10 -6.30
CA PRO C 571 10.67 -3.99 -5.13
C PRO C 571 9.24 -3.73 -5.58
N GLU C 572 8.32 -4.52 -5.03
CA GLU C 572 6.90 -4.39 -5.36
C GLU C 572 6.22 -3.46 -4.36
N GLY C 573 5.31 -2.63 -4.88
CA GLY C 573 4.59 -1.69 -4.04
C GLY C 573 4.17 -0.45 -4.81
N PRO C 574 4.51 0.73 -4.28
CA PRO C 574 4.10 1.97 -4.94
C PRO C 574 4.87 2.25 -6.22
N ASN C 575 6.08 1.73 -6.35
CA ASN C 575 6.93 1.99 -7.52
C ASN C 575 7.59 0.67 -7.96
N ILE C 576 6.91 -0.05 -8.85
CA ILE C 576 7.42 -1.29 -9.41
C ILE C 576 7.78 -1.04 -10.87
N GLY C 577 8.92 -1.57 -11.29
CA GLY C 577 9.41 -1.39 -12.64
C GLY C 577 10.23 -0.15 -12.87
N LEU C 578 10.12 0.86 -12.01
CA LEU C 578 10.89 2.08 -12.16
C LEU C 578 12.36 1.85 -11.82
N ILE C 579 12.62 1.38 -10.61
CA ILE C 579 13.98 1.08 -10.17
C ILE C 579 14.25 -0.40 -10.39
N ASN C 580 15.49 -0.72 -10.79
CA ASN C 580 15.85 -2.09 -11.07
C ASN C 580 17.32 -2.30 -10.69
N SER C 581 17.64 -3.53 -10.32
CA SER C 581 19.01 -3.87 -9.93
C SER C 581 19.85 -4.20 -11.16
N LEU C 582 21.15 -3.95 -11.06
CA LEU C 582 22.06 -4.23 -12.14
C LEU C 582 22.44 -5.71 -12.16
N ALA C 583 22.82 -6.19 -13.35
CA ALA C 583 23.21 -7.58 -13.50
C ALA C 583 24.57 -7.83 -12.84
N THR C 584 24.94 -9.11 -12.78
CA THR C 584 26.21 -9.48 -12.14
C THR C 584 27.39 -9.13 -13.03
N TYR C 585 27.33 -9.52 -14.30
CA TYR C 585 28.41 -9.27 -15.25
C TYR C 585 28.25 -7.96 -15.99
N ALA C 586 27.30 -7.12 -15.60
CA ALA C 586 27.08 -5.86 -16.29
C ALA C 586 28.21 -4.89 -16.01
N ARG C 587 28.74 -4.27 -17.07
CA ARG C 587 29.83 -3.32 -16.97
C ARG C 587 29.49 -2.06 -17.75
N THR C 588 29.70 -0.91 -17.13
CA THR C 588 29.42 0.37 -17.77
C THR C 588 30.49 0.68 -18.81
N ASN C 589 30.05 1.18 -19.96
CA ASN C 589 30.96 1.52 -21.05
C ASN C 589 31.51 2.93 -20.83
N LYS C 590 32.22 3.45 -21.84
CA LYS C 590 32.79 4.78 -21.72
C LYS C 590 31.72 5.86 -21.81
N TYR C 591 30.77 5.70 -22.75
CA TYR C 591 29.71 6.69 -22.90
C TYR C 591 28.67 6.59 -21.79
N GLY C 592 28.62 5.48 -21.06
CA GLY C 592 27.69 5.28 -19.97
C GLY C 592 26.65 4.21 -20.22
N PHE C 593 26.61 3.62 -21.41
CA PHE C 593 25.64 2.58 -21.70
C PHE C 593 26.06 1.25 -21.07
N LEU C 594 25.05 0.44 -20.74
CA LEU C 594 25.29 -0.85 -20.11
C LEU C 594 25.75 -1.85 -21.17
N GLU C 595 26.92 -2.45 -20.96
CA GLU C 595 27.49 -3.42 -21.88
C GLU C 595 27.75 -4.72 -21.15
N SER C 596 27.26 -5.83 -21.70
CA SER C 596 27.46 -7.14 -21.11
C SER C 596 28.43 -7.95 -21.97
N PRO C 597 29.42 -8.60 -21.36
CA PRO C 597 30.40 -9.34 -22.16
C PRO C 597 29.83 -10.63 -22.72
N TYR C 598 30.25 -10.97 -23.93
CA TYR C 598 29.84 -12.19 -24.60
C TYR C 598 31.09 -12.94 -25.07
N ARG C 599 30.89 -14.13 -25.59
CA ARG C 599 31.97 -14.97 -26.11
C ARG C 599 31.75 -15.17 -27.60
N VAL C 600 32.59 -14.55 -28.42
CA VAL C 600 32.49 -14.70 -29.87
C VAL C 600 32.89 -16.11 -30.26
N VAL C 601 32.09 -16.74 -31.12
CA VAL C 601 32.32 -18.11 -31.55
C VAL C 601 32.30 -18.15 -33.07
N LYS C 602 33.17 -18.99 -33.64
CA LYS C 602 33.28 -19.18 -35.09
C LYS C 602 32.91 -20.61 -35.44
N ASP C 603 32.96 -20.91 -36.73
CA ASP C 603 32.63 -22.25 -37.23
C ASP C 603 33.80 -23.22 -37.11
N SER C 604 34.96 -22.77 -36.65
CA SER C 604 36.14 -23.61 -36.51
C SER C 604 36.44 -23.97 -35.06
N LEU C 605 36.55 -22.97 -34.19
CA LEU C 605 36.89 -23.21 -32.80
C LEU C 605 36.36 -22.06 -31.95
N VAL C 606 36.00 -22.38 -30.70
CA VAL C 606 35.52 -21.36 -29.78
C VAL C 606 36.70 -20.53 -29.30
N THR C 607 36.57 -19.21 -29.42
CA THR C 607 37.65 -18.31 -29.03
C THR C 607 37.72 -18.17 -27.51
N ASP C 608 38.89 -17.73 -27.03
CA ASP C 608 39.11 -17.54 -25.60
C ASP C 608 38.97 -16.07 -25.18
N GLU C 609 39.14 -15.13 -26.09
CA GLU C 609 39.00 -13.72 -25.73
C GLU C 609 37.55 -13.36 -25.51
N ILE C 610 37.33 -12.36 -24.66
CA ILE C 610 36.00 -11.90 -24.29
C ILE C 610 35.81 -10.48 -24.81
N VAL C 611 34.73 -10.26 -25.55
CA VAL C 611 34.40 -8.96 -26.10
C VAL C 611 33.16 -8.42 -25.39
N PHE C 612 33.04 -7.10 -25.38
CA PHE C 612 31.94 -6.41 -24.72
C PHE C 612 31.03 -5.82 -25.79
N LEU C 613 29.76 -6.22 -25.77
CA LEU C 613 28.77 -5.76 -26.73
C LEU C 613 27.86 -4.72 -26.08
N SER C 614 27.55 -3.68 -26.85
CA SER C 614 26.70 -2.59 -26.35
C SER C 614 25.23 -2.96 -26.52
N ALA C 615 24.35 -2.00 -26.29
CA ALA C 615 22.91 -2.26 -26.41
C ALA C 615 22.45 -2.20 -27.87
N ILE C 616 22.87 -1.15 -28.59
CA ILE C 616 22.46 -0.99 -29.99
C ILE C 616 23.29 -1.83 -30.94
N GLU C 617 24.39 -2.42 -30.48
CA GLU C 617 25.26 -3.24 -31.32
C GLU C 617 24.87 -4.71 -31.30
N GLU C 618 23.74 -5.06 -30.72
CA GLU C 618 23.29 -6.45 -30.64
C GLU C 618 22.33 -6.82 -31.76
N ALA C 619 21.76 -5.85 -32.48
CA ALA C 619 20.83 -6.13 -33.56
C ALA C 619 21.51 -6.61 -34.83
N ASP C 620 22.84 -6.52 -34.92
CA ASP C 620 23.57 -6.94 -36.10
C ASP C 620 23.95 -8.41 -36.06
N HIS C 621 24.50 -8.86 -34.94
CA HIS C 621 24.96 -10.24 -34.78
C HIS C 621 23.90 -11.07 -34.06
N VAL C 622 24.10 -12.38 -34.05
CA VAL C 622 23.21 -13.34 -33.40
C VAL C 622 23.91 -13.86 -32.16
N ILE C 623 23.18 -13.89 -31.04
CA ILE C 623 23.71 -14.32 -29.76
C ILE C 623 23.02 -15.62 -29.36
N ALA C 624 23.81 -16.61 -28.97
CA ALA C 624 23.30 -17.91 -28.55
C ALA C 624 23.25 -17.96 -27.03
N GLN C 625 22.90 -19.12 -26.49
CA GLN C 625 22.81 -19.35 -25.06
C GLN C 625 23.95 -20.25 -24.59
N ALA C 626 24.37 -20.05 -23.35
CA ALA C 626 25.46 -20.85 -22.78
C ALA C 626 25.05 -22.29 -22.50
N SER C 627 23.76 -22.61 -22.54
CA SER C 627 23.28 -23.97 -22.29
C SER C 627 23.26 -24.75 -23.61
N ALA C 628 24.47 -25.05 -24.08
CA ALA C 628 24.66 -25.79 -25.33
C ALA C 628 25.67 -26.90 -25.09
N THR C 629 25.37 -28.08 -25.63
CA THR C 629 26.24 -29.24 -25.45
C THR C 629 27.45 -29.14 -26.37
N LEU C 630 28.59 -29.61 -25.88
CA LEU C 630 29.83 -29.60 -26.62
C LEU C 630 30.40 -31.02 -26.71
N ASN C 631 31.08 -31.29 -27.83
CA ASN C 631 31.70 -32.60 -28.07
C ASN C 631 33.16 -32.62 -27.70
N GLU C 632 33.58 -31.76 -26.76
CA GLU C 632 34.97 -31.67 -26.31
C GLU C 632 35.91 -31.39 -27.48
N LYS C 633 35.44 -30.58 -28.44
CA LYS C 633 36.23 -30.22 -29.60
C LYS C 633 36.20 -28.73 -29.94
N GLY C 634 35.38 -27.94 -29.26
CA GLY C 634 35.30 -26.52 -29.55
C GLY C 634 34.29 -26.13 -30.61
N GLN C 635 33.27 -26.95 -30.85
CA GLN C 635 32.26 -26.66 -31.85
C GLN C 635 30.88 -26.98 -31.28
N LEU C 636 29.85 -26.47 -31.96
CA LEU C 636 28.47 -26.68 -31.54
C LEU C 636 28.04 -28.07 -31.99
N VAL C 637 27.98 -29.01 -31.04
CA VAL C 637 27.60 -30.38 -31.37
C VAL C 637 26.09 -30.56 -31.48
N ASP C 638 25.30 -29.64 -30.92
CA ASP C 638 23.86 -29.77 -30.98
C ASP C 638 23.34 -29.47 -32.38
N GLU C 639 22.22 -30.09 -32.73
CA GLU C 639 21.61 -29.88 -34.04
C GLU C 639 20.91 -28.52 -34.13
N LEU C 640 20.35 -28.04 -33.02
CA LEU C 640 19.68 -26.75 -32.99
C LEU C 640 20.10 -26.01 -31.74
N VAL C 641 20.02 -24.68 -31.81
CA VAL C 641 20.39 -23.81 -30.69
C VAL C 641 19.41 -22.65 -30.63
N ALA C 642 18.96 -22.31 -29.43
CA ALA C 642 18.04 -21.21 -29.23
C ALA C 642 18.81 -19.89 -29.26
N VAL C 643 18.62 -19.12 -30.32
CA VAL C 643 19.34 -17.86 -30.48
C VAL C 643 18.34 -16.72 -30.61
N ARG C 644 18.85 -15.50 -30.76
CA ARG C 644 18.00 -14.32 -30.91
C ARG C 644 18.73 -13.28 -31.73
N HIS C 645 18.11 -12.81 -32.81
CA HIS C 645 18.72 -11.83 -33.70
C HIS C 645 17.98 -10.50 -33.65
N LEU C 646 16.68 -10.49 -33.94
CA LEU C 646 15.90 -9.25 -33.91
C LEU C 646 15.20 -9.07 -32.55
N ASN C 647 15.98 -9.18 -31.47
CA ASN C 647 15.47 -9.04 -30.10
C ASN C 647 14.27 -9.95 -29.84
N GLU C 648 14.25 -11.12 -30.48
CA GLU C 648 13.16 -12.08 -30.34
C GLU C 648 13.74 -13.46 -30.11
N PHE C 649 13.23 -14.16 -29.09
CA PHE C 649 13.71 -15.48 -28.76
C PHE C 649 13.11 -16.51 -29.71
N THR C 650 13.96 -17.20 -30.45
CA THR C 650 13.52 -18.20 -31.43
C THR C 650 14.61 -19.25 -31.55
N VAL C 651 14.49 -20.10 -32.56
CA VAL C 651 15.45 -21.16 -32.84
C VAL C 651 16.20 -20.82 -34.12
N LYS C 652 17.48 -21.16 -34.16
CA LYS C 652 18.34 -20.89 -35.31
C LYS C 652 19.23 -22.10 -35.54
N ALA C 653 20.12 -21.98 -36.54
CA ALA C 653 21.04 -23.03 -36.89
C ALA C 653 22.40 -22.80 -36.23
N PRO C 654 23.14 -23.86 -35.89
CA PRO C 654 24.46 -23.70 -35.29
C PRO C 654 25.57 -23.42 -36.28
N GLU C 655 25.26 -23.07 -37.53
CA GLU C 655 26.28 -22.80 -38.54
C GLU C 655 26.51 -21.31 -38.77
N ASP C 656 25.58 -20.45 -38.38
CA ASP C 656 25.70 -19.01 -38.56
C ASP C 656 25.75 -18.25 -37.24
N VAL C 657 26.07 -18.94 -36.14
CA VAL C 657 26.17 -18.28 -34.86
C VAL C 657 27.45 -17.46 -34.80
N THR C 658 27.40 -16.34 -34.07
CA THR C 658 28.54 -15.45 -33.99
C THR C 658 28.89 -15.10 -32.54
N LEU C 659 27.89 -15.11 -31.66
CA LEU C 659 28.09 -14.74 -30.26
C LEU C 659 27.54 -15.84 -29.35
N MET C 660 28.03 -15.84 -28.12
CA MET C 660 27.61 -16.82 -27.12
C MET C 660 27.78 -16.22 -25.74
N ASP C 661 26.90 -16.61 -24.82
CA ASP C 661 26.96 -16.09 -23.47
C ASP C 661 28.14 -16.68 -22.71
N VAL C 662 28.51 -16.00 -21.62
CA VAL C 662 29.63 -16.43 -20.79
C VAL C 662 29.14 -17.41 -19.74
N SER C 663 28.17 -16.99 -18.93
CA SER C 663 27.61 -17.80 -17.86
C SER C 663 26.13 -17.52 -17.74
N PRO C 664 25.33 -18.52 -17.35
CA PRO C 664 23.88 -18.30 -17.21
C PRO C 664 23.50 -17.36 -16.08
N LYS C 665 24.42 -17.04 -15.17
CA LYS C 665 24.14 -16.16 -14.05
C LYS C 665 24.33 -14.68 -14.39
N GLN C 666 24.53 -14.35 -15.66
CA GLN C 666 24.69 -12.96 -16.07
C GLN C 666 23.35 -12.24 -16.26
N VAL C 667 22.24 -12.97 -16.20
CA VAL C 667 20.93 -12.35 -16.34
C VAL C 667 20.37 -11.90 -15.00
N VAL C 668 20.51 -12.73 -13.96
CA VAL C 668 20.01 -12.39 -12.65
C VAL C 668 20.97 -11.43 -11.95
N SER C 669 20.47 -10.76 -10.91
CA SER C 669 21.27 -9.82 -10.15
C SER C 669 21.99 -10.55 -9.02
N VAL C 670 22.57 -9.79 -8.09
CA VAL C 670 23.29 -10.39 -6.98
C VAL C 670 22.32 -10.92 -5.92
N ALA C 671 21.22 -10.20 -5.69
CA ALA C 671 20.25 -10.64 -4.69
C ALA C 671 19.42 -11.82 -5.15
N ALA C 672 19.35 -12.07 -6.46
CA ALA C 672 18.57 -13.18 -6.99
C ALA C 672 19.42 -14.40 -7.32
N SER C 673 20.73 -14.25 -7.47
CA SER C 673 21.59 -15.37 -7.81
C SER C 673 21.88 -16.28 -6.61
N LEU C 674 21.70 -15.76 -5.39
CA LEU C 674 21.96 -16.56 -4.19
C LEU C 674 20.82 -17.54 -3.87
N ILE C 675 19.70 -17.44 -4.57
CA ILE C 675 18.56 -18.33 -4.34
C ILE C 675 18.84 -19.67 -5.02
N PRO C 676 18.91 -20.78 -4.27
CA PRO C 676 19.15 -22.07 -4.91
C PRO C 676 17.90 -22.57 -5.62
N PHE C 677 18.12 -23.28 -6.73
CA PHE C 677 17.05 -23.84 -7.54
C PHE C 677 16.11 -22.75 -8.03
N LEU C 678 16.67 -21.69 -8.61
CA LEU C 678 15.87 -20.61 -9.13
C LEU C 678 15.09 -21.01 -10.39
N GLU C 679 15.58 -22.01 -11.12
CA GLU C 679 14.88 -22.46 -12.32
C GLU C 679 13.61 -23.24 -11.98
N HIS C 680 13.47 -23.70 -10.74
CA HIS C 680 12.29 -24.45 -10.32
C HIS C 680 11.25 -23.58 -9.63
N ASP C 681 11.48 -22.28 -9.53
CA ASP C 681 10.56 -21.35 -8.88
C ASP C 681 9.97 -20.40 -9.91
N ASP C 682 8.74 -19.96 -9.63
CA ASP C 682 8.08 -19.01 -10.52
C ASP C 682 8.69 -17.62 -10.38
N ALA C 683 8.51 -16.81 -11.42
CA ALA C 683 9.01 -15.44 -11.40
C ALA C 683 8.28 -14.58 -10.38
N ASN C 684 7.08 -14.99 -9.96
CA ASN C 684 6.36 -14.23 -8.94
C ASN C 684 7.02 -14.41 -7.57
N ARG C 685 7.48 -15.63 -7.26
CA ARG C 685 8.17 -15.87 -6.00
C ARG C 685 9.64 -15.49 -6.05
N ALA C 686 10.23 -15.42 -7.25
CA ALA C 686 11.60 -14.94 -7.36
C ALA C 686 11.69 -13.44 -7.13
N LEU C 687 10.64 -12.70 -7.48
CA LEU C 687 10.61 -11.27 -7.20
C LEU C 687 10.41 -11.00 -5.72
N MET C 688 9.71 -11.89 -5.02
CA MET C 688 9.51 -11.75 -3.58
C MET C 688 10.62 -12.39 -2.77
N GLY C 689 11.38 -13.31 -3.36
CA GLY C 689 12.49 -13.93 -2.63
C GLY C 689 13.69 -13.02 -2.50
N SER C 690 13.87 -12.09 -3.43
CA SER C 690 14.99 -11.16 -3.36
C SER C 690 14.74 -10.03 -2.37
N ASN C 691 13.50 -9.81 -1.96
CA ASN C 691 13.18 -8.77 -0.99
C ASN C 691 13.26 -9.27 0.45
N MET C 692 12.85 -10.52 0.69
CA MET C 692 12.95 -11.08 2.04
C MET C 692 14.40 -11.41 2.39
N GLN C 693 15.17 -11.85 1.41
CA GLN C 693 16.58 -12.11 1.65
C GLN C 693 17.37 -10.83 1.90
N ARG C 694 16.89 -9.69 1.40
CA ARG C 694 17.55 -8.42 1.63
C ARG C 694 17.26 -7.84 3.01
N GLN C 695 16.12 -8.20 3.60
CA GLN C 695 15.72 -7.69 4.91
C GLN C 695 16.07 -8.63 6.05
N ALA C 696 17.16 -9.38 5.92
CA ALA C 696 17.57 -10.30 6.97
C ALA C 696 18.30 -9.55 8.09
N VAL C 697 18.26 -10.14 9.28
CA VAL C 697 18.89 -9.57 10.46
C VAL C 697 19.97 -10.52 10.92
N PRO C 698 21.20 -10.05 11.16
CA PRO C 698 22.26 -10.95 11.64
C PRO C 698 21.94 -11.46 13.04
N THR C 699 22.00 -12.78 13.21
CA THR C 699 21.70 -13.41 14.48
C THR C 699 22.96 -13.44 15.35
N LEU C 700 22.87 -14.13 16.49
CA LEU C 700 24.01 -14.22 17.39
C LEU C 700 25.05 -15.21 16.87
N ARG C 701 24.62 -16.38 16.41
CA ARG C 701 25.49 -17.40 15.87
C ARG C 701 25.32 -17.47 14.36
N ALA C 702 26.43 -17.50 13.63
CA ALA C 702 26.41 -17.57 12.18
C ALA C 702 26.45 -19.04 11.75
N ASP C 703 25.37 -19.49 11.11
CA ASP C 703 25.25 -20.87 10.65
C ASP C 703 25.35 -20.88 9.14
N LYS C 704 26.28 -21.67 8.62
CA LYS C 704 26.48 -21.74 7.17
C LYS C 704 25.30 -22.43 6.50
N PRO C 705 24.89 -21.98 5.32
CA PRO C 705 23.81 -22.67 4.59
C PRO C 705 24.35 -23.94 3.93
N LEU C 706 23.64 -25.05 4.15
CA LEU C 706 24.05 -26.32 3.57
C LEU C 706 23.83 -26.36 2.07
N VAL C 707 22.82 -25.64 1.58
CA VAL C 707 22.50 -25.57 0.15
C VAL C 707 22.76 -24.15 -0.30
N GLY C 708 23.91 -23.92 -0.93
CA GLY C 708 24.30 -22.63 -1.43
C GLY C 708 24.30 -22.55 -2.94
N THR C 709 24.99 -21.56 -3.45
CA THR C 709 25.10 -21.35 -4.89
C THR C 709 26.54 -21.25 -5.37
N GLY C 710 27.42 -20.64 -4.58
CA GLY C 710 28.79 -20.39 -4.97
C GLY C 710 29.12 -18.92 -5.10
N MET C 711 28.13 -18.06 -5.33
CA MET C 711 28.33 -16.63 -5.38
C MET C 711 28.30 -15.97 -4.00
N GLU C 712 28.08 -16.75 -2.94
CA GLU C 712 28.06 -16.18 -1.60
C GLU C 712 29.45 -15.71 -1.17
N ARG C 713 30.50 -16.29 -1.74
CA ARG C 713 31.86 -15.86 -1.40
C ARG C 713 32.19 -14.53 -2.06
N ASN C 714 31.64 -14.26 -3.24
CA ASN C 714 31.90 -13.02 -3.95
C ASN C 714 31.11 -11.84 -3.38
N VAL C 715 30.23 -12.07 -2.42
CA VAL C 715 29.45 -10.98 -1.83
C VAL C 715 30.12 -10.44 -0.57
N ALA C 716 30.66 -11.33 0.27
CA ALA C 716 31.29 -10.93 1.51
C ALA C 716 32.77 -10.59 1.34
N ARG C 717 33.38 -10.94 0.21
CA ARG C 717 34.80 -10.67 0.01
C ARG C 717 35.04 -9.23 -0.44
N ASP C 718 34.35 -8.80 -1.49
CA ASP C 718 34.53 -7.46 -2.02
C ASP C 718 33.97 -6.37 -1.10
N SER C 719 33.13 -6.73 -0.14
CA SER C 719 32.58 -5.75 0.79
C SER C 719 33.67 -5.24 1.73
N GLY C 720 33.46 -4.02 2.23
CA GLY C 720 34.40 -3.41 3.14
C GLY C 720 34.06 -3.64 4.59
N VAL C 721 33.45 -4.79 4.90
CA VAL C 721 33.06 -5.10 6.26
C VAL C 721 33.96 -6.17 6.90
N CYS C 722 34.60 -7.03 6.11
CA CYS C 722 35.50 -8.04 6.63
C CYS C 722 36.95 -7.56 6.56
N VAL C 723 37.77 -8.10 7.47
CA VAL C 723 39.17 -7.71 7.54
C VAL C 723 39.96 -8.48 6.49
N VAL C 724 40.13 -7.89 5.32
CA VAL C 724 40.87 -8.50 4.22
C VAL C 724 42.35 -8.15 4.38
N ALA C 725 43.22 -9.15 4.19
CA ALA C 725 44.65 -8.95 4.32
C ALA C 725 45.19 -8.23 3.10
N ARG C 726 45.83 -7.08 3.32
CA ARG C 726 46.40 -6.33 2.20
C ARG C 726 47.67 -6.99 1.68
N ARG C 727 48.53 -7.45 2.58
CA ARG C 727 49.77 -8.13 2.23
C ARG C 727 49.81 -9.48 2.93
N GLY C 728 50.73 -10.34 2.49
CA GLY C 728 50.88 -11.67 3.03
C GLY C 728 51.96 -11.75 4.10
N GLY C 729 51.98 -12.87 4.79
CA GLY C 729 52.95 -13.12 5.83
C GLY C 729 52.40 -14.09 6.85
N VAL C 730 52.98 -14.04 8.05
CA VAL C 730 52.60 -14.90 9.17
C VAL C 730 51.97 -14.04 10.26
N ILE C 731 50.92 -14.56 10.89
CA ILE C 731 50.24 -13.83 11.94
C ILE C 731 51.10 -13.85 13.20
N ASP C 732 51.30 -12.68 13.81
CA ASP C 732 52.11 -12.56 15.00
C ASP C 732 51.31 -12.81 16.27
N SER C 733 50.19 -12.11 16.44
CA SER C 733 49.35 -12.26 17.62
C SER C 733 47.90 -12.02 17.24
N VAL C 734 47.01 -12.86 17.77
CA VAL C 734 45.58 -12.77 17.51
C VAL C 734 44.89 -12.30 18.78
N ASP C 735 44.11 -11.22 18.67
CA ASP C 735 43.38 -10.67 19.80
C ASP C 735 42.00 -10.26 19.33
N ALA C 736 41.07 -10.20 20.28
CA ALA C 736 39.70 -9.83 19.96
C ALA C 736 39.57 -8.37 19.56
N SER C 737 40.48 -7.51 20.00
CA SER C 737 40.44 -6.10 19.65
C SER C 737 41.14 -5.80 18.33
N ARG C 738 42.30 -6.39 18.09
CA ARG C 738 43.05 -6.16 16.87
C ARG C 738 43.87 -7.39 16.54
N VAL C 739 44.35 -7.44 15.29
CA VAL C 739 45.17 -8.54 14.80
C VAL C 739 46.32 -7.96 13.99
N VAL C 740 47.51 -8.52 14.16
CA VAL C 740 48.71 -8.08 13.47
C VAL C 740 49.27 -9.24 12.66
N VAL C 741 49.83 -8.93 11.50
CA VAL C 741 50.44 -9.92 10.63
C VAL C 741 51.80 -9.40 10.15
N ARG C 742 52.68 -10.33 9.82
CA ARG C 742 53.99 -9.98 9.31
C ARG C 742 53.94 -9.81 7.79
N VAL C 743 55.03 -9.29 7.23
CA VAL C 743 55.17 -9.07 5.79
C VAL C 743 56.29 -9.96 5.29
N ALA C 744 56.03 -10.69 4.21
CA ALA C 744 57.03 -11.58 3.65
C ALA C 744 58.19 -10.78 3.06
N ASP C 745 59.34 -11.47 2.93
CA ASP C 745 60.53 -10.82 2.41
C ASP C 745 60.47 -10.59 0.90
N ASP C 746 59.56 -11.26 0.21
CA ASP C 746 59.44 -11.08 -1.24
C ASP C 746 58.79 -9.74 -1.58
N GLU C 747 57.56 -9.54 -1.11
CA GLU C 747 56.81 -8.31 -1.37
C GLU C 747 56.96 -7.40 -0.16
N VAL C 748 58.13 -6.75 -0.06
CA VAL C 748 58.42 -5.83 1.03
C VAL C 748 59.28 -4.70 0.48
N GLU C 749 59.31 -3.59 1.21
CA GLU C 749 60.09 -2.42 0.84
C GLU C 749 61.48 -2.51 1.48
N THR C 750 62.24 -1.42 1.40
CA THR C 750 63.58 -1.39 2.00
C THR C 750 63.50 -1.22 3.51
N GLY C 751 62.90 -0.11 3.96
CA GLY C 751 62.74 0.17 5.37
C GLY C 751 61.30 -0.02 5.79
N GLU C 752 61.11 -0.34 7.08
CA GLU C 752 59.79 -0.60 7.66
C GLU C 752 59.06 -1.70 6.88
N ALA C 753 59.66 -2.89 6.91
CA ALA C 753 59.11 -4.02 6.16
C ALA C 753 57.80 -4.50 6.77
N GLY C 754 57.83 -4.93 8.03
CA GLY C 754 56.65 -5.45 8.68
C GLY C 754 55.84 -4.39 9.41
N VAL C 755 54.80 -3.90 8.77
CA VAL C 755 53.90 -2.90 9.36
C VAL C 755 52.49 -3.23 8.90
N ASP C 756 51.68 -3.79 9.80
CA ASP C 756 50.30 -4.15 9.47
C ASP C 756 49.48 -4.14 10.75
N ILE C 757 48.66 -3.12 10.93
CA ILE C 757 47.81 -2.98 12.11
C ILE C 757 46.37 -3.02 11.63
N TYR C 758 45.66 -4.10 11.96
CA TYR C 758 44.26 -4.27 11.61
C TYR C 758 43.43 -4.15 12.87
N ASN C 759 42.72 -3.02 13.00
CA ASN C 759 41.88 -2.75 14.17
C ASN C 759 40.47 -3.24 13.89
N LEU C 760 40.05 -4.29 14.60
CA LEU C 760 38.71 -4.82 14.43
C LEU C 760 37.69 -3.94 15.13
N THR C 761 36.58 -3.66 14.46
CA THR C 761 35.54 -2.83 15.02
C THR C 761 34.69 -3.62 16.02
N LYS C 762 34.27 -2.95 17.09
CA LYS C 762 33.47 -3.56 18.12
C LYS C 762 31.99 -3.35 17.83
N TYR C 763 31.14 -3.64 18.81
CA TYR C 763 29.70 -3.54 18.64
C TYR C 763 29.31 -2.06 18.56
N THR C 764 29.07 -1.57 17.35
CA THR C 764 28.65 -0.20 17.11
C THR C 764 27.25 -0.20 16.52
N ARG C 765 26.66 0.99 16.46
CA ARG C 765 25.30 1.16 15.95
C ARG C 765 25.34 1.35 14.43
N SER C 766 24.51 0.59 13.72
CA SER C 766 24.41 0.72 12.28
C SER C 766 23.29 1.71 11.95
N ASN C 767 22.92 1.79 10.67
CA ASN C 767 21.88 2.71 10.24
C ASN C 767 20.47 2.15 10.45
N GLN C 768 20.34 0.88 10.80
CA GLN C 768 19.05 0.24 11.03
C GLN C 768 18.91 -0.27 12.46
N ASN C 769 19.67 0.32 13.39
CA ASN C 769 19.64 -0.06 14.80
C ASN C 769 19.98 -1.53 15.00
N THR C 770 20.95 -2.02 14.23
CA THR C 770 21.43 -3.39 14.34
C THR C 770 22.88 -3.39 14.77
N CYS C 771 23.31 -4.51 15.36
CA CYS C 771 24.67 -4.65 15.85
C CYS C 771 25.59 -5.12 14.73
N ILE C 772 26.86 -4.72 14.84
CA ILE C 772 27.89 -5.10 13.87
C ILE C 772 29.20 -5.28 14.61
N ASN C 773 29.91 -6.36 14.30
CA ASN C 773 31.16 -6.66 14.97
C ASN C 773 31.99 -7.58 14.08
N GLN C 774 33.27 -7.70 14.40
CA GLN C 774 34.20 -8.55 13.66
C GLN C 774 34.90 -9.47 14.63
N ARG C 775 34.91 -10.77 14.31
CA ARG C 775 35.54 -11.78 15.15
C ARG C 775 36.72 -12.40 14.42
N PRO C 776 37.87 -12.54 15.06
CA PRO C 776 39.03 -13.13 14.39
C PRO C 776 38.81 -14.62 14.15
N LEU C 777 39.18 -15.07 12.94
CA LEU C 777 39.05 -16.47 12.55
C LEU C 777 40.39 -17.09 12.19
N VAL C 778 41.50 -16.46 12.58
CA VAL C 778 42.83 -16.96 12.30
C VAL C 778 43.52 -17.31 13.62
N SER C 779 44.63 -18.02 13.51
CA SER C 779 45.42 -18.44 14.66
C SER C 779 46.83 -17.89 14.54
N LYS C 780 47.57 -17.98 15.65
CA LYS C 780 48.94 -17.49 15.70
C LYS C 780 49.87 -18.47 14.99
N GLY C 781 50.63 -17.97 14.01
CA GLY C 781 51.55 -18.81 13.28
C GLY C 781 51.00 -19.42 12.01
N ASP C 782 50.01 -18.79 11.39
CA ASP C 782 49.42 -19.29 10.16
C ASP C 782 49.92 -18.50 8.97
N VAL C 783 50.17 -19.21 7.86
CA VAL C 783 50.64 -18.58 6.64
C VAL C 783 49.43 -17.97 5.93
N VAL C 784 49.38 -16.64 5.89
CA VAL C 784 48.28 -15.90 5.28
C VAL C 784 48.79 -15.27 3.98
N ALA C 785 48.10 -15.56 2.89
CA ALA C 785 48.46 -15.00 1.59
C ALA C 785 47.70 -13.70 1.35
N ARG C 786 47.99 -13.06 0.22
CA ARG C 786 47.34 -11.80 -0.13
C ARG C 786 45.91 -12.07 -0.59
N GLY C 787 44.96 -11.32 -0.05
CA GLY C 787 43.57 -11.49 -0.41
C GLY C 787 42.82 -12.49 0.44
N ASP C 788 43.27 -12.75 1.66
CA ASP C 788 42.62 -13.71 2.54
C ASP C 788 41.57 -13.01 3.40
N ILE C 789 40.95 -13.78 4.29
CA ILE C 789 39.93 -13.27 5.21
C ILE C 789 40.41 -13.52 6.63
N LEU C 790 40.59 -12.45 7.41
CA LEU C 790 41.06 -12.56 8.77
C LEU C 790 39.95 -12.45 9.81
N ALA C 791 38.90 -11.69 9.51
CA ALA C 791 37.78 -11.52 10.44
C ALA C 791 36.49 -11.40 9.65
N ASP C 792 35.45 -12.04 10.15
CA ASP C 792 34.14 -12.02 9.53
C ASP C 792 33.25 -10.96 10.15
N GLY C 793 32.35 -10.40 9.32
CA GLY C 793 31.45 -9.37 9.77
C GLY C 793 30.14 -9.93 10.28
N PRO C 794 29.08 -9.13 10.24
CA PRO C 794 27.78 -9.61 10.69
C PRO C 794 27.16 -10.57 9.69
N SER C 795 26.59 -11.66 10.21
CA SER C 795 25.92 -12.68 9.40
C SER C 795 26.87 -13.27 8.35
N THR C 796 28.12 -13.49 8.74
CA THR C 796 29.12 -14.12 7.89
C THR C 796 29.86 -15.18 8.68
N ASP C 797 30.16 -16.30 8.02
CA ASP C 797 30.84 -17.43 8.65
C ASP C 797 31.97 -17.89 7.74
N MET C 798 33.21 -17.59 8.13
CA MET C 798 34.41 -18.00 7.40
C MET C 798 34.38 -17.51 5.96
N GLY C 799 34.13 -16.22 5.80
CA GLY C 799 34.12 -15.59 4.49
C GLY C 799 32.90 -15.90 3.64
N GLU C 800 31.97 -16.70 4.13
CA GLU C 800 30.75 -17.05 3.40
C GLU C 800 29.55 -16.31 3.96
N LEU C 801 28.64 -15.94 3.08
CA LEU C 801 27.45 -15.21 3.52
C LEU C 801 26.47 -16.16 4.20
N ALA C 802 26.24 -15.94 5.49
CA ALA C 802 25.35 -16.78 6.30
C ALA C 802 24.36 -15.86 7.02
N LEU C 803 23.24 -15.57 6.35
CA LEU C 803 22.26 -14.64 6.91
C LEU C 803 21.49 -15.28 8.07
N GLY C 804 20.80 -16.39 7.80
CA GLY C 804 20.00 -17.06 8.79
C GLY C 804 20.63 -18.35 9.27
N GLN C 805 19.82 -19.14 9.98
CA GLN C 805 20.25 -20.41 10.53
C GLN C 805 19.27 -21.49 10.09
N ASN C 806 19.80 -22.59 9.56
CA ASN C 806 18.99 -23.70 9.09
C ASN C 806 18.68 -24.68 10.21
N MET C 807 17.61 -25.44 10.04
CA MET C 807 17.17 -26.40 11.03
C MET C 807 16.27 -27.43 10.35
N ARG C 808 15.88 -28.44 11.14
CA ARG C 808 15.03 -29.50 10.62
C ARG C 808 13.63 -28.98 10.34
N VAL C 809 13.13 -29.24 9.13
CA VAL C 809 11.85 -28.73 8.68
C VAL C 809 11.02 -29.90 8.16
N ALA C 810 9.79 -30.01 8.66
CA ALA C 810 8.85 -31.04 8.21
C ALA C 810 7.66 -30.37 7.53
N PHE C 811 7.07 -31.08 6.57
CA PHE C 811 5.95 -30.57 5.78
C PHE C 811 4.71 -31.40 6.11
N MET C 812 3.88 -30.87 7.03
CA MET C 812 2.64 -31.52 7.41
C MET C 812 1.75 -30.55 8.19
N PRO C 813 0.44 -30.54 7.93
CA PRO C 813 -0.45 -29.69 8.73
C PRO C 813 -0.58 -30.19 10.17
N TRP C 814 -0.02 -29.45 11.12
CA TRP C 814 0.05 -29.88 12.51
C TRP C 814 -0.99 -29.12 13.33
N ASN C 815 -2.16 -29.74 13.48
CA ASN C 815 -3.23 -29.22 14.34
C ASN C 815 -3.68 -27.82 13.94
N GLY C 816 -3.57 -27.50 12.65
CA GLY C 816 -4.02 -26.21 12.15
C GLY C 816 -3.20 -25.01 12.57
N PHE C 817 -2.09 -25.21 13.29
CA PHE C 817 -1.25 -24.07 13.66
C PHE C 817 -0.59 -23.46 12.43
N ASN C 818 -0.27 -24.28 11.44
CA ASN C 818 0.20 -23.78 10.15
C ASN C 818 -1.00 -23.72 9.19
N PHE C 819 -1.87 -22.76 9.47
CA PHE C 819 -3.14 -22.67 8.76
C PHE C 819 -2.94 -22.27 7.30
N GLU C 820 -2.41 -21.08 7.06
CA GLU C 820 -2.13 -20.61 5.71
C GLU C 820 -0.64 -20.43 5.46
N ASP C 821 0.04 -19.63 6.29
CA ASP C 821 1.47 -19.45 6.19
C ASP C 821 2.18 -19.41 7.53
N SER C 822 1.47 -19.64 8.63
CA SER C 822 2.07 -19.54 9.96
C SER C 822 3.12 -20.63 10.17
N ILE C 823 4.03 -20.37 11.10
CA ILE C 823 5.12 -21.28 11.43
C ILE C 823 4.89 -21.83 12.83
N CYS C 824 5.07 -23.14 12.99
CA CYS C 824 4.93 -23.81 14.27
C CYS C 824 6.33 -24.17 14.76
N LEU C 825 6.91 -23.29 15.57
CA LEU C 825 8.26 -23.49 16.06
C LEU C 825 8.26 -24.55 17.17
N SER C 826 9.46 -24.83 17.68
CA SER C 826 9.65 -25.75 18.79
C SER C 826 10.38 -25.04 19.92
N GLU C 827 10.53 -25.75 21.04
CA GLU C 827 11.22 -25.19 22.19
C GLU C 827 12.74 -25.27 22.06
N ARG C 828 13.26 -26.05 21.10
CA ARG C 828 14.70 -26.16 20.91
C ARG C 828 15.28 -24.99 20.16
N VAL C 829 14.46 -24.19 19.47
CA VAL C 829 14.96 -23.03 18.75
C VAL C 829 15.09 -21.80 19.64
N VAL C 830 14.44 -21.79 20.80
CA VAL C 830 14.52 -20.66 21.73
C VAL C 830 15.54 -20.92 22.83
N GLN C 831 15.62 -22.16 23.31
CA GLN C 831 16.54 -22.48 24.40
C GLN C 831 17.99 -22.41 23.95
N GLU C 832 18.26 -22.71 22.68
CA GLU C 832 19.63 -22.71 22.17
C GLU C 832 20.10 -21.32 21.76
N ASP C 833 19.24 -20.30 21.88
CA ASP C 833 19.59 -18.91 21.56
C ASP C 833 20.08 -18.79 20.11
N ARG C 834 19.18 -19.12 19.18
CA ARG C 834 19.50 -19.12 17.76
C ARG C 834 19.11 -17.80 17.08
N PHE C 835 17.84 -17.43 17.17
CA PHE C 835 17.33 -16.23 16.50
C PHE C 835 17.31 -15.01 17.42
N THR C 836 18.13 -15.00 18.47
CA THR C 836 18.19 -13.88 19.40
C THR C 836 19.23 -12.89 18.87
N THR C 837 18.75 -11.79 18.29
CA THR C 837 19.62 -10.78 17.75
C THR C 837 19.91 -9.71 18.79
N ILE C 838 20.81 -8.78 18.44
CA ILE C 838 21.22 -7.69 19.32
C ILE C 838 20.95 -6.38 18.60
N HIS C 839 20.16 -5.51 19.23
CA HIS C 839 19.83 -4.21 18.68
C HIS C 839 20.49 -3.11 19.51
N ILE C 840 21.00 -2.10 18.82
CA ILE C 840 21.69 -0.98 19.45
C ILE C 840 20.88 0.27 19.18
N GLN C 841 20.20 0.78 20.21
CA GLN C 841 19.38 1.98 20.10
C GLN C 841 20.07 3.11 20.86
N GLU C 842 20.19 4.27 20.22
CA GLU C 842 20.85 5.42 20.80
C GLU C 842 19.81 6.46 21.23
N LEU C 843 20.20 7.28 22.21
CA LEU C 843 19.35 8.34 22.74
C LEU C 843 20.23 9.56 23.02
N THR C 844 19.89 10.69 22.40
CA THR C 844 20.68 11.91 22.53
C THR C 844 19.91 12.96 23.29
N CYS C 845 20.61 13.71 24.14
CA CYS C 845 20.03 14.79 24.91
C CYS C 845 20.71 16.11 24.55
N VAL C 846 19.94 17.18 24.50
CA VAL C 846 20.45 18.50 24.16
C VAL C 846 20.30 19.43 25.35
N ALA C 847 21.01 20.55 25.29
CA ALA C 847 20.99 21.58 26.33
C ALA C 847 20.63 22.90 25.67
N ARG C 848 19.34 23.24 25.68
CA ARG C 848 18.88 24.47 25.06
C ARG C 848 19.21 25.67 25.93
N ASP C 849 19.34 26.83 25.28
CA ASP C 849 19.62 28.09 25.95
C ASP C 849 18.42 29.01 25.80
N THR C 850 17.83 29.38 26.94
CA THR C 850 16.65 30.24 26.96
C THR C 850 16.94 31.50 27.75
N LYS C 851 16.06 32.50 27.58
CA LYS C 851 16.22 33.76 28.28
C LYS C 851 15.91 33.65 29.76
N LEU C 852 15.11 32.65 30.17
CA LEU C 852 14.76 32.47 31.56
C LEU C 852 15.90 31.86 32.38
N GLY C 853 16.84 31.19 31.73
CA GLY C 853 17.94 30.57 32.42
C GLY C 853 18.59 29.47 31.60
N PRO C 854 19.92 29.38 31.64
CA PRO C 854 20.60 28.33 30.88
C PRO C 854 20.38 26.96 31.49
N GLU C 855 20.38 25.95 30.63
CA GLU C 855 20.17 24.56 31.03
C GLU C 855 21.52 23.86 31.17
N GLU C 856 21.71 23.18 32.29
CA GLU C 856 22.96 22.47 32.57
C GLU C 856 22.64 21.09 33.10
N ILE C 857 23.60 20.18 32.93
CA ILE C 857 23.47 18.81 33.40
C ILE C 857 23.91 18.77 34.87
N THR C 858 22.96 18.61 35.78
CA THR C 858 23.22 18.57 37.21
C THR C 858 22.93 17.18 37.75
N ALA C 859 23.24 17.00 39.04
CA ALA C 859 23.01 15.75 39.74
C ALA C 859 21.70 15.72 40.51
N ASP C 860 21.35 16.83 41.16
CA ASP C 860 20.13 16.89 41.94
C ASP C 860 18.92 17.08 41.02
N ILE C 861 17.88 16.30 41.25
CA ILE C 861 16.65 16.35 40.47
C ILE C 861 15.50 16.61 41.44
N PRO C 862 14.59 17.53 41.15
CA PRO C 862 13.48 17.78 42.07
C PRO C 862 12.46 16.65 42.03
N ASN C 863 11.92 16.32 43.21
CA ASN C 863 10.85 15.35 43.37
C ASN C 863 11.28 13.95 42.90
N VAL C 864 12.42 13.49 43.42
CA VAL C 864 12.91 12.14 43.19
C VAL C 864 13.34 11.55 44.53
N GLY C 865 13.80 10.30 44.48
CA GLY C 865 14.25 9.62 45.68
C GLY C 865 15.66 9.08 45.56
N GLU C 866 16.04 8.18 46.48
CA GLU C 866 17.37 7.58 46.43
C GLU C 866 17.46 6.47 45.39
N ALA C 867 16.36 5.76 45.15
CA ALA C 867 16.38 4.69 44.16
C ALA C 867 16.54 5.23 42.75
N ALA C 868 16.07 6.45 42.49
CA ALA C 868 16.23 7.05 41.17
C ALA C 868 17.64 7.58 40.95
N LEU C 869 18.32 7.99 42.02
CA LEU C 869 19.68 8.49 41.93
C LEU C 869 20.72 7.46 42.34
N ASN C 870 20.31 6.20 42.53
CA ASN C 870 21.26 5.16 42.92
C ASN C 870 22.18 4.80 41.75
N LYS C 871 21.60 4.63 40.56
CA LYS C 871 22.40 4.30 39.39
C LYS C 871 23.05 5.51 38.75
N LEU C 872 22.67 6.72 39.17
CA LEU C 872 23.26 7.94 38.62
C LEU C 872 24.50 8.34 39.40
N ASP C 873 25.38 9.07 38.74
CA ASP C 873 26.63 9.52 39.34
C ASP C 873 26.44 10.90 39.97
N GLU C 874 27.55 11.50 40.42
CA GLU C 874 27.51 12.83 41.01
C GLU C 874 27.48 13.94 39.97
N ALA C 875 27.48 13.61 38.68
CA ALA C 875 27.43 14.60 37.62
C ALA C 875 26.12 14.58 36.84
N GLY C 876 25.40 13.47 36.84
CA GLY C 876 24.15 13.35 36.14
C GLY C 876 24.15 12.42 34.93
N ILE C 877 25.13 11.53 34.80
CA ILE C 877 25.24 10.61 33.68
C ILE C 877 25.19 9.19 34.22
N VAL C 878 24.41 8.34 33.55
CA VAL C 878 24.29 6.95 33.96
C VAL C 878 25.62 6.24 33.73
N TYR C 879 25.98 5.36 34.67
CA TYR C 879 27.24 4.63 34.57
C TYR C 879 27.22 3.68 33.38
N VAL C 880 28.41 3.36 32.88
CA VAL C 880 28.55 2.44 31.75
C VAL C 880 28.28 1.02 32.22
N GLY C 881 27.28 0.38 31.63
CA GLY C 881 26.92 -0.97 31.98
C GLY C 881 25.81 -1.11 33.00
N ALA C 882 25.18 -0.01 33.40
CA ALA C 882 24.11 -0.06 34.38
C ALA C 882 22.82 -0.54 33.73
N GLU C 883 22.24 -1.59 34.28
CA GLU C 883 20.99 -2.14 33.76
C GLU C 883 19.84 -1.18 34.08
N VAL C 884 19.22 -0.63 33.05
CA VAL C 884 18.12 0.32 33.21
C VAL C 884 16.83 -0.33 32.78
N GLN C 885 15.75 0.06 33.44
CA GLN C 885 14.41 -0.43 33.16
C GLN C 885 13.61 0.65 32.42
N ALA C 886 12.37 0.31 32.08
CA ALA C 886 11.50 1.22 31.35
C ALA C 886 11.00 2.30 32.31
N GLY C 887 11.54 3.49 32.19
CA GLY C 887 11.16 4.62 33.02
C GLY C 887 12.21 5.13 33.99
N ASP C 888 13.48 4.86 33.74
CA ASP C 888 14.57 5.30 34.61
C ASP C 888 15.19 6.58 34.06
N ILE C 889 15.93 7.26 34.92
CA ILE C 889 16.60 8.51 34.57
C ILE C 889 17.99 8.19 34.07
N LEU C 890 18.29 8.57 32.83
CA LEU C 890 19.60 8.34 32.23
C LEU C 890 20.50 9.56 32.33
N VAL C 891 20.04 10.71 31.84
CA VAL C 891 20.79 11.96 31.88
C VAL C 891 19.98 12.97 32.67
N GLY C 892 20.60 13.57 33.68
CA GLY C 892 19.94 14.55 34.51
C GLY C 892 19.91 15.93 33.88
N LYS C 893 18.75 16.34 33.39
CA LYS C 893 18.59 17.62 32.71
C LYS C 893 17.47 18.40 33.40
N VAL C 894 17.80 19.56 33.95
CA VAL C 894 16.83 20.41 34.62
C VAL C 894 16.69 21.70 33.82
N THR C 895 15.49 22.28 33.86
CA THR C 895 15.18 23.50 33.12
C THR C 895 14.63 24.53 34.10
N PRO C 896 15.29 25.66 34.28
CA PRO C 896 14.76 26.70 35.18
C PRO C 896 13.59 27.44 34.54
N LYS C 897 12.67 27.87 35.40
CA LYS C 897 11.48 28.58 34.95
C LYS C 897 11.06 29.59 36.02
N GLY C 898 10.17 30.48 35.63
CA GLY C 898 9.67 31.48 36.56
C GLY C 898 8.17 31.68 36.38
N GLU C 899 7.57 32.34 37.38
CA GLU C 899 6.14 32.63 37.40
C GLU C 899 5.32 31.34 37.26
N THR C 900 5.49 30.46 38.25
CA THR C 900 4.79 29.18 38.23
C THR C 900 3.30 29.35 38.52
N GLN C 901 2.97 30.25 39.46
CA GLN C 901 1.58 30.51 39.87
C GLN C 901 0.90 29.22 40.31
N LEU C 902 1.45 28.64 41.39
CA LEU C 902 0.93 27.39 41.90
C LEU C 902 -0.44 27.58 42.54
N THR C 903 -1.25 26.52 42.50
CA THR C 903 -2.60 26.56 43.06
C THR C 903 -2.56 26.34 44.57
N PRO C 904 -3.54 26.88 45.30
CA PRO C 904 -3.56 26.65 46.76
C PRO C 904 -3.74 25.19 47.14
N GLU C 905 -4.30 24.36 46.27
CA GLU C 905 -4.45 22.95 46.60
C GLU C 905 -3.10 22.23 46.55
N GLU C 906 -2.24 22.61 45.61
CA GLU C 906 -0.90 22.02 45.56
C GLU C 906 0.01 22.60 46.62
N LYS C 907 -0.21 23.86 47.02
CA LYS C 907 0.60 24.46 48.07
C LYS C 907 0.36 23.81 49.42
N LEU C 908 -0.85 23.30 49.65
CA LEU C 908 -1.15 22.65 50.92
C LEU C 908 -0.40 21.33 51.07
N LEU C 909 -0.13 20.65 49.96
CA LEU C 909 0.60 19.38 50.01
C LEU C 909 2.11 19.58 50.11
N ARG C 910 2.62 20.75 49.71
CA ARG C 910 4.05 21.00 49.79
C ARG C 910 4.53 21.21 51.22
N ALA C 911 3.63 21.58 52.14
CA ALA C 911 3.99 21.80 53.52
C ALA C 911 3.77 20.58 54.42
N ILE C 912 2.94 19.63 53.97
CA ILE C 912 2.67 18.45 54.80
C ILE C 912 3.84 17.47 54.74
N PHE C 913 4.23 17.07 53.53
CA PHE C 913 5.31 16.11 53.35
C PHE C 913 6.69 16.73 53.41
N GLY C 914 6.79 18.05 53.58
CA GLY C 914 8.08 18.70 53.68
C GLY C 914 8.81 18.84 52.37
N GLU C 915 8.09 18.97 51.26
CA GLU C 915 8.70 19.12 49.94
C GLU C 915 8.95 20.59 49.64
N LYS C 916 10.20 20.91 49.30
CA LYS C 916 10.56 22.29 49.00
C LYS C 916 10.02 22.70 47.65
N ALA C 917 9.68 24.00 47.53
CA ALA C 917 9.14 24.56 46.30
C ALA C 917 10.28 24.74 45.31
N SER C 918 10.47 23.77 44.42
CA SER C 918 11.51 23.85 43.40
C SER C 918 11.00 24.65 42.22
N ASP C 919 11.67 25.76 41.92
CA ASP C 919 11.28 26.64 40.82
C ASP C 919 11.88 26.23 39.48
N VAL C 920 12.53 25.07 39.42
CA VAL C 920 13.14 24.56 38.20
C VAL C 920 12.42 23.29 37.81
N LYS C 921 11.85 23.28 36.60
CA LYS C 921 11.12 22.11 36.12
C LYS C 921 12.09 21.01 35.72
N ASP C 922 11.68 19.76 35.96
CA ASP C 922 12.49 18.60 35.64
C ASP C 922 12.13 18.09 34.25
N THR C 923 13.06 18.22 33.31
CA THR C 923 12.87 17.78 31.94
C THR C 923 14.02 16.87 31.51
N SER C 924 14.35 15.92 32.38
CA SER C 924 15.44 15.00 32.10
C SER C 924 15.03 13.98 31.04
N LEU C 925 16.03 13.31 30.47
CA LEU C 925 15.78 12.30 29.46
C LEU C 925 15.44 10.97 30.12
N ARG C 926 14.41 10.30 29.59
CA ARG C 926 13.98 9.01 30.09
C ARG C 926 13.72 8.08 28.92
N VAL C 927 13.93 6.79 29.15
CA VAL C 927 13.73 5.77 28.11
C VAL C 927 12.24 5.53 27.93
N PRO C 928 11.79 5.22 26.71
CA PRO C 928 10.36 4.97 26.50
C PRO C 928 9.94 3.66 27.13
N THR C 929 8.63 3.43 27.13
CA THR C 929 8.06 2.22 27.70
C THR C 929 8.31 1.04 26.78
N GLY C 930 8.78 -0.07 27.34
CA GLY C 930 9.04 -1.28 26.58
C GLY C 930 10.44 -1.39 26.02
N THR C 931 11.33 -0.45 26.33
CA THR C 931 12.70 -0.46 25.83
C THR C 931 13.64 -0.56 27.03
N LYS C 932 14.22 -1.74 27.24
CA LYS C 932 15.14 -1.97 28.34
C LYS C 932 16.40 -2.65 27.81
N GLY C 933 17.55 -2.28 28.37
CA GLY C 933 18.81 -2.85 27.94
C GLY C 933 19.97 -2.47 28.84
N THR C 934 21.17 -2.44 28.26
CA THR C 934 22.38 -2.11 29.00
C THR C 934 23.17 -1.07 28.22
N VAL C 935 23.55 0.02 28.89
CA VAL C 935 24.32 1.07 28.24
C VAL C 935 25.73 0.58 27.98
N ILE C 936 26.17 0.65 26.73
CA ILE C 936 27.50 0.18 26.36
C ILE C 936 28.54 1.28 26.46
N ASP C 937 28.16 2.52 26.13
CA ASP C 937 29.07 3.65 26.20
C ASP C 937 28.27 4.95 26.17
N VAL C 938 28.91 6.01 26.64
CA VAL C 938 28.32 7.35 26.69
C VAL C 938 29.30 8.32 26.05
N GLN C 939 28.84 9.03 25.02
CA GLN C 939 29.65 10.02 24.32
C GLN C 939 29.09 11.41 24.60
N VAL C 940 29.97 12.31 25.06
CA VAL C 940 29.58 13.68 25.38
C VAL C 940 30.20 14.62 24.37
N PHE C 941 29.61 15.80 24.25
CA PHE C 941 30.09 16.84 23.34
C PHE C 941 29.99 18.19 24.03
N THR C 942 31.07 18.95 24.00
CA THR C 942 31.14 20.26 24.61
C THR C 942 31.48 21.31 23.56
N ARG C 943 31.14 22.56 23.88
CA ARG C 943 31.38 23.69 23.01
C ARG C 943 32.55 24.52 23.54
N ASP C 944 33.02 25.44 22.70
CA ASP C 944 34.13 26.31 23.09
C ASP C 944 33.65 27.35 24.10
N GLY C 945 34.38 27.46 25.21
CA GLY C 945 34.02 28.40 26.24
C GLY C 945 33.00 27.91 27.25
N VAL C 946 32.71 26.62 27.27
CA VAL C 946 31.74 26.03 28.19
C VAL C 946 32.48 25.13 29.16
N GLU C 947 32.01 25.09 30.41
CA GLU C 947 32.62 24.27 31.43
C GLU C 947 32.18 22.82 31.28
N ARG C 948 33.07 21.90 31.68
CA ARG C 948 32.82 20.48 31.62
C ARG C 948 32.68 19.91 33.02
N ASP C 949 32.08 18.72 33.10
CA ASP C 949 31.87 18.03 34.36
C ASP C 949 32.94 16.97 34.59
N SER C 950 32.83 16.26 35.70
CA SER C 950 33.78 15.19 36.00
C SER C 950 33.55 13.95 35.15
N ARG C 951 32.38 13.82 34.53
CA ARG C 951 32.12 12.67 33.67
C ARG C 951 32.90 12.78 32.36
N ALA C 952 33.04 14.00 31.83
CA ALA C 952 33.79 14.19 30.60
C ALA C 952 35.29 14.02 30.80
N LEU C 953 35.78 14.20 32.04
CA LEU C 953 37.20 14.00 32.30
C LEU C 953 37.58 12.53 32.22
N SER C 954 36.67 11.62 32.58
CA SER C 954 36.95 10.19 32.49
C SER C 954 36.87 9.67 31.06
N ILE C 955 36.17 10.38 30.17
CA ILE C 955 36.10 9.95 28.78
C ILE C 955 37.38 10.34 28.04
N GLU C 956 37.86 11.57 28.24
CA GLU C 956 39.09 12.00 27.59
C GLU C 956 40.30 11.29 28.17
N LYS C 957 40.22 10.83 29.42
CA LYS C 957 41.34 10.11 30.02
C LYS C 957 41.43 8.70 29.46
N MET C 958 40.29 8.03 29.25
CA MET C 958 40.31 6.71 28.67
C MET C 958 40.70 6.76 27.19
N GLN C 959 40.36 7.84 26.50
CA GLN C 959 40.77 7.98 25.10
C GLN C 959 42.26 8.32 25.00
N LEU C 960 42.79 9.07 25.96
CA LEU C 960 44.22 9.40 25.95
C LEU C 960 45.07 8.22 26.40
N ASP C 961 44.57 7.40 27.32
CA ASP C 961 45.32 6.22 27.75
C ASP C 961 45.33 5.16 26.66
N GLN C 962 44.22 5.02 25.93
CA GLN C 962 44.16 4.03 24.86
C GLN C 962 45.05 4.42 23.69
N ILE C 963 45.07 5.72 23.35
CA ILE C 963 45.90 6.18 22.24
C ILE C 963 47.37 6.23 22.60
N ARG C 964 47.71 6.07 23.89
CA ARG C 964 49.10 6.05 24.34
C ARG C 964 49.60 4.64 24.62
N LYS C 965 48.74 3.76 25.14
CA LYS C 965 49.16 2.39 25.42
C LYS C 965 49.31 1.60 24.12
N ASP C 966 48.45 1.87 23.13
CA ASP C 966 48.53 1.13 21.88
C ASP C 966 49.68 1.60 21.01
N LEU C 967 49.96 2.91 21.00
CA LEU C 967 51.09 3.42 20.21
C LEU C 967 52.43 3.02 20.83
N ASN C 968 52.48 2.83 22.14
CA ASN C 968 53.69 2.34 22.78
C ASN C 968 53.87 0.83 22.61
N GLU C 969 52.78 0.10 22.36
CA GLU C 969 52.90 -1.34 22.14
C GLU C 969 53.23 -1.67 20.68
N GLU C 970 52.69 -0.89 19.74
CA GLU C 970 53.00 -1.11 18.33
C GLU C 970 54.43 -0.67 17.99
N PHE C 971 55.01 0.22 18.79
CA PHE C 971 56.40 0.62 18.57
C PHE C 971 57.36 -0.48 19.00
N ARG C 972 56.97 -1.31 19.96
CA ARG C 972 57.82 -2.41 20.39
C ARG C 972 57.87 -3.51 19.33
N ILE C 973 56.80 -3.67 18.55
CA ILE C 973 56.80 -4.68 17.50
C ILE C 973 57.78 -4.32 16.40
N VAL C 974 57.75 -3.06 15.96
CA VAL C 974 58.68 -2.60 14.94
C VAL C 974 60.10 -2.52 15.47
N GLU C 975 60.27 -2.31 16.77
CA GLU C 975 61.61 -2.30 17.35
C GLU C 975 62.24 -3.68 17.32
N GLY C 976 61.46 -4.72 17.64
CA GLY C 976 61.97 -6.07 17.56
C GLY C 976 62.16 -6.56 16.15
N ALA C 977 61.39 -6.01 15.20
CA ALA C 977 61.54 -6.39 13.80
C ALA C 977 62.78 -5.81 13.16
N THR C 978 63.35 -4.75 13.76
CA THR C 978 64.57 -4.15 13.23
C THR C 978 65.82 -4.77 13.82
N PHE C 979 65.76 -5.24 15.08
CA PHE C 979 66.92 -5.87 15.69
C PHE C 979 67.15 -7.29 15.20
N GLU C 980 66.08 -7.98 14.77
CA GLU C 980 66.24 -9.33 14.26
C GLU C 980 66.94 -9.35 12.91
N ARG C 981 66.79 -8.29 12.12
CA ARG C 981 67.50 -8.20 10.85
C ARG C 981 68.95 -7.77 11.04
N LEU C 982 69.21 -6.92 12.03
CA LEU C 982 70.59 -6.51 12.30
C LEU C 982 71.39 -7.63 12.95
N ARG C 983 70.72 -8.52 13.69
CA ARG C 983 71.40 -9.65 14.32
C ARG C 983 71.78 -10.74 13.34
N ALA C 984 71.37 -10.61 12.07
CA ALA C 984 71.71 -11.59 11.04
C ALA C 984 73.06 -11.32 10.41
N ALA C 985 73.89 -10.49 11.02
CA ALA C 985 75.23 -10.17 10.52
C ALA C 985 76.31 -10.94 11.28
N LEU C 986 76.01 -12.18 11.68
CA LEU C 986 76.96 -13.00 12.43
C LEU C 986 77.80 -13.89 11.53
N VAL C 987 78.06 -13.47 10.28
CA VAL C 987 78.88 -14.26 9.38
C VAL C 987 80.32 -14.29 9.85
N GLY C 988 80.79 -13.21 10.49
CA GLY C 988 82.16 -13.19 10.98
C GLY C 988 82.38 -14.07 12.20
N ALA C 989 81.37 -14.17 13.07
CA ALA C 989 81.42 -15.00 14.28
C ALA C 989 82.61 -14.59 15.16
N LYS C 990 82.56 -13.34 15.62
CA LYS C 990 83.62 -12.82 16.48
C LYS C 990 83.58 -13.41 17.88
N ALA C 991 82.43 -13.91 18.33
CA ALA C 991 82.31 -14.49 19.66
C ALA C 991 83.00 -15.86 19.72
N ALA C 1022 83.09 -4.73 5.33
CA ALA C 1022 83.22 -5.70 6.40
C ALA C 1022 82.91 -5.06 7.75
N ASP C 1023 83.96 -4.60 8.44
CA ASP C 1023 83.77 -3.96 9.73
C ASP C 1023 83.19 -2.56 9.59
N ASP C 1024 83.41 -1.91 8.45
CA ASP C 1024 82.86 -0.58 8.23
C ASP C 1024 81.40 -0.62 7.80
N ALA C 1025 80.97 -1.73 7.17
CA ALA C 1025 79.59 -1.83 6.74
C ALA C 1025 78.64 -2.03 7.91
N LEU C 1026 79.08 -2.75 8.95
CA LEU C 1026 78.23 -2.98 10.11
C LEU C 1026 78.13 -1.75 11.00
N ASN C 1027 79.09 -0.81 10.91
CA ASN C 1027 78.99 0.42 11.67
C ASN C 1027 77.93 1.36 11.08
N GLU C 1028 77.80 1.37 9.76
CA GLU C 1028 76.78 2.22 9.13
C GLU C 1028 75.39 1.65 9.34
N GLN C 1029 75.25 0.31 9.31
CA GLN C 1029 73.95 -0.30 9.52
C GLN C 1029 73.47 -0.16 10.96
N LEU C 1030 74.40 -0.14 11.92
CA LEU C 1030 74.02 0.06 13.31
C LEU C 1030 73.52 1.48 13.54
N GLU C 1031 74.18 2.47 12.94
CA GLU C 1031 73.72 3.85 13.06
C GLU C 1031 72.45 4.09 12.26
N LYS C 1032 72.26 3.34 11.17
CA LYS C 1032 71.04 3.47 10.39
C LYS C 1032 69.85 2.83 11.09
N ALA C 1033 70.08 1.70 11.76
CA ALA C 1033 69.02 1.05 12.52
C ALA C 1033 68.66 1.86 13.77
N GLN C 1034 69.65 2.52 14.38
CA GLN C 1034 69.36 3.39 15.52
C GLN C 1034 68.66 4.67 15.10
N ALA C 1035 68.96 5.16 13.88
CA ALA C 1035 68.29 6.34 13.38
C ALA C 1035 66.87 6.05 12.94
N TYR C 1036 66.61 4.83 12.45
CA TYR C 1036 65.25 4.45 12.07
C TYR C 1036 64.35 4.37 13.29
N ILE C 1037 64.89 3.92 14.43
CA ILE C 1037 64.10 3.90 15.66
C ILE C 1037 63.87 5.33 16.16
N SER C 1038 64.88 6.18 16.04
CA SER C 1038 64.73 7.58 16.46
C SER C 1038 63.81 8.34 15.49
N ASP C 1039 63.80 7.95 14.22
CA ASP C 1039 62.91 8.60 13.26
C ASP C 1039 61.47 8.14 13.42
N ARG C 1040 61.27 6.85 13.76
CA ARG C 1040 59.93 6.35 13.99
C ARG C 1040 59.29 6.97 15.22
N ARG C 1041 60.10 7.32 16.23
CA ARG C 1041 59.56 7.99 17.41
C ARG C 1041 59.07 9.39 17.09
N GLN C 1042 59.71 10.07 16.13
CA GLN C 1042 59.26 11.42 15.76
C GLN C 1042 57.92 11.38 15.03
N LEU C 1043 57.63 10.29 14.32
CA LEU C 1043 56.34 10.18 13.65
C LEU C 1043 55.22 9.93 14.64
N LEU C 1044 55.53 9.33 15.79
CA LEU C 1044 54.52 9.08 16.81
C LEU C 1044 54.36 10.26 17.76
N ASP C 1045 55.43 10.98 18.04
CA ASP C 1045 55.34 12.14 18.93
C ASP C 1045 54.53 13.26 18.28
N ASP C 1046 54.72 13.47 16.97
CA ASP C 1046 53.94 14.49 16.27
C ASP C 1046 52.50 14.06 16.10
N LYS C 1047 52.25 12.75 16.03
CA LYS C 1047 50.88 12.25 15.92
C LYS C 1047 50.18 12.20 17.28
N PHE C 1048 50.93 11.91 18.35
CA PHE C 1048 50.34 11.90 19.69
C PHE C 1048 49.95 13.31 20.12
N GLU C 1049 50.77 14.30 19.79
CA GLU C 1049 50.40 15.68 20.10
C GLU C 1049 49.28 16.18 19.20
N ASP C 1050 49.16 15.63 17.99
CA ASP C 1050 48.04 15.98 17.12
C ASP C 1050 46.75 15.33 17.60
N LYS C 1051 46.84 14.09 18.09
CA LYS C 1051 45.66 13.43 18.64
C LYS C 1051 45.23 14.05 19.96
N LYS C 1052 46.18 14.57 20.75
CA LYS C 1052 45.83 15.24 21.99
C LYS C 1052 45.07 16.53 21.72
N ARG C 1053 45.39 17.23 20.63
CA ARG C 1053 44.66 18.45 20.28
C ARG C 1053 43.22 18.14 19.88
N LYS C 1054 42.97 16.95 19.31
CA LYS C 1054 41.62 16.60 18.91
C LYS C 1054 40.71 16.35 20.10
N LEU C 1055 41.27 15.97 21.24
CA LEU C 1055 40.49 15.72 22.44
C LEU C 1055 40.26 16.98 23.27
N GLN C 1056 41.12 17.99 23.14
CA GLN C 1056 40.98 19.22 23.90
C GLN C 1056 40.12 20.26 23.18
N GLN C 1057 39.72 20.01 21.94
CA GLN C 1057 38.92 20.93 21.18
C GLN C 1057 37.44 20.52 21.21
N GLY C 1058 36.57 21.49 21.01
CA GLY C 1058 35.14 21.27 21.00
C GLY C 1058 34.60 21.18 19.59
N ASP C 1059 33.72 20.21 19.36
CA ASP C 1059 33.13 20.02 18.05
C ASP C 1059 32.10 21.09 17.74
N ASP C 1060 32.01 21.47 16.47
CA ASP C 1060 31.07 22.49 16.05
C ASP C 1060 29.66 21.91 16.02
N LEU C 1061 28.73 22.59 16.70
CA LEU C 1061 27.35 22.16 16.79
C LEU C 1061 26.43 23.30 16.35
N ALA C 1062 25.13 23.03 16.35
CA ALA C 1062 24.15 24.03 15.95
C ALA C 1062 24.04 25.11 17.03
N PRO C 1063 23.73 26.35 16.63
CA PRO C 1063 23.58 27.42 17.62
C PRO C 1063 22.36 27.18 18.50
N GLY C 1064 22.56 27.29 19.82
CA GLY C 1064 21.51 27.05 20.78
C GLY C 1064 21.67 25.79 21.60
N VAL C 1065 22.73 25.02 21.38
CA VAL C 1065 22.98 23.79 22.12
C VAL C 1065 24.29 23.97 22.90
N LEU C 1066 24.20 23.92 24.23
CA LEU C 1066 25.38 24.07 25.05
C LEU C 1066 26.22 22.80 25.08
N LYS C 1067 25.58 21.67 25.34
CA LYS C 1067 26.28 20.38 25.39
C LYS C 1067 25.31 19.28 24.98
N ILE C 1068 25.82 18.32 24.21
CA ILE C 1068 25.03 17.19 23.72
C ILE C 1068 25.63 15.92 24.31
N VAL C 1069 24.83 15.19 25.09
CA VAL C 1069 25.25 13.95 25.71
C VAL C 1069 24.35 12.85 25.16
N LYS C 1070 24.93 11.92 24.41
CA LYS C 1070 24.19 10.80 23.82
C LYS C 1070 24.64 9.48 24.43
N VAL C 1071 23.69 8.56 24.56
CA VAL C 1071 23.94 7.25 25.13
C VAL C 1071 23.59 6.19 24.09
N TYR C 1072 24.02 4.96 24.35
CA TYR C 1072 23.78 3.83 23.45
C TYR C 1072 23.33 2.64 24.27
N LEU C 1073 22.12 2.15 24.00
CA LEU C 1073 21.56 1.02 24.70
C LEU C 1073 21.74 -0.25 23.86
N ALA C 1074 21.80 -1.40 24.55
CA ALA C 1074 21.96 -2.70 23.91
C ALA C 1074 20.81 -3.58 24.34
N ILE C 1075 19.89 -3.86 23.41
CA ILE C 1075 18.70 -4.67 23.67
C ILE C 1075 18.81 -5.97 22.89
N LYS C 1076 18.66 -7.09 23.58
CA LYS C 1076 18.66 -8.41 22.96
C LYS C 1076 17.21 -8.85 22.80
N ARG C 1077 16.69 -8.74 21.58
CA ARG C 1077 15.31 -9.08 21.28
C ARG C 1077 15.25 -10.54 20.82
N ARG C 1078 14.93 -11.44 21.75
CA ARG C 1078 14.79 -12.84 21.41
C ARG C 1078 13.51 -13.06 20.61
N ILE C 1079 13.42 -14.24 19.98
CA ILE C 1079 12.28 -14.56 19.14
C ILE C 1079 11.07 -14.85 20.02
N GLN C 1080 9.90 -14.41 19.57
CA GLN C 1080 8.66 -14.56 20.32
C GLN C 1080 7.53 -14.77 19.33
N PRO C 1081 6.42 -15.37 19.75
CA PRO C 1081 5.28 -15.55 18.84
C PRO C 1081 4.77 -14.22 18.32
N GLY C 1082 4.88 -14.04 17.00
CA GLY C 1082 4.44 -12.81 16.37
C GLY C 1082 5.44 -12.29 15.34
N ASP C 1083 6.68 -12.76 15.43
CA ASP C 1083 7.71 -12.33 14.50
C ASP C 1083 7.48 -12.93 13.12
N LYS C 1084 8.15 -12.36 12.13
CA LYS C 1084 8.04 -12.81 10.74
C LYS C 1084 9.27 -13.61 10.36
N MET C 1085 9.06 -14.85 9.92
CA MET C 1085 10.12 -15.71 9.44
C MET C 1085 9.82 -16.16 8.02
N ALA C 1086 10.87 -16.22 7.19
CA ALA C 1086 10.72 -16.61 5.80
C ALA C 1086 12.02 -17.25 5.33
N GLY C 1087 11.94 -17.89 4.17
CA GLY C 1087 13.08 -18.53 3.55
C GLY C 1087 13.62 -17.74 2.38
N ARG C 1088 14.35 -18.44 1.51
CA ARG C 1088 14.94 -17.83 0.32
C ARG C 1088 14.08 -18.02 -0.92
N HIS C 1089 12.97 -18.74 -0.83
CA HIS C 1089 12.09 -18.98 -1.96
C HIS C 1089 10.84 -18.13 -1.93
N GLY C 1090 10.69 -17.24 -0.94
CA GLY C 1090 9.54 -16.37 -0.88
C GLY C 1090 8.33 -16.99 -0.20
N ASN C 1091 8.52 -17.42 1.05
CA ASN C 1091 7.43 -18.01 1.85
C ASN C 1091 7.41 -17.30 3.21
N LYS C 1092 6.70 -16.19 3.28
CA LYS C 1092 6.57 -15.47 4.53
C LYS C 1092 5.77 -16.27 5.54
N GLY C 1093 5.98 -15.96 6.82
CA GLY C 1093 5.29 -16.66 7.88
C GLY C 1093 5.40 -16.02 9.25
N VAL C 1094 4.29 -15.95 9.97
CA VAL C 1094 4.25 -15.43 11.33
C VAL C 1094 4.15 -16.60 12.28
N VAL C 1095 5.10 -16.70 13.21
CA VAL C 1095 5.12 -17.81 14.16
C VAL C 1095 3.92 -17.72 15.08
N SER C 1096 3.30 -18.86 15.36
CA SER C 1096 2.07 -18.90 16.14
C SER C 1096 2.36 -19.14 17.62
N VAL C 1097 2.95 -20.29 17.95
CA VAL C 1097 3.24 -20.66 19.33
C VAL C 1097 4.61 -21.34 19.37
N ILE C 1098 5.09 -21.58 20.60
CA ILE C 1098 6.34 -22.30 20.82
C ILE C 1098 6.02 -23.62 21.50
N MET C 1099 5.87 -24.68 20.71
CA MET C 1099 5.50 -25.97 21.26
C MET C 1099 6.70 -26.64 21.94
N PRO C 1100 6.46 -27.41 23.00
CA PRO C 1100 7.57 -28.09 23.69
C PRO C 1100 8.22 -29.17 22.84
N VAL C 1101 9.26 -29.79 23.36
CA VAL C 1101 9.98 -30.82 22.61
C VAL C 1101 9.16 -32.10 22.53
N GLU C 1102 8.36 -32.39 23.55
CA GLU C 1102 7.60 -33.64 23.58
C GLU C 1102 6.48 -33.67 22.55
N ASP C 1103 6.03 -32.51 22.07
CA ASP C 1103 4.92 -32.44 21.12
C ASP C 1103 5.39 -32.44 19.67
N MET C 1104 6.67 -32.22 19.41
CA MET C 1104 7.16 -32.18 18.04
C MET C 1104 7.23 -33.59 17.47
N PRO C 1105 6.89 -33.78 16.19
CA PRO C 1105 6.95 -35.12 15.60
C PRO C 1105 8.40 -35.60 15.49
N HIS C 1106 8.63 -36.84 15.92
CA HIS C 1106 9.95 -37.43 15.88
C HIS C 1106 9.93 -38.71 15.05
N ASP C 1107 11.06 -39.02 14.44
CA ASP C 1107 11.20 -40.22 13.62
C ASP C 1107 11.52 -41.42 14.52
N ALA C 1108 11.88 -42.55 13.89
CA ALA C 1108 12.22 -43.74 14.65
C ALA C 1108 13.51 -43.59 15.44
N ASN C 1109 14.38 -42.66 15.05
CA ASN C 1109 15.63 -42.45 15.77
C ASN C 1109 15.42 -41.60 17.02
N GLY C 1110 14.57 -40.58 16.93
CA GLY C 1110 14.28 -39.74 18.08
C GLY C 1110 14.74 -38.31 17.91
N THR C 1111 14.73 -37.81 16.68
CA THR C 1111 15.13 -36.44 16.39
C THR C 1111 13.89 -35.59 16.16
N PRO C 1112 13.46 -34.78 17.12
CA PRO C 1112 12.27 -33.96 16.90
C PRO C 1112 12.55 -32.80 15.96
N VAL C 1113 11.59 -32.55 15.06
CA VAL C 1113 11.74 -31.44 14.13
C VAL C 1113 11.51 -30.11 14.84
N ASP C 1114 11.99 -29.04 14.21
CA ASP C 1114 11.88 -27.70 14.77
C ASP C 1114 10.80 -26.87 14.09
N ILE C 1115 10.83 -26.76 12.76
CA ILE C 1115 9.87 -25.97 12.00
C ILE C 1115 8.93 -26.93 11.27
N VAL C 1116 7.64 -26.66 11.38
CA VAL C 1116 6.60 -27.47 10.72
C VAL C 1116 5.89 -26.55 9.75
N LEU C 1117 6.21 -26.67 8.46
CA LEU C 1117 5.63 -25.81 7.44
C LEU C 1117 4.27 -26.36 7.01
N ASN C 1118 3.71 -25.78 5.94
CA ASN C 1118 2.41 -26.18 5.41
C ASN C 1118 2.58 -26.66 3.98
N PRO C 1119 2.25 -27.93 3.67
CA PRO C 1119 2.45 -28.42 2.30
C PRO C 1119 1.46 -27.87 1.29
N LEU C 1120 0.49 -27.06 1.71
CA LEU C 1120 -0.51 -26.52 0.79
C LEU C 1120 0.01 -25.39 -0.07
N GLY C 1121 1.21 -24.88 0.21
CA GLY C 1121 1.77 -23.80 -0.58
C GLY C 1121 2.47 -24.23 -1.86
N VAL C 1122 2.71 -25.53 -2.03
CA VAL C 1122 3.40 -26.05 -3.21
C VAL C 1122 2.45 -26.11 -4.41
N PRO C 1123 1.24 -26.67 -4.30
CA PRO C 1123 0.37 -26.69 -5.48
C PRO C 1123 -0.19 -25.34 -5.85
N SER C 1124 -0.31 -24.41 -4.89
CA SER C 1124 -0.84 -23.09 -5.19
C SER C 1124 0.25 -22.18 -5.75
N ARG C 1125 1.32 -21.99 -4.99
CA ARG C 1125 2.45 -21.19 -5.43
C ARG C 1125 3.49 -22.08 -6.11
N MET C 1126 3.89 -21.70 -7.32
CA MET C 1126 4.84 -22.50 -8.09
C MET C 1126 6.26 -22.21 -7.64
N ASN C 1127 6.60 -22.73 -6.46
CA ASN C 1127 7.95 -22.64 -5.90
C ASN C 1127 8.37 -24.04 -5.48
N VAL C 1128 8.92 -24.80 -6.43
CA VAL C 1128 9.33 -26.17 -6.15
C VAL C 1128 10.69 -26.22 -5.47
N GLY C 1129 11.45 -25.11 -5.48
CA GLY C 1129 12.76 -25.10 -4.84
C GLY C 1129 12.72 -25.35 -3.35
N GLN C 1130 11.57 -25.18 -2.71
CA GLN C 1130 11.48 -25.46 -1.28
C GLN C 1130 11.64 -26.95 -1.00
N ILE C 1131 11.11 -27.80 -1.88
CA ILE C 1131 11.22 -29.24 -1.67
C ILE C 1131 12.58 -29.76 -2.12
N LEU C 1132 13.15 -29.19 -3.19
CA LEU C 1132 14.47 -29.61 -3.64
C LEU C 1132 15.55 -29.21 -2.64
N GLU C 1133 15.42 -28.04 -2.02
CA GLU C 1133 16.37 -27.64 -0.99
C GLU C 1133 16.19 -28.46 0.28
N THR C 1134 14.95 -28.86 0.59
CA THR C 1134 14.71 -29.69 1.77
C THR C 1134 15.29 -31.08 1.59
N HIS C 1135 15.27 -31.62 0.36
CA HIS C 1135 15.85 -32.94 0.13
C HIS C 1135 17.37 -32.87 0.16
N LEU C 1136 17.97 -31.81 -0.39
CA LEU C 1136 19.42 -31.66 -0.32
C LEU C 1136 19.87 -31.32 1.09
N GLY C 1137 19.02 -30.63 1.86
CA GLY C 1137 19.37 -30.34 3.24
C GLY C 1137 19.41 -31.58 4.12
N LEU C 1138 18.60 -32.59 3.78
CA LEU C 1138 18.64 -33.85 4.54
C LEU C 1138 19.88 -34.65 4.18
N ALA C 1139 20.29 -34.62 2.91
CA ALA C 1139 21.49 -35.34 2.51
C ALA C 1139 22.77 -34.62 2.93
N ALA C 1140 22.71 -33.29 3.05
CA ALA C 1140 23.89 -32.55 3.50
C ALA C 1140 24.18 -32.82 4.97
N LYS C 1141 23.13 -32.91 5.80
CA LYS C 1141 23.34 -33.24 7.21
C LYS C 1141 23.62 -34.72 7.42
N GLY C 1142 23.11 -35.57 6.53
CA GLY C 1142 23.39 -36.99 6.65
C GLY C 1142 24.85 -37.33 6.39
N LEU C 1143 25.48 -36.60 5.46
CA LEU C 1143 26.90 -36.81 5.20
C LEU C 1143 27.75 -36.22 6.32
N GLY C 1144 27.34 -35.07 6.87
CA GLY C 1144 28.07 -34.48 7.97
C GLY C 1144 27.98 -35.28 9.25
N GLU C 1145 26.85 -35.97 9.47
CA GLU C 1145 26.73 -36.84 10.63
C GLU C 1145 27.53 -38.12 10.46
N LYS C 1146 27.71 -38.57 9.22
CA LYS C 1146 28.51 -39.77 8.98
C LYS C 1146 29.98 -39.51 9.26
N ILE C 1147 30.47 -38.31 8.91
CA ILE C 1147 31.86 -37.97 9.19
C ILE C 1147 32.07 -37.77 10.68
N ASN C 1148 31.07 -37.23 11.38
CA ASN C 1148 31.19 -37.04 12.83
C ASN C 1148 31.26 -38.38 13.54
N ARG C 1149 30.51 -39.37 13.06
CA ARG C 1149 30.59 -40.70 13.65
C ARG C 1149 31.89 -41.40 13.29
N MET C 1150 32.41 -41.15 12.10
CA MET C 1150 33.68 -41.74 11.68
C MET C 1150 34.87 -41.08 12.36
N LEU C 1151 34.78 -39.79 12.66
CA LEU C 1151 35.89 -39.09 13.30
C LEU C 1151 36.02 -39.49 14.76
N GLU C 1152 34.89 -39.70 15.45
CA GLU C 1152 34.92 -40.10 16.84
C GLU C 1152 35.17 -41.59 17.04
N GLU C 1153 35.24 -42.37 15.95
CA GLU C 1153 35.51 -43.79 16.03
C GLU C 1153 37.00 -44.09 15.98
N GLN C 1154 37.86 -43.07 16.03
CA GLN C 1154 39.32 -43.23 16.01
C GLN C 1154 39.76 -43.97 14.75
N ARG C 1155 39.30 -43.50 13.61
CA ARG C 1155 39.67 -44.09 12.33
C ARG C 1155 41.01 -43.55 11.86
N LYS C 1156 41.62 -44.27 10.92
CA LYS C 1156 42.91 -43.87 10.37
C LYS C 1156 42.73 -42.78 9.32
N VAL C 1157 43.85 -42.34 8.74
CA VAL C 1157 43.80 -41.30 7.72
C VAL C 1157 43.28 -41.86 6.40
N ALA C 1158 43.60 -43.11 6.09
CA ALA C 1158 43.14 -43.72 4.84
C ALA C 1158 41.64 -43.98 4.83
N GLU C 1159 41.01 -44.00 6.01
CA GLU C 1159 39.57 -44.22 6.09
C GLU C 1159 38.77 -42.94 5.93
N LEU C 1160 39.39 -41.78 6.11
CA LEU C 1160 38.70 -40.50 5.98
C LEU C 1160 38.84 -39.92 4.58
N ARG C 1161 40.04 -39.93 4.02
CA ARG C 1161 40.24 -39.40 2.68
C ARG C 1161 39.59 -40.26 1.60
N LYS C 1162 39.37 -41.55 1.89
CA LYS C 1162 38.69 -42.41 0.92
C LYS C 1162 37.19 -42.13 0.90
N PHE C 1163 36.60 -41.82 2.06
CA PHE C 1163 35.18 -41.49 2.10
C PHE C 1163 34.92 -40.08 1.57
N LEU C 1164 35.85 -39.15 1.77
CA LEU C 1164 35.68 -37.80 1.24
C LEU C 1164 35.82 -37.78 -0.28
N HIS C 1165 36.65 -38.67 -0.84
CA HIS C 1165 36.78 -38.73 -2.29
C HIS C 1165 35.51 -39.27 -2.95
N GLU C 1166 34.73 -40.05 -2.22
CA GLU C 1166 33.48 -40.60 -2.74
C GLU C 1166 32.33 -39.59 -2.65
N ILE C 1167 32.59 -38.37 -2.23
CA ILE C 1167 31.57 -37.34 -2.11
C ILE C 1167 31.77 -36.23 -3.14
N TYR C 1168 33.00 -35.72 -3.25
CA TYR C 1168 33.27 -34.62 -4.16
C TYR C 1168 33.38 -35.07 -5.61
N ASN C 1169 33.69 -36.34 -5.86
CA ASN C 1169 33.89 -36.85 -7.22
C ASN C 1169 33.07 -38.11 -7.44
N GLU C 1170 31.79 -38.05 -7.08
CA GLU C 1170 30.90 -39.20 -7.22
C GLU C 1170 29.96 -39.08 -8.42
N ILE C 1171 29.46 -37.87 -8.73
CA ILE C 1171 28.58 -37.68 -9.87
C ILE C 1171 29.01 -36.54 -10.77
N GLY C 1172 29.84 -35.61 -10.32
CA GLY C 1172 30.24 -34.50 -11.14
C GLY C 1172 30.73 -33.35 -10.29
N GLY C 1173 31.20 -32.32 -10.99
CA GLY C 1173 31.71 -31.14 -10.33
C GLY C 1173 33.22 -31.05 -10.43
N ARG C 1174 33.73 -29.83 -10.39
CA ARG C 1174 35.15 -29.55 -10.48
C ARG C 1174 35.74 -29.50 -9.08
N GLU C 1175 36.49 -30.54 -8.71
CA GLU C 1175 37.13 -30.62 -7.40
C GLU C 1175 38.53 -31.19 -7.55
N GLU C 1176 39.46 -30.70 -6.73
CA GLU C 1176 40.85 -31.11 -6.77
C GLU C 1176 41.23 -31.68 -5.40
N ASN C 1177 41.90 -32.83 -5.41
CA ASN C 1177 42.31 -33.48 -4.18
C ASN C 1177 43.81 -33.80 -4.21
N LEU C 1178 44.28 -34.57 -3.23
CA LEU C 1178 45.68 -34.96 -3.11
C LEU C 1178 46.59 -33.74 -2.97
N ASP C 1179 46.09 -32.70 -2.31
CA ASP C 1179 46.88 -31.49 -2.06
C ASP C 1179 46.96 -31.10 -0.59
N GLU C 1180 46.07 -31.59 0.26
CA GLU C 1180 46.10 -31.26 1.67
C GLU C 1180 47.21 -32.06 2.38
N LEU C 1181 47.40 -31.76 3.67
CA LEU C 1181 48.40 -32.44 4.46
C LEU C 1181 47.92 -33.84 4.84
N GLY C 1182 48.84 -34.64 5.37
CA GLY C 1182 48.53 -36.00 5.77
C GLY C 1182 47.59 -36.08 6.95
N ASP C 1183 48.03 -35.57 8.10
CA ASP C 1183 47.23 -35.62 9.31
C ASP C 1183 46.78 -34.24 9.80
N ASN C 1184 47.39 -33.16 9.31
CA ASN C 1184 47.02 -31.83 9.78
C ASN C 1184 45.77 -31.30 9.08
N GLU C 1185 45.82 -31.20 7.75
CA GLU C 1185 44.71 -30.60 7.01
C GLU C 1185 43.54 -31.55 6.82
N ILE C 1186 43.75 -32.86 6.99
CA ILE C 1186 42.64 -33.81 6.85
C ILE C 1186 41.70 -33.70 8.05
N LEU C 1187 42.26 -33.71 9.26
CA LEU C 1187 41.43 -33.56 10.46
C LEU C 1187 40.91 -32.14 10.61
N ALA C 1188 41.62 -31.16 10.05
CA ALA C 1188 41.14 -29.78 10.11
C ALA C 1188 39.93 -29.58 9.20
N LEU C 1189 39.79 -30.40 8.16
CA LEU C 1189 38.63 -30.33 7.28
C LEU C 1189 37.50 -31.23 7.76
N ALA C 1190 37.81 -32.33 8.44
CA ALA C 1190 36.76 -33.20 8.96
C ALA C 1190 36.07 -32.59 10.17
N LYS C 1191 36.80 -31.79 10.96
CA LYS C 1191 36.19 -31.14 12.12
C LYS C 1191 35.29 -29.97 11.71
N ASN C 1192 35.43 -29.47 10.48
CA ASN C 1192 34.57 -28.40 10.00
C ASN C 1192 33.33 -28.91 9.29
N LEU C 1193 33.37 -30.14 8.78
CA LEU C 1193 32.22 -30.74 8.10
C LEU C 1193 31.50 -31.76 8.97
N ARG C 1194 31.75 -31.76 10.28
CA ARG C 1194 31.08 -32.67 11.19
C ARG C 1194 29.64 -32.27 11.48
N GLY C 1195 29.23 -31.07 11.08
CA GLY C 1195 27.86 -30.63 11.29
C GLY C 1195 27.10 -30.44 10.00
N GLY C 1196 27.59 -31.04 8.91
CA GLY C 1196 26.94 -30.93 7.63
C GLY C 1196 27.89 -30.50 6.52
N VAL C 1197 27.86 -31.22 5.40
CA VAL C 1197 28.69 -30.93 4.25
C VAL C 1197 27.95 -29.91 3.38
N PRO C 1198 28.47 -28.70 3.20
CA PRO C 1198 27.75 -27.71 2.39
C PRO C 1198 27.81 -28.05 0.91
N MET C 1199 26.69 -27.86 0.24
CA MET C 1199 26.57 -28.09 -1.20
C MET C 1199 26.45 -26.77 -1.94
N ALA C 1200 26.91 -26.75 -3.18
CA ALA C 1200 26.88 -25.56 -4.02
C ALA C 1200 26.04 -25.86 -5.26
N THR C 1201 24.79 -25.39 -5.26
CA THR C 1201 23.89 -25.57 -6.38
C THR C 1201 23.78 -24.27 -7.16
N PRO C 1202 24.28 -24.19 -8.40
CA PRO C 1202 24.21 -22.93 -9.15
C PRO C 1202 22.79 -22.51 -9.48
N VAL C 1203 22.65 -21.34 -10.14
CA VAL C 1203 21.33 -20.82 -10.44
C VAL C 1203 20.64 -21.68 -11.49
N PHE C 1204 21.24 -21.79 -12.67
CA PHE C 1204 20.67 -22.59 -13.76
C PHE C 1204 21.49 -23.82 -14.08
N ASP C 1205 22.69 -23.96 -13.53
CA ASP C 1205 23.51 -25.15 -13.69
C ASP C 1205 23.45 -26.06 -12.48
N GLY C 1206 22.30 -26.12 -11.81
CA GLY C 1206 22.15 -26.90 -10.61
C GLY C 1206 22.12 -28.40 -10.89
N ALA C 1207 22.06 -29.17 -9.82
CA ALA C 1207 22.05 -30.62 -9.92
C ALA C 1207 20.69 -31.10 -10.44
N LYS C 1208 20.74 -32.18 -11.21
CA LYS C 1208 19.52 -32.78 -11.76
C LYS C 1208 18.88 -33.66 -10.68
N GLU C 1209 17.84 -34.40 -11.07
CA GLU C 1209 17.15 -35.26 -10.10
C GLU C 1209 17.99 -36.47 -9.74
N ARG C 1210 18.83 -36.95 -10.66
CA ARG C 1210 19.69 -38.09 -10.37
C ARG C 1210 20.81 -37.71 -9.41
N GLU C 1211 21.42 -36.53 -9.60
CA GLU C 1211 22.50 -36.10 -8.74
C GLU C 1211 22.03 -35.83 -7.31
N ILE C 1212 20.74 -35.55 -7.12
CA ILE C 1212 20.21 -35.34 -5.78
C ILE C 1212 19.75 -36.65 -5.15
N LYS C 1213 19.11 -37.52 -5.95
CA LYS C 1213 18.69 -38.82 -5.41
C LYS C 1213 19.87 -39.71 -5.09
N ALA C 1214 21.00 -39.52 -5.76
CA ALA C 1214 22.18 -40.34 -5.48
C ALA C 1214 22.84 -39.97 -4.16
N MET C 1215 22.55 -38.78 -3.63
CA MET C 1215 23.14 -38.38 -2.35
C MET C 1215 22.41 -39.01 -1.17
N LEU C 1216 21.13 -39.32 -1.33
CA LEU C 1216 20.38 -39.96 -0.25
C LEU C 1216 20.79 -41.41 -0.05
N LYS C 1217 21.33 -42.07 -1.08
CA LYS C 1217 21.78 -43.44 -0.94
C LYS C 1217 23.11 -43.53 -0.20
N LEU C 1218 23.95 -42.49 -0.32
CA LEU C 1218 25.26 -42.52 0.34
C LEU C 1218 25.16 -42.21 1.83
N ALA C 1219 24.20 -41.37 2.23
CA ALA C 1219 24.04 -40.98 3.61
C ALA C 1219 23.07 -41.88 4.39
N ASP C 1220 22.76 -43.07 3.84
CA ASP C 1220 21.84 -44.01 4.47
C ASP C 1220 20.49 -43.36 4.77
N LEU C 1221 19.88 -42.84 3.71
CA LEU C 1221 18.61 -42.13 3.78
C LEU C 1221 17.65 -42.74 2.78
N PRO C 1222 16.34 -42.58 2.99
CA PRO C 1222 15.37 -43.12 2.03
C PRO C 1222 15.54 -42.51 0.65
N GLU C 1223 15.14 -43.26 -0.37
CA GLU C 1223 15.33 -42.83 -1.75
C GLU C 1223 14.38 -41.68 -2.11
N SER C 1224 13.11 -41.81 -1.74
CA SER C 1224 12.13 -40.79 -2.06
C SER C 1224 12.23 -39.56 -1.16
N GLY C 1225 13.02 -39.63 -0.08
CA GLY C 1225 13.16 -38.51 0.82
C GLY C 1225 12.00 -38.30 1.77
N GLN C 1226 11.01 -39.19 1.78
CA GLN C 1226 9.84 -39.07 2.64
C GLN C 1226 9.83 -40.25 3.61
N MET C 1227 9.94 -39.95 4.90
CA MET C 1227 9.91 -40.95 5.96
C MET C 1227 8.76 -40.67 6.90
N ARG C 1228 8.12 -41.74 7.39
CA ARG C 1228 7.00 -41.60 8.30
C ARG C 1228 7.50 -41.27 9.71
N LEU C 1229 6.86 -40.29 10.34
CA LEU C 1229 7.25 -39.83 11.66
C LEU C 1229 6.19 -40.22 12.69
N PHE C 1230 6.62 -40.33 13.94
CA PHE C 1230 5.73 -40.67 15.04
C PHE C 1230 5.18 -39.39 15.67
N ASP C 1231 3.93 -39.44 16.10
CA ASP C 1231 3.31 -38.29 16.74
C ASP C 1231 3.91 -38.06 18.12
N GLY C 1232 4.00 -36.79 18.51
CA GLY C 1232 4.58 -36.43 19.79
C GLY C 1232 3.60 -36.47 20.94
N ARG C 1233 2.35 -36.10 20.68
CA ARG C 1233 1.34 -36.03 21.74
C ARG C 1233 0.59 -37.35 21.89
N THR C 1234 -0.04 -37.82 20.82
CA THR C 1234 -0.80 -39.07 20.90
C THR C 1234 0.12 -40.28 20.97
N GLY C 1235 1.26 -40.23 20.29
CA GLY C 1235 2.22 -41.31 20.30
C GLY C 1235 2.05 -42.32 19.17
N ASN C 1236 1.01 -42.20 18.37
CA ASN C 1236 0.79 -43.13 17.26
C ASN C 1236 1.67 -42.74 16.07
N GLN C 1237 1.64 -43.59 15.04
CA GLN C 1237 2.42 -43.38 13.83
C GLN C 1237 1.51 -42.88 12.71
N PHE C 1238 1.96 -41.86 12.00
CA PHE C 1238 1.21 -41.33 10.87
C PHE C 1238 1.19 -42.34 9.73
N GLU C 1239 0.02 -42.53 9.14
CA GLU C 1239 -0.14 -43.48 8.04
C GLU C 1239 0.10 -42.82 6.69
N ARG C 1240 1.23 -42.13 6.57
CA ARG C 1240 1.63 -41.44 5.35
C ARG C 1240 3.07 -40.97 5.47
N PRO C 1241 3.88 -41.13 4.42
CA PRO C 1241 5.25 -40.63 4.49
C PRO C 1241 5.29 -39.11 4.49
N THR C 1242 6.17 -38.56 5.33
CA THR C 1242 6.29 -37.12 5.52
C THR C 1242 7.64 -36.65 5.00
N THR C 1243 7.64 -35.55 4.25
CA THR C 1243 8.88 -34.98 3.70
C THR C 1243 9.58 -34.18 4.79
N VAL C 1244 10.76 -34.64 5.19
CA VAL C 1244 11.56 -33.96 6.20
C VAL C 1244 12.90 -33.55 5.58
N GLY C 1245 13.66 -32.77 6.32
CA GLY C 1245 14.95 -32.31 5.87
C GLY C 1245 15.31 -31.00 6.53
N TYR C 1246 16.35 -30.36 5.99
CA TYR C 1246 16.86 -29.11 6.52
C TYR C 1246 16.62 -28.00 5.50
N MET C 1247 16.00 -26.91 5.93
CA MET C 1247 15.70 -25.77 5.07
C MET C 1247 16.24 -24.50 5.71
N TYR C 1248 16.89 -23.67 4.88
CA TYR C 1248 17.43 -22.41 5.35
C TYR C 1248 16.32 -21.40 5.60
N MET C 1249 16.30 -20.83 6.80
CA MET C 1249 15.29 -19.86 7.18
C MET C 1249 15.94 -18.55 7.62
N LEU C 1250 15.21 -17.46 7.45
CA LEU C 1250 15.68 -16.13 7.79
C LEU C 1250 14.76 -15.50 8.83
N LYS C 1251 15.22 -14.38 9.38
CA LYS C 1251 14.46 -13.61 10.36
C LYS C 1251 14.39 -12.16 9.90
N LEU C 1252 13.18 -11.70 9.58
CA LEU C 1252 13.01 -10.34 9.09
C LEU C 1252 12.91 -9.36 10.24
N ASN C 1253 13.14 -8.08 9.93
CA ASN C 1253 13.08 -7.01 10.93
C ASN C 1253 11.67 -6.44 11.06
N HIS C 1254 10.70 -7.32 11.30
CA HIS C 1254 9.30 -6.95 11.46
C HIS C 1254 8.77 -7.51 12.78
N LEU C 1255 9.54 -7.33 13.84
CA LEU C 1255 9.17 -7.87 15.15
C LEU C 1255 7.94 -7.15 15.69
N VAL C 1256 7.28 -7.78 16.67
CA VAL C 1256 6.09 -7.22 17.28
C VAL C 1256 6.40 -6.13 18.29
N ASP C 1257 7.68 -5.95 18.65
CA ASP C 1257 8.04 -4.91 19.60
C ASP C 1257 8.00 -3.51 19.00
N ASP C 1258 7.91 -3.39 17.68
CA ASP C 1258 7.85 -2.11 17.00
C ASP C 1258 6.51 -1.84 16.34
N LYS C 1259 5.54 -2.74 16.49
CA LYS C 1259 4.24 -2.57 15.85
C LYS C 1259 3.05 -2.67 16.81
N MET C 1260 3.22 -3.29 17.98
CA MET C 1260 2.13 -3.45 18.93
C MET C 1260 2.08 -2.24 19.86
N HIS C 1261 0.96 -1.53 19.86
CA HIS C 1261 0.78 -0.38 20.72
C HIS C 1261 -0.72 -0.12 20.91
N ALA C 1262 -1.06 0.47 22.05
CA ALA C 1262 -2.44 0.78 22.36
C ALA C 1262 -2.49 2.01 23.26
N ARG C 1263 -3.59 2.74 23.20
CA ARG C 1263 -3.75 3.94 23.99
C ARG C 1263 -5.23 4.23 24.20
N SER C 1264 -5.53 4.88 25.32
CA SER C 1264 -6.89 5.30 25.65
C SER C 1264 -7.03 6.81 25.71
N THR C 1265 -6.14 7.49 26.42
CA THR C 1265 -6.14 8.94 26.50
C THR C 1265 -4.74 9.46 26.16
N GLY C 1266 -4.68 10.73 25.80
CA GLY C 1266 -3.40 11.33 25.45
C GLY C 1266 -3.56 12.80 25.15
N SER C 1267 -2.54 13.36 24.51
CA SER C 1267 -2.54 14.77 24.17
C SER C 1267 -3.32 15.00 22.87
N TYR C 1268 -3.74 16.25 22.68
CA TYR C 1268 -4.50 16.66 21.51
C TYR C 1268 -3.88 17.91 20.91
N SER C 1269 -4.29 18.23 19.68
CA SER C 1269 -3.75 19.36 18.97
C SER C 1269 -4.43 20.65 19.43
N LEU C 1270 -4.12 21.76 18.78
CA LEU C 1270 -4.67 23.06 19.17
C LEU C 1270 -5.96 23.39 18.42
N VAL C 1271 -5.89 23.42 17.08
CA VAL C 1271 -7.07 23.77 16.29
C VAL C 1271 -8.08 22.62 16.30
N THR C 1272 -7.66 21.45 15.80
CA THR C 1272 -8.51 20.28 15.73
C THR C 1272 -8.21 19.39 16.94
N GLN C 1273 -9.22 19.15 17.76
CA GLN C 1273 -9.06 18.33 18.97
C GLN C 1273 -9.00 16.85 18.58
N GLN C 1274 -7.85 16.47 18.02
CA GLN C 1274 -7.61 15.10 17.61
C GLN C 1274 -6.40 14.53 18.33
N PRO C 1275 -6.42 13.26 18.71
CA PRO C 1275 -5.27 12.68 19.41
C PRO C 1275 -4.08 12.50 18.48
N LEU C 1276 -2.89 12.62 19.06
CA LEU C 1276 -1.65 12.47 18.31
C LEU C 1276 -0.57 11.98 19.26
N GLY C 1277 0.64 11.82 18.73
CA GLY C 1277 1.78 11.39 19.52
C GLY C 1277 2.37 12.49 20.36
N GLY C 1278 3.68 12.39 20.60
CA GLY C 1278 4.39 13.36 21.40
C GLY C 1278 4.46 13.05 22.88
N LYS C 1279 3.53 12.25 23.40
CA LYS C 1279 3.53 11.86 24.81
C LYS C 1279 4.38 10.63 25.07
N ALA C 1280 5.02 10.07 24.04
CA ALA C 1280 5.89 8.89 24.18
C ALA C 1280 5.14 7.70 24.77
N GLN C 1281 3.84 7.59 24.47
CA GLN C 1281 3.02 6.49 24.95
C GLN C 1281 2.56 5.58 23.83
N PHE C 1282 1.87 6.13 22.83
CA PHE C 1282 1.36 5.36 21.69
C PHE C 1282 0.84 6.35 20.65
N GLY C 1283 0.26 5.82 19.59
CA GLY C 1283 -0.32 6.64 18.55
C GLY C 1283 -1.69 6.16 18.11
N GLY C 1284 -2.64 7.08 18.04
CA GLY C 1284 -3.98 6.72 17.64
C GLY C 1284 -4.08 6.42 16.16
N GLN C 1285 -4.94 5.46 15.82
CA GLN C 1285 -5.13 5.06 14.43
C GLN C 1285 -6.20 5.92 13.77
N ARG C 1286 -6.17 5.94 12.44
CA ARG C 1286 -7.11 6.73 11.66
C ARG C 1286 -8.35 5.93 11.34
N PHE C 1287 -9.52 6.53 11.56
CA PHE C 1287 -10.81 5.91 11.24
C PHE C 1287 -11.30 6.53 9.93
N GLY C 1288 -10.83 5.97 8.81
CA GLY C 1288 -11.13 6.51 7.50
C GLY C 1288 -12.58 6.34 7.12
N GLU C 1289 -12.88 6.79 5.89
CA GLU C 1289 -14.25 6.72 5.40
C GLU C 1289 -14.64 5.29 5.03
N MET C 1290 -13.67 4.44 4.73
CA MET C 1290 -13.98 3.05 4.38
C MET C 1290 -14.61 2.30 5.55
N GLU C 1291 -14.20 2.62 6.78
CA GLU C 1291 -14.80 2.02 7.95
C GLU C 1291 -16.11 2.70 8.35
N VAL C 1292 -16.39 3.88 7.80
CA VAL C 1292 -17.66 4.55 8.07
C VAL C 1292 -18.79 3.88 7.29
N TRP C 1293 -18.54 3.55 6.03
CA TRP C 1293 -19.53 2.85 5.22
C TRP C 1293 -19.80 1.44 5.74
N ALA C 1294 -18.84 0.83 6.44
CA ALA C 1294 -19.05 -0.52 6.96
C ALA C 1294 -19.98 -0.51 8.16
N LEU C 1295 -19.85 0.49 9.03
CA LEU C 1295 -20.75 0.59 10.17
C LEU C 1295 -22.17 0.99 9.75
N GLU C 1296 -22.29 1.77 8.68
CA GLU C 1296 -23.61 2.11 8.15
C GLU C 1296 -24.27 0.93 7.46
N ALA C 1297 -23.49 -0.07 7.03
CA ALA C 1297 -24.08 -1.25 6.40
C ALA C 1297 -24.87 -2.08 7.41
N TYR C 1298 -24.42 -2.11 8.66
CA TYR C 1298 -25.18 -2.76 9.73
C TYR C 1298 -26.27 -1.81 10.22
N GLY C 1299 -26.91 -2.16 11.33
CA GLY C 1299 -27.88 -1.29 11.94
C GLY C 1299 -27.27 -0.47 13.07
N ALA C 1300 -26.03 -0.07 12.89
CA ALA C 1300 -25.29 0.66 13.92
C ALA C 1300 -25.57 2.15 13.80
N ALA C 1301 -26.12 2.73 14.86
CA ALA C 1301 -26.36 4.17 14.93
C ALA C 1301 -25.59 4.82 16.06
N TYR C 1302 -25.62 4.25 17.25
CA TYR C 1302 -24.87 4.80 18.38
C TYR C 1302 -23.39 4.44 18.33
N THR C 1303 -23.01 3.41 17.58
CA THR C 1303 -21.60 3.04 17.48
C THR C 1303 -20.84 4.05 16.64
N LEU C 1304 -21.36 4.38 15.45
CA LEU C 1304 -20.70 5.35 14.59
C LEU C 1304 -20.79 6.76 15.18
N GLN C 1305 -21.88 7.08 15.87
CA GLN C 1305 -22.00 8.39 16.50
C GLN C 1305 -21.04 8.54 17.68
N GLU C 1306 -20.63 7.42 18.28
CA GLU C 1306 -19.70 7.49 19.41
C GLU C 1306 -18.28 7.74 18.93
N MET C 1307 -17.86 7.07 17.85
CA MET C 1307 -16.49 7.20 17.35
C MET C 1307 -16.26 8.49 16.58
N LEU C 1308 -17.24 9.39 16.54
CA LEU C 1308 -17.09 10.65 15.83
C LEU C 1308 -17.28 11.88 16.70
N THR C 1309 -18.04 11.76 17.80
CA THR C 1309 -18.31 12.89 18.68
C THR C 1309 -17.69 12.73 20.06
N VAL C 1310 -17.87 11.57 20.69
CA VAL C 1310 -17.38 11.38 22.06
C VAL C 1310 -15.92 10.96 22.06
N LYS C 1311 -15.56 9.97 21.25
CA LYS C 1311 -14.20 9.44 21.25
C LYS C 1311 -13.21 10.37 20.57
N SER C 1312 -13.67 11.39 19.86
CA SER C 1312 -12.78 12.32 19.18
C SER C 1312 -13.53 13.60 18.86
N ASP C 1313 -12.76 14.68 18.70
CA ASP C 1313 -13.29 16.00 18.31
C ASP C 1313 -14.35 16.48 19.31
N ASP C 1314 -13.90 16.70 20.54
CA ASP C 1314 -14.78 17.22 21.58
C ASP C 1314 -13.94 17.84 22.69
N VAL C 1315 -14.60 18.65 23.51
CA VAL C 1315 -13.97 19.29 24.66
C VAL C 1315 -14.70 18.94 25.96
N ASN C 1316 -16.01 19.18 26.01
CA ASN C 1316 -16.80 18.85 27.17
C ASN C 1316 -17.32 17.41 27.15
N GLY C 1317 -17.43 16.80 25.98
CA GLY C 1317 -17.95 15.45 25.88
C GLY C 1317 -16.97 14.39 26.35
N ARG C 1318 -15.69 14.61 26.11
CA ARG C 1318 -14.68 13.62 26.52
C ARG C 1318 -14.47 13.65 28.03
N THR C 1319 -14.49 14.85 28.63
CA THR C 1319 -14.29 14.96 30.07
C THR C 1319 -15.49 14.41 30.84
N LYS C 1320 -16.70 14.65 30.34
CA LYS C 1320 -17.90 14.17 31.02
C LYS C 1320 -18.09 12.67 30.82
N MET C 1321 -17.59 12.11 29.71
CA MET C 1321 -17.71 10.68 29.49
C MET C 1321 -16.75 9.89 30.37
N TYR C 1322 -15.57 10.44 30.65
CA TYR C 1322 -14.61 9.74 31.49
C TYR C 1322 -15.11 9.60 32.92
N LYS C 1323 -15.90 10.55 33.40
CA LYS C 1323 -16.48 10.44 34.73
C LYS C 1323 -17.57 9.38 34.78
N ASN C 1324 -18.26 9.16 33.66
CA ASN C 1324 -19.32 8.15 33.63
C ASN C 1324 -18.76 6.74 33.68
N ILE C 1325 -17.54 6.53 33.15
CA ILE C 1325 -16.94 5.21 33.18
C ILE C 1325 -16.49 4.86 34.60
N VAL C 1326 -15.98 5.85 35.33
CA VAL C 1326 -15.53 5.59 36.69
C VAL C 1326 -16.71 5.44 37.64
N ASP C 1327 -17.81 6.17 37.40
CA ASP C 1327 -18.97 6.06 38.26
C ASP C 1327 -19.65 4.71 38.11
N GLY C 1328 -19.66 4.16 36.90
CA GLY C 1328 -20.26 2.87 36.64
C GLY C 1328 -21.44 2.87 35.68
N ASP C 1329 -22.01 4.03 35.39
CA ASP C 1329 -23.15 4.14 34.49
C ASP C 1329 -22.75 4.92 33.24
N HIS C 1330 -23.10 4.39 32.07
CA HIS C 1330 -22.75 5.02 30.80
C HIS C 1330 -23.92 5.91 30.38
N ARG C 1331 -23.78 7.21 30.59
CA ARG C 1331 -24.85 8.15 30.27
C ARG C 1331 -24.88 8.50 28.78
N MET C 1332 -23.73 8.51 28.12
CA MET C 1332 -23.61 8.79 26.70
C MET C 1332 -24.18 10.18 26.36
N GLU C 1333 -23.50 11.19 26.90
CA GLU C 1333 -23.87 12.57 26.61
C GLU C 1333 -23.72 12.86 25.12
N ALA C 1334 -24.54 13.79 24.63
CA ALA C 1334 -24.56 14.09 23.21
C ALA C 1334 -23.31 14.84 22.78
N GLY C 1335 -23.10 16.03 23.34
CA GLY C 1335 -21.95 16.82 22.97
C GLY C 1335 -22.08 17.42 21.57
N MET C 1336 -20.95 17.93 21.08
CA MET C 1336 -20.89 18.54 19.76
C MET C 1336 -19.51 18.27 19.17
N PRO C 1337 -19.44 17.79 17.92
CA PRO C 1337 -18.13 17.52 17.33
C PRO C 1337 -17.38 18.81 17.05
N GLU C 1338 -16.07 18.79 17.33
CA GLU C 1338 -15.22 19.94 17.10
C GLU C 1338 -14.86 20.13 15.64
N SER C 1339 -15.07 19.11 14.79
CA SER C 1339 -14.79 19.26 13.37
C SER C 1339 -15.82 20.14 12.67
N PHE C 1340 -17.00 20.33 13.25
CA PHE C 1340 -18.03 21.17 12.68
C PHE C 1340 -18.06 22.57 13.29
N ASN C 1341 -17.63 22.72 14.53
CA ASN C 1341 -17.58 24.05 15.14
C ASN C 1341 -16.52 24.92 14.48
N VAL C 1342 -15.42 24.31 14.01
CA VAL C 1342 -14.40 25.07 13.31
C VAL C 1342 -14.89 25.49 11.93
N LEU C 1343 -15.67 24.62 11.28
CA LEU C 1343 -16.19 24.94 9.96
C LEU C 1343 -17.18 26.10 10.00
N ILE C 1344 -17.89 26.28 11.12
CA ILE C 1344 -18.81 27.40 11.25
C ILE C 1344 -18.05 28.71 11.35
N LYS C 1345 -16.99 28.74 12.15
CA LYS C 1345 -16.21 29.96 12.30
C LYS C 1345 -15.46 30.33 11.03
N GLU C 1346 -15.11 29.34 10.20
CA GLU C 1346 -14.43 29.61 8.94
C GLU C 1346 -15.41 30.06 7.87
N ILE C 1347 -16.67 29.66 7.96
CA ILE C 1347 -17.67 30.07 6.96
C ILE C 1347 -18.17 31.48 7.28
N ARG C 1348 -18.44 31.78 8.54
CA ARG C 1348 -18.93 33.09 8.92
C ARG C 1348 -17.90 34.19 8.67
N SER C 1349 -16.62 33.84 8.59
CA SER C 1349 -15.56 34.80 8.34
C SER C 1349 -15.35 35.08 6.86
N LEU C 1350 -16.08 34.40 5.98
CA LEU C 1350 -15.96 34.57 4.54
C LEU C 1350 -17.05 35.44 3.95
N GLY C 1351 -17.91 36.03 4.78
CA GLY C 1351 -19.00 36.85 4.29
C GLY C 1351 -20.25 36.09 3.94
N ILE C 1352 -20.33 34.80 4.23
CA ILE C 1352 -21.50 33.98 3.96
C ILE C 1352 -22.10 33.55 5.29
N ASP C 1353 -23.40 33.71 5.42
CA ASP C 1353 -24.09 33.47 6.69
C ASP C 1353 -24.53 32.00 6.81
N ILE C 1354 -24.49 31.50 8.04
CA ILE C 1354 -24.96 30.16 8.36
C ILE C 1354 -25.52 30.18 9.77
N GLU C 1355 -26.68 29.55 9.95
CA GLU C 1355 -27.34 29.54 11.24
C GLU C 1355 -28.08 28.22 11.42
N LEU C 1356 -28.61 28.02 12.62
CA LEU C 1356 -29.36 26.82 12.97
C LEU C 1356 -30.79 27.21 13.25
N GLU C 1357 -31.72 26.73 12.42
CA GLU C 1357 -33.13 27.10 12.57
C GLU C 1357 -33.81 26.32 13.68
N THR C 1358 -33.40 25.06 13.90
CA THR C 1358 -33.97 24.20 14.93
C THR C 1358 -35.49 24.07 14.77
N GLU D 17 -31.18 21.16 21.30
CA GLU D 17 -30.59 20.67 20.06
C GLU D 17 -30.74 21.70 18.94
N PHE D 18 -30.52 21.26 17.70
CA PHE D 18 -30.61 22.13 16.54
C PHE D 18 -30.96 21.30 15.32
N ASP D 19 -31.51 21.97 14.30
CA ASP D 19 -31.90 21.32 13.06
C ASP D 19 -32.07 22.39 11.99
N ALA D 20 -32.20 21.92 10.75
CA ALA D 20 -32.46 22.79 9.60
C ALA D 20 -31.38 23.85 9.44
N ILE D 21 -30.16 23.39 9.19
CA ILE D 21 -29.03 24.30 8.97
C ILE D 21 -29.25 25.06 7.68
N ARG D 22 -29.31 26.38 7.77
CA ARG D 22 -29.59 27.25 6.63
C ARG D 22 -28.35 28.04 6.25
N ILE D 23 -28.40 28.65 5.06
CA ILE D 23 -27.32 29.48 4.55
C ILE D 23 -27.92 30.73 3.94
N GLY D 24 -27.46 31.89 4.36
CA GLY D 24 -27.92 33.16 3.83
C GLY D 24 -26.79 34.14 3.61
N LEU D 25 -27.12 35.41 3.41
CA LEU D 25 -26.11 36.44 3.23
C LEU D 25 -25.76 37.09 4.56
N ALA D 26 -24.51 37.50 4.68
CA ALA D 26 -24.01 38.16 5.89
C ALA D 26 -24.32 39.65 5.77
N SER D 27 -25.40 40.09 6.43
CA SER D 27 -25.80 41.48 6.36
C SER D 27 -24.82 42.35 7.16
N PRO D 28 -24.56 43.57 6.69
CA PRO D 28 -23.67 44.46 7.46
C PRO D 28 -24.18 44.78 8.85
N GLU D 29 -25.50 44.79 9.04
CA GLU D 29 -26.06 45.02 10.37
C GLU D 29 -26.02 43.79 11.25
N MET D 30 -25.82 42.60 10.65
CA MET D 30 -25.73 41.37 11.43
C MET D 30 -24.29 41.03 11.81
N ILE D 31 -23.32 41.46 11.01
CA ILE D 31 -21.91 41.20 11.33
C ILE D 31 -21.52 41.93 12.61
N ARG D 32 -22.05 43.14 12.80
CA ARG D 32 -21.77 43.90 14.02
C ARG D 32 -22.36 43.23 15.26
N SER D 33 -23.38 42.38 15.09
CA SER D 33 -23.95 41.66 16.23
C SER D 33 -23.09 40.47 16.65
N TRP D 34 -22.37 39.87 15.70
CA TRP D 34 -21.51 38.73 16.03
C TRP D 34 -20.23 39.19 16.72
N SER D 35 -19.66 40.31 16.26
CA SER D 35 -18.39 40.78 16.79
C SER D 35 -18.56 41.40 18.17
N PHE D 36 -17.45 41.52 18.89
CA PHE D 36 -17.42 42.13 20.21
C PHE D 36 -16.46 43.31 20.31
N GLY D 37 -15.67 43.57 19.28
CA GLY D 37 -14.74 44.68 19.29
C GLY D 37 -14.20 44.92 17.90
N GLU D 38 -13.60 46.10 17.74
CA GLU D 38 -13.04 46.51 16.46
C GLU D 38 -11.53 46.40 16.49
N VAL D 39 -10.98 45.68 15.51
CA VAL D 39 -9.54 45.49 15.40
C VAL D 39 -8.97 46.63 14.55
N LYS D 40 -8.10 47.42 15.16
CA LYS D 40 -7.50 48.57 14.49
C LYS D 40 -5.98 48.54 14.44
N LYS D 41 -5.31 47.89 15.39
CA LYS D 41 -3.87 47.88 15.32
C LYS D 41 -3.36 46.54 14.76
N PRO D 42 -2.37 46.58 13.86
CA PRO D 42 -1.87 45.33 13.27
C PRO D 42 -0.96 44.54 14.19
N GLU D 43 -0.29 45.19 15.14
CA GLU D 43 0.61 44.48 16.04
C GLU D 43 -0.17 43.58 16.99
N THR D 44 0.43 42.45 17.35
CA THR D 44 -0.22 41.43 18.16
C THR D 44 0.40 41.29 19.54
N ILE D 45 1.71 41.02 19.61
CA ILE D 45 2.39 40.74 20.86
C ILE D 45 3.56 41.72 21.01
N ASN D 46 3.80 42.15 22.25
CA ASN D 46 4.92 43.04 22.53
C ASN D 46 6.25 42.30 22.30
N TYR D 47 7.30 43.10 22.07
CA TYR D 47 8.61 42.51 21.80
C TYR D 47 9.24 41.95 23.06
N ARG D 48 9.27 42.74 24.13
CA ARG D 48 9.92 42.31 25.37
C ARG D 48 9.09 41.24 26.07
N THR D 49 7.86 41.59 26.45
CA THR D 49 6.98 40.66 27.14
C THR D 49 6.08 39.93 26.15
N PHE D 50 5.68 38.72 26.51
CA PHE D 50 4.82 37.89 25.67
C PHE D 50 3.37 38.03 26.09
N LYS D 51 2.84 39.24 25.92
CA LYS D 51 1.46 39.55 26.25
C LYS D 51 0.81 40.31 25.11
N PRO D 52 -0.45 40.03 24.80
CA PRO D 52 -1.13 40.74 23.71
C PRO D 52 -1.44 42.18 24.09
N GLU D 53 -1.72 42.99 23.07
CA GLU D 53 -2.03 44.39 23.24
C GLU D 53 -3.46 44.67 22.80
N ARG D 54 -3.98 45.82 23.22
CA ARG D 54 -5.35 46.20 22.93
C ARG D 54 -5.55 46.50 21.45
N ASP D 55 -6.75 46.21 20.95
CA ASP D 55 -7.14 46.49 19.57
C ASP D 55 -6.21 45.79 18.58
N GLY D 56 -5.77 44.58 18.93
CA GLY D 56 -4.90 43.79 18.08
C GLY D 56 -5.59 42.54 17.56
N LEU D 57 -4.84 41.82 16.72
CA LEU D 57 -5.34 40.56 16.16
C LEU D 57 -5.44 39.45 17.20
N PHE D 58 -4.80 39.61 18.36
CA PHE D 58 -4.86 38.62 19.43
C PHE D 58 -5.24 39.27 20.75
N CYS D 59 -5.97 40.38 20.70
CA CYS D 59 -6.30 41.13 21.89
C CYS D 59 -7.22 40.33 22.81
N ALA D 60 -7.18 40.67 24.10
CA ALA D 60 -7.99 40.01 25.10
C ALA D 60 -9.34 40.70 25.31
N LYS D 61 -9.43 42.00 25.01
CA LYS D 61 -10.70 42.70 25.17
C LYS D 61 -11.71 42.27 24.13
N ILE D 62 -11.27 42.07 22.89
CA ILE D 62 -12.18 41.73 21.80
C ILE D 62 -12.53 40.24 21.84
N PHE D 63 -11.52 39.37 21.91
CA PHE D 63 -11.75 37.93 21.81
C PHE D 63 -11.97 37.30 23.19
N GLY D 64 -10.99 37.45 24.09
CA GLY D 64 -11.11 36.89 25.42
C GLY D 64 -9.77 36.69 26.09
N PRO D 65 -9.79 36.29 27.35
CA PRO D 65 -8.54 36.11 28.10
C PRO D 65 -7.71 34.95 27.56
N VAL D 66 -6.44 34.96 27.94
CA VAL D 66 -5.51 33.91 27.52
C VAL D 66 -5.56 32.72 28.47
N LYS D 67 -5.50 32.97 29.77
CA LYS D 67 -5.51 31.92 30.77
C LYS D 67 -6.93 31.73 31.31
N ASP D 68 -7.08 30.77 32.22
CA ASP D 68 -8.38 30.44 32.78
C ASP D 68 -8.63 31.29 34.02
N TYR D 69 -9.69 32.10 33.97
CA TYR D 69 -10.11 32.95 35.08
C TYR D 69 -8.99 33.89 35.52
N GLU D 70 -8.52 34.69 34.57
CA GLU D 70 -7.47 35.65 34.85
C GLU D 70 -7.50 36.74 33.78
N CYS D 71 -7.37 37.99 34.20
CA CYS D 71 -7.38 39.11 33.28
C CYS D 71 -5.97 39.33 32.73
N LEU D 72 -5.78 40.43 31.99
CA LEU D 72 -4.47 40.69 31.39
C LEU D 72 -3.50 41.28 32.40
N CYS D 73 -3.91 42.33 33.12
CA CYS D 73 -3.02 42.96 34.09
C CYS D 73 -2.88 42.15 35.36
N GLY D 74 -3.76 41.19 35.59
CA GLY D 74 -3.67 40.35 36.78
C GLY D 74 -4.37 40.90 38.01
N LYS D 75 -5.30 41.84 37.85
CA LYS D 75 -5.99 42.40 39.01
C LYS D 75 -7.01 41.42 39.56
N TYR D 76 -7.86 40.86 38.69
CA TYR D 76 -8.89 39.91 39.07
C TYR D 76 -8.46 38.53 38.57
N LYS D 77 -8.19 37.62 39.52
CA LYS D 77 -7.80 36.26 39.15
C LYS D 77 -8.47 35.20 40.01
N ARG D 78 -9.46 35.57 40.84
CA ARG D 78 -10.12 34.60 41.69
C ARG D 78 -11.07 33.72 40.87
N LEU D 79 -11.43 32.59 41.45
CA LEU D 79 -12.33 31.63 40.81
C LEU D 79 -13.78 31.81 41.25
N LYS D 80 -14.09 32.88 41.99
CA LYS D 80 -15.44 33.09 42.47
C LYS D 80 -16.32 33.75 41.41
N HIS D 81 -15.90 34.90 40.91
CA HIS D 81 -16.70 35.64 39.93
C HIS D 81 -16.64 34.95 38.57
N ARG D 82 -17.78 34.47 38.08
CA ARG D 82 -17.82 33.82 36.78
C ARG D 82 -17.71 34.85 35.66
N GLY D 83 -18.51 35.92 35.74
CA GLY D 83 -18.47 36.98 34.75
C GLY D 83 -18.33 38.36 35.36
N VAL D 84 -17.22 39.03 35.08
CA VAL D 84 -16.97 40.37 35.61
C VAL D 84 -15.96 41.05 34.70
N ILE D 85 -16.02 42.38 34.67
CA ILE D 85 -15.13 43.19 33.83
C ILE D 85 -14.21 43.97 34.74
N CYS D 86 -12.90 43.86 34.50
CA CYS D 86 -11.92 44.57 35.30
C CYS D 86 -11.91 46.05 34.96
N GLU D 87 -11.66 46.88 35.98
CA GLU D 87 -11.63 48.32 35.78
C GLU D 87 -10.35 48.79 35.11
N LYS D 88 -9.25 48.08 35.33
CA LYS D 88 -7.99 48.46 34.69
C LYS D 88 -7.99 48.10 33.21
N CYS D 89 -8.22 46.83 32.89
CA CYS D 89 -8.30 46.34 31.52
C CYS D 89 -9.71 45.86 31.23
N GLY D 90 -10.28 46.35 30.13
CA GLY D 90 -11.64 46.00 29.78
C GLY D 90 -11.78 44.61 29.22
N VAL D 91 -11.54 43.59 30.04
CA VAL D 91 -11.62 42.19 29.63
C VAL D 91 -12.51 41.45 30.62
N GLU D 92 -13.40 40.62 30.09
CA GLU D 92 -14.31 39.83 30.91
C GLU D 92 -13.67 38.48 31.24
N VAL D 93 -13.60 38.15 32.53
CA VAL D 93 -12.99 36.91 32.95
C VAL D 93 -13.87 35.74 32.54
N ALA D 94 -13.25 34.70 31.97
CA ALA D 94 -13.97 33.52 31.52
C ALA D 94 -12.96 32.37 31.42
N LEU D 95 -13.38 31.28 30.79
CA LEU D 95 -12.52 30.13 30.58
C LEU D 95 -11.64 30.37 29.35
N ALA D 96 -10.93 29.32 28.91
CA ALA D 96 -10.11 29.40 27.72
C ALA D 96 -10.86 29.02 26.45
N LYS D 97 -12.07 28.48 26.58
CA LYS D 97 -12.85 28.07 25.43
C LYS D 97 -13.63 29.22 24.80
N VAL D 98 -13.74 30.36 25.49
CA VAL D 98 -14.48 31.49 24.94
C VAL D 98 -13.72 32.15 23.80
N ARG D 99 -12.40 32.00 23.76
CA ARG D 99 -11.60 32.61 22.71
C ARG D 99 -11.84 31.99 21.34
N ARG D 100 -12.48 30.82 21.28
CA ARG D 100 -12.79 30.18 20.01
C ARG D 100 -14.17 30.54 19.48
N GLU D 101 -15.03 31.16 20.31
CA GLU D 101 -16.38 31.50 19.91
C GLU D 101 -16.54 32.96 19.50
N ARG D 102 -15.93 33.88 20.24
CA ARG D 102 -16.06 35.30 19.93
C ARG D 102 -15.20 35.67 18.74
N MET D 103 -15.71 36.59 17.92
CA MET D 103 -15.04 37.03 16.71
C MET D 103 -14.95 38.56 16.70
N GLY D 104 -14.20 39.08 15.74
CA GLY D 104 -14.05 40.51 15.57
C GLY D 104 -14.56 40.97 14.21
N HIS D 105 -14.32 42.25 13.94
CA HIS D 105 -14.75 42.85 12.69
C HIS D 105 -13.84 44.02 12.35
N ILE D 106 -13.70 44.29 11.05
CA ILE D 106 -12.88 45.38 10.54
C ILE D 106 -13.76 46.27 9.69
N GLU D 107 -14.00 47.49 10.16
CA GLU D 107 -14.85 48.45 9.45
C GLU D 107 -14.00 49.18 8.42
N LEU D 108 -14.18 48.82 7.15
CA LEU D 108 -13.43 49.44 6.07
C LEU D 108 -14.01 50.82 5.75
N ALA D 109 -13.12 51.77 5.42
CA ALA D 109 -13.58 53.10 5.06
C ALA D 109 -14.32 53.10 3.73
N SER D 110 -13.92 52.24 2.80
CA SER D 110 -14.58 52.12 1.51
C SER D 110 -15.07 50.69 1.30
N PRO D 111 -16.23 50.50 0.68
CA PRO D 111 -16.73 49.15 0.45
C PRO D 111 -15.84 48.37 -0.49
N VAL D 112 -15.88 47.04 -0.36
CA VAL D 112 -15.11 46.14 -1.20
C VAL D 112 -16.04 45.07 -1.74
N ALA D 113 -15.77 44.64 -2.97
CA ALA D 113 -16.60 43.65 -3.65
C ALA D 113 -16.15 42.25 -3.30
N HIS D 114 -17.11 41.36 -3.08
CA HIS D 114 -16.79 39.97 -2.80
C HIS D 114 -16.32 39.27 -4.06
N ILE D 115 -15.36 38.35 -3.90
CA ILE D 115 -14.77 37.68 -5.06
C ILE D 115 -15.45 36.36 -5.36
N TRP D 116 -16.20 35.79 -4.42
CA TRP D 116 -16.87 34.52 -4.67
C TRP D 116 -17.96 34.65 -5.72
N PHE D 117 -18.53 35.85 -5.87
CA PHE D 117 -19.60 36.09 -6.83
C PHE D 117 -19.10 36.75 -8.11
N LEU D 118 -17.79 36.83 -8.31
CA LEU D 118 -17.22 37.47 -9.49
C LEU D 118 -16.45 36.50 -10.37
N LYS D 119 -15.49 35.76 -9.81
CA LYS D 119 -14.63 34.88 -10.59
C LYS D 119 -15.17 33.45 -10.68
N SER D 120 -16.39 33.21 -10.19
CA SER D 120 -16.98 31.90 -10.33
C SER D 120 -17.44 31.68 -11.78
N LEU D 121 -17.77 30.42 -12.09
CA LEU D 121 -18.25 30.11 -13.44
C LEU D 121 -19.59 30.78 -13.73
N PRO D 122 -20.61 30.71 -12.85
CA PRO D 122 -21.80 31.55 -13.08
C PRO D 122 -21.62 32.94 -12.49
N SER D 123 -21.67 33.96 -13.34
CA SER D 123 -21.48 35.34 -12.91
C SER D 123 -22.76 35.84 -12.25
N ARG D 124 -22.78 35.83 -10.92
CA ARG D 124 -23.96 36.29 -10.20
C ARG D 124 -24.19 37.78 -10.34
N ILE D 125 -23.13 38.54 -10.64
CA ILE D 125 -23.29 39.98 -10.82
C ILE D 125 -23.52 40.35 -12.29
N GLY D 126 -22.98 39.56 -13.22
CA GLY D 126 -23.13 39.89 -14.63
C GLY D 126 -24.56 39.78 -15.11
N LEU D 127 -25.26 38.71 -14.74
CA LEU D 127 -26.64 38.54 -15.17
C LEU D 127 -27.60 39.42 -14.37
N LEU D 128 -27.26 39.75 -13.13
CA LEU D 128 -28.12 40.60 -12.32
C LEU D 128 -28.02 42.06 -12.74
N LEU D 129 -26.82 42.53 -13.07
CA LEU D 129 -26.61 43.90 -13.51
C LEU D 129 -26.68 44.04 -15.03
N ASP D 130 -26.99 42.96 -15.76
CA ASP D 130 -27.07 42.98 -17.22
C ASP D 130 -25.76 43.47 -17.84
N MET D 131 -24.65 43.00 -17.30
CA MET D 131 -23.32 43.36 -17.77
C MET D 131 -22.53 42.10 -18.13
N THR D 132 -21.39 42.32 -18.78
CA THR D 132 -20.53 41.21 -19.17
C THR D 132 -19.61 40.82 -18.03
N LEU D 133 -18.88 39.72 -18.23
CA LEU D 133 -17.95 39.25 -17.20
C LEU D 133 -16.75 40.17 -17.07
N ARG D 134 -16.17 40.58 -18.21
CA ARG D 134 -15.01 41.47 -18.18
C ARG D 134 -15.39 42.89 -17.78
N ASP D 135 -16.68 43.25 -17.83
CA ASP D 135 -17.10 44.58 -17.46
C ASP D 135 -17.15 44.80 -15.96
N ILE D 136 -17.29 43.73 -15.17
CA ILE D 136 -17.35 43.87 -13.72
C ILE D 136 -16.00 44.34 -13.18
N GLU D 137 -14.91 43.74 -13.64
CA GLU D 137 -13.58 44.15 -13.20
C GLU D 137 -13.12 45.45 -13.84
N ARG D 138 -13.75 45.86 -14.95
CA ARG D 138 -13.36 47.11 -15.59
C ARG D 138 -13.81 48.32 -14.80
N VAL D 139 -14.93 48.22 -14.08
CA VAL D 139 -15.42 49.33 -13.28
C VAL D 139 -14.80 49.34 -11.89
N LEU D 140 -14.56 48.16 -11.30
CA LEU D 140 -14.00 48.10 -9.96
C LEU D 140 -12.55 48.53 -9.93
N TYR D 141 -11.83 48.36 -11.04
CA TYR D 141 -10.42 48.75 -11.12
C TYR D 141 -10.23 50.21 -11.50
N PHE D 142 -11.29 51.01 -11.48
CA PHE D 142 -11.23 52.44 -11.78
C PHE D 142 -10.67 52.69 -13.18
N GLU D 143 -11.11 51.89 -14.15
CA GLU D 143 -10.70 52.03 -15.54
C GLU D 143 -11.74 52.77 -16.38
N SER D 144 -12.99 52.35 -16.32
CA SER D 144 -14.08 52.99 -17.05
C SER D 144 -15.18 53.42 -16.09
N TYR D 145 -15.88 54.47 -16.46
CA TYR D 145 -16.95 55.03 -15.64
C TYR D 145 -18.29 54.40 -16.02
N VAL D 146 -19.31 54.73 -15.23
CA VAL D 146 -20.67 54.27 -15.46
C VAL D 146 -21.63 55.26 -14.82
N VAL D 147 -22.72 55.56 -15.54
CA VAL D 147 -23.70 56.55 -15.10
C VAL D 147 -24.89 55.84 -14.49
N ILE D 148 -25.44 56.41 -13.42
CA ILE D 148 -26.59 55.86 -12.74
C ILE D 148 -27.68 56.93 -12.67
N ASP D 149 -28.93 56.49 -12.80
CA ASP D 149 -30.11 57.35 -12.74
C ASP D 149 -30.02 58.47 -13.77
N PRO D 150 -29.83 58.14 -15.05
CA PRO D 150 -29.74 59.22 -16.06
C PRO D 150 -31.06 59.90 -16.32
N GLY D 151 -32.16 59.16 -16.30
CA GLY D 151 -33.47 59.73 -16.54
C GLY D 151 -33.73 60.06 -17.99
N MET D 152 -34.04 61.34 -18.27
CA MET D 152 -34.32 61.78 -19.63
C MET D 152 -33.01 62.26 -20.26
N THR D 153 -32.17 61.29 -20.64
CA THR D 153 -30.89 61.56 -21.26
C THR D 153 -30.68 60.61 -22.42
N THR D 154 -29.61 60.85 -23.18
CA THR D 154 -29.31 59.99 -24.32
C THR D 154 -28.72 58.66 -23.87
N LEU D 155 -27.90 58.67 -22.83
CA LEU D 155 -27.26 57.46 -22.31
C LEU D 155 -28.09 56.88 -21.16
N GLU D 156 -27.86 55.59 -20.90
CA GLU D 156 -28.53 54.86 -19.84
C GLU D 156 -27.49 54.20 -18.95
N LYS D 157 -27.97 53.46 -17.95
CA LYS D 157 -27.07 52.79 -17.02
C LYS D 157 -26.35 51.60 -17.66
N GLY D 158 -26.90 51.05 -18.75
CA GLY D 158 -26.25 49.94 -19.43
C GLY D 158 -25.04 50.33 -20.25
N GLN D 159 -24.95 51.58 -20.67
CA GLN D 159 -23.83 52.03 -21.47
C GLN D 159 -22.62 52.33 -20.59
N LEU D 160 -21.44 52.28 -21.19
CA LEU D 160 -20.19 52.51 -20.51
C LEU D 160 -19.61 53.87 -20.91
N LEU D 161 -18.61 54.30 -20.14
CA LEU D 161 -17.91 55.55 -20.38
C LEU D 161 -16.41 55.29 -20.46
N ASN D 162 -15.65 56.35 -20.70
CA ASN D 162 -14.20 56.25 -20.79
C ASN D 162 -13.60 57.57 -20.31
N ASP D 163 -12.31 57.76 -20.58
CA ASP D 163 -11.65 59.00 -20.19
C ASP D 163 -12.13 60.18 -21.02
N GLU D 164 -12.23 60.00 -22.34
CA GLU D 164 -12.70 61.05 -23.22
C GLU D 164 -14.22 61.09 -23.35
N GLN D 165 -14.91 59.99 -23.03
CA GLN D 165 -16.36 59.97 -23.13
C GLN D 165 -17.02 60.63 -21.93
N TYR D 166 -16.41 60.51 -20.74
CA TYR D 166 -17.01 61.12 -19.55
C TYR D 166 -16.83 62.64 -19.54
N PHE D 167 -15.73 63.13 -20.12
CA PHE D 167 -15.49 64.57 -20.16
C PHE D 167 -16.38 65.26 -21.19
N GLU D 168 -16.68 64.59 -22.31
CA GLU D 168 -17.53 65.19 -23.33
C GLU D 168 -19.01 65.16 -22.94
N ALA D 169 -19.43 64.12 -22.21
CA ALA D 169 -20.82 64.03 -21.80
C ALA D 169 -21.16 64.98 -20.67
N LEU D 170 -20.17 65.39 -19.87
CA LEU D 170 -20.44 66.30 -18.76
C LEU D 170 -20.72 67.71 -19.28
N GLU D 171 -20.02 68.14 -20.31
CA GLU D 171 -20.23 69.46 -20.89
C GLU D 171 -21.39 69.51 -21.87
N GLU D 172 -21.90 68.36 -22.31
CA GLU D 172 -23.01 68.31 -23.24
C GLU D 172 -24.35 68.39 -22.53
N PHE D 173 -24.57 67.52 -21.53
CA PHE D 173 -25.83 67.52 -20.77
C PHE D 173 -25.75 68.46 -19.57
N GLY D 174 -24.78 68.22 -18.69
CA GLY D 174 -24.58 69.05 -17.50
C GLY D 174 -25.41 68.66 -16.30
N ASP D 175 -26.69 68.36 -16.51
CA ASP D 175 -27.60 67.98 -15.43
C ASP D 175 -28.15 66.59 -15.69
N ASP D 176 -28.68 65.98 -14.62
CA ASP D 176 -29.27 64.64 -14.68
C ASP D 176 -28.28 63.62 -15.21
N PHE D 177 -27.02 63.72 -14.77
CA PHE D 177 -25.95 62.80 -15.16
C PHE D 177 -25.11 62.50 -13.93
N ASP D 178 -25.45 61.42 -13.24
CA ASP D 178 -24.75 60.99 -12.03
C ASP D 178 -23.88 59.78 -12.40
N ALA D 179 -22.58 60.01 -12.52
CA ALA D 179 -21.63 58.96 -12.89
C ALA D 179 -20.72 58.65 -11.72
N ARG D 180 -20.46 57.36 -11.49
CA ARG D 180 -19.59 56.89 -10.44
C ARG D 180 -18.63 55.86 -11.00
N MET D 181 -17.61 55.54 -10.21
CA MET D 181 -16.59 54.58 -10.62
C MET D 181 -15.99 53.94 -9.39
N GLY D 182 -15.79 52.62 -9.45
CA GLY D 182 -15.22 51.89 -8.34
C GLY D 182 -16.20 50.96 -7.66
N ALA D 183 -15.99 50.68 -6.38
CA ALA D 183 -16.89 49.81 -5.64
C ALA D 183 -18.20 50.50 -5.27
N GLU D 184 -18.24 51.82 -5.29
CA GLU D 184 -19.47 52.55 -4.99
C GLU D 184 -20.49 52.48 -6.12
N ALA D 185 -20.04 52.28 -7.36
CA ALA D 185 -20.97 52.20 -8.48
C ALA D 185 -21.76 50.90 -8.46
N VAL D 186 -21.10 49.78 -8.15
CA VAL D 186 -21.80 48.51 -8.08
C VAL D 186 -22.71 48.48 -6.87
N HIS D 187 -22.30 49.10 -5.76
CA HIS D 187 -23.15 49.17 -4.58
C HIS D 187 -24.38 50.04 -4.82
N GLU D 188 -24.24 51.05 -5.67
CA GLU D 188 -25.39 51.91 -5.97
C GLU D 188 -26.38 51.21 -6.90
N LEU D 189 -25.89 50.37 -7.81
CA LEU D 189 -26.79 49.62 -8.69
C LEU D 189 -27.51 48.50 -7.95
N LEU D 190 -26.85 47.90 -6.95
CA LEU D 190 -27.46 46.82 -6.18
C LEU D 190 -28.44 47.34 -5.14
N ASN D 191 -28.38 48.63 -4.80
CA ASN D 191 -29.29 49.19 -3.81
C ASN D 191 -30.69 49.40 -4.40
N ALA D 192 -30.77 50.19 -5.47
CA ALA D 192 -32.05 50.47 -6.12
C ALA D 192 -32.29 49.47 -7.27
N ILE D 193 -32.34 48.19 -6.89
CA ILE D 193 -32.55 47.15 -7.89
C ILE D 193 -34.02 47.03 -8.27
N ASP D 194 -34.92 47.25 -7.31
CA ASP D 194 -36.36 47.15 -7.53
C ASP D 194 -36.75 45.78 -8.11
N LEU D 195 -36.49 44.74 -7.29
CA LEU D 195 -36.78 43.38 -7.71
C LEU D 195 -38.27 43.10 -7.84
N GLU D 196 -39.12 43.92 -7.21
CA GLU D 196 -40.56 43.73 -7.33
C GLU D 196 -41.07 44.14 -8.70
N HIS D 197 -40.44 45.14 -9.32
CA HIS D 197 -40.82 45.58 -10.65
C HIS D 197 -39.95 45.00 -11.76
N GLU D 198 -38.75 44.51 -11.43
CA GLU D 198 -37.87 43.95 -12.44
C GLU D 198 -38.34 42.56 -12.88
N ILE D 199 -39.14 41.88 -12.07
CA ILE D 199 -39.62 40.55 -12.44
C ILE D 199 -40.69 40.62 -13.54
N GLY D 200 -41.36 41.77 -13.67
CA GLY D 200 -42.37 41.89 -14.71
C GLY D 200 -41.80 41.99 -16.10
N ARG D 201 -40.59 42.53 -16.23
CA ARG D 201 -39.96 42.65 -17.54
C ARG D 201 -39.45 41.30 -18.06
N LEU D 202 -39.17 40.36 -17.16
CA LEU D 202 -38.69 39.04 -17.58
C LEU D 202 -39.82 38.09 -17.93
N ARG D 203 -40.99 38.26 -17.31
CA ARG D 203 -42.13 37.39 -17.58
C ARG D 203 -42.90 37.80 -18.82
N GLU D 204 -42.58 38.94 -19.43
CA GLU D 204 -43.26 39.41 -20.63
C GLU D 204 -42.43 39.28 -21.89
N GLU D 205 -41.09 39.32 -21.78
CA GLU D 205 -40.21 39.20 -22.93
C GLU D 205 -39.68 37.79 -23.12
N ILE D 206 -40.15 36.83 -22.32
CA ILE D 206 -39.70 35.45 -22.42
C ILE D 206 -40.31 34.76 -23.65
N PRO D 207 -41.63 34.79 -23.85
CA PRO D 207 -42.19 34.12 -25.04
C PRO D 207 -42.14 34.94 -26.31
N GLN D 208 -41.55 36.15 -26.27
CA GLN D 208 -41.49 36.98 -27.47
C GLN D 208 -40.40 36.51 -28.43
N THR D 209 -39.24 36.16 -27.91
CA THR D 209 -38.12 35.70 -28.73
C THR D 209 -38.14 34.18 -28.83
N ASN D 210 -38.14 33.67 -30.05
CA ASN D 210 -38.16 32.24 -30.30
C ASN D 210 -36.77 31.63 -30.40
N SER D 211 -35.72 32.43 -30.21
CA SER D 211 -34.36 31.91 -30.31
C SER D 211 -34.02 31.09 -29.07
N GLU D 212 -33.32 29.97 -29.28
CA GLU D 212 -32.96 29.11 -28.16
C GLU D 212 -31.85 29.73 -27.31
N THR D 213 -30.94 30.49 -27.94
CA THR D 213 -29.86 31.10 -27.18
C THR D 213 -30.35 32.30 -26.37
N LYS D 214 -31.39 32.98 -26.85
CA LYS D 214 -31.91 34.15 -26.13
C LYS D 214 -32.83 33.75 -24.98
N ILE D 215 -33.55 32.63 -25.12
CA ILE D 215 -34.43 32.16 -24.05
C ILE D 215 -33.68 31.41 -22.96
N LYS D 216 -32.44 31.00 -23.22
CA LYS D 216 -31.65 30.32 -22.20
C LYS D 216 -31.02 31.31 -21.23
N LYS D 217 -30.51 32.43 -21.74
CA LYS D 217 -29.91 33.44 -20.87
C LYS D 217 -30.98 34.17 -20.06
N LEU D 218 -32.21 34.25 -20.58
CA LEU D 218 -33.28 34.90 -19.84
C LEU D 218 -33.90 33.97 -18.80
N SER D 219 -33.86 32.66 -19.03
CA SER D 219 -34.38 31.73 -18.04
C SER D 219 -33.48 31.63 -16.82
N LYS D 220 -32.16 31.83 -17.00
CA LYS D 220 -31.24 31.80 -15.87
C LYS D 220 -31.34 33.06 -15.02
N ARG D 221 -31.76 34.17 -15.61
CA ARG D 221 -31.91 35.41 -14.83
C ARG D 221 -33.13 35.35 -13.94
N LEU D 222 -34.25 34.81 -14.44
CA LEU D 222 -35.45 34.69 -13.63
C LEU D 222 -35.28 33.65 -12.55
N LYS D 223 -34.43 32.64 -12.76
CA LYS D 223 -34.21 31.62 -11.75
C LYS D 223 -33.46 32.17 -10.54
N LEU D 224 -32.62 33.19 -10.75
CA LEU D 224 -31.85 33.79 -9.67
C LEU D 224 -32.49 35.03 -9.08
N MET D 225 -33.18 35.83 -9.90
CA MET D 225 -33.83 37.04 -9.38
C MET D 225 -34.99 36.70 -8.46
N GLU D 226 -35.62 35.55 -8.65
CA GLU D 226 -36.72 35.13 -7.79
C GLU D 226 -36.23 34.52 -6.48
N ALA D 227 -34.96 34.11 -6.41
CA ALA D 227 -34.44 33.54 -5.17
C ALA D 227 -34.17 34.61 -4.12
N PHE D 228 -33.84 35.83 -4.56
CA PHE D 228 -33.59 36.91 -3.62
C PHE D 228 -34.88 37.47 -3.03
N GLN D 229 -36.03 37.18 -3.63
CA GLN D 229 -37.30 37.68 -3.12
C GLN D 229 -37.91 36.75 -2.08
N GLY D 230 -37.84 35.44 -2.30
CA GLY D 230 -38.41 34.49 -1.37
C GLY D 230 -37.57 34.26 -0.14
N SER D 231 -36.24 34.30 -0.30
CA SER D 231 -35.33 34.06 0.81
C SER D 231 -35.13 35.30 1.68
N GLY D 232 -35.51 36.48 1.20
CA GLY D 232 -35.34 37.70 1.96
C GLY D 232 -33.97 38.33 1.87
N ASN D 233 -33.09 37.81 1.02
CA ASN D 233 -31.75 38.35 0.85
C ASN D 233 -31.77 39.47 -0.19
N LYS D 234 -31.31 40.65 0.20
CA LYS D 234 -31.28 41.77 -0.72
C LYS D 234 -30.06 41.67 -1.64
N PRO D 235 -30.19 42.09 -2.90
CA PRO D 235 -29.03 42.04 -3.80
C PRO D 235 -27.90 42.98 -3.39
N GLU D 236 -28.17 43.96 -2.53
CA GLU D 236 -27.12 44.85 -2.04
C GLU D 236 -26.23 44.20 -0.99
N TRP D 237 -26.60 43.04 -0.48
CA TRP D 237 -25.81 42.35 0.52
C TRP D 237 -24.67 41.53 -0.08
N MET D 238 -24.62 41.41 -1.41
CA MET D 238 -23.53 40.69 -2.04
C MET D 238 -22.21 41.44 -1.88
N VAL D 239 -22.25 42.76 -1.94
CA VAL D 239 -21.09 43.60 -1.64
C VAL D 239 -21.09 43.88 -0.15
N LEU D 240 -19.89 43.94 0.44
CA LEU D 240 -19.75 44.09 1.88
C LEU D 240 -18.88 45.30 2.20
N THR D 241 -19.08 45.86 3.39
CA THR D 241 -18.29 46.96 3.89
C THR D 241 -17.44 46.57 5.09
N VAL D 242 -18.04 45.90 6.08
CA VAL D 242 -17.33 45.38 7.24
C VAL D 242 -17.22 43.87 7.11
N LEU D 243 -16.04 43.34 7.41
CA LEU D 243 -15.82 41.91 7.28
C LEU D 243 -15.36 41.32 8.62
N PRO D 244 -15.83 40.13 8.95
CA PRO D 244 -15.42 39.49 10.21
C PRO D 244 -14.01 38.92 10.11
N VAL D 245 -13.45 38.59 11.27
CA VAL D 245 -12.13 37.98 11.37
C VAL D 245 -12.26 36.63 12.04
N LEU D 246 -11.22 35.81 11.88
CA LEU D 246 -11.19 34.49 12.46
C LEU D 246 -10.80 34.56 13.93
N PRO D 247 -11.32 33.67 14.77
CA PRO D 247 -10.91 33.64 16.16
C PRO D 247 -9.41 33.39 16.27
N PRO D 248 -8.77 33.92 17.31
CA PRO D 248 -7.30 33.80 17.39
C PRO D 248 -6.82 32.40 17.73
N ASP D 249 -7.69 31.52 18.21
CA ASP D 249 -7.25 30.16 18.53
C ASP D 249 -7.13 29.29 17.28
N LEU D 250 -7.91 29.58 16.24
CA LEU D 250 -7.78 28.85 14.99
C LEU D 250 -6.47 29.18 14.27
N ARG D 251 -5.88 30.35 14.54
CA ARG D 251 -4.57 30.74 14.04
C ARG D 251 -3.71 31.07 15.25
N PRO D 252 -3.25 30.05 15.97
CA PRO D 252 -2.58 30.29 17.26
C PRO D 252 -1.13 30.75 17.06
N LEU D 253 -0.57 31.26 18.15
CA LEU D 253 0.82 31.68 18.22
C LEU D 253 1.47 30.92 19.36
N VAL D 254 1.96 29.72 19.06
CA VAL D 254 2.57 28.83 20.05
C VAL D 254 4.09 28.93 19.91
N PRO D 255 4.83 29.10 21.01
CA PRO D 255 6.29 29.15 20.93
C PRO D 255 6.86 27.76 20.66
N LEU D 256 8.13 27.75 20.25
CA LEU D 256 8.84 26.51 19.98
C LEU D 256 10.14 26.46 20.77
N ASP D 257 10.97 25.46 20.49
CA ASP D 257 12.24 25.31 21.19
C ASP D 257 13.22 26.40 20.73
N GLY D 258 13.68 27.21 21.67
CA GLY D 258 14.61 28.29 21.37
C GLY D 258 14.01 29.67 21.29
N GLY D 259 12.77 29.85 21.75
CA GLY D 259 12.14 31.15 21.70
C GLY D 259 11.58 31.54 20.36
N ARG D 260 11.53 30.63 19.39
CA ARG D 260 11.02 30.92 18.06
C ARG D 260 9.52 30.64 18.03
N PHE D 261 8.75 31.58 17.48
CA PHE D 261 7.31 31.46 17.40
C PHE D 261 6.91 30.75 16.10
N ALA D 262 5.61 30.64 15.88
CA ALA D 262 5.08 29.99 14.68
C ALA D 262 3.75 30.66 14.34
N THR D 263 3.78 31.49 13.29
CA THR D 263 2.62 32.26 12.87
C THR D 263 1.95 31.58 11.68
N SER D 264 0.62 31.53 11.71
CA SER D 264 -0.14 30.97 10.61
C SER D 264 -0.20 31.95 9.44
N ASP D 265 -0.32 31.40 8.24
CA ASP D 265 -0.35 32.23 7.03
C ASP D 265 -1.65 33.02 6.91
N LEU D 266 -2.72 32.59 7.59
CA LEU D 266 -3.97 33.34 7.53
C LEU D 266 -3.87 34.67 8.27
N ASN D 267 -2.99 34.75 9.27
CA ASN D 267 -2.83 36.00 10.01
C ASN D 267 -2.11 37.05 9.18
N ASP D 268 -1.28 36.62 8.23
CA ASP D 268 -0.58 37.58 7.37
C ASP D 268 -1.55 38.31 6.44
N LEU D 269 -2.60 37.61 5.99
CA LEU D 269 -3.57 38.25 5.11
C LEU D 269 -4.41 39.27 5.86
N TYR D 270 -4.72 39.00 7.14
CA TYR D 270 -5.49 39.95 7.94
C TYR D 270 -4.66 41.17 8.30
N ARG D 271 -3.35 41.00 8.49
CA ARG D 271 -2.49 42.13 8.83
C ARG D 271 -2.24 43.03 7.64
N ARG D 272 -2.29 42.47 6.42
CA ARG D 272 -2.06 43.28 5.23
C ARG D 272 -3.24 44.20 4.94
N VAL D 273 -4.45 43.80 5.34
CA VAL D 273 -5.62 44.63 5.10
C VAL D 273 -5.64 45.81 6.08
N ILE D 274 -5.30 45.56 7.34
CA ILE D 274 -5.31 46.62 8.34
C ILE D 274 -4.24 47.66 8.03
N ASN D 275 -3.10 47.24 7.47
CA ASN D 275 -2.06 48.20 7.11
C ASN D 275 -2.51 49.12 5.98
N ARG D 276 -3.43 48.65 5.13
CA ARG D 276 -3.96 49.46 4.04
C ARG D 276 -5.28 50.14 4.38
N ASN D 277 -6.03 49.60 5.34
CA ASN D 277 -7.29 50.23 5.72
C ASN D 277 -7.06 51.48 6.54
N ASN D 278 -6.04 51.47 7.41
CA ASN D 278 -5.72 52.66 8.19
C ASN D 278 -5.14 53.76 7.32
N ARG D 279 -4.42 53.39 6.26
CA ARG D 279 -3.88 54.41 5.35
C ARG D 279 -4.98 55.07 4.54
N LEU D 280 -6.08 54.35 4.29
CA LEU D 280 -7.19 54.93 3.54
C LEU D 280 -7.91 55.99 4.36
N LYS D 281 -8.07 55.76 5.66
CA LYS D 281 -8.72 56.74 6.51
C LYS D 281 -7.85 57.98 6.73
N ARG D 282 -6.53 57.79 6.77
CA ARG D 282 -5.63 58.92 6.96
C ARG D 282 -5.50 59.74 5.68
N LEU D 283 -5.53 59.09 4.52
CA LEU D 283 -5.41 59.82 3.26
C LEU D 283 -6.68 60.59 2.91
N LEU D 284 -7.83 60.09 3.33
CA LEU D 284 -9.11 60.74 3.04
C LEU D 284 -9.44 61.85 4.01
N ASP D 285 -8.58 62.13 4.99
CA ASP D 285 -8.79 63.20 5.96
C ASP D 285 -7.88 64.40 5.72
N LEU D 286 -7.34 64.53 4.51
CA LEU D 286 -6.46 65.65 4.20
C LEU D 286 -6.75 66.26 2.82
N ALA D 287 -7.92 65.96 2.24
CA ALA D 287 -8.32 66.46 0.92
C ALA D 287 -7.29 66.05 -0.14
N ALA D 288 -7.08 64.73 -0.23
CA ALA D 288 -6.14 64.20 -1.20
C ALA D 288 -6.74 64.24 -2.60
N PRO D 289 -5.90 64.38 -3.64
CA PRO D 289 -6.43 64.38 -5.00
C PRO D 289 -7.00 63.02 -5.39
N ASP D 290 -7.89 63.05 -6.37
CA ASP D 290 -8.57 61.84 -6.80
C ASP D 290 -7.64 60.85 -7.49
N ILE D 291 -6.46 61.28 -7.91
CA ILE D 291 -5.52 60.38 -8.56
C ILE D 291 -4.91 59.42 -7.55
N ILE D 292 -4.60 59.92 -6.36
CA ILE D 292 -3.98 59.08 -5.33
C ILE D 292 -5.01 58.26 -4.56
N VAL D 293 -6.29 58.65 -4.60
CA VAL D 293 -7.31 57.89 -3.89
C VAL D 293 -7.60 56.58 -4.63
N ARG D 294 -7.62 56.63 -5.97
CA ARG D 294 -7.87 55.42 -6.74
C ARG D 294 -6.73 54.41 -6.60
N ASN D 295 -5.52 54.87 -6.31
CA ASN D 295 -4.41 53.95 -6.13
C ASN D 295 -4.55 53.16 -4.83
N GLU D 296 -5.11 53.78 -3.79
CA GLU D 296 -5.30 53.09 -2.52
C GLU D 296 -6.51 52.18 -2.56
N LYS D 297 -7.59 52.61 -3.20
CA LYS D 297 -8.79 51.78 -3.29
C LYS D 297 -8.55 50.52 -4.11
N ARG D 298 -7.66 50.59 -5.10
CA ARG D 298 -7.33 49.39 -5.87
C ARG D 298 -6.47 48.44 -5.07
N MET D 299 -5.66 48.96 -4.14
CA MET D 299 -4.87 48.09 -3.28
C MET D 299 -5.74 47.41 -2.23
N LEU D 300 -6.79 48.08 -1.77
CA LEU D 300 -7.71 47.46 -0.81
C LEU D 300 -8.53 46.35 -1.45
N GLN D 301 -8.84 46.49 -2.75
CA GLN D 301 -9.57 45.43 -3.44
C GLN D 301 -8.72 44.17 -3.57
N GLU D 302 -7.43 44.33 -3.89
CA GLU D 302 -6.56 43.17 -4.02
C GLU D 302 -6.24 42.55 -2.66
N ALA D 303 -6.25 43.35 -1.60
CA ALA D 303 -5.99 42.82 -0.26
C ALA D 303 -7.12 41.92 0.20
N VAL D 304 -8.37 42.36 0.01
CA VAL D 304 -9.51 41.53 0.37
C VAL D 304 -9.62 40.34 -0.59
N ASP D 305 -9.27 40.54 -1.85
CA ASP D 305 -9.31 39.44 -2.81
C ASP D 305 -8.31 38.34 -2.44
N ALA D 306 -7.13 38.74 -1.97
CA ALA D 306 -6.11 37.77 -1.56
C ALA D 306 -6.41 37.17 -0.18
N LEU D 307 -7.35 37.74 0.57
CA LEU D 307 -7.69 37.20 1.88
C LEU D 307 -8.69 36.06 1.78
N LEU D 308 -9.62 36.13 0.82
CA LEU D 308 -10.61 35.08 0.66
C LEU D 308 -10.02 33.87 -0.08
N ASP D 309 -9.55 34.09 -1.30
CA ASP D 309 -8.89 33.05 -2.08
C ASP D 309 -7.49 33.50 -2.47
N ASN D 310 -6.69 32.55 -2.95
CA ASN D 310 -5.32 32.84 -3.33
C ASN D 310 -4.85 31.78 -4.31
N GLY D 311 -4.02 32.21 -5.28
CA GLY D 311 -3.47 31.32 -6.27
C GLY D 311 -4.13 31.41 -7.64
N ARG D 312 -5.28 32.07 -7.75
CA ARG D 312 -5.97 32.16 -9.03
C ARG D 312 -5.36 33.26 -9.90
N ARG D 313 -5.41 34.50 -9.43
CA ARG D 313 -4.87 35.62 -10.19
C ARG D 313 -3.89 36.44 -9.35
N GLY D 314 -4.08 36.43 -8.03
CA GLY D 314 -3.21 37.16 -7.15
C GLY D 314 -1.88 36.49 -6.91
N ARG D 315 -1.91 35.29 -6.33
CA ARG D 315 -0.73 34.49 -6.04
C ARG D 315 0.26 35.27 -5.19
N ALA D 316 -0.18 35.62 -3.98
CA ALA D 316 0.67 36.36 -3.07
C ALA D 316 1.82 35.48 -2.57
N ILE D 317 3.02 36.05 -2.56
CA ILE D 317 4.23 35.35 -2.14
C ILE D 317 4.64 35.86 -0.78
N THR D 318 4.86 34.94 0.16
CA THR D 318 5.27 35.31 1.51
C THR D 318 6.79 35.53 1.55
N GLY D 319 7.27 35.93 2.72
CA GLY D 319 8.70 36.19 2.89
C GLY D 319 9.48 34.93 3.19
N SER D 320 10.72 34.90 2.70
CA SER D 320 11.65 33.79 2.91
C SER D 320 11.09 32.47 2.39
N ASN D 321 10.24 32.54 1.37
CA ASN D 321 9.65 31.35 0.78
C ASN D 321 9.11 31.72 -0.60
N LYS D 322 8.59 30.71 -1.31
CA LYS D 322 8.04 30.90 -2.64
C LYS D 322 6.64 30.32 -2.82
N ARG D 323 6.12 29.58 -1.84
CA ARG D 323 4.80 28.99 -1.97
C ARG D 323 3.73 30.03 -1.65
N PRO D 324 2.60 30.00 -2.35
CA PRO D 324 1.52 30.96 -2.06
C PRO D 324 0.86 30.65 -0.73
N LEU D 325 0.36 31.70 -0.09
CA LEU D 325 -0.29 31.58 1.21
C LEU D 325 -1.68 30.98 1.06
N LYS D 326 -2.01 30.04 1.95
CA LYS D 326 -3.32 29.42 1.94
C LYS D 326 -4.31 30.31 2.69
N SER D 327 -5.37 30.73 2.00
CA SER D 327 -6.36 31.63 2.56
C SER D 327 -7.47 30.82 3.24
N LEU D 328 -8.57 31.49 3.58
CA LEU D 328 -9.69 30.81 4.23
C LEU D 328 -10.37 29.84 3.28
N ALA D 329 -10.71 30.30 2.07
CA ALA D 329 -11.34 29.40 1.10
C ALA D 329 -10.37 28.32 0.63
N ASP D 330 -9.06 28.63 0.59
CA ASP D 330 -8.08 27.62 0.24
C ASP D 330 -7.87 26.61 1.36
N MET D 331 -8.20 26.97 2.60
CA MET D 331 -8.09 26.04 3.71
C MET D 331 -9.15 24.94 3.63
N ILE D 332 -10.35 25.27 3.13
CA ILE D 332 -11.39 24.26 2.98
C ILE D 332 -11.06 23.34 1.80
N LYS D 333 -10.50 23.89 0.73
CA LYS D 333 -10.10 23.07 -0.41
C LYS D 333 -8.89 22.21 -0.07
N GLY D 334 -7.94 22.75 0.67
CA GLY D 334 -6.77 22.02 1.10
C GLY D 334 -7.00 21.05 2.24
N LYS D 335 -8.21 21.03 2.81
CA LYS D 335 -8.54 20.13 3.91
C LYS D 335 -8.84 18.76 3.31
N GLN D 336 -7.79 17.93 3.21
CA GLN D 336 -7.90 16.55 2.72
C GLN D 336 -8.44 16.51 1.30
N GLY D 337 -8.05 17.49 0.48
CA GLY D 337 -8.41 17.49 -0.92
C GLY D 337 -9.86 17.82 -1.19
N ARG D 338 -10.27 19.05 -0.86
CA ARG D 338 -11.62 19.54 -1.12
C ARG D 338 -12.67 18.65 -0.47
N PHE D 339 -12.44 18.31 0.80
CA PHE D 339 -13.36 17.47 1.57
C PHE D 339 -13.44 18.02 2.99
N ARG D 340 -14.26 17.37 3.80
CA ARG D 340 -14.44 17.74 5.20
C ARG D 340 -13.58 16.86 6.10
N GLN D 341 -13.39 17.32 7.33
CA GLN D 341 -12.59 16.54 8.29
C GLN D 341 -13.34 15.30 8.75
N ASN D 342 -14.68 15.32 8.71
CA ASN D 342 -15.45 14.16 9.12
C ASN D 342 -15.46 13.07 8.06
N LEU D 343 -15.39 13.46 6.78
CA LEU D 343 -15.39 12.49 5.69
C LEU D 343 -14.02 11.86 5.46
N LEU D 344 -12.96 12.42 6.04
CA LEU D 344 -11.62 11.89 5.90
C LEU D 344 -11.29 11.01 7.12
N GLY D 345 -10.03 10.60 7.22
CA GLY D 345 -9.61 9.78 8.35
C GLY D 345 -9.53 10.62 9.61
N LYS D 346 -10.13 10.11 10.68
CA LYS D 346 -10.15 10.80 11.97
C LYS D 346 -9.47 9.92 13.02
N ARG D 347 -8.57 10.51 13.79
CA ARG D 347 -7.90 9.78 14.86
C ARG D 347 -8.86 9.54 16.01
N VAL D 348 -9.01 8.27 16.40
CA VAL D 348 -9.93 7.89 17.46
C VAL D 348 -9.13 7.27 18.60
N ASP D 349 -9.73 7.30 19.79
CA ASP D 349 -9.12 6.73 20.98
C ASP D 349 -9.60 5.29 21.17
N TYR D 350 -9.03 4.62 22.19
CA TYR D 350 -9.37 3.24 22.52
C TYR D 350 -9.20 2.31 21.33
N SER D 351 -7.99 2.34 20.77
CA SER D 351 -7.66 1.54 19.59
C SER D 351 -6.25 0.97 19.74
N GLY D 352 -5.85 0.18 18.76
CA GLY D 352 -4.54 -0.44 18.78
C GLY D 352 -4.38 -1.49 17.70
N ARG D 353 -3.19 -1.55 17.09
CA ARG D 353 -2.91 -2.48 16.01
C ARG D 353 -1.73 -3.36 16.37
N SER D 354 -1.76 -4.60 15.88
CA SER D 354 -0.68 -5.55 16.13
C SER D 354 -0.76 -6.65 15.09
N VAL D 355 0.24 -7.52 15.09
CA VAL D 355 0.32 -8.61 14.12
C VAL D 355 -0.67 -9.69 14.50
N ILE D 356 -1.37 -10.23 13.50
CA ILE D 356 -2.36 -11.26 13.75
C ILE D 356 -1.69 -12.63 13.82
N THR D 357 -2.40 -13.59 14.41
CA THR D 357 -1.89 -14.93 14.60
C THR D 357 -3.06 -15.90 14.65
N VAL D 358 -2.95 -17.02 13.94
CA VAL D 358 -4.02 -18.01 13.88
C VAL D 358 -4.04 -18.81 15.18
N GLY D 359 -5.24 -19.05 15.70
CA GLY D 359 -5.42 -19.87 16.88
C GLY D 359 -6.50 -20.91 16.69
N PRO D 360 -6.12 -22.19 16.74
CA PRO D 360 -7.10 -23.27 16.56
C PRO D 360 -7.83 -23.69 17.83
N THR D 361 -7.58 -23.03 18.95
CA THR D 361 -8.21 -23.37 20.22
C THR D 361 -9.19 -22.28 20.69
N LEU D 362 -9.74 -21.52 19.75
CA LEU D 362 -10.69 -20.46 20.06
C LEU D 362 -12.03 -20.74 19.41
N ARG D 363 -13.09 -20.26 20.04
CA ARG D 363 -14.43 -20.43 19.51
C ARG D 363 -14.69 -19.42 18.40
N LEU D 364 -15.85 -19.57 17.74
CA LEU D 364 -16.17 -18.71 16.61
C LEU D 364 -16.59 -17.31 17.05
N HIS D 365 -17.09 -17.16 18.29
CA HIS D 365 -17.56 -15.86 18.77
C HIS D 365 -16.50 -15.11 19.58
N GLN D 366 -15.39 -15.76 19.94
CA GLN D 366 -14.35 -15.12 20.73
C GLN D 366 -13.04 -15.11 19.94
N CYS D 367 -12.14 -14.22 20.36
CA CYS D 367 -10.84 -14.08 19.72
C CYS D 367 -9.79 -13.94 20.83
N GLY D 368 -8.57 -13.60 20.43
CA GLY D 368 -7.48 -13.43 21.38
C GLY D 368 -7.08 -11.99 21.57
N LEU D 369 -6.42 -11.69 22.69
CA LEU D 369 -5.98 -10.33 22.98
C LEU D 369 -4.82 -10.37 23.98
N PRO D 370 -3.73 -9.66 23.71
CA PRO D 370 -2.61 -9.66 24.65
C PRO D 370 -2.98 -9.00 25.97
N LYS D 371 -2.23 -9.37 27.01
CA LYS D 371 -2.48 -8.81 28.33
C LYS D 371 -2.03 -7.36 28.44
N LYS D 372 -0.98 -6.98 27.69
CA LYS D 372 -0.50 -5.61 27.73
C LYS D 372 -1.41 -4.65 26.97
N MET D 373 -2.16 -5.15 25.98
CA MET D 373 -3.08 -4.28 25.25
C MET D 373 -4.38 -4.09 26.01
N ALA D 374 -4.84 -5.11 26.72
CA ALA D 374 -6.09 -5.01 27.48
C ALA D 374 -5.98 -4.05 28.65
N LEU D 375 -4.77 -3.82 29.17
CA LEU D 375 -4.59 -2.88 30.27
C LEU D 375 -4.66 -1.44 29.79
N GLU D 376 -4.30 -1.17 28.55
CA GLU D 376 -4.35 0.18 28.00
C GLU D 376 -5.69 0.52 27.37
N LEU D 377 -6.39 -0.48 26.81
CA LEU D 377 -7.70 -0.21 26.22
C LEU D 377 -8.77 -0.08 27.29
N PHE D 378 -8.77 -0.97 28.28
CA PHE D 378 -9.76 -0.96 29.35
C PHE D 378 -9.26 -0.21 30.59
N LYS D 379 -8.41 0.79 30.39
CA LYS D 379 -7.89 1.55 31.53
C LYS D 379 -8.97 2.30 32.29
N PRO D 380 -9.90 3.03 31.66
CA PRO D 380 -10.97 3.67 32.43
C PRO D 380 -11.92 2.71 33.10
N PHE D 381 -12.01 1.47 32.61
CA PHE D 381 -12.90 0.47 33.21
C PHE D 381 -12.31 -0.13 34.48
N ILE D 382 -10.99 -0.11 34.64
CA ILE D 382 -10.37 -0.64 35.85
C ILE D 382 -10.52 0.34 37.00
N PHE D 383 -10.43 1.64 36.72
CA PHE D 383 -10.57 2.65 37.77
C PHE D 383 -11.97 2.64 38.37
N GLY D 384 -12.99 2.26 37.58
CA GLY D 384 -14.34 2.20 38.10
C GLY D 384 -14.62 0.97 38.91
N LYS D 385 -13.91 -0.13 38.64
CA LYS D 385 -14.11 -1.36 39.39
C LYS D 385 -13.35 -1.37 40.71
N LEU D 386 -12.20 -0.69 40.76
CA LEU D 386 -11.41 -0.66 41.99
C LEU D 386 -12.05 0.25 43.04
N GLU D 387 -12.74 1.31 42.61
CA GLU D 387 -13.40 2.21 43.55
C GLU D 387 -14.68 1.59 44.09
N GLY D 388 -15.41 0.85 43.26
CA GLY D 388 -16.63 0.22 43.72
C GLY D 388 -16.38 -0.98 44.61
N ARG D 389 -15.25 -1.65 44.43
CA ARG D 389 -14.92 -2.82 45.25
C ARG D 389 -14.43 -2.40 46.63
N GLY D 390 -13.61 -1.35 46.69
CA GLY D 390 -13.08 -0.85 47.96
C GLY D 390 -11.58 -0.94 48.09
N MET D 391 -10.84 -1.40 47.08
CA MET D 391 -9.39 -1.48 47.20
C MET D 391 -8.74 -0.12 46.97
N ALA D 392 -9.21 0.63 45.98
CA ALA D 392 -8.69 1.95 45.67
C ALA D 392 -9.66 3.01 46.19
N THR D 393 -9.13 3.98 46.95
CA THR D 393 -9.97 5.04 47.51
C THR D 393 -10.25 6.13 46.49
N THR D 394 -9.20 6.77 46.00
CA THR D 394 -9.30 7.84 45.02
C THR D 394 -8.85 7.35 43.65
N ILE D 395 -8.99 8.22 42.65
CA ILE D 395 -8.59 7.87 41.29
C ILE D 395 -7.09 8.02 41.09
N LYS D 396 -6.41 8.81 41.92
CA LYS D 396 -4.97 8.96 41.79
C LYS D 396 -4.24 7.74 42.32
N ALA D 397 -4.76 7.12 43.38
CA ALA D 397 -4.13 5.92 43.92
C ALA D 397 -4.36 4.72 43.01
N ALA D 398 -5.44 4.72 42.23
CA ALA D 398 -5.70 3.62 41.31
C ALA D 398 -4.80 3.67 40.08
N LYS D 399 -4.24 4.84 39.75
CA LYS D 399 -3.34 4.93 38.62
C LYS D 399 -2.00 4.28 38.91
N LYS D 400 -1.53 4.35 40.15
CA LYS D 400 -0.28 3.72 40.53
C LYS D 400 -0.40 2.22 40.73
N MET D 401 -1.62 1.68 40.79
CA MET D 401 -1.82 0.25 40.93
C MET D 401 -1.80 -0.47 39.60
N VAL D 402 -2.26 0.17 38.52
CA VAL D 402 -2.22 -0.47 37.21
C VAL D 402 -0.86 -0.33 36.54
N GLU D 403 -0.03 0.62 36.99
CA GLU D 403 1.31 0.79 36.46
C GLU D 403 2.37 0.05 37.26
N ARG D 404 2.03 -0.46 38.44
CA ARG D 404 2.95 -1.24 39.25
C ARG D 404 2.90 -2.72 38.94
N GLU D 405 1.88 -3.19 38.23
CA GLU D 405 1.71 -4.59 37.87
C GLU D 405 1.67 -5.48 39.11
N LEU D 406 0.67 -5.23 39.95
CA LEU D 406 0.49 -5.99 41.18
C LEU D 406 -0.22 -7.29 40.88
N PRO D 407 -0.35 -8.17 41.88
CA PRO D 407 -1.02 -9.46 41.66
C PRO D 407 -2.54 -9.38 41.77
N GLU D 408 -3.09 -8.27 42.25
CA GLU D 408 -4.54 -8.13 42.40
C GLU D 408 -5.18 -7.37 41.25
N VAL D 409 -4.39 -6.80 40.33
CA VAL D 409 -4.97 -6.06 39.22
C VAL D 409 -5.41 -6.99 38.09
N TRP D 410 -4.87 -8.21 38.03
CA TRP D 410 -5.27 -9.14 36.97
C TRP D 410 -6.59 -9.82 37.29
N ASP D 411 -6.92 -9.99 38.57
CA ASP D 411 -8.19 -10.61 38.92
C ASP D 411 -9.36 -9.66 38.67
N VAL D 412 -9.15 -8.36 38.88
CA VAL D 412 -10.19 -7.37 38.61
C VAL D 412 -10.26 -7.01 37.13
N LEU D 413 -9.18 -7.24 36.38
CA LEU D 413 -9.18 -6.94 34.96
C LEU D 413 -10.08 -7.91 34.19
N ALA D 414 -9.99 -9.20 34.50
CA ALA D 414 -10.78 -10.21 33.80
C ALA D 414 -12.28 -10.10 34.08
N GLU D 415 -12.69 -9.25 35.01
CA GLU D 415 -14.11 -9.09 35.29
C GLU D 415 -14.82 -8.29 34.22
N VAL D 416 -14.12 -7.35 33.56
CA VAL D 416 -14.73 -6.54 32.52
C VAL D 416 -14.50 -7.10 31.12
N ILE D 417 -13.64 -8.11 30.98
CA ILE D 417 -13.39 -8.72 29.67
C ILE D 417 -14.34 -9.88 29.38
N ARG D 418 -15.09 -10.36 30.38
CA ARG D 418 -15.97 -11.50 30.17
C ARG D 418 -17.07 -11.18 29.16
N GLU D 419 -17.75 -10.05 29.33
CA GLU D 419 -18.83 -9.64 28.44
C GLU D 419 -18.53 -8.21 27.97
N HIS D 420 -17.75 -8.10 26.90
CA HIS D 420 -17.42 -6.80 26.33
C HIS D 420 -16.97 -6.99 24.88
N PRO D 421 -17.91 -7.01 23.92
CA PRO D 421 -17.55 -7.26 22.53
C PRO D 421 -16.68 -6.14 21.97
N VAL D 422 -15.46 -6.48 21.61
CA VAL D 422 -14.55 -5.53 20.98
C VAL D 422 -14.61 -5.69 19.47
N LEU D 423 -14.26 -4.63 18.75
CA LEU D 423 -14.33 -4.61 17.30
C LEU D 423 -12.96 -4.89 16.68
N LEU D 424 -12.98 -5.55 15.54
CA LEU D 424 -11.77 -5.87 14.78
C LEU D 424 -11.98 -5.50 13.32
N ASN D 425 -10.94 -4.96 12.70
CA ASN D 425 -11.02 -4.55 11.30
C ASN D 425 -9.62 -4.52 10.70
N ARG D 426 -9.55 -4.79 9.40
CA ARG D 426 -8.30 -4.73 8.67
C ARG D 426 -8.13 -3.34 8.05
N ALA D 427 -6.99 -3.13 7.39
CA ALA D 427 -6.76 -1.84 6.74
C ALA D 427 -7.68 -1.62 5.55
N PRO D 428 -7.76 -2.53 4.56
CA PRO D 428 -8.73 -2.32 3.46
C PRO D 428 -10.10 -2.89 3.80
N THR D 429 -11.13 -2.05 3.74
CA THR D 429 -12.50 -2.45 4.05
C THR D 429 -13.33 -2.27 2.78
N LEU D 430 -13.62 -3.38 2.10
CA LEU D 430 -14.38 -3.35 0.86
C LEU D 430 -15.78 -3.93 1.01
N HIS D 431 -16.15 -4.42 2.19
CA HIS D 431 -17.47 -4.98 2.41
C HIS D 431 -17.84 -4.79 3.88
N ARG D 432 -19.06 -5.20 4.22
CA ARG D 432 -19.53 -5.05 5.60
C ARG D 432 -18.90 -6.08 6.53
N LEU D 433 -18.44 -7.21 6.00
CA LEU D 433 -17.82 -8.25 6.83
C LEU D 433 -16.40 -7.89 7.26
N GLY D 434 -15.89 -6.71 6.89
CA GLY D 434 -14.55 -6.31 7.30
C GLY D 434 -14.46 -5.83 8.73
N ILE D 435 -15.59 -5.47 9.34
CA ILE D 435 -15.63 -5.01 10.72
C ILE D 435 -16.58 -5.95 11.46
N GLN D 436 -16.01 -6.85 12.28
CA GLN D 436 -16.79 -7.80 13.06
C GLN D 436 -16.40 -7.68 14.52
N ALA D 437 -17.36 -7.95 15.39
CA ALA D 437 -17.15 -7.87 16.83
C ALA D 437 -16.86 -9.25 17.40
N PHE D 438 -15.90 -9.31 18.32
CA PHE D 438 -15.49 -10.55 18.96
C PHE D 438 -15.41 -10.35 20.47
N GLU D 439 -15.37 -11.46 21.19
CA GLU D 439 -15.20 -11.43 22.63
C GLU D 439 -13.74 -11.65 22.96
N PRO D 440 -13.04 -10.68 23.54
CA PRO D 440 -11.60 -10.83 23.78
C PRO D 440 -11.32 -11.79 24.93
N VAL D 441 -10.26 -12.58 24.76
CA VAL D 441 -9.80 -13.51 25.77
C VAL D 441 -8.36 -13.16 26.13
N LEU D 442 -8.09 -13.03 27.42
CA LEU D 442 -6.77 -12.64 27.90
C LEU D 442 -5.76 -13.74 27.57
N ILE D 443 -4.86 -13.46 26.63
CA ILE D 443 -3.82 -14.40 26.24
C ILE D 443 -2.47 -13.75 26.46
N GLU D 444 -1.44 -14.59 26.60
CA GLU D 444 -0.08 -14.13 26.82
C GLU D 444 0.65 -14.06 25.49
N GLY D 445 1.27 -12.92 25.22
CA GLY D 445 2.00 -12.70 24.00
C GLY D 445 1.85 -11.26 23.54
N LYS D 446 2.25 -11.02 22.30
CA LYS D 446 2.16 -9.70 21.68
C LYS D 446 1.51 -9.80 20.30
N ALA D 447 0.46 -10.59 20.19
CA ALA D 447 -0.21 -10.78 18.92
C ALA D 447 -1.70 -11.06 19.17
N ILE D 448 -2.51 -10.80 18.15
CA ILE D 448 -3.94 -11.02 18.23
C ILE D 448 -4.24 -12.43 17.71
N GLN D 449 -4.76 -13.28 18.60
CA GLN D 449 -5.10 -14.64 18.23
C GLN D 449 -6.46 -14.64 17.53
N LEU D 450 -6.47 -14.90 16.23
CA LEU D 450 -7.67 -14.85 15.42
C LEU D 450 -8.17 -16.25 15.10
N HIS D 451 -9.46 -16.34 14.78
CA HIS D 451 -10.07 -17.61 14.43
C HIS D 451 -9.70 -18.00 13.00
N PRO D 452 -9.47 -19.29 12.74
CA PRO D 452 -9.09 -19.70 11.37
C PRO D 452 -10.24 -19.59 10.38
N LEU D 453 -11.48 -19.85 10.79
CA LEU D 453 -12.59 -19.84 9.85
C LEU D 453 -12.98 -18.43 9.45
N VAL D 454 -12.80 -17.45 10.35
CA VAL D 454 -13.20 -16.07 10.05
C VAL D 454 -12.24 -15.38 9.09
N CYS D 455 -11.09 -15.99 8.81
CA CYS D 455 -10.13 -15.37 7.90
C CYS D 455 -10.65 -15.29 6.46
N ALA D 456 -11.65 -16.09 6.11
CA ALA D 456 -12.19 -16.03 4.76
C ALA D 456 -12.98 -14.74 4.52
N ALA D 457 -13.58 -14.18 5.58
CA ALA D 457 -14.33 -12.94 5.44
C ALA D 457 -13.40 -11.73 5.37
N TYR D 458 -12.35 -11.71 6.18
CA TYR D 458 -11.41 -10.60 6.16
C TYR D 458 -10.53 -10.61 4.92
N ASN D 459 -10.42 -11.76 4.25
CA ASN D 459 -9.56 -11.92 3.07
C ASN D 459 -8.12 -11.52 3.40
N ALA D 460 -7.63 -11.98 4.54
CA ALA D 460 -6.29 -11.64 5.03
C ALA D 460 -5.53 -12.93 5.32
N ASP D 461 -4.27 -12.97 4.88
CA ASP D 461 -3.38 -14.09 5.16
C ASP D 461 -2.40 -13.72 6.27
N PHE D 462 -1.75 -14.74 6.81
CA PHE D 462 -0.82 -14.57 7.93
C PHE D 462 0.59 -14.44 7.37
N ASP D 463 0.95 -13.21 6.98
CA ASP D 463 2.28 -12.93 6.49
C ASP D 463 2.84 -11.63 7.04
N GLY D 464 2.21 -11.04 8.07
CA GLY D 464 2.66 -9.79 8.62
C GLY D 464 1.59 -8.71 8.58
N ASP D 465 0.33 -9.14 8.47
CA ASP D 465 -0.79 -8.21 8.42
C ASP D 465 -1.13 -7.69 9.81
N GLN D 466 -1.66 -6.48 9.86
CA GLN D 466 -2.04 -5.84 11.12
C GLN D 466 -3.52 -5.51 11.10
N MET D 467 -4.20 -5.79 12.21
CA MET D 467 -5.63 -5.53 12.36
C MET D 467 -5.83 -4.65 13.58
N ALA D 468 -6.50 -3.52 13.38
CA ALA D 468 -6.76 -2.60 14.47
C ALA D 468 -7.93 -3.08 15.33
N VAL D 469 -7.95 -2.62 16.58
CA VAL D 469 -9.00 -2.98 17.52
C VAL D 469 -9.79 -1.74 17.89
N HIS D 470 -10.97 -1.96 18.44
CA HIS D 470 -11.84 -0.87 18.89
C HIS D 470 -12.65 -1.36 20.07
N VAL D 471 -12.77 -0.51 21.10
CA VAL D 471 -13.49 -0.85 22.31
C VAL D 471 -14.69 0.08 22.49
N PRO D 472 -15.91 -0.42 22.35
CA PRO D 472 -17.08 0.44 22.59
C PRO D 472 -17.27 0.72 24.06
N LEU D 473 -17.54 1.99 24.38
CA LEU D 473 -17.68 2.42 25.77
C LEU D 473 -19.13 2.38 26.24
N THR D 474 -20.04 2.95 25.46
CA THR D 474 -21.44 3.02 25.86
C THR D 474 -22.08 1.63 25.80
N LEU D 475 -22.91 1.34 26.81
CA LEU D 475 -23.62 0.06 26.82
C LEU D 475 -24.60 -0.03 25.65
N GLU D 476 -25.06 1.11 25.13
CA GLU D 476 -25.90 1.10 23.94
C GLU D 476 -25.13 0.60 22.73
N ALA D 477 -23.82 0.86 22.68
CA ALA D 477 -22.99 0.34 21.60
C ALA D 477 -22.59 -1.11 21.82
N GLN D 478 -22.59 -1.58 23.06
CA GLN D 478 -22.26 -2.98 23.32
C GLN D 478 -23.41 -3.91 22.95
N LEU D 479 -24.64 -3.42 22.98
CA LEU D 479 -25.78 -4.25 22.61
C LEU D 479 -25.92 -4.38 21.10
N GLU D 480 -25.68 -3.29 20.37
CA GLU D 480 -25.75 -3.34 18.91
C GLU D 480 -24.51 -3.97 18.28
N ALA D 481 -23.44 -4.18 19.05
CA ALA D 481 -22.28 -4.90 18.56
C ALA D 481 -22.37 -6.40 18.79
N ARG D 482 -23.16 -6.83 19.78
CA ARG D 482 -23.36 -8.25 20.05
C ARG D 482 -24.49 -8.84 19.22
N ALA D 483 -25.53 -8.08 18.95
CA ALA D 483 -26.66 -8.57 18.18
C ALA D 483 -26.48 -8.40 16.67
N LEU D 484 -25.62 -7.50 16.24
CA LEU D 484 -25.42 -7.22 14.82
C LEU D 484 -24.01 -7.50 14.35
N MET D 485 -23.00 -7.03 15.07
CA MET D 485 -21.61 -7.14 14.62
C MET D 485 -20.94 -8.43 15.08
N MET D 486 -21.66 -9.33 15.75
CA MET D 486 -21.05 -10.56 16.22
C MET D 486 -20.69 -11.46 15.04
N SER D 487 -19.63 -12.27 15.24
CA SER D 487 -19.18 -13.16 14.19
C SER D 487 -20.12 -14.34 13.98
N THR D 488 -21.02 -14.61 14.93
CA THR D 488 -21.98 -15.70 14.79
C THR D 488 -23.22 -15.28 14.02
N ASN D 489 -23.47 -13.99 13.88
CA ASN D 489 -24.65 -13.50 13.19
C ASN D 489 -24.43 -13.35 11.68
N ASN D 490 -23.26 -12.86 11.28
CA ASN D 490 -22.95 -12.66 9.87
C ASN D 490 -22.28 -13.90 9.29
N ILE D 491 -22.98 -15.03 9.42
CA ILE D 491 -22.48 -16.29 8.87
C ILE D 491 -22.76 -16.44 7.38
N LEU D 492 -23.64 -15.61 6.84
CA LEU D 492 -23.97 -15.62 5.42
C LEU D 492 -23.45 -14.35 4.76
N SER D 493 -22.90 -14.50 3.56
CA SER D 493 -22.38 -13.35 2.83
C SER D 493 -23.52 -12.47 2.34
N PRO D 494 -23.36 -11.14 2.37
CA PRO D 494 -24.44 -10.26 1.87
C PRO D 494 -24.59 -10.27 0.36
N ALA D 495 -23.64 -10.84 -0.38
CA ALA D 495 -23.74 -10.86 -1.83
C ALA D 495 -24.76 -11.88 -2.30
N ASN D 496 -24.55 -13.15 -1.96
CA ASN D 496 -25.46 -14.22 -2.36
C ASN D 496 -25.82 -15.10 -1.17
N GLY D 497 -26.52 -16.20 -1.42
CA GLY D 497 -26.93 -17.11 -0.37
C GLY D 497 -25.85 -18.05 0.13
N GLU D 498 -24.67 -18.01 -0.47
CA GLU D 498 -23.59 -18.89 -0.04
C GLU D 498 -23.00 -18.38 1.27
N PRO D 499 -22.76 -19.25 2.25
CA PRO D 499 -22.20 -18.80 3.52
C PRO D 499 -20.74 -18.36 3.36
N ILE D 500 -20.37 -17.36 4.16
CA ILE D 500 -18.99 -16.87 4.14
C ILE D 500 -18.09 -17.62 5.11
N ILE D 501 -18.66 -18.34 6.07
CA ILE D 501 -17.89 -19.13 7.02
C ILE D 501 -17.85 -20.55 6.47
N VAL D 502 -16.83 -20.83 5.66
CA VAL D 502 -16.68 -22.13 5.01
C VAL D 502 -15.33 -22.71 5.45
N PRO D 503 -15.22 -24.03 5.62
CA PRO D 503 -13.91 -24.63 5.91
C PRO D 503 -12.90 -24.29 4.84
N SER D 504 -11.75 -23.78 5.26
CA SER D 504 -10.72 -23.32 4.36
C SER D 504 -9.89 -24.51 3.85
N GLN D 505 -8.75 -24.21 3.23
CA GLN D 505 -7.94 -25.25 2.62
C GLN D 505 -7.42 -26.26 3.64
N ASP D 506 -7.09 -25.80 4.84
CA ASP D 506 -6.55 -26.71 5.85
C ASP D 506 -7.64 -27.59 6.47
N VAL D 507 -8.85 -27.07 6.60
CA VAL D 507 -9.93 -27.84 7.20
C VAL D 507 -10.51 -28.84 6.20
N VAL D 508 -10.61 -28.43 4.93
CA VAL D 508 -11.18 -29.31 3.91
C VAL D 508 -10.24 -30.45 3.55
N MET D 509 -8.94 -30.31 3.84
CA MET D 509 -8.00 -31.38 3.55
C MET D 509 -8.20 -32.56 4.49
N GLY D 510 -8.41 -32.29 5.78
CA GLY D 510 -8.65 -33.36 6.73
C GLY D 510 -10.01 -34.01 6.60
N LEU D 511 -10.99 -33.29 6.03
CA LEU D 511 -12.32 -33.86 5.85
C LEU D 511 -12.42 -34.67 4.55
N TYR D 512 -11.60 -34.34 3.55
CA TYR D 512 -11.62 -35.10 2.31
C TYR D 512 -10.98 -36.46 2.48
N TYR D 513 -9.88 -36.53 3.24
CA TYR D 513 -9.24 -37.82 3.49
C TYR D 513 -10.08 -38.69 4.40
N MET D 514 -10.89 -38.08 5.28
CA MET D 514 -11.75 -38.86 6.16
C MET D 514 -12.86 -39.55 5.37
N THR D 515 -13.45 -38.84 4.40
CA THR D 515 -14.52 -39.40 3.57
C THR D 515 -13.91 -39.78 2.22
N ARG D 516 -13.42 -41.00 2.14
CA ARG D 516 -12.79 -41.51 0.93
C ARG D 516 -13.13 -42.99 0.76
N GLU D 517 -13.10 -43.45 -0.48
CA GLU D 517 -13.42 -44.84 -0.82
C GLU D 517 -12.14 -45.58 -1.18
N ALA D 518 -12.01 -46.80 -0.67
CA ALA D 518 -10.86 -47.65 -0.94
C ALA D 518 -11.33 -49.05 -1.31
N ILE D 519 -10.55 -49.71 -2.17
CA ILE D 519 -10.89 -51.06 -2.60
C ILE D 519 -10.57 -52.07 -1.51
N ASN D 520 -9.34 -52.06 -1.02
CA ASN D 520 -8.90 -52.96 0.03
C ASN D 520 -8.34 -52.15 1.19
N ALA D 521 -8.73 -52.51 2.41
CA ALA D 521 -8.27 -51.82 3.61
C ALA D 521 -8.33 -52.79 4.78
N LYS D 522 -7.75 -52.37 5.89
CA LYS D 522 -7.74 -53.20 7.10
C LYS D 522 -9.07 -53.06 7.83
N GLY D 523 -9.70 -54.20 8.11
CA GLY D 523 -10.99 -54.19 8.78
C GLY D 523 -12.17 -53.98 7.85
N GLU D 524 -12.07 -54.44 6.61
CA GLU D 524 -13.14 -54.26 5.63
C GLU D 524 -14.03 -55.49 5.62
N GLY D 525 -15.35 -55.26 5.62
CA GLY D 525 -16.33 -56.33 5.59
C GLY D 525 -17.02 -56.59 6.90
N MET D 526 -16.62 -55.91 7.98
CA MET D 526 -17.22 -56.11 9.29
C MET D 526 -18.43 -55.20 9.46
N ALA D 527 -19.13 -55.38 10.58
CA ALA D 527 -20.31 -54.60 10.91
C ALA D 527 -20.16 -53.99 12.29
N PHE D 528 -20.93 -52.94 12.55
CA PHE D 528 -20.90 -52.24 13.82
C PHE D 528 -22.32 -52.01 14.31
N ALA D 529 -22.45 -51.86 15.63
CA ALA D 529 -23.76 -51.67 16.24
C ALA D 529 -24.27 -50.25 16.06
N ASP D 530 -23.40 -49.25 16.28
CA ASP D 530 -23.78 -47.85 16.15
C ASP D 530 -22.50 -47.04 15.91
N LEU D 531 -22.62 -45.72 16.02
CA LEU D 531 -21.47 -44.85 15.84
C LEU D 531 -20.48 -44.96 16.99
N GLN D 532 -20.91 -45.47 18.14
CA GLN D 532 -20.00 -45.63 19.26
C GLN D 532 -19.03 -46.79 19.04
N GLU D 533 -19.41 -47.77 18.23
CA GLU D 533 -18.53 -48.90 17.93
C GLU D 533 -17.52 -48.58 16.85
N VAL D 534 -17.81 -47.61 15.98
CA VAL D 534 -16.88 -47.24 14.92
C VAL D 534 -15.70 -46.46 15.49
N ASP D 535 -15.97 -45.57 16.46
CA ASP D 535 -14.90 -44.78 17.04
C ASP D 535 -14.00 -45.63 17.92
N ARG D 536 -14.55 -46.65 18.58
CA ARG D 536 -13.73 -47.50 19.44
C ARG D 536 -12.87 -48.44 18.62
N ALA D 537 -13.40 -48.96 17.51
CA ALA D 537 -12.64 -49.89 16.69
C ALA D 537 -11.55 -49.18 15.88
N TYR D 538 -11.73 -47.89 15.59
CA TYR D 538 -10.74 -47.15 14.83
C TYR D 538 -9.57 -46.72 15.70
N ARG D 539 -9.85 -46.14 16.87
CA ARG D 539 -8.80 -45.68 17.77
C ARG D 539 -8.04 -46.82 18.41
N SER D 540 -8.54 -48.05 18.34
CA SER D 540 -7.83 -49.20 18.90
C SER D 540 -6.74 -49.73 17.97
N GLY D 541 -6.64 -49.21 16.75
CA GLY D 541 -5.63 -49.64 15.81
C GLY D 541 -5.96 -50.90 15.05
N GLN D 542 -7.21 -51.36 15.09
CA GLN D 542 -7.62 -52.57 14.40
C GLN D 542 -8.48 -52.31 13.18
N ALA D 543 -8.85 -51.06 12.92
CA ALA D 543 -9.67 -50.70 11.77
C ALA D 543 -9.06 -49.52 11.05
N SER D 544 -9.15 -49.53 9.72
CA SER D 544 -8.60 -48.46 8.92
C SER D 544 -9.52 -47.24 8.96
N LEU D 545 -9.00 -46.11 8.45
CA LEU D 545 -9.77 -44.89 8.45
C LEU D 545 -10.88 -44.92 7.40
N HIS D 546 -10.67 -45.63 6.30
CA HIS D 546 -11.68 -45.72 5.23
C HIS D 546 -11.73 -47.18 4.78
N ALA D 547 -12.75 -47.90 5.25
CA ALA D 547 -12.96 -49.29 4.88
C ALA D 547 -14.45 -49.54 4.68
N ARG D 548 -14.77 -50.35 3.67
CA ARG D 548 -16.15 -50.62 3.31
C ARG D 548 -16.80 -51.49 4.38
N VAL D 549 -17.60 -50.89 5.25
CA VAL D 549 -18.30 -51.58 6.31
C VAL D 549 -19.78 -51.24 6.22
N LYS D 550 -20.57 -51.80 7.14
CA LYS D 550 -21.99 -51.55 7.22
C LYS D 550 -22.37 -51.25 8.67
N VAL D 551 -23.11 -50.16 8.88
CA VAL D 551 -23.52 -49.74 10.21
C VAL D 551 -25.01 -49.40 10.17
N ARG D 552 -25.61 -49.39 11.36
CA ARG D 552 -26.99 -48.98 11.54
C ARG D 552 -27.03 -47.78 12.47
N ILE D 553 -27.64 -46.69 12.01
CA ILE D 553 -27.66 -45.44 12.75
C ILE D 553 -29.10 -45.08 13.07
N ASN D 554 -29.27 -44.22 14.07
CA ASN D 554 -30.58 -43.70 14.48
C ASN D 554 -30.62 -42.23 14.08
N GLU D 555 -31.05 -41.98 12.85
CA GLU D 555 -31.12 -40.63 12.31
C GLU D 555 -32.51 -40.04 12.50
N LYS D 556 -32.56 -38.72 12.66
CA LYS D 556 -33.81 -38.00 12.86
C LYS D 556 -33.99 -37.01 11.71
N ILE D 557 -35.20 -37.00 11.14
CA ILE D 557 -35.54 -36.11 10.02
C ILE D 557 -36.45 -35.02 10.55
N LYS D 558 -36.18 -33.78 10.14
CA LYS D 558 -36.97 -32.62 10.55
C LYS D 558 -37.90 -32.15 9.44
N GLY D 559 -38.48 -33.08 8.68
CA GLY D 559 -39.40 -32.70 7.63
C GLY D 559 -40.69 -32.12 8.14
N GLU D 560 -41.10 -32.50 9.35
CA GLU D 560 -42.32 -32.00 9.97
C GLU D 560 -41.95 -30.93 11.00
N ASP D 561 -42.67 -29.81 10.97
CA ASP D 561 -42.40 -28.72 11.90
C ASP D 561 -42.86 -29.10 13.30
N GLY D 562 -41.94 -29.05 14.27
CA GLY D 562 -42.26 -29.38 15.64
C GLY D 562 -42.24 -30.85 15.98
N GLN D 563 -41.90 -31.71 15.03
CA GLN D 563 -41.85 -33.16 15.26
C GLN D 563 -40.54 -33.71 14.72
N LEU D 564 -39.86 -34.50 15.54
CA LEU D 564 -38.59 -35.11 15.18
C LEU D 564 -38.76 -36.63 15.23
N THR D 565 -39.00 -37.25 14.08
CA THR D 565 -39.17 -38.69 14.01
C THR D 565 -37.82 -39.39 14.16
N ALA D 566 -37.89 -40.70 14.44
CA ALA D 566 -36.71 -41.53 14.61
C ALA D 566 -36.82 -42.74 13.71
N ASN D 567 -35.75 -43.01 12.94
CA ASN D 567 -35.72 -44.13 12.03
C ASN D 567 -34.35 -44.79 12.08
N THR D 568 -34.34 -46.11 11.90
CA THR D 568 -33.11 -46.90 11.89
C THR D 568 -32.90 -47.45 10.49
N ARG D 569 -31.73 -47.16 9.91
CA ARG D 569 -31.39 -47.60 8.57
C ARG D 569 -29.99 -48.21 8.58
N ILE D 570 -29.85 -49.38 7.94
CA ILE D 570 -28.58 -50.08 7.85
C ILE D 570 -27.95 -49.70 6.51
N VAL D 571 -27.00 -48.78 6.55
CA VAL D 571 -26.31 -48.32 5.35
C VAL D 571 -24.90 -48.90 5.33
N ASP D 572 -24.34 -48.99 4.13
CA ASP D 572 -23.00 -49.54 3.91
C ASP D 572 -22.09 -48.41 3.43
N THR D 573 -21.37 -47.80 4.36
CA THR D 573 -20.46 -46.71 4.04
C THR D 573 -19.06 -46.98 4.57
N THR D 574 -18.17 -46.01 4.47
CA THR D 574 -16.80 -46.17 4.93
C THR D 574 -16.71 -45.93 6.44
N VAL D 575 -15.51 -46.12 6.98
CA VAL D 575 -15.30 -45.92 8.42
C VAL D 575 -15.23 -44.44 8.75
N GLY D 576 -14.56 -43.65 7.91
CA GLY D 576 -14.45 -42.23 8.18
C GLY D 576 -15.75 -41.47 8.00
N ARG D 577 -16.62 -41.93 7.12
CA ARG D 577 -17.90 -41.26 6.91
C ARG D 577 -18.82 -41.44 8.11
N ALA D 578 -18.66 -42.54 8.85
CA ALA D 578 -19.47 -42.75 10.05
C ALA D 578 -19.02 -41.87 11.20
N LEU D 579 -17.74 -41.49 11.24
CA LEU D 579 -17.24 -40.63 12.29
C LEU D 579 -17.63 -39.17 12.07
N LEU D 580 -17.80 -38.75 10.80
CA LEU D 580 -18.18 -37.38 10.53
C LEU D 580 -19.65 -37.12 10.84
N PHE D 581 -20.48 -38.16 10.81
CA PHE D 581 -21.90 -37.99 11.11
C PHE D 581 -22.14 -37.67 12.58
N GLN D 582 -21.17 -37.98 13.46
CA GLN D 582 -21.33 -37.63 14.87
C GLN D 582 -21.36 -36.12 15.06
N VAL D 583 -20.59 -35.38 14.26
CA VAL D 583 -20.61 -33.93 14.34
C VAL D 583 -21.90 -33.37 13.75
N VAL D 584 -22.43 -34.01 12.70
CA VAL D 584 -23.67 -33.54 12.08
C VAL D 584 -24.81 -33.67 13.07
N PRO D 585 -25.66 -32.65 13.23
CA PRO D 585 -26.76 -32.74 14.19
C PRO D 585 -27.87 -33.68 13.72
N ALA D 586 -28.95 -33.75 14.50
CA ALA D 586 -30.06 -34.67 14.22
C ALA D 586 -31.14 -34.04 13.34
N GLY D 587 -30.78 -33.06 12.51
CA GLY D 587 -31.75 -32.43 11.63
C GLY D 587 -31.49 -32.68 10.17
N LEU D 588 -30.43 -33.45 9.87
CA LEU D 588 -30.05 -33.74 8.50
C LEU D 588 -29.93 -35.24 8.31
N PRO D 589 -30.29 -35.76 7.12
CA PRO D 589 -30.15 -37.20 6.87
C PRO D 589 -28.70 -37.63 6.72
N PHE D 590 -28.47 -38.91 6.45
CA PHE D 590 -27.13 -39.45 6.29
C PHE D 590 -26.61 -39.32 4.86
N ASP D 591 -27.48 -38.97 3.89
CA ASP D 591 -27.04 -38.86 2.51
C ASP D 591 -26.14 -37.65 2.29
N VAL D 592 -26.20 -36.65 3.17
CA VAL D 592 -25.39 -35.44 2.99
C VAL D 592 -23.92 -35.65 3.33
N VAL D 593 -23.56 -36.78 3.95
CA VAL D 593 -22.18 -37.07 4.31
C VAL D 593 -21.65 -38.29 3.57
N ASN D 594 -22.38 -38.79 2.58
CA ASN D 594 -21.97 -39.96 1.81
C ASN D 594 -21.10 -39.61 0.62
N GLN D 595 -20.87 -38.32 0.35
CA GLN D 595 -20.04 -37.90 -0.77
C GLN D 595 -18.58 -37.82 -0.33
N SER D 596 -17.73 -37.23 -1.19
CA SER D 596 -16.32 -37.11 -0.88
C SER D 596 -16.00 -35.87 -0.04
N MET D 597 -16.99 -35.03 0.24
CA MET D 597 -16.83 -33.84 1.08
C MET D 597 -15.75 -32.90 0.52
N LYS D 598 -16.02 -32.39 -0.68
CA LYS D 598 -15.13 -31.43 -1.31
C LYS D 598 -15.40 -30.04 -0.73
N LYS D 599 -14.80 -29.01 -1.34
CA LYS D 599 -15.04 -27.65 -0.86
C LYS D 599 -16.39 -27.13 -1.30
N LYS D 600 -16.74 -27.30 -2.58
CA LYS D 600 -18.05 -26.89 -3.06
C LYS D 600 -19.17 -27.80 -2.56
N ALA D 601 -18.84 -29.03 -2.18
CA ALA D 601 -19.83 -29.94 -1.64
C ALA D 601 -20.12 -29.69 -0.17
N ILE D 602 -19.23 -29.01 0.54
CA ILE D 602 -19.45 -28.69 1.94
C ILE D 602 -20.01 -27.28 2.14
N SER D 603 -19.88 -26.40 1.14
CA SER D 603 -20.47 -25.07 1.26
C SER D 603 -21.98 -25.13 1.14
N LYS D 604 -22.51 -26.15 0.48
CA LYS D 604 -23.96 -26.32 0.38
C LYS D 604 -24.54 -27.06 1.58
N LEU D 605 -23.71 -27.75 2.37
CA LEU D 605 -24.20 -28.42 3.56
C LEU D 605 -24.47 -27.43 4.69
N ILE D 606 -23.57 -26.46 4.87
CA ILE D 606 -23.78 -25.44 5.89
C ILE D 606 -24.95 -24.53 5.52
N ASN D 607 -25.10 -24.24 4.23
CA ASN D 607 -26.24 -23.45 3.78
C ASN D 607 -27.55 -24.20 3.98
N HIS D 608 -27.52 -25.53 3.93
CA HIS D 608 -28.70 -26.35 4.17
C HIS D 608 -28.92 -26.61 5.65
N CYS D 609 -27.85 -26.69 6.44
CA CYS D 609 -28.00 -26.90 7.88
C CYS D 609 -28.59 -25.66 8.56
N TYR D 610 -28.16 -24.47 8.12
CA TYR D 610 -28.69 -23.24 8.71
C TYR D 610 -30.13 -22.97 8.32
N ARG D 611 -30.58 -23.53 7.20
CA ARG D 611 -31.94 -23.27 6.72
C ARG D 611 -32.98 -24.18 7.34
N VAL D 612 -32.61 -25.40 7.75
CA VAL D 612 -33.56 -26.36 8.28
C VAL D 612 -33.43 -26.58 9.77
N VAL D 613 -32.37 -26.09 10.41
CA VAL D 613 -32.15 -26.24 11.85
C VAL D 613 -32.23 -24.91 12.56
N GLY D 614 -31.36 -23.98 12.22
CA GLY D 614 -31.34 -22.67 12.84
C GLY D 614 -29.93 -22.11 12.89
N LEU D 615 -29.72 -21.17 13.81
CA LEU D 615 -28.43 -20.52 13.97
C LEU D 615 -27.69 -20.99 15.22
N LYS D 616 -28.40 -21.33 16.29
CA LYS D 616 -27.73 -21.77 17.51
C LYS D 616 -27.02 -23.10 17.32
N ASP D 617 -27.65 -24.03 16.61
CA ASP D 617 -27.04 -25.33 16.35
C ASP D 617 -26.10 -25.31 15.16
N THR D 618 -26.04 -24.22 14.40
CA THR D 618 -25.14 -24.12 13.27
C THR D 618 -23.76 -23.60 13.68
N VAL D 619 -23.72 -22.66 14.63
CA VAL D 619 -22.43 -22.16 15.12
C VAL D 619 -21.68 -23.27 15.86
N ILE D 620 -22.40 -24.06 16.67
CA ILE D 620 -21.75 -25.17 17.36
C ILE D 620 -21.32 -26.23 16.36
N PHE D 621 -22.08 -26.42 15.28
CA PHE D 621 -21.69 -27.39 14.25
C PHE D 621 -20.50 -26.89 13.45
N ALA D 622 -20.39 -25.59 13.24
CA ALA D 622 -19.25 -25.05 12.49
C ALA D 622 -17.97 -25.11 13.30
N ASP D 623 -18.07 -25.08 14.63
CA ASP D 623 -16.88 -25.19 15.47
C ASP D 623 -16.43 -26.63 15.62
N GLN D 624 -17.37 -27.57 15.71
CA GLN D 624 -17.00 -28.98 15.82
C GLN D 624 -16.51 -29.53 14.49
N LEU D 625 -16.96 -28.96 13.37
CA LEU D 625 -16.45 -29.38 12.08
C LEU D 625 -15.01 -28.91 11.87
N MET D 626 -14.66 -27.75 12.43
CA MET D 626 -13.29 -27.27 12.36
C MET D 626 -12.38 -28.03 13.32
N TYR D 627 -12.92 -28.48 14.46
CA TYR D 627 -12.11 -29.24 15.41
C TYR D 627 -11.78 -30.62 14.87
N THR D 628 -12.73 -31.26 14.19
CA THR D 628 -12.48 -32.57 13.59
C THR D 628 -11.75 -32.48 12.26
N GLY D 629 -11.57 -31.28 11.72
CA GLY D 629 -10.83 -31.10 10.49
C GLY D 629 -9.34 -30.91 10.73
N PHE D 630 -8.99 -30.29 11.86
CA PHE D 630 -7.60 -30.09 12.22
C PHE D 630 -7.00 -31.29 12.95
N ALA D 631 -7.83 -32.05 13.68
CA ALA D 631 -7.31 -33.22 14.38
C ALA D 631 -6.99 -34.36 13.42
N TYR D 632 -7.83 -34.57 12.42
CA TYR D 632 -7.58 -35.62 11.44
C TYR D 632 -6.63 -35.21 10.34
N SER D 633 -6.31 -33.91 10.22
CA SER D 633 -5.31 -33.47 9.25
C SER D 633 -3.90 -33.71 9.75
N THR D 634 -3.70 -33.73 11.07
CA THR D 634 -2.38 -34.00 11.63
C THR D 634 -2.09 -35.49 11.70
N ILE D 635 -3.11 -36.34 11.74
CA ILE D 635 -2.89 -37.78 11.75
C ILE D 635 -2.38 -38.24 10.38
N SER D 636 -2.97 -37.72 9.31
CA SER D 636 -2.55 -38.04 7.95
C SER D 636 -1.45 -37.06 7.55
N GLY D 637 -0.20 -37.50 7.62
CA GLY D 637 0.92 -36.64 7.31
C GLY D 637 1.10 -36.41 5.82
N VAL D 638 0.18 -35.66 5.21
CA VAL D 638 0.27 -35.37 3.79
C VAL D 638 1.44 -34.43 3.54
N SER D 639 2.27 -34.78 2.56
CA SER D 639 3.44 -33.98 2.23
C SER D 639 3.69 -34.06 0.73
N ILE D 640 4.19 -32.96 0.17
CA ILE D 640 4.49 -32.87 -1.26
C ILE D 640 5.98 -33.08 -1.45
N GLY D 641 6.34 -33.93 -2.42
CA GLY D 641 7.74 -34.21 -2.70
C GLY D 641 8.04 -34.23 -4.18
N VAL D 642 9.19 -34.81 -4.55
CA VAL D 642 9.56 -34.90 -5.95
C VAL D 642 8.90 -36.07 -6.65
N ASN D 643 8.47 -37.09 -5.90
CA ASN D 643 7.80 -38.24 -6.48
C ASN D 643 6.31 -38.02 -6.69
N ASP D 644 5.74 -36.97 -6.10
CA ASP D 644 4.31 -36.70 -6.28
C ASP D 644 4.03 -36.07 -7.64
N PHE D 645 4.98 -35.33 -8.20
CA PHE D 645 4.82 -34.70 -9.52
C PHE D 645 5.05 -35.78 -10.58
N VAL D 646 4.04 -36.60 -10.80
CA VAL D 646 4.13 -37.72 -11.73
C VAL D 646 4.14 -37.14 -13.15
N ILE D 647 5.29 -37.22 -13.81
CA ILE D 647 5.39 -36.76 -15.20
C ILE D 647 4.94 -37.89 -16.13
N PRO D 648 4.00 -37.63 -17.04
CA PRO D 648 3.54 -38.70 -17.93
C PRO D 648 4.64 -39.15 -18.88
N ASP D 649 4.73 -40.47 -19.08
CA ASP D 649 5.74 -41.03 -19.95
C ASP D 649 5.47 -40.72 -21.43
N GLU D 650 4.24 -40.40 -21.78
CA GLU D 650 3.88 -40.07 -23.15
C GLU D 650 4.01 -38.57 -23.43
N LYS D 651 4.56 -37.80 -22.50
CA LYS D 651 4.74 -36.37 -22.73
C LYS D 651 5.86 -36.11 -23.73
N ALA D 652 6.91 -36.92 -23.70
CA ALA D 652 8.00 -36.76 -24.66
C ALA D 652 7.60 -37.16 -26.07
N ARG D 653 6.57 -38.01 -26.21
CA ARG D 653 6.11 -38.40 -27.54
C ARG D 653 5.39 -37.25 -28.22
N ILE D 654 4.66 -36.43 -27.46
CA ILE D 654 3.93 -35.32 -28.07
C ILE D 654 4.88 -34.18 -28.42
N ILE D 655 5.90 -33.94 -27.58
CA ILE D 655 6.84 -32.86 -27.84
C ILE D 655 7.72 -33.21 -29.05
N ASN D 656 8.17 -34.45 -29.13
CA ASN D 656 9.00 -34.86 -30.26
C ASN D 656 8.19 -34.90 -31.56
N ALA D 657 6.88 -35.18 -31.47
CA ALA D 657 6.05 -35.17 -32.67
C ALA D 657 5.76 -33.74 -33.12
N ALA D 658 5.52 -32.83 -32.18
CA ALA D 658 5.28 -31.44 -32.53
C ALA D 658 6.55 -30.73 -32.97
N THR D 659 7.72 -31.21 -32.57
CA THR D 659 8.97 -30.62 -33.02
C THR D 659 9.24 -30.91 -34.48
N ASP D 660 8.71 -32.03 -34.99
CA ASP D 660 8.87 -32.36 -36.40
C ASP D 660 7.84 -31.67 -37.27
N GLU D 661 6.70 -31.27 -36.71
CA GLU D 661 5.67 -30.59 -37.49
C GLU D 661 5.99 -29.11 -37.67
N VAL D 662 6.65 -28.49 -36.69
CA VAL D 662 7.01 -27.08 -36.81
C VAL D 662 8.18 -26.91 -37.78
N LYS D 663 9.07 -27.91 -37.85
CA LYS D 663 10.17 -27.84 -38.80
C LYS D 663 9.68 -27.96 -40.24
N GLU D 664 8.55 -28.63 -40.46
CA GLU D 664 7.99 -28.71 -41.81
C GLU D 664 7.42 -27.37 -42.25
N ILE D 665 6.87 -26.59 -41.32
CA ILE D 665 6.36 -25.26 -41.67
C ILE D 665 7.50 -24.31 -41.98
N GLU D 666 8.60 -24.43 -41.23
CA GLU D 666 9.77 -23.59 -41.50
C GLU D 666 10.45 -23.97 -42.81
N SER D 667 10.40 -25.25 -43.19
CA SER D 667 10.99 -25.68 -44.45
C SER D 667 10.20 -25.16 -45.64
N GLN D 668 8.89 -24.92 -45.46
CA GLN D 668 8.08 -24.36 -46.54
C GLN D 668 8.24 -22.85 -46.64
N TYR D 669 8.39 -22.17 -45.51
CA TYR D 669 8.55 -20.71 -45.52
C TYR D 669 9.86 -20.28 -46.17
N ALA D 670 10.85 -21.17 -46.23
CA ALA D 670 12.13 -20.82 -46.85
C ALA D 670 11.98 -20.63 -48.36
N SER D 671 11.05 -21.35 -48.98
CA SER D 671 10.83 -21.21 -50.42
C SER D 671 10.01 -19.96 -50.73
N GLY D 672 8.79 -19.90 -50.20
CA GLY D 672 7.96 -18.72 -50.38
C GLY D 672 6.55 -19.00 -50.87
N LEU D 673 6.14 -20.26 -50.86
CA LEU D 673 4.78 -20.59 -51.30
C LEU D 673 3.74 -20.21 -50.26
N VAL D 674 4.14 -20.02 -49.01
CA VAL D 674 3.25 -19.62 -47.93
C VAL D 674 3.69 -18.26 -47.43
N THR D 675 2.73 -17.37 -47.17
CA THR D 675 3.04 -16.03 -46.71
C THR D 675 3.34 -16.03 -45.22
N GLN D 676 3.70 -14.87 -44.69
CA GLN D 676 4.04 -14.75 -43.28
C GLN D 676 2.80 -14.77 -42.40
N GLY D 677 1.70 -14.15 -42.85
CA GLY D 677 0.49 -14.12 -42.07
C GLY D 677 -0.23 -15.45 -41.97
N GLU D 678 0.01 -16.35 -42.91
CA GLU D 678 -0.65 -17.66 -42.86
C GLU D 678 0.12 -18.63 -41.97
N LYS D 679 1.45 -18.61 -42.03
CA LYS D 679 2.24 -19.51 -41.21
C LYS D 679 2.20 -19.15 -39.73
N TYR D 680 1.88 -17.91 -39.39
CA TYR D 680 1.83 -17.51 -37.99
C TYR D 680 0.62 -18.10 -37.29
N ASN D 681 -0.54 -18.11 -37.96
CA ASN D 681 -1.75 -18.67 -37.36
C ASN D 681 -1.79 -20.19 -37.46
N LYS D 682 -1.09 -20.77 -38.44
CA LYS D 682 -1.07 -22.22 -38.60
C LYS D 682 -0.10 -22.92 -37.67
N VAL D 683 0.72 -22.17 -36.91
CA VAL D 683 1.62 -22.76 -35.95
C VAL D 683 1.24 -22.41 -34.51
N ILE D 684 0.56 -21.28 -34.28
CA ILE D 684 0.15 -20.93 -32.93
C ILE D 684 -1.01 -21.79 -32.44
N ASP D 685 -1.78 -22.39 -33.36
CA ASP D 685 -2.85 -23.29 -32.98
C ASP D 685 -2.38 -24.73 -32.82
N LEU D 686 -1.24 -25.08 -33.40
CA LEU D 686 -0.71 -26.43 -33.23
C LEU D 686 -0.25 -26.66 -31.80
N TRP D 687 0.40 -25.66 -31.19
CA TRP D 687 0.82 -25.81 -29.80
C TRP D 687 -0.37 -25.73 -28.85
N SER D 688 -1.41 -24.97 -29.21
CA SER D 688 -2.61 -24.92 -28.39
C SER D 688 -3.37 -26.25 -28.47
N LYS D 689 -3.35 -26.90 -29.63
CA LYS D 689 -3.97 -28.22 -29.75
C LYS D 689 -3.12 -29.30 -29.10
N ALA D 690 -1.80 -29.13 -29.08
CA ALA D 690 -0.92 -30.09 -28.43
C ALA D 690 -0.93 -29.95 -26.91
N ASN D 691 -1.31 -28.77 -26.39
CA ASN D 691 -1.39 -28.60 -24.94
C ASN D 691 -2.56 -29.39 -24.37
N ASP D 692 -3.62 -29.59 -25.15
CA ASP D 692 -4.76 -30.38 -24.67
C ASP D 692 -4.40 -31.85 -24.56
N GLU D 693 -3.58 -32.37 -25.48
CA GLU D 693 -3.20 -33.77 -25.42
C GLU D 693 -2.28 -34.05 -24.24
N VAL D 694 -1.47 -33.07 -23.83
CA VAL D 694 -0.61 -33.27 -22.67
C VAL D 694 -1.43 -33.25 -21.38
N SER D 695 -2.38 -32.32 -21.27
CA SER D 695 -3.22 -32.25 -20.08
C SER D 695 -4.18 -33.43 -20.01
N LYS D 696 -4.63 -33.94 -21.16
CA LYS D 696 -5.52 -35.09 -21.16
C LYS D 696 -4.77 -36.36 -20.73
N ALA D 697 -3.50 -36.48 -21.12
CA ALA D 697 -2.71 -37.64 -20.72
C ALA D 697 -2.23 -37.55 -19.28
N MET D 698 -2.19 -36.35 -18.69
CA MET D 698 -1.77 -36.21 -17.32
C MET D 698 -2.91 -36.52 -16.35
N MET D 699 -4.11 -36.00 -16.62
CA MET D 699 -5.24 -36.27 -15.75
C MET D 699 -5.65 -37.74 -15.78
N ALA D 700 -5.42 -38.42 -16.90
CA ALA D 700 -5.71 -39.85 -16.98
C ALA D 700 -4.70 -40.69 -16.22
N ASN D 701 -3.49 -40.17 -16.01
CA ASN D 701 -2.47 -40.87 -15.25
C ASN D 701 -2.47 -40.48 -13.77
N LEU D 702 -2.78 -39.22 -13.47
CA LEU D 702 -2.78 -38.78 -12.07
C LEU D 702 -3.98 -39.32 -11.31
N SER D 703 -5.13 -39.48 -11.99
CA SER D 703 -6.32 -39.98 -11.31
C SER D 703 -6.25 -41.48 -11.06
N LYS D 704 -5.65 -42.23 -11.99
CA LYS D 704 -5.52 -43.67 -11.87
C LYS D 704 -4.12 -44.09 -11.42
N GLU D 705 -3.49 -43.27 -10.57
CA GLU D 705 -2.13 -43.57 -10.08
C GLU D 705 -2.21 -44.37 -8.78
N LYS D 706 -2.89 -45.51 -8.85
CA LYS D 706 -3.04 -46.39 -7.70
C LYS D 706 -3.30 -47.80 -8.19
N VAL D 707 -2.55 -48.76 -7.65
CA VAL D 707 -2.69 -50.17 -8.01
C VAL D 707 -2.86 -50.95 -6.70
N VAL D 708 -4.05 -51.51 -6.52
CA VAL D 708 -4.37 -52.30 -5.32
C VAL D 708 -4.85 -53.68 -5.77
N ASP D 709 -5.06 -54.56 -4.79
CA ASP D 709 -5.51 -55.91 -5.06
C ASP D 709 -6.27 -56.43 -3.85
N ARG D 710 -7.38 -57.13 -4.11
CA ARG D 710 -8.17 -57.74 -3.06
C ARG D 710 -8.77 -59.03 -3.61
N GLU D 711 -8.10 -60.15 -3.35
CA GLU D 711 -8.52 -61.46 -3.85
C GLU D 711 -8.64 -61.46 -5.38
N GLY D 712 -7.71 -60.76 -6.04
CA GLY D 712 -7.74 -60.66 -7.49
C GLY D 712 -6.36 -60.32 -8.02
N LYS D 713 -6.29 -60.22 -9.35
CA LYS D 713 -5.02 -59.93 -10.00
C LYS D 713 -4.72 -58.42 -10.00
N GLU D 714 -5.60 -57.64 -10.61
CA GLU D 714 -5.40 -56.20 -10.73
C GLU D 714 -6.72 -55.48 -10.52
N VAL D 715 -6.66 -54.32 -9.87
CA VAL D 715 -7.84 -53.50 -9.63
C VAL D 715 -7.40 -52.05 -9.53
N ASP D 716 -8.08 -51.18 -10.28
CA ASP D 716 -7.76 -49.76 -10.29
C ASP D 716 -8.79 -48.98 -9.47
N GLN D 717 -8.34 -47.86 -8.91
CA GLN D 717 -9.20 -47.01 -8.10
C GLN D 717 -8.66 -45.58 -8.17
N GLU D 718 -9.19 -44.71 -7.32
CA GLU D 718 -8.72 -43.34 -7.25
C GLU D 718 -7.34 -43.29 -6.60
N SER D 719 -6.49 -42.40 -7.10
CA SER D 719 -5.13 -42.29 -6.58
C SER D 719 -5.11 -41.50 -5.28
N PHE D 720 -4.15 -41.86 -4.42
CA PHE D 720 -3.96 -41.22 -3.13
C PHE D 720 -2.77 -40.28 -3.12
N ASN D 721 -2.48 -39.65 -4.25
CA ASN D 721 -1.33 -38.75 -4.35
C ASN D 721 -1.60 -37.46 -3.60
N SER D 722 -0.53 -36.85 -3.08
CA SER D 722 -0.67 -35.61 -2.33
C SER D 722 -1.02 -34.44 -3.24
N MET D 723 -0.56 -34.46 -4.49
CA MET D 723 -0.88 -33.37 -5.41
C MET D 723 -2.32 -33.46 -5.91
N TYR D 724 -2.85 -34.68 -6.06
CA TYR D 724 -4.23 -34.83 -6.52
C TYR D 724 -5.22 -34.44 -5.43
N MET D 725 -4.88 -34.66 -4.15
CA MET D 725 -5.79 -34.30 -3.07
C MET D 725 -5.87 -32.80 -2.88
N MET D 726 -4.80 -32.08 -3.18
CA MET D 726 -4.77 -30.63 -3.04
C MET D 726 -5.32 -29.91 -4.27
N ALA D 727 -5.76 -30.64 -5.28
CA ALA D 727 -6.34 -30.06 -6.48
C ALA D 727 -7.78 -30.47 -6.72
N ASP D 728 -8.12 -31.73 -6.44
CA ASP D 728 -9.50 -32.17 -6.61
C ASP D 728 -10.40 -31.64 -5.50
N SER D 729 -9.86 -31.44 -4.30
CA SER D 729 -10.65 -30.92 -3.18
C SER D 729 -10.88 -29.42 -3.27
N GLY D 730 -10.18 -28.72 -4.17
CA GLY D 730 -10.33 -27.28 -4.26
C GLY D 730 -9.75 -26.53 -3.08
N ALA D 731 -8.79 -27.11 -2.38
CA ALA D 731 -8.20 -26.44 -1.22
C ALA D 731 -7.38 -25.23 -1.65
N ARG D 732 -6.33 -25.46 -2.44
CA ARG D 732 -5.49 -24.40 -2.97
C ARG D 732 -5.12 -24.73 -4.40
N GLY D 733 -5.26 -23.76 -5.29
CA GLY D 733 -4.98 -23.94 -6.70
C GLY D 733 -6.14 -24.59 -7.44
N SER D 734 -5.98 -24.69 -8.75
CA SER D 734 -6.99 -25.27 -9.62
C SER D 734 -6.30 -26.19 -10.61
N ALA D 735 -7.08 -26.69 -11.58
CA ALA D 735 -6.52 -27.56 -12.60
C ALA D 735 -5.61 -26.82 -13.57
N ALA D 736 -5.69 -25.49 -13.62
CA ALA D 736 -4.83 -24.71 -14.51
C ALA D 736 -3.43 -24.55 -13.96
N GLN D 737 -3.23 -24.74 -12.66
CA GLN D 737 -1.90 -24.63 -12.07
C GLN D 737 -1.15 -25.95 -12.04
N ILE D 738 -1.86 -27.08 -12.11
CA ILE D 738 -1.20 -28.37 -12.15
C ILE D 738 -0.56 -28.61 -13.51
N ARG D 739 -1.09 -27.98 -14.56
CA ARG D 739 -0.53 -28.13 -15.89
C ARG D 739 0.85 -27.49 -16.02
N GLN D 740 1.16 -26.52 -15.17
CA GLN D 740 2.46 -25.87 -15.22
C GLN D 740 3.57 -26.69 -14.55
N LEU D 741 3.21 -27.63 -13.68
CA LEU D 741 4.17 -28.48 -13.01
C LEU D 741 4.36 -29.82 -13.72
N ALA D 742 3.28 -30.46 -14.16
CA ALA D 742 3.39 -31.74 -14.85
C ALA D 742 3.72 -31.54 -16.33
N GLY D 743 2.84 -30.86 -17.06
CA GLY D 743 3.04 -30.59 -18.47
C GLY D 743 3.73 -29.27 -18.72
N MET D 744 3.75 -28.88 -19.99
CA MET D 744 4.37 -27.63 -20.38
C MET D 744 3.50 -26.44 -19.97
N ARG D 745 4.14 -25.28 -19.85
CA ARG D 745 3.41 -24.08 -19.45
C ARG D 745 2.49 -23.58 -20.55
N GLY D 746 2.94 -23.68 -21.81
CA GLY D 746 2.16 -23.23 -22.94
C GLY D 746 2.88 -22.10 -23.68
N LEU D 747 2.08 -21.18 -24.22
CA LEU D 747 2.59 -20.03 -24.98
C LEU D 747 2.49 -18.79 -24.10
N MET D 748 3.62 -18.36 -23.54
CA MET D 748 3.65 -17.17 -22.71
C MET D 748 3.54 -15.93 -23.60
N ALA D 749 2.40 -15.25 -23.54
CA ALA D 749 2.16 -14.09 -24.39
C ALA D 749 2.91 -12.88 -23.87
N LYS D 750 3.31 -12.01 -24.80
CA LYS D 750 4.00 -10.79 -24.44
C LYS D 750 3.01 -9.73 -23.96
N PRO D 751 3.42 -8.85 -23.04
CA PRO D 751 2.50 -7.81 -22.55
C PRO D 751 2.16 -6.74 -23.58
N ASP D 752 2.81 -6.75 -24.75
CA ASP D 752 2.52 -5.76 -25.77
C ASP D 752 1.17 -5.99 -26.44
N GLY D 753 0.65 -7.22 -26.38
CA GLY D 753 -0.63 -7.52 -26.99
C GLY D 753 -0.60 -8.75 -27.87
N SER D 754 0.60 -9.14 -28.30
CA SER D 754 0.78 -10.30 -29.16
C SER D 754 1.31 -11.49 -28.36
N ILE D 755 1.00 -12.68 -28.84
CA ILE D 755 1.43 -13.92 -28.19
C ILE D 755 2.73 -14.37 -28.82
N ILE D 756 3.67 -14.81 -27.97
CA ILE D 756 4.96 -15.28 -28.44
C ILE D 756 4.82 -16.66 -29.06
N GLU D 757 5.45 -16.86 -30.22
CA GLU D 757 5.30 -18.12 -30.93
C GLU D 757 6.05 -19.25 -30.23
N THR D 758 7.25 -18.98 -29.73
CA THR D 758 8.05 -20.01 -29.10
C THR D 758 7.47 -20.37 -27.73
N PRO D 759 7.02 -21.61 -27.52
CA PRO D 759 6.45 -21.98 -26.22
C PRO D 759 7.52 -22.42 -25.23
N ILE D 760 7.10 -22.79 -24.03
CA ILE D 760 8.00 -23.29 -22.99
C ILE D 760 7.68 -24.76 -22.80
N THR D 761 8.53 -25.63 -23.35
CA THR D 761 8.28 -27.07 -23.28
C THR D 761 8.58 -27.63 -21.89
N ALA D 762 9.57 -27.07 -21.20
CA ALA D 762 9.94 -27.58 -19.90
C ALA D 762 8.96 -27.11 -18.82
N ASN D 763 8.87 -27.89 -17.75
CA ASN D 763 8.00 -27.61 -16.63
C ASN D 763 8.84 -27.23 -15.40
N PHE D 764 8.15 -27.06 -14.27
CA PHE D 764 8.83 -26.65 -13.04
C PHE D 764 9.69 -27.75 -12.43
N ARG D 765 9.35 -29.03 -12.71
CA ARG D 765 10.12 -30.12 -12.12
C ARG D 765 11.41 -30.37 -12.87
N GLU D 766 11.35 -30.42 -14.20
CA GLU D 766 12.54 -30.66 -15.00
C GLU D 766 13.45 -29.44 -15.07
N GLY D 767 12.99 -28.26 -14.66
CA GLY D 767 13.82 -27.07 -14.68
C GLY D 767 13.73 -26.29 -15.97
N LEU D 768 13.61 -24.98 -15.86
CA LEU D 768 13.54 -24.12 -17.03
C LEU D 768 14.93 -23.70 -17.49
N ASN D 769 15.03 -23.27 -18.73
CA ASN D 769 16.28 -22.83 -19.31
C ASN D 769 16.49 -21.35 -18.99
N VAL D 770 17.53 -20.75 -19.57
CA VAL D 770 17.79 -19.33 -19.34
C VAL D 770 16.86 -18.47 -20.20
N LEU D 771 16.74 -18.80 -21.48
CA LEU D 771 15.83 -18.06 -22.36
C LEU D 771 14.38 -18.38 -22.05
N GLN D 772 14.10 -19.60 -21.58
CA GLN D 772 12.72 -19.96 -21.24
C GLN D 772 12.25 -19.25 -19.98
N TYR D 773 13.18 -18.90 -19.08
CA TYR D 773 12.81 -18.19 -17.86
C TYR D 773 12.67 -16.69 -18.08
N PHE D 774 13.40 -16.14 -19.06
CA PHE D 774 13.27 -14.71 -19.35
C PHE D 774 11.91 -14.40 -19.96
N ILE D 775 11.32 -15.34 -20.70
CA ILE D 775 10.00 -15.13 -21.27
C ILE D 775 8.93 -15.14 -20.17
N SER D 776 9.12 -15.97 -19.14
CA SER D 776 8.16 -16.02 -18.04
C SER D 776 8.15 -14.74 -17.22
N THR D 777 9.19 -13.93 -17.30
CA THR D 777 9.24 -12.67 -16.58
C THR D 777 8.39 -11.58 -17.22
N HIS D 778 7.93 -11.78 -18.46
CA HIS D 778 7.09 -10.80 -19.13
C HIS D 778 5.67 -10.83 -18.58
N GLY D 779 5.07 -12.02 -18.51
CA GLY D 779 3.73 -12.14 -17.99
C GLY D 779 3.65 -11.99 -16.49
N ALA D 780 4.73 -12.30 -15.78
CA ALA D 780 4.74 -12.16 -14.33
C ALA D 780 4.90 -10.71 -13.89
N ARG D 781 5.65 -9.91 -14.64
CA ARG D 781 5.80 -8.49 -14.31
C ARG D 781 4.57 -7.69 -14.70
N LYS D 782 3.87 -8.10 -15.76
CA LYS D 782 2.65 -7.40 -16.16
C LYS D 782 1.50 -7.73 -15.21
N GLY D 783 1.52 -8.90 -14.59
CA GLY D 783 0.47 -9.25 -13.64
C GLY D 783 0.58 -8.48 -12.34
N LEU D 784 1.79 -8.13 -11.93
CA LEU D 784 1.96 -7.34 -10.72
C LEU D 784 1.69 -5.86 -10.95
N ALA D 785 1.84 -5.39 -12.18
CA ALA D 785 1.53 -4.00 -12.49
C ALA D 785 0.02 -3.76 -12.50
N ASP D 786 -0.76 -4.76 -12.88
CA ASP D 786 -2.21 -4.63 -12.86
C ASP D 786 -2.81 -4.91 -11.49
N THR D 787 -2.08 -5.60 -10.62
CA THR D 787 -2.60 -5.87 -9.29
C THR D 787 -2.58 -4.62 -8.42
N ALA D 788 -1.49 -3.84 -8.48
CA ALA D 788 -1.44 -2.60 -7.72
C ALA D 788 -2.41 -1.56 -8.27
N LEU D 789 -2.67 -1.59 -9.58
CA LEU D 789 -3.63 -0.67 -10.18
C LEU D 789 -5.07 -1.13 -10.00
N LYS D 790 -5.28 -2.41 -9.68
CA LYS D 790 -6.65 -2.90 -9.44
C LYS D 790 -7.23 -2.36 -8.14
N THR D 791 -6.38 -1.98 -7.19
CA THR D 791 -6.87 -1.41 -5.94
C THR D 791 -7.30 0.04 -6.08
N ALA D 792 -6.85 0.73 -7.13
CA ALA D 792 -7.25 2.11 -7.36
C ALA D 792 -8.47 2.22 -8.27
N ASN D 793 -8.64 1.29 -9.20
CA ASN D 793 -9.81 1.31 -10.07
C ASN D 793 -11.03 0.73 -9.39
N SER D 794 -10.86 -0.36 -8.63
CA SER D 794 -11.98 -0.92 -7.88
C SER D 794 -12.35 -0.05 -6.69
N GLY D 795 -11.37 0.63 -6.09
CA GLY D 795 -11.69 1.55 -5.02
C GLY D 795 -12.38 2.80 -5.49
N TYR D 796 -12.14 3.20 -6.74
CA TYR D 796 -12.84 4.35 -7.31
C TYR D 796 -14.25 4.00 -7.77
N LEU D 797 -14.48 2.74 -8.13
CA LEU D 797 -15.83 2.33 -8.54
C LEU D 797 -16.76 2.26 -7.35
N THR D 798 -16.29 1.76 -6.22
CA THR D 798 -17.10 1.69 -5.01
C THR D 798 -17.24 3.04 -4.31
N ARG D 799 -16.44 4.04 -4.71
CA ARG D 799 -16.55 5.38 -4.14
C ARG D 799 -17.59 6.24 -4.83
N ARG D 800 -18.03 5.86 -6.03
CA ARG D 800 -19.07 6.59 -6.75
C ARG D 800 -20.44 5.97 -6.59
N LEU D 801 -20.52 4.66 -6.32
CA LEU D 801 -21.81 4.01 -6.14
C LEU D 801 -22.40 4.30 -4.77
N VAL D 802 -21.56 4.46 -3.75
CA VAL D 802 -22.06 4.77 -2.42
C VAL D 802 -22.49 6.23 -2.29
N ASP D 803 -22.01 7.10 -3.17
CA ASP D 803 -22.39 8.51 -3.11
C ASP D 803 -23.74 8.78 -3.76
N VAL D 804 -24.21 7.88 -4.62
CA VAL D 804 -25.50 8.04 -5.28
C VAL D 804 -26.54 7.20 -4.56
N ALA D 805 -26.09 6.12 -3.91
CA ALA D 805 -26.97 5.22 -3.17
C ALA D 805 -26.86 5.40 -1.67
N GLN D 806 -26.65 6.64 -1.22
CA GLN D 806 -26.53 6.93 0.21
C GLN D 806 -27.85 7.27 0.88
N ASP D 807 -28.88 7.62 0.10
CA ASP D 807 -30.17 8.02 0.62
C ASP D 807 -31.27 7.05 0.20
N LEU D 808 -30.99 5.76 0.29
CA LEU D 808 -31.95 4.74 -0.13
C LEU D 808 -32.22 3.76 1.01
N VAL D 809 -32.47 4.27 2.21
CA VAL D 809 -32.77 3.44 3.36
C VAL D 809 -34.24 3.03 3.32
N VAL D 810 -34.52 1.79 3.72
CA VAL D 810 -35.89 1.30 3.75
C VAL D 810 -36.68 2.04 4.81
N THR D 811 -37.81 2.62 4.41
CA THR D 811 -38.66 3.37 5.33
C THR D 811 -40.11 2.90 5.35
N GLU D 812 -40.56 2.15 4.36
CA GLU D 812 -41.94 1.69 4.29
C GLU D 812 -41.98 0.16 4.24
N ILE D 813 -43.05 -0.41 4.78
CA ILE D 813 -43.16 -1.87 4.83
C ILE D 813 -43.73 -2.41 3.52
N ASP D 814 -44.71 -1.72 2.94
CA ASP D 814 -45.31 -2.16 1.69
C ASP D 814 -46.01 -0.97 1.03
N CYS D 815 -45.89 -0.89 -0.29
CA CYS D 815 -46.53 0.19 -1.03
C CYS D 815 -48.01 -0.09 -1.27
N GLY D 816 -48.30 -1.19 -1.97
CA GLY D 816 -49.68 -1.55 -2.25
C GLY D 816 -49.98 -1.64 -3.73
N THR D 817 -48.95 -1.54 -4.56
CA THR D 817 -49.09 -1.62 -6.00
C THR D 817 -48.53 -2.94 -6.52
N GLU D 818 -48.85 -3.23 -7.78
CA GLU D 818 -48.40 -4.46 -8.46
C GLU D 818 -47.74 -4.04 -9.76
N HIS D 819 -46.43 -3.76 -9.70
CA HIS D 819 -45.66 -3.35 -10.88
C HIS D 819 -44.29 -4.01 -10.78
N GLY D 820 -44.06 -5.02 -11.62
CA GLY D 820 -42.78 -5.71 -11.63
C GLY D 820 -42.48 -6.27 -13.00
N LEU D 821 -41.20 -6.58 -13.21
CA LEU D 821 -40.74 -7.11 -14.48
C LEU D 821 -40.74 -8.65 -14.43
N LEU D 822 -40.81 -9.25 -15.62
CA LEU D 822 -40.84 -10.69 -15.74
C LEU D 822 -39.43 -11.26 -15.53
N MET D 823 -39.39 -12.47 -14.95
CA MET D 823 -38.14 -13.17 -14.68
C MET D 823 -38.15 -14.48 -15.43
N SER D 824 -37.15 -14.69 -16.29
CA SER D 824 -37.01 -15.89 -17.07
C SER D 824 -35.57 -16.40 -16.99
N PRO D 825 -35.38 -17.71 -16.91
CA PRO D 825 -34.02 -18.26 -16.83
C PRO D 825 -33.26 -18.06 -18.14
N HIS D 826 -31.94 -18.18 -18.04
CA HIS D 826 -31.07 -18.00 -19.20
C HIS D 826 -31.20 -19.21 -20.12
N ILE D 827 -31.86 -19.02 -21.26
CA ILE D 827 -32.05 -20.08 -22.24
C ILE D 827 -31.11 -19.90 -23.43
N GLU D 828 -30.02 -19.16 -23.26
CA GLU D 828 -29.07 -18.94 -24.34
C GLU D 828 -28.20 -20.17 -24.55
N GLY D 829 -27.72 -20.32 -25.79
CA GLY D 829 -26.86 -21.45 -26.11
C GLY D 829 -27.65 -22.74 -26.23
N GLY D 830 -26.99 -23.85 -25.87
CA GLY D 830 -27.62 -25.16 -25.93
C GLY D 830 -28.31 -25.55 -24.64
N ASP D 831 -27.68 -25.23 -23.51
CA ASP D 831 -28.21 -25.56 -22.20
C ASP D 831 -28.42 -24.27 -21.39
N VAL D 832 -29.11 -24.42 -20.27
CA VAL D 832 -29.40 -23.28 -19.40
C VAL D 832 -28.17 -22.97 -18.55
N VAL D 833 -28.06 -21.71 -18.15
CA VAL D 833 -26.96 -21.26 -17.29
C VAL D 833 -27.42 -21.07 -15.86
N GLU D 834 -28.46 -20.28 -15.63
CA GLU D 834 -29.00 -20.04 -14.30
C GLU D 834 -30.48 -20.44 -14.29
N PRO D 835 -30.89 -21.42 -13.49
CA PRO D 835 -32.29 -21.83 -13.48
C PRO D 835 -33.20 -20.81 -12.80
N LEU D 836 -34.51 -21.09 -12.78
CA LEU D 836 -35.45 -20.18 -12.15
C LEU D 836 -35.39 -20.23 -10.63
N GLY D 837 -34.84 -21.30 -10.06
CA GLY D 837 -34.76 -21.41 -8.61
C GLY D 837 -33.77 -20.47 -7.97
N GLU D 838 -32.83 -19.93 -8.74
CA GLU D 838 -31.83 -19.02 -8.21
C GLU D 838 -32.16 -17.55 -8.46
N ARG D 839 -32.88 -17.24 -9.52
CA ARG D 839 -33.23 -15.86 -9.83
C ARG D 839 -34.47 -15.40 -9.05
N VAL D 840 -35.29 -16.32 -8.57
CA VAL D 840 -36.51 -15.96 -7.84
C VAL D 840 -36.37 -16.49 -6.41
N LEU D 841 -35.13 -16.56 -5.93
CA LEU D 841 -34.85 -17.06 -4.58
C LEU D 841 -34.87 -15.89 -3.62
N GLY D 842 -35.89 -15.82 -2.77
CA GLY D 842 -36.00 -14.77 -1.79
C GLY D 842 -36.67 -13.51 -2.27
N ARG D 843 -37.56 -13.61 -3.25
CA ARG D 843 -38.27 -12.46 -3.79
C ARG D 843 -39.77 -12.68 -3.70
N VAL D 844 -40.50 -11.59 -3.48
CA VAL D 844 -41.96 -11.64 -3.41
C VAL D 844 -42.53 -11.70 -4.82
N ILE D 845 -43.71 -12.32 -4.95
CA ILE D 845 -44.38 -12.47 -6.24
C ILE D 845 -45.33 -11.29 -6.42
N ALA D 846 -45.31 -10.71 -7.62
CA ALA D 846 -46.14 -9.55 -7.90
C ALA D 846 -47.60 -9.95 -8.12
N ARG D 847 -47.85 -10.76 -9.14
CA ARG D 847 -49.19 -11.20 -9.49
C ARG D 847 -49.36 -12.68 -9.15
N ASP D 848 -50.59 -13.15 -9.26
CA ASP D 848 -50.90 -14.54 -8.97
C ASP D 848 -50.40 -15.43 -10.10
N VAL D 849 -49.43 -16.29 -9.80
CA VAL D 849 -48.90 -17.20 -10.81
C VAL D 849 -49.96 -18.26 -11.14
N PHE D 850 -50.11 -18.56 -12.42
CA PHE D 850 -51.10 -19.51 -12.89
C PHE D 850 -50.42 -20.81 -13.33
N LYS D 851 -51.15 -21.91 -13.15
CA LYS D 851 -50.65 -23.20 -13.58
C LYS D 851 -50.63 -23.29 -15.10
N PRO D 852 -49.65 -23.99 -15.68
CA PRO D 852 -49.59 -24.14 -17.14
C PRO D 852 -50.78 -24.89 -17.73
N GLY D 853 -51.69 -25.35 -16.87
CA GLY D 853 -52.88 -26.04 -17.34
C GLY D 853 -53.93 -25.10 -17.88
N SER D 854 -55.21 -25.43 -17.67
CA SER D 854 -56.29 -24.61 -18.19
C SER D 854 -56.49 -23.35 -17.34
N ASP D 855 -56.86 -23.53 -16.07
CA ASP D 855 -57.06 -22.39 -15.17
C ASP D 855 -56.89 -22.89 -13.74
N GLU D 856 -55.71 -22.64 -13.17
CA GLU D 856 -55.41 -23.01 -11.80
C GLU D 856 -54.41 -22.01 -11.23
N VAL D 857 -54.57 -21.68 -9.95
CA VAL D 857 -53.71 -20.72 -9.27
C VAL D 857 -52.87 -21.45 -8.23
N ILE D 858 -51.61 -21.08 -8.12
CA ILE D 858 -50.69 -21.66 -7.14
C ILE D 858 -50.50 -20.74 -5.94
N VAL D 859 -50.11 -19.49 -6.19
CA VAL D 859 -49.94 -18.50 -5.13
C VAL D 859 -51.18 -17.59 -5.13
N PRO D 860 -52.11 -17.77 -4.18
CA PRO D 860 -53.34 -16.97 -4.21
C PRO D 860 -53.12 -15.52 -3.81
N ALA D 861 -52.07 -15.21 -3.06
CA ALA D 861 -51.79 -13.86 -2.63
C ALA D 861 -50.48 -13.29 -3.15
N GLY D 862 -49.53 -14.13 -3.55
CA GLY D 862 -48.25 -13.65 -4.04
C GLY D 862 -47.33 -13.18 -2.93
N THR D 863 -47.03 -14.07 -1.99
CA THR D 863 -46.16 -13.75 -0.87
C THR D 863 -44.71 -14.04 -1.25
N LEU D 864 -43.81 -13.96 -0.27
CA LEU D 864 -42.40 -14.21 -0.52
C LEU D 864 -42.17 -15.70 -0.81
N ILE D 865 -41.04 -15.98 -1.46
CA ILE D 865 -40.66 -17.33 -1.84
C ILE D 865 -39.47 -17.75 -1.00
N ASP D 866 -39.67 -18.77 -0.16
CA ASP D 866 -38.61 -19.28 0.68
C ASP D 866 -37.95 -20.48 -0.01
N GLU D 867 -37.08 -21.18 0.72
CA GLU D 867 -36.39 -22.34 0.15
C GLU D 867 -37.34 -23.51 -0.11
N LYS D 868 -38.50 -23.53 0.55
CA LYS D 868 -39.46 -24.60 0.31
C LYS D 868 -40.22 -24.40 -1.00
N TRP D 869 -40.58 -23.15 -1.31
CA TRP D 869 -41.30 -22.86 -2.54
C TRP D 869 -40.43 -22.95 -3.78
N VAL D 870 -39.10 -23.00 -3.61
CA VAL D 870 -38.22 -23.12 -4.77
C VAL D 870 -38.34 -24.51 -5.39
N ASP D 871 -38.26 -25.55 -4.55
CA ASP D 871 -38.44 -26.91 -5.06
C ASP D 871 -39.88 -27.19 -5.46
N PHE D 872 -40.84 -26.43 -4.92
CA PHE D 872 -42.24 -26.62 -5.31
C PHE D 872 -42.46 -26.21 -6.76
N LEU D 873 -41.74 -25.20 -7.24
CA LEU D 873 -41.86 -24.79 -8.63
C LEU D 873 -41.23 -25.79 -9.60
N GLU D 874 -40.34 -26.66 -9.09
CA GLU D 874 -39.74 -27.67 -9.96
C GLU D 874 -40.71 -28.80 -10.27
N VAL D 875 -41.74 -28.99 -9.46
CA VAL D 875 -42.74 -30.02 -9.74
C VAL D 875 -43.56 -29.63 -10.96
N MET D 876 -44.07 -28.40 -10.99
CA MET D 876 -44.82 -27.91 -12.13
C MET D 876 -43.87 -27.43 -13.22
N SER D 877 -44.44 -27.13 -14.38
CA SER D 877 -43.68 -26.67 -15.55
C SER D 877 -43.76 -25.16 -15.72
N VAL D 878 -43.83 -24.41 -14.61
CA VAL D 878 -43.88 -22.97 -14.70
C VAL D 878 -42.51 -22.43 -15.08
N ASP D 879 -42.51 -21.42 -15.97
CA ASP D 879 -41.25 -20.84 -16.45
C ASP D 879 -41.23 -19.31 -16.44
N GLU D 880 -42.38 -18.65 -16.43
CA GLU D 880 -42.46 -17.19 -16.48
C GLU D 880 -43.22 -16.70 -15.26
N VAL D 881 -42.51 -16.03 -14.34
CA VAL D 881 -43.11 -15.45 -13.15
C VAL D 881 -42.68 -14.00 -13.05
N VAL D 882 -43.52 -13.20 -12.39
CA VAL D 882 -43.26 -11.77 -12.19
C VAL D 882 -43.01 -11.52 -10.71
N VAL D 883 -42.02 -10.68 -10.43
CA VAL D 883 -41.65 -10.35 -9.05
C VAL D 883 -41.59 -8.84 -8.90
N ARG D 884 -41.78 -8.37 -7.67
CA ARG D 884 -41.71 -6.95 -7.36
C ARG D 884 -40.26 -6.58 -7.10
N SER D 885 -39.70 -5.73 -7.96
CA SER D 885 -38.33 -5.29 -7.87
C SER D 885 -38.26 -3.86 -7.38
N PRO D 886 -37.14 -3.46 -6.76
CA PRO D 886 -37.02 -2.07 -6.28
C PRO D 886 -36.93 -1.03 -7.39
N ILE D 887 -36.68 -1.45 -8.63
CA ILE D 887 -36.61 -0.50 -9.74
C ILE D 887 -37.98 -0.03 -10.19
N THR D 888 -39.06 -0.70 -9.79
CA THR D 888 -40.42 -0.35 -10.16
C THR D 888 -41.29 -0.21 -8.91
N CYS D 889 -40.75 0.49 -7.90
CA CYS D 889 -41.48 0.70 -6.66
C CYS D 889 -42.45 1.88 -6.81
N GLU D 890 -43.09 2.24 -5.70
CA GLU D 890 -44.05 3.33 -5.70
C GLU D 890 -43.88 4.29 -4.53
N THR D 891 -42.96 4.01 -3.60
CA THR D 891 -42.76 4.87 -2.46
C THR D 891 -42.01 6.14 -2.87
N ARG D 892 -41.92 7.09 -1.93
CA ARG D 892 -41.27 8.37 -2.16
C ARG D 892 -40.08 8.50 -1.22
N HIS D 893 -38.90 8.72 -1.80
CA HIS D 893 -37.66 8.90 -1.05
C HIS D 893 -37.38 7.69 -0.15
N GLY D 894 -37.22 6.53 -0.79
CA GLY D 894 -36.94 5.31 -0.06
C GLY D 894 -37.23 4.09 -0.92
N ILE D 895 -37.34 2.96 -0.24
CA ILE D 895 -37.63 1.68 -0.90
C ILE D 895 -38.42 0.82 0.08
N CYS D 896 -39.53 0.27 -0.39
CA CYS D 896 -40.41 -0.52 0.46
C CYS D 896 -39.75 -1.82 0.87
N ALA D 897 -40.12 -2.31 2.05
CA ALA D 897 -39.55 -3.57 2.55
C ALA D 897 -40.11 -4.77 1.79
N MET D 898 -41.36 -4.69 1.31
CA MET D 898 -41.93 -5.80 0.57
C MET D 898 -41.36 -5.88 -0.84
N CYS D 899 -41.05 -4.73 -1.45
CA CYS D 899 -40.48 -4.74 -2.80
C CYS D 899 -39.04 -5.24 -2.81
N TYR D 900 -38.33 -5.15 -1.69
CA TYR D 900 -36.97 -5.64 -1.61
C TYR D 900 -36.97 -7.14 -1.32
N GLY D 901 -35.88 -7.80 -1.72
CA GLY D 901 -35.75 -9.23 -1.51
C GLY D 901 -35.49 -9.57 -0.06
N ARG D 902 -34.99 -10.80 0.14
CA ARG D 902 -34.66 -11.31 1.46
C ARG D 902 -33.24 -11.82 1.56
N ASP D 903 -32.40 -11.56 0.54
CA ASP D 903 -31.02 -12.03 0.54
C ASP D 903 -30.19 -11.13 1.44
N LEU D 904 -29.98 -11.58 2.69
CA LEU D 904 -29.20 -10.83 3.66
C LEU D 904 -28.35 -11.82 4.45
N ALA D 905 -27.74 -11.33 5.54
CA ALA D 905 -26.99 -12.21 6.41
C ALA D 905 -27.90 -13.15 7.19
N ARG D 906 -29.15 -12.74 7.42
CA ARG D 906 -30.13 -13.57 8.09
C ARG D 906 -30.96 -14.34 7.07
N GLY D 907 -31.95 -15.09 7.56
CA GLY D 907 -32.78 -15.88 6.68
C GLY D 907 -34.18 -15.32 6.52
N HIS D 908 -34.55 -14.39 7.39
CA HIS D 908 -35.88 -13.81 7.37
C HIS D 908 -35.92 -12.64 6.38
N ARG D 909 -37.03 -11.89 6.39
CA ARG D 909 -37.19 -10.75 5.49
C ARG D 909 -36.38 -9.56 6.01
N VAL D 910 -36.37 -8.48 5.22
CA VAL D 910 -35.65 -7.27 5.58
C VAL D 910 -36.35 -6.57 6.74
N ASN D 911 -35.66 -5.64 7.38
CA ASN D 911 -36.19 -4.88 8.50
C ASN D 911 -36.52 -3.46 8.06
N ILE D 912 -37.26 -2.75 8.92
CA ILE D 912 -37.66 -1.38 8.64
C ILE D 912 -36.59 -0.47 9.23
N GLY D 913 -35.68 0.00 8.37
CA GLY D 913 -34.63 0.89 8.80
C GLY D 913 -33.25 0.46 8.37
N GLU D 914 -33.16 -0.69 7.70
CA GLU D 914 -31.87 -1.19 7.23
C GLU D 914 -31.45 -0.46 5.97
N ALA D 915 -30.21 0.02 5.95
CA ALA D 915 -29.67 0.76 4.81
C ALA D 915 -29.31 -0.23 3.71
N VAL D 916 -30.27 -0.47 2.81
CA VAL D 916 -30.02 -1.38 1.68
C VAL D 916 -29.31 -0.72 0.53
N GLY D 917 -29.12 0.61 0.57
CA GLY D 917 -28.41 1.28 -0.50
C GLY D 917 -26.90 1.19 -0.37
N VAL D 918 -26.39 1.05 0.85
CA VAL D 918 -24.95 0.93 1.05
C VAL D 918 -24.48 -0.51 0.91
N ILE D 919 -25.28 -1.47 1.39
CA ILE D 919 -24.91 -2.88 1.28
C ILE D 919 -25.00 -3.37 -0.15
N ALA D 920 -25.69 -2.65 -1.02
CA ALA D 920 -25.79 -3.02 -2.43
C ALA D 920 -24.65 -2.43 -3.27
N ALA D 921 -24.10 -1.29 -2.84
CA ALA D 921 -22.97 -0.70 -3.56
C ALA D 921 -21.65 -1.37 -3.18
N GLN D 922 -21.52 -1.84 -1.95
CA GLN D 922 -20.30 -2.53 -1.54
C GLN D 922 -20.22 -3.92 -2.14
N SER D 923 -21.36 -4.56 -2.39
CA SER D 923 -21.37 -5.90 -2.97
C SER D 923 -20.93 -5.90 -4.43
N ILE D 924 -20.98 -4.77 -5.11
CA ILE D 924 -20.55 -4.69 -6.50
C ILE D 924 -19.10 -4.25 -6.61
N GLY D 925 -18.67 -3.30 -5.78
CA GLY D 925 -17.30 -2.83 -5.83
C GLY D 925 -16.28 -3.70 -5.12
N GLU D 926 -16.74 -4.70 -4.36
CA GLU D 926 -15.79 -5.57 -3.67
C GLU D 926 -15.08 -6.53 -4.63
N PRO D 927 -15.78 -7.30 -5.48
CA PRO D 927 -15.07 -8.19 -6.40
C PRO D 927 -14.48 -7.51 -7.62
N GLY D 928 -14.42 -6.18 -7.65
CA GLY D 928 -13.85 -5.48 -8.78
C GLY D 928 -12.36 -5.67 -8.94
N THR D 929 -11.65 -5.99 -7.85
CA THR D 929 -10.22 -6.21 -7.93
C THR D 929 -9.86 -7.55 -8.56
N GLN D 930 -10.83 -8.44 -8.73
CA GLN D 930 -10.59 -9.74 -9.35
C GLN D 930 -10.90 -9.76 -10.84
N LEU D 931 -11.44 -8.67 -11.39
CA LEU D 931 -11.76 -8.62 -12.80
C LEU D 931 -10.49 -8.33 -13.62
N THR D 932 -10.65 -8.35 -14.93
CA THR D 932 -9.52 -8.09 -15.83
C THR D 932 -9.36 -6.59 -16.08
N ALA D 947 -18.29 -19.08 -39.88
CA ALA D 947 -18.58 -18.83 -38.48
C ALA D 947 -20.08 -18.67 -38.25
N ALA D 948 -20.66 -19.61 -37.49
CA ALA D 948 -22.09 -19.61 -37.16
C ALA D 948 -22.95 -19.61 -38.43
N ASP D 949 -22.52 -20.39 -39.43
CA ASP D 949 -23.28 -20.48 -40.67
C ASP D 949 -24.55 -21.31 -40.49
N ASN D 950 -24.38 -22.53 -39.97
CA ASN D 950 -25.50 -23.43 -39.71
C ASN D 950 -25.57 -23.73 -38.23
N VAL D 951 -26.77 -23.66 -37.66
CA VAL D 951 -26.98 -23.91 -36.25
C VAL D 951 -27.56 -25.31 -36.07
N GLN D 952 -27.38 -25.86 -34.87
CA GLN D 952 -27.88 -27.19 -34.55
C GLN D 952 -28.42 -27.18 -33.12
N VAL D 953 -29.15 -28.23 -32.78
CA VAL D 953 -29.74 -28.37 -31.46
C VAL D 953 -28.98 -29.44 -30.68
N LYS D 954 -29.11 -29.38 -29.37
CA LYS D 954 -28.48 -30.33 -28.46
C LYS D 954 -29.47 -31.24 -27.75
N ASN D 955 -30.59 -30.70 -27.30
CA ASN D 955 -31.64 -31.47 -26.65
C ASN D 955 -32.85 -31.58 -27.57
N GLY D 956 -33.34 -32.81 -27.76
CA GLY D 956 -34.47 -33.00 -28.66
C GLY D 956 -35.77 -32.52 -28.02
N GLY D 957 -36.58 -31.86 -28.84
CA GLY D 957 -37.85 -31.36 -28.36
C GLY D 957 -38.67 -30.77 -29.49
N THR D 958 -39.79 -30.17 -29.12
CA THR D 958 -40.69 -29.56 -30.08
C THR D 958 -40.16 -28.19 -30.50
N ILE D 959 -40.84 -27.56 -31.46
CA ILE D 959 -40.49 -26.25 -31.96
C ILE D 959 -41.56 -25.27 -31.53
N ARG D 960 -41.14 -24.22 -30.81
CA ARG D 960 -42.04 -23.19 -30.31
C ARG D 960 -41.62 -21.85 -30.89
N LEU D 961 -42.43 -21.31 -31.79
CA LEU D 961 -42.15 -20.02 -32.44
C LEU D 961 -42.87 -18.90 -31.71
N HIS D 962 -42.23 -17.74 -31.66
CA HIS D 962 -42.81 -16.58 -30.98
C HIS D 962 -42.36 -15.32 -31.70
N ASN D 963 -43.33 -14.49 -32.10
CA ASN D 963 -43.07 -13.21 -32.76
C ASN D 963 -42.23 -13.40 -34.03
N LEU D 964 -42.78 -14.14 -34.97
CA LEU D 964 -42.12 -14.39 -36.24
C LEU D 964 -43.17 -14.68 -37.30
N LYS D 965 -42.93 -14.19 -38.51
CA LYS D 965 -43.83 -14.39 -39.64
C LYS D 965 -43.03 -14.80 -40.85
N HIS D 966 -43.42 -15.92 -41.47
CA HIS D 966 -42.73 -16.44 -42.65
C HIS D 966 -43.75 -16.99 -43.64
N VAL D 967 -43.28 -17.29 -44.83
CA VAL D 967 -44.11 -17.84 -45.90
C VAL D 967 -43.57 -19.22 -46.27
N VAL D 968 -44.43 -20.22 -46.23
CA VAL D 968 -44.04 -21.59 -46.54
C VAL D 968 -43.95 -21.75 -48.05
N ARG D 969 -42.89 -22.43 -48.50
CA ARG D 969 -42.68 -22.66 -49.92
C ARG D 969 -43.27 -24.01 -50.32
N ALA D 970 -43.64 -24.12 -51.60
CA ALA D 970 -44.20 -25.37 -52.11
C ALA D 970 -43.18 -26.49 -52.15
N ASP D 971 -41.88 -26.16 -52.19
CA ASP D 971 -40.85 -27.20 -52.21
C ASP D 971 -40.55 -27.76 -50.82
N GLY D 972 -40.92 -27.05 -49.76
CA GLY D 972 -40.68 -27.51 -48.40
C GLY D 972 -39.85 -26.56 -47.56
N ALA D 973 -39.29 -25.50 -48.13
CA ALA D 973 -38.48 -24.57 -47.38
C ALA D 973 -39.34 -23.47 -46.76
N LEU D 974 -38.74 -22.72 -45.83
CA LEU D 974 -39.42 -21.64 -45.15
C LEU D 974 -38.46 -20.46 -45.03
N VAL D 975 -38.80 -19.37 -45.70
CA VAL D 975 -37.98 -18.15 -45.71
C VAL D 975 -38.73 -17.08 -44.93
N ALA D 976 -38.08 -16.52 -43.91
CA ALA D 976 -38.66 -15.48 -43.08
C ALA D 976 -38.05 -14.12 -43.47
N VAL D 977 -38.93 -13.12 -43.68
CA VAL D 977 -38.47 -11.79 -44.05
C VAL D 977 -38.26 -10.89 -42.85
N SER D 978 -38.44 -11.40 -41.63
CA SER D 978 -38.26 -10.62 -40.42
C SER D 978 -36.99 -11.05 -39.71
N ARG D 979 -36.29 -10.08 -39.12
CA ARG D 979 -35.05 -10.34 -38.40
C ARG D 979 -35.26 -10.53 -36.90
N SER D 980 -36.49 -10.36 -36.41
CA SER D 980 -36.80 -10.51 -34.99
C SER D 980 -37.35 -11.88 -34.65
N GLY D 981 -37.21 -12.86 -35.56
CA GLY D 981 -37.71 -14.19 -35.30
C GLY D 981 -36.78 -14.97 -34.39
N GLU D 982 -37.35 -15.59 -33.35
CA GLU D 982 -36.60 -16.37 -32.39
C GLU D 982 -37.17 -17.79 -32.38
N LEU D 983 -36.40 -18.74 -32.91
CA LEU D 983 -36.80 -20.14 -32.96
C LEU D 983 -36.41 -20.79 -31.64
N ALA D 984 -37.40 -21.03 -30.78
CA ALA D 984 -37.17 -21.61 -29.46
C ALA D 984 -37.60 -23.07 -29.45
N VAL D 985 -36.78 -23.92 -28.84
CA VAL D 985 -37.07 -25.34 -28.72
C VAL D 985 -37.86 -25.57 -27.44
N ALA D 986 -38.95 -26.32 -27.56
CA ALA D 986 -39.82 -26.64 -26.43
C ALA D 986 -39.63 -28.08 -26.02
N ASP D 987 -39.68 -28.34 -24.72
CA ASP D 987 -39.50 -29.68 -24.19
C ASP D 987 -40.83 -30.43 -24.23
N ASP D 988 -40.87 -31.63 -23.64
CA ASP D 988 -42.09 -32.42 -23.62
C ASP D 988 -43.10 -31.87 -22.63
N PHE D 989 -42.64 -31.20 -21.58
CA PHE D 989 -43.52 -30.62 -20.57
C PHE D 989 -43.61 -29.10 -20.65
N GLY D 990 -42.80 -28.45 -21.47
CA GLY D 990 -42.83 -27.01 -21.59
C GLY D 990 -41.65 -26.45 -22.37
N ARG D 991 -41.02 -25.41 -21.83
CA ARG D 991 -39.87 -24.80 -22.50
C ARG D 991 -38.61 -25.62 -22.21
N GLU D 992 -37.85 -25.90 -23.25
CA GLU D 992 -36.63 -26.69 -23.13
C GLU D 992 -35.46 -25.76 -22.79
N ARG D 993 -34.24 -26.29 -22.85
CA ARG D 993 -33.04 -25.52 -22.54
C ARG D 993 -32.40 -24.91 -23.78
N GLU D 994 -32.99 -25.09 -24.95
CA GLU D 994 -32.44 -24.57 -26.21
C GLU D 994 -33.32 -23.45 -26.73
N ARG D 995 -32.68 -22.38 -27.21
CA ARG D 995 -33.39 -21.24 -27.78
C ARG D 995 -32.44 -20.50 -28.71
N TYR D 996 -32.84 -20.32 -29.96
CA TYR D 996 -32.01 -19.66 -30.96
C TYR D 996 -32.81 -18.55 -31.64
N LYS D 997 -32.11 -17.73 -32.41
CA LYS D 997 -32.71 -16.64 -33.16
C LYS D 997 -32.59 -16.91 -34.65
N LEU D 998 -33.60 -16.49 -35.41
CA LEU D 998 -33.65 -16.68 -36.84
C LEU D 998 -33.39 -15.35 -37.55
N PRO D 999 -32.32 -15.22 -38.31
CA PRO D 999 -32.06 -13.96 -39.01
C PRO D 999 -33.04 -13.76 -40.16
N TYR D 1000 -32.97 -12.58 -40.75
CA TYR D 1000 -33.83 -12.22 -41.87
C TYR D 1000 -33.34 -12.91 -43.15
N GLY D 1001 -34.22 -13.67 -43.78
CA GLY D 1001 -33.86 -14.37 -44.99
C GLY D 1001 -33.20 -15.72 -44.78
N ALA D 1002 -33.50 -16.39 -43.67
CA ALA D 1002 -32.91 -17.69 -43.38
C ALA D 1002 -33.77 -18.81 -43.96
N VAL D 1003 -33.15 -19.96 -44.15
CA VAL D 1003 -33.82 -21.15 -44.69
C VAL D 1003 -34.02 -22.14 -43.55
N ILE D 1004 -35.28 -22.43 -43.24
CA ILE D 1004 -35.64 -23.36 -42.17
C ILE D 1004 -36.41 -24.50 -42.82
N SER D 1005 -35.75 -25.66 -42.94
CA SER D 1005 -36.40 -26.82 -43.56
C SER D 1005 -37.43 -27.44 -42.62
N VAL D 1006 -37.21 -27.37 -41.31
CA VAL D 1006 -38.12 -27.95 -40.34
C VAL D 1006 -39.34 -27.05 -40.20
N LYS D 1007 -40.46 -27.66 -39.82
CA LYS D 1007 -41.72 -26.95 -39.64
C LYS D 1007 -42.01 -26.75 -38.15
N GLU D 1008 -42.86 -25.77 -37.87
CA GLU D 1008 -43.22 -25.47 -36.49
C GLU D 1008 -44.16 -26.53 -35.94
N GLY D 1009 -43.93 -26.92 -34.68
CA GLY D 1009 -44.74 -27.93 -34.04
C GLY D 1009 -44.46 -29.32 -34.56
N ASP D 1010 -43.24 -29.81 -34.34
CA ASP D 1010 -42.85 -31.13 -34.82
C ASP D 1010 -42.34 -32.01 -33.67
N LYS D 1011 -41.81 -33.17 -34.00
CA LYS D 1011 -41.31 -34.10 -32.99
C LYS D 1011 -39.92 -33.69 -32.55
N VAL D 1012 -39.32 -34.51 -31.67
CA VAL D 1012 -37.99 -34.25 -31.13
C VAL D 1012 -36.95 -34.81 -32.10
N ASP D 1013 -35.78 -34.19 -32.10
CA ASP D 1013 -34.67 -34.62 -32.95
C ASP D 1013 -33.35 -34.23 -32.31
N PRO D 1014 -32.52 -35.20 -31.90
CA PRO D 1014 -31.25 -34.85 -31.26
C PRO D 1014 -30.12 -34.70 -32.26
N GLY D 1015 -29.42 -33.57 -32.21
CA GLY D 1015 -28.30 -33.32 -33.09
C GLY D 1015 -28.66 -32.94 -34.50
N ALA D 1016 -29.94 -32.71 -34.80
CA ALA D 1016 -30.36 -32.36 -36.14
C ALA D 1016 -30.14 -30.87 -36.40
N ILE D 1017 -30.24 -30.49 -37.66
CA ILE D 1017 -30.10 -29.10 -38.10
C ILE D 1017 -31.48 -28.53 -38.33
N VAL D 1018 -31.78 -27.40 -37.69
CA VAL D 1018 -33.09 -26.80 -37.78
C VAL D 1018 -33.10 -25.50 -38.59
N ALA D 1019 -31.94 -24.89 -38.83
CA ALA D 1019 -31.88 -23.65 -39.58
C ALA D 1019 -30.56 -23.56 -40.31
N LYS D 1020 -30.57 -22.86 -41.45
CA LYS D 1020 -29.38 -22.68 -42.26
C LYS D 1020 -29.49 -21.36 -43.01
N TRP D 1021 -28.44 -20.55 -42.93
CA TRP D 1021 -28.41 -19.25 -43.59
C TRP D 1021 -26.97 -18.87 -43.89
N ASP D 1022 -26.80 -17.81 -44.68
CA ASP D 1022 -25.48 -17.32 -45.04
C ASP D 1022 -25.11 -16.14 -44.17
N PRO D 1023 -24.00 -16.19 -43.44
CA PRO D 1023 -23.63 -15.06 -42.57
C PRO D 1023 -23.05 -13.88 -43.32
N HIS D 1024 -22.46 -14.08 -44.50
CA HIS D 1024 -21.86 -13.00 -45.26
C HIS D 1024 -22.82 -12.42 -46.28
N THR D 1025 -23.36 -13.27 -47.15
CA THR D 1025 -24.29 -12.83 -48.19
C THR D 1025 -25.65 -12.57 -47.58
N HIS D 1026 -26.13 -11.33 -47.69
CA HIS D 1026 -27.43 -10.95 -47.14
C HIS D 1026 -28.49 -11.11 -48.23
N PRO D 1027 -29.42 -12.05 -48.11
CA PRO D 1027 -30.45 -12.21 -49.14
C PRO D 1027 -31.55 -11.17 -49.02
N ILE D 1028 -32.25 -10.99 -50.13
CA ILE D 1028 -33.37 -10.05 -50.23
C ILE D 1028 -34.63 -10.86 -50.47
N VAL D 1029 -35.63 -10.68 -49.61
CA VAL D 1029 -36.87 -11.44 -49.71
C VAL D 1029 -37.75 -10.84 -50.80
N THR D 1030 -38.62 -11.67 -51.35
CA THR D 1030 -39.55 -11.26 -52.39
C THR D 1030 -40.98 -11.32 -51.87
N GLU D 1031 -41.84 -10.47 -52.43
CA GLU D 1031 -43.23 -10.40 -51.99
C GLU D 1031 -44.06 -11.51 -52.62
N VAL D 1032 -44.16 -11.51 -53.95
CA VAL D 1032 -44.93 -12.50 -54.70
C VAL D 1032 -44.15 -12.89 -55.95
N ASP D 1033 -44.73 -13.79 -56.73
CA ASP D 1033 -44.11 -14.25 -57.97
C ASP D 1033 -44.58 -13.42 -59.15
N GLY D 1034 -43.91 -13.60 -60.28
CA GLY D 1034 -44.22 -12.91 -61.51
C GLY D 1034 -42.97 -12.33 -62.13
N THR D 1035 -43.17 -11.55 -63.20
CA THR D 1035 -42.06 -10.94 -63.90
C THR D 1035 -41.52 -9.73 -63.13
N VAL D 1036 -40.37 -9.24 -63.58
CA VAL D 1036 -39.72 -8.09 -62.95
C VAL D 1036 -39.26 -7.15 -64.06
N ALA D 1037 -39.41 -5.85 -63.82
CA ALA D 1037 -39.01 -4.81 -64.77
C ALA D 1037 -38.16 -3.78 -64.04
N PHE D 1038 -36.92 -3.61 -64.48
CA PHE D 1038 -36.01 -2.66 -63.87
C PHE D 1038 -36.34 -1.25 -64.36
N VAL D 1039 -36.70 -0.37 -63.44
CA VAL D 1039 -37.05 1.02 -63.76
C VAL D 1039 -36.08 1.93 -63.02
N GLY D 1040 -35.55 2.92 -63.74
CA GLY D 1040 -34.61 3.85 -63.15
C GLY D 1040 -33.17 3.42 -63.19
N MET D 1041 -32.75 2.69 -64.23
CA MET D 1041 -31.38 2.20 -64.37
C MET D 1041 -30.66 3.01 -65.43
N GLU D 1042 -29.51 3.57 -65.07
CA GLU D 1042 -28.70 4.38 -65.97
C GLU D 1042 -27.48 3.57 -66.38
N GLU D 1043 -27.36 3.27 -67.67
CA GLU D 1043 -26.26 2.48 -68.21
C GLU D 1043 -25.02 3.37 -68.26
N GLY D 1044 -24.26 3.36 -67.17
CA GLY D 1044 -23.04 4.17 -67.10
C GLY D 1044 -22.94 4.96 -65.82
N ILE D 1045 -24.08 5.24 -65.19
CA ILE D 1045 -24.14 6.00 -63.95
C ILE D 1045 -24.70 5.18 -62.80
N THR D 1046 -25.76 4.40 -63.05
CA THR D 1046 -26.40 3.59 -62.02
C THR D 1046 -26.11 2.10 -62.19
N VAL D 1047 -26.24 1.57 -63.39
CA VAL D 1047 -25.99 0.16 -63.66
C VAL D 1047 -24.85 0.04 -64.67
N LYS D 1048 -23.98 -0.93 -64.46
CA LYS D 1048 -22.84 -1.17 -65.35
C LYS D 1048 -22.64 -2.68 -65.46
N ARG D 1049 -22.93 -3.23 -66.63
CA ARG D 1049 -22.78 -4.67 -66.87
C ARG D 1049 -21.30 -5.01 -66.95
N GLN D 1050 -20.79 -5.73 -65.96
CA GLN D 1050 -19.40 -6.14 -65.89
C GLN D 1050 -19.30 -7.65 -65.81
N THR D 1051 -18.33 -8.20 -66.52
CA THR D 1051 -18.09 -9.64 -66.56
C THR D 1051 -16.71 -9.94 -65.99
N ASP D 1052 -16.48 -11.22 -65.72
CA ASP D 1052 -15.22 -11.72 -65.18
C ASP D 1052 -14.44 -12.45 -66.26
N GLU D 1053 -13.31 -13.02 -65.86
CA GLU D 1053 -12.46 -13.75 -66.80
C GLU D 1053 -13.11 -15.07 -67.18
N LEU D 1054 -13.17 -15.33 -68.49
CA LEU D 1054 -13.76 -16.56 -69.03
C LEU D 1054 -15.22 -16.72 -68.60
N THR D 1055 -15.95 -15.60 -68.56
CA THR D 1055 -17.36 -15.56 -68.17
C THR D 1055 -17.57 -16.19 -66.79
N GLY D 1056 -16.83 -15.68 -65.81
CA GLY D 1056 -16.94 -16.17 -64.46
C GLY D 1056 -18.17 -15.67 -63.73
N LEU D 1057 -18.38 -14.36 -63.76
CA LEU D 1057 -19.53 -13.72 -63.12
C LEU D 1057 -20.21 -12.82 -64.13
N THR D 1058 -21.41 -13.20 -64.56
CA THR D 1058 -22.19 -12.45 -65.54
C THR D 1058 -23.53 -12.10 -64.90
N ASN D 1059 -23.58 -10.95 -64.25
CA ASN D 1059 -24.79 -10.47 -63.58
C ASN D 1059 -24.95 -8.98 -63.87
N ILE D 1060 -26.00 -8.40 -63.30
CA ILE D 1060 -26.29 -6.98 -63.46
C ILE D 1060 -25.76 -6.28 -62.21
N GLU D 1061 -24.55 -5.74 -62.30
CA GLU D 1061 -23.91 -5.07 -61.19
C GLU D 1061 -24.22 -3.57 -61.23
N VAL D 1062 -24.72 -3.04 -60.11
CA VAL D 1062 -25.04 -1.63 -60.01
C VAL D 1062 -23.75 -0.84 -59.76
N MET D 1063 -23.82 0.48 -59.93
CA MET D 1063 -22.67 1.34 -59.72
C MET D 1063 -22.68 1.91 -58.31
N ASP D 1064 -21.52 2.40 -57.88
CA ASP D 1064 -21.38 2.96 -56.55
C ASP D 1064 -21.99 4.35 -56.48
N PRO D 1065 -22.21 4.87 -55.27
CA PRO D 1065 -22.80 6.21 -55.13
C PRO D 1065 -21.79 7.30 -55.40
N LYS D 1066 -20.51 7.01 -55.16
CA LYS D 1066 -19.45 8.00 -55.37
C LYS D 1066 -18.84 7.91 -56.75
N ASP D 1067 -18.86 6.72 -57.37
CA ASP D 1067 -18.31 6.54 -58.71
C ASP D 1067 -19.31 6.85 -59.81
N ARG D 1068 -20.51 7.32 -59.47
CA ARG D 1068 -21.52 7.65 -60.46
C ARG D 1068 -21.25 9.03 -61.05
N PRO D 1069 -21.91 9.36 -62.15
CA PRO D 1069 -21.73 10.67 -62.78
C PRO D 1069 -22.61 11.72 -62.10
N ALA D 1070 -22.58 12.93 -62.67
CA ALA D 1070 -23.38 14.02 -62.11
C ALA D 1070 -24.86 13.84 -62.43
N ALA D 1071 -25.19 13.20 -63.55
CA ALA D 1071 -26.58 13.00 -63.92
C ALA D 1071 -27.21 11.87 -63.12
N GLY D 1072 -26.45 10.82 -62.81
CA GLY D 1072 -26.97 9.70 -62.07
C GLY D 1072 -26.61 9.74 -60.60
N LYS D 1073 -26.45 10.96 -60.05
CA LYS D 1073 -26.09 11.10 -58.65
C LYS D 1073 -27.28 10.85 -57.74
N ASP D 1074 -28.46 11.34 -58.11
CA ASP D 1074 -29.66 11.17 -57.30
C ASP D 1074 -30.58 10.07 -57.83
N ILE D 1075 -30.23 9.44 -58.95
CA ILE D 1075 -31.07 8.39 -59.52
C ILE D 1075 -30.83 7.09 -58.78
N ARG D 1076 -31.92 6.37 -58.47
CA ARG D 1076 -31.84 5.10 -57.76
C ARG D 1076 -32.77 4.09 -58.42
N PRO D 1077 -32.23 2.98 -58.93
CA PRO D 1077 -33.08 1.97 -59.56
C PRO D 1077 -33.98 1.27 -58.55
N ALA D 1078 -35.09 0.75 -59.06
CA ALA D 1078 -36.06 0.03 -58.23
C ALA D 1078 -36.72 -1.03 -59.09
N VAL D 1079 -36.46 -2.30 -58.78
CA VAL D 1079 -37.03 -3.41 -59.54
C VAL D 1079 -38.46 -3.62 -59.09
N LYS D 1080 -39.42 -3.25 -59.94
CA LYS D 1080 -40.82 -3.42 -59.62
C LYS D 1080 -41.26 -4.86 -59.86
N LEU D 1081 -42.11 -5.36 -58.99
CA LEU D 1081 -42.63 -6.72 -59.07
C LEU D 1081 -44.06 -6.67 -59.57
N ILE D 1082 -44.30 -7.30 -60.72
CA ILE D 1082 -45.62 -7.35 -61.35
C ILE D 1082 -45.87 -8.77 -61.84
N ASP D 1083 -47.06 -9.00 -62.37
CA ASP D 1083 -47.43 -10.31 -62.87
C ASP D 1083 -46.87 -10.52 -64.28
N ALA D 1084 -46.93 -11.77 -64.74
CA ALA D 1084 -46.44 -12.12 -66.07
C ALA D 1084 -47.39 -11.70 -67.18
N ALA D 1085 -48.67 -11.54 -66.87
CA ALA D 1085 -49.65 -11.16 -67.89
C ALA D 1085 -49.57 -9.69 -68.27
N GLY D 1086 -48.91 -8.87 -67.46
CA GLY D 1086 -48.78 -7.44 -67.74
C GLY D 1086 -49.42 -6.53 -66.72
N LYS D 1087 -50.13 -7.06 -65.74
CA LYS D 1087 -50.77 -6.25 -64.71
C LYS D 1087 -49.82 -6.01 -63.55
N ASP D 1088 -49.97 -4.85 -62.92
CA ASP D 1088 -49.13 -4.48 -61.78
C ASP D 1088 -49.59 -5.23 -60.53
N LEU D 1089 -48.63 -5.80 -59.81
CA LEU D 1089 -48.89 -6.56 -58.60
C LEU D 1089 -48.42 -5.77 -57.38
N LEU D 1090 -49.19 -5.84 -56.30
CA LEU D 1090 -48.89 -5.14 -55.07
C LEU D 1090 -49.03 -6.10 -53.89
N LEU D 1091 -48.50 -5.69 -52.74
CA LEU D 1091 -48.58 -6.54 -51.56
C LEU D 1091 -49.79 -6.15 -50.70
N PRO D 1092 -50.42 -7.13 -50.06
CA PRO D 1092 -51.57 -6.81 -49.21
C PRO D 1092 -51.15 -6.06 -47.96
N GLY D 1093 -51.95 -5.06 -47.58
CA GLY D 1093 -51.67 -4.26 -46.41
C GLY D 1093 -51.28 -2.84 -46.74
N THR D 1094 -50.51 -2.67 -47.81
CA THR D 1094 -50.05 -1.36 -48.26
C THR D 1094 -50.62 -1.06 -49.64
N ASP D 1095 -50.74 0.24 -49.93
CA ASP D 1095 -51.28 0.66 -51.22
C ASP D 1095 -50.23 0.60 -52.32
N VAL D 1096 -48.99 0.99 -52.01
CA VAL D 1096 -47.92 0.98 -52.99
C VAL D 1096 -47.40 -0.44 -53.17
N PRO D 1097 -46.96 -0.83 -54.36
CA PRO D 1097 -46.43 -2.19 -54.55
C PRO D 1097 -45.10 -2.36 -53.85
N ALA D 1098 -44.74 -3.63 -53.64
CA ALA D 1098 -43.49 -3.99 -52.98
C ALA D 1098 -42.42 -4.15 -54.06
N GLN D 1099 -41.72 -3.05 -54.35
CA GLN D 1099 -40.67 -3.03 -55.35
C GLN D 1099 -39.31 -3.07 -54.67
N TYR D 1100 -38.46 -4.00 -55.10
CA TYR D 1100 -37.13 -4.14 -54.52
C TYR D 1100 -36.18 -3.11 -55.13
N PHE D 1101 -35.49 -2.38 -54.27
CA PHE D 1101 -34.54 -1.38 -54.73
C PHE D 1101 -33.21 -2.03 -55.11
N LEU D 1102 -32.36 -1.25 -55.79
CA LEU D 1102 -31.05 -1.71 -56.21
C LEU D 1102 -29.97 -0.98 -55.43
N PRO D 1103 -29.42 -1.58 -54.38
CA PRO D 1103 -28.36 -0.92 -53.61
C PRO D 1103 -27.03 -0.97 -54.34
N ALA D 1104 -26.02 -0.35 -53.74
CA ALA D 1104 -24.70 -0.31 -54.32
C ALA D 1104 -24.00 -1.66 -54.18
N ASN D 1105 -23.18 -2.00 -55.17
CA ASN D 1105 -22.44 -3.26 -55.20
C ASN D 1105 -23.37 -4.47 -55.09
N ALA D 1106 -24.51 -4.38 -55.78
CA ALA D 1106 -25.50 -5.45 -55.79
C ALA D 1106 -25.56 -6.07 -57.18
N LEU D 1107 -25.94 -7.35 -57.22
CA LEU D 1107 -26.02 -8.10 -58.47
C LEU D 1107 -27.35 -8.84 -58.52
N VAL D 1108 -28.06 -8.67 -59.63
CA VAL D 1108 -29.35 -9.32 -59.84
C VAL D 1108 -29.10 -10.71 -60.40
N ASN D 1109 -29.62 -11.74 -59.72
CA ASN D 1109 -29.43 -13.11 -60.19
C ASN D 1109 -30.27 -13.39 -61.42
N LEU D 1110 -31.53 -12.94 -61.43
CA LEU D 1110 -32.43 -13.13 -62.54
C LEU D 1110 -32.56 -11.85 -63.36
N THR D 1111 -32.71 -12.01 -64.67
CA THR D 1111 -32.84 -10.86 -65.56
C THR D 1111 -34.25 -10.29 -65.48
N ASP D 1112 -34.41 -9.11 -66.07
CA ASP D 1112 -35.71 -8.43 -66.06
C ASP D 1112 -36.67 -9.12 -67.02
N GLY D 1113 -37.88 -9.38 -66.56
CA GLY D 1113 -38.89 -10.03 -67.37
C GLY D 1113 -39.06 -11.52 -67.16
N ALA D 1114 -38.39 -12.10 -66.16
CA ALA D 1114 -38.47 -13.52 -65.88
C ALA D 1114 -39.26 -13.76 -64.61
N LYS D 1115 -39.91 -14.92 -64.55
CA LYS D 1115 -40.71 -15.29 -63.38
C LYS D 1115 -39.79 -15.77 -62.26
N VAL D 1116 -39.84 -15.07 -61.12
CA VAL D 1116 -39.04 -15.41 -59.95
C VAL D 1116 -39.97 -15.90 -58.86
N SER D 1117 -39.62 -17.02 -58.23
CA SER D 1117 -40.45 -17.59 -57.18
C SER D 1117 -40.20 -16.88 -55.86
N ILE D 1118 -41.03 -17.22 -54.86
CA ILE D 1118 -40.92 -16.63 -53.54
C ILE D 1118 -39.80 -17.32 -52.77
N GLY D 1119 -39.08 -16.54 -51.97
CA GLY D 1119 -37.98 -17.05 -51.18
C GLY D 1119 -36.63 -17.03 -51.85
N ASP D 1120 -36.54 -16.50 -53.07
CA ASP D 1120 -35.27 -16.43 -53.78
C ASP D 1120 -34.53 -15.15 -53.43
N VAL D 1121 -33.20 -15.21 -53.52
CA VAL D 1121 -32.35 -14.07 -53.22
C VAL D 1121 -32.40 -13.10 -54.40
N VAL D 1122 -32.89 -11.88 -54.15
CA VAL D 1122 -32.97 -10.89 -55.22
C VAL D 1122 -31.61 -10.24 -55.46
N ALA D 1123 -30.81 -10.04 -54.42
CA ALA D 1123 -29.50 -9.42 -54.54
C ALA D 1123 -28.53 -10.09 -53.58
N ARG D 1124 -27.26 -9.72 -53.69
CA ARG D 1124 -26.20 -10.25 -52.84
C ARG D 1124 -25.45 -9.08 -52.23
N ILE D 1125 -25.65 -8.85 -50.94
CA ILE D 1125 -25.03 -7.75 -50.22
C ILE D 1125 -24.10 -8.34 -49.16
N PRO D 1126 -22.80 -8.41 -49.45
CA PRO D 1126 -21.86 -8.94 -48.46
C PRO D 1126 -21.56 -7.93 -47.37
N GLN D 1127 -21.16 -8.45 -46.21
CA GLN D 1127 -20.84 -7.61 -45.06
C GLN D 1127 -19.41 -7.85 -44.60
N THR D 1136 -13.30 -3.84 -23.26
CA THR D 1136 -13.74 -5.08 -23.89
C THR D 1136 -14.20 -6.09 -22.84
N GLY D 1137 -13.92 -5.79 -21.58
CA GLY D 1137 -14.31 -6.67 -20.49
C GLY D 1137 -13.60 -6.36 -19.19
N GLY D 1138 -14.29 -6.55 -18.07
CA GLY D 1138 -13.70 -6.27 -16.77
C GLY D 1138 -14.11 -4.94 -16.19
N LEU D 1139 -13.16 -4.25 -15.56
CA LEU D 1139 -13.46 -2.95 -14.97
C LEU D 1139 -13.82 -1.88 -16.01
N PRO D 1140 -13.13 -1.75 -17.14
CA PRO D 1140 -13.57 -0.75 -18.14
C PRO D 1140 -14.93 -1.05 -18.74
N ARG D 1141 -15.47 -2.26 -18.57
CA ARG D 1141 -16.78 -2.59 -19.08
C ARG D 1141 -17.89 -2.35 -18.07
N VAL D 1142 -17.65 -2.69 -16.79
CA VAL D 1142 -18.66 -2.48 -15.77
C VAL D 1142 -18.79 -0.99 -15.44
N ALA D 1143 -17.66 -0.29 -15.35
CA ALA D 1143 -17.70 1.13 -15.04
C ALA D 1143 -18.28 1.95 -16.19
N ASP D 1144 -18.28 1.42 -17.41
CA ASP D 1144 -18.85 2.15 -18.54
C ASP D 1144 -20.36 1.98 -18.63
N LEU D 1145 -20.88 0.83 -18.18
CA LEU D 1145 -22.32 0.62 -18.22
C LEU D 1145 -23.03 1.41 -17.12
N PHE D 1146 -22.38 1.57 -15.96
CA PHE D 1146 -22.98 2.38 -14.90
C PHE D 1146 -22.94 3.87 -15.24
N GLU D 1147 -21.94 4.31 -16.00
CA GLU D 1147 -21.85 5.70 -16.41
C GLU D 1147 -22.85 6.04 -17.50
N ALA D 1148 -23.35 5.04 -18.23
CA ALA D 1148 -24.31 5.24 -19.33
C ALA D 1148 -23.75 6.19 -20.38
N ARG D 1149 -22.47 6.02 -20.69
CA ARG D 1149 -21.81 6.87 -21.68
C ARG D 1149 -22.18 6.42 -23.10
N ARG D 1150 -22.28 7.39 -24.00
CA ARG D 1150 -22.61 7.08 -25.38
C ARG D 1150 -21.39 6.48 -26.08
N PRO D 1151 -21.52 5.31 -26.71
CA PRO D 1151 -20.37 4.70 -27.39
C PRO D 1151 -19.99 5.48 -28.64
N LYS D 1152 -18.87 5.07 -29.23
CA LYS D 1152 -18.38 5.74 -30.43
C LYS D 1152 -19.23 5.41 -31.64
N GLU D 1153 -19.71 4.16 -31.73
CA GLU D 1153 -20.55 3.72 -32.84
C GLU D 1153 -21.83 3.15 -32.26
N PRO D 1154 -22.84 4.00 -32.03
CA PRO D 1154 -24.11 3.50 -31.50
C PRO D 1154 -24.92 2.76 -32.54
N SER D 1155 -26.05 2.18 -32.13
CA SER D 1155 -26.94 1.47 -33.02
C SER D 1155 -28.19 2.31 -33.28
N ILE D 1156 -28.50 2.53 -34.56
CA ILE D 1156 -29.65 3.34 -34.94
C ILE D 1156 -30.87 2.44 -35.03
N LEU D 1157 -31.89 2.76 -34.23
CA LEU D 1157 -33.13 2.01 -34.20
C LEU D 1157 -34.23 2.80 -34.90
N ALA D 1158 -35.32 2.10 -35.20
CA ALA D 1158 -36.47 2.74 -35.85
C ALA D 1158 -37.27 3.56 -34.85
N GLU D 1159 -37.89 4.62 -35.34
CA GLU D 1159 -38.70 5.49 -34.49
C GLU D 1159 -40.13 5.00 -34.33
N ILE D 1160 -40.69 4.35 -35.36
CA ILE D 1160 -42.04 3.84 -35.31
C ILE D 1160 -42.16 2.72 -36.34
N SER D 1161 -43.09 1.80 -36.12
CA SER D 1161 -43.29 0.69 -37.03
C SER D 1161 -43.96 1.17 -38.32
N GLY D 1162 -43.67 0.49 -39.41
CA GLY D 1162 -44.23 0.81 -40.70
C GLY D 1162 -43.27 0.43 -41.81
N THR D 1163 -43.62 0.83 -43.02
CA THR D 1163 -42.80 0.54 -44.19
C THR D 1163 -41.57 1.42 -44.20
N ILE D 1164 -40.42 0.83 -44.52
CA ILE D 1164 -39.14 1.54 -44.57
C ILE D 1164 -38.76 1.78 -46.01
N SER D 1165 -38.19 2.96 -46.28
CA SER D 1165 -37.78 3.33 -47.62
C SER D 1165 -36.61 4.30 -47.53
N PHE D 1166 -35.99 4.57 -48.67
CA PHE D 1166 -34.87 5.48 -48.75
C PHE D 1166 -35.32 6.82 -49.33
N GLY D 1167 -34.70 7.90 -48.83
CA GLY D 1167 -35.05 9.23 -49.29
C GLY D 1167 -34.16 9.74 -50.39
N LYS D 1168 -33.40 10.80 -50.11
CA LYS D 1168 -32.49 11.41 -51.08
C LYS D 1168 -31.06 11.17 -50.62
N GLU D 1169 -30.25 10.56 -51.49
CA GLU D 1169 -28.86 10.26 -51.19
C GLU D 1169 -27.89 11.24 -51.84
N THR D 1170 -28.40 12.26 -52.52
CA THR D 1170 -27.56 13.26 -53.18
C THR D 1170 -27.15 14.40 -52.25
N LYS D 1171 -27.66 14.43 -51.03
CA LYS D 1171 -27.32 15.47 -50.05
C LYS D 1171 -26.13 15.09 -49.18
N GLY D 1172 -25.43 14.00 -49.51
CA GLY D 1172 -24.30 13.56 -48.73
C GLY D 1172 -24.62 12.56 -47.63
N LYS D 1173 -25.90 12.32 -47.36
CA LYS D 1173 -26.31 11.37 -46.33
C LYS D 1173 -27.58 10.68 -46.77
N ARG D 1174 -27.83 9.51 -46.18
CA ARG D 1174 -29.01 8.72 -46.50
C ARG D 1174 -30.19 9.17 -45.64
N ARG D 1175 -31.36 9.28 -46.26
CA ARG D 1175 -32.58 9.69 -45.58
C ARG D 1175 -33.51 8.49 -45.45
N LEU D 1176 -33.85 8.15 -44.22
CA LEU D 1176 -34.74 7.02 -43.93
C LEU D 1176 -36.06 7.54 -43.41
N VAL D 1177 -37.14 7.21 -44.11
CA VAL D 1177 -38.48 7.64 -43.73
C VAL D 1177 -39.33 6.41 -43.46
N ILE D 1178 -40.30 6.56 -42.56
CA ILE D 1178 -41.22 5.48 -42.19
C ILE D 1178 -42.63 5.91 -42.57
N THR D 1179 -43.35 5.03 -43.25
CA THR D 1179 -44.72 5.28 -43.70
C THR D 1179 -45.64 4.25 -43.04
N PRO D 1180 -46.10 4.51 -41.82
CA PRO D 1180 -47.01 3.59 -41.15
C PRO D 1180 -48.39 3.61 -41.80
N ASN D 1181 -49.25 2.71 -41.34
CA ASN D 1181 -50.60 2.60 -41.86
C ASN D 1181 -51.60 3.46 -41.09
N ASP D 1182 -51.40 3.65 -39.78
CA ASP D 1182 -52.31 4.46 -38.99
C ASP D 1182 -52.00 5.94 -39.15
N GLY D 1183 -50.78 6.35 -38.79
CA GLY D 1183 -50.39 7.74 -38.89
C GLY D 1183 -48.93 7.92 -39.27
N SER D 1184 -48.69 8.74 -40.28
CA SER D 1184 -47.34 8.99 -40.76
C SER D 1184 -46.70 10.14 -39.99
N ASP D 1185 -45.44 10.44 -40.30
CA ASP D 1185 -44.70 11.51 -39.65
C ASP D 1185 -44.12 12.45 -40.70
N PRO D 1186 -44.20 13.76 -40.47
CA PRO D 1186 -43.64 14.71 -41.45
C PRO D 1186 -42.13 14.67 -41.52
N TYR D 1187 -41.45 14.42 -40.40
CA TYR D 1187 -40.00 14.38 -40.36
C TYR D 1187 -39.48 12.98 -40.71
N GLU D 1188 -38.21 12.93 -41.09
CA GLU D 1188 -37.55 11.69 -41.44
C GLU D 1188 -36.13 11.68 -40.88
N GLU D 1189 -35.74 10.54 -40.31
CA GLU D 1189 -34.42 10.42 -39.73
C GLU D 1189 -33.37 10.27 -40.82
N LEU D 1190 -32.19 10.85 -40.56
CA LEU D 1190 -31.07 10.80 -41.50
C LEU D 1190 -30.05 9.77 -41.02
N ILE D 1191 -29.62 8.91 -41.94
CA ILE D 1191 -28.65 7.85 -41.65
C ILE D 1191 -27.35 8.23 -42.34
N PRO D 1192 -26.21 8.14 -41.66
CA PRO D 1192 -24.95 8.50 -42.30
C PRO D 1192 -24.48 7.43 -43.28
N LYS D 1193 -23.65 7.86 -44.23
CA LYS D 1193 -23.11 6.98 -45.24
C LYS D 1193 -21.80 6.31 -44.83
N TRP D 1194 -21.30 6.60 -43.63
CA TRP D 1194 -20.05 6.00 -43.19
C TRP D 1194 -20.25 4.53 -42.82
N ARG D 1195 -21.24 4.24 -42.00
CA ARG D 1195 -21.53 2.88 -41.58
C ARG D 1195 -22.49 2.20 -42.55
N HIS D 1196 -22.55 0.88 -42.47
CA HIS D 1196 -23.44 0.11 -43.33
C HIS D 1196 -24.89 0.24 -42.87
N LEU D 1197 -25.80 -0.09 -43.78
CA LEU D 1197 -27.24 -0.03 -43.51
C LEU D 1197 -27.86 -1.33 -44.01
N ASN D 1198 -28.36 -2.14 -43.08
CA ASN D 1198 -28.99 -3.42 -43.41
C ASN D 1198 -30.49 -3.29 -43.62
N VAL D 1199 -31.00 -2.08 -43.75
CA VAL D 1199 -32.44 -1.87 -43.96
C VAL D 1199 -32.76 -2.04 -45.43
N PHE D 1200 -33.88 -2.72 -45.72
CA PHE D 1200 -34.33 -2.96 -47.08
C PHE D 1200 -35.60 -2.17 -47.35
N GLU D 1201 -35.72 -1.65 -48.56
CA GLU D 1201 -36.89 -0.86 -48.94
C GLU D 1201 -38.08 -1.76 -49.16
N GLY D 1202 -39.24 -1.33 -48.66
CA GLY D 1202 -40.46 -2.09 -48.80
C GLY D 1202 -40.69 -3.14 -47.74
N GLU D 1203 -39.89 -3.16 -46.68
CA GLU D 1203 -40.02 -4.14 -45.61
C GLU D 1203 -40.70 -3.51 -44.40
N GLN D 1204 -41.59 -4.26 -43.77
CA GLN D 1204 -42.32 -3.80 -42.59
C GLN D 1204 -41.39 -3.84 -41.39
N VAL D 1205 -40.83 -2.69 -41.04
CA VAL D 1205 -39.90 -2.59 -39.92
C VAL D 1205 -40.68 -2.33 -38.64
N ASN D 1206 -40.08 -2.68 -37.52
CA ASN D 1206 -40.67 -2.49 -36.20
C ASN D 1206 -39.73 -1.66 -35.33
N ARG D 1207 -40.24 -1.24 -34.17
CA ARG D 1207 -39.47 -0.45 -33.22
C ARG D 1207 -38.63 -1.29 -32.28
N GLY D 1208 -38.73 -2.61 -32.36
CA GLY D 1208 -38.00 -3.48 -31.46
C GLY D 1208 -36.59 -3.79 -31.89
N GLU D 1209 -36.43 -4.35 -33.09
CA GLU D 1209 -35.12 -4.73 -33.57
C GLU D 1209 -34.31 -3.50 -33.98
N VAL D 1210 -33.03 -3.72 -34.24
CA VAL D 1210 -32.12 -2.66 -34.61
C VAL D 1210 -31.91 -2.69 -36.13
N ILE D 1211 -31.34 -1.62 -36.67
CA ILE D 1211 -31.04 -1.51 -38.09
C ILE D 1211 -29.55 -1.65 -38.35
N SER D 1212 -28.73 -0.78 -37.76
CA SER D 1212 -27.29 -0.84 -37.93
C SER D 1212 -26.68 -1.81 -36.92
N ASP D 1213 -25.63 -2.50 -37.35
CA ASP D 1213 -24.97 -3.46 -36.48
C ASP D 1213 -24.07 -2.75 -35.47
N GLY D 1214 -23.67 -3.49 -34.44
CA GLY D 1214 -22.80 -2.96 -33.41
C GLY D 1214 -23.50 -2.86 -32.07
N PRO D 1215 -22.85 -2.23 -31.10
CA PRO D 1215 -23.45 -2.10 -29.78
C PRO D 1215 -24.59 -1.09 -29.77
N SER D 1216 -25.52 -1.28 -28.85
CA SER D 1216 -26.68 -0.41 -28.70
C SER D 1216 -26.49 0.51 -27.50
N ASN D 1217 -26.86 1.77 -27.67
CA ASN D 1217 -26.73 2.73 -26.59
C ASN D 1217 -27.85 2.53 -25.56
N PRO D 1218 -27.55 2.66 -24.27
CA PRO D 1218 -28.59 2.48 -23.25
C PRO D 1218 -29.65 3.57 -23.27
N HIS D 1219 -29.39 4.71 -23.90
CA HIS D 1219 -30.38 5.78 -23.95
C HIS D 1219 -31.51 5.46 -24.93
N ASP D 1220 -31.23 4.68 -25.97
CA ASP D 1220 -32.25 4.34 -26.95
C ASP D 1220 -33.20 3.25 -26.45
N ILE D 1221 -32.79 2.48 -25.43
CA ILE D 1221 -33.66 1.43 -24.91
C ILE D 1221 -34.75 2.03 -24.02
N LEU D 1222 -34.40 3.04 -23.21
CA LEU D 1222 -35.38 3.64 -22.33
C LEU D 1222 -36.40 4.48 -23.08
N ARG D 1223 -36.00 5.08 -24.20
CA ARG D 1223 -36.90 5.96 -24.94
C ARG D 1223 -37.81 5.19 -25.88
N LEU D 1224 -37.29 4.18 -26.56
CA LEU D 1224 -38.04 3.48 -27.60
C LEU D 1224 -38.57 2.13 -27.15
N LEU D 1225 -37.83 1.38 -26.34
CA LEU D 1225 -38.24 0.03 -25.97
C LEU D 1225 -39.08 0.02 -24.69
N GLY D 1226 -38.71 0.81 -23.68
CA GLY D 1226 -39.48 0.86 -22.45
C GLY D 1226 -38.62 1.05 -21.22
N VAL D 1227 -39.25 1.04 -20.04
CA VAL D 1227 -38.54 1.23 -18.79
C VAL D 1227 -38.25 -0.13 -18.16
N SER D 1228 -39.12 -1.11 -18.43
CA SER D 1228 -38.90 -2.45 -17.91
C SER D 1228 -37.85 -3.21 -18.72
N SER D 1229 -37.64 -2.83 -19.97
CA SER D 1229 -36.62 -3.47 -20.80
C SER D 1229 -35.21 -2.97 -20.51
N LEU D 1230 -35.09 -1.77 -19.96
CA LEU D 1230 -33.76 -1.23 -19.64
C LEU D 1230 -33.14 -1.95 -18.46
N ALA D 1231 -33.96 -2.31 -17.46
CA ALA D 1231 -33.44 -3.03 -16.31
C ALA D 1231 -33.01 -4.45 -16.68
N LYS D 1232 -33.68 -5.05 -17.66
CA LYS D 1232 -33.30 -6.40 -18.10
C LYS D 1232 -32.00 -6.37 -18.89
N TYR D 1233 -31.74 -5.30 -19.64
CA TYR D 1233 -30.51 -5.23 -20.43
C TYR D 1233 -29.29 -4.99 -19.57
N ILE D 1234 -29.44 -4.21 -18.49
CA ILE D 1234 -28.30 -3.92 -17.62
C ILE D 1234 -27.92 -5.15 -16.80
N VAL D 1235 -28.92 -5.87 -16.29
CA VAL D 1235 -28.63 -7.06 -15.49
C VAL D 1235 -27.99 -8.14 -16.35
N ASN D 1236 -28.47 -8.32 -17.59
CA ASN D 1236 -27.92 -9.33 -18.49
C ASN D 1236 -26.59 -8.91 -19.10
N GLU D 1237 -26.10 -7.71 -18.79
CA GLU D 1237 -24.81 -7.24 -19.30
C GLU D 1237 -23.77 -7.00 -18.22
N ILE D 1238 -24.18 -6.47 -17.07
CA ILE D 1238 -23.23 -6.24 -15.98
C ILE D 1238 -22.87 -7.56 -15.30
N GLN D 1239 -23.88 -8.41 -15.06
CA GLN D 1239 -23.63 -9.69 -14.42
C GLN D 1239 -22.86 -10.65 -15.31
N ASP D 1240 -22.90 -10.46 -16.63
CA ASP D 1240 -22.15 -11.33 -17.53
C ASP D 1240 -20.65 -11.11 -17.39
N VAL D 1241 -20.23 -9.92 -16.96
CA VAL D 1241 -18.82 -9.68 -16.72
C VAL D 1241 -18.36 -10.41 -15.45
N TYR D 1242 -19.20 -10.42 -14.42
CA TYR D 1242 -18.88 -11.14 -13.20
C TYR D 1242 -19.05 -12.65 -13.35
N ARG D 1243 -19.77 -13.09 -14.37
CA ARG D 1243 -19.99 -14.53 -14.56
C ARG D 1243 -18.78 -15.21 -15.17
N LEU D 1244 -17.96 -14.48 -15.93
CA LEU D 1244 -16.78 -15.09 -16.54
C LEU D 1244 -15.69 -15.39 -15.52
N GLN D 1245 -15.71 -14.73 -14.36
CA GLN D 1245 -14.71 -14.98 -13.33
C GLN D 1245 -15.14 -16.04 -12.33
N GLY D 1246 -16.44 -16.15 -12.07
CA GLY D 1246 -16.95 -17.14 -11.14
C GLY D 1246 -17.58 -16.58 -9.88
N VAL D 1247 -17.58 -15.26 -9.70
CA VAL D 1247 -18.19 -14.66 -8.52
C VAL D 1247 -19.70 -14.62 -8.69
N LYS D 1248 -20.41 -14.71 -7.57
CA LYS D 1248 -21.87 -14.74 -7.56
C LYS D 1248 -22.39 -13.50 -6.87
N ILE D 1249 -23.06 -12.63 -7.63
CA ILE D 1249 -23.68 -11.41 -7.11
C ILE D 1249 -25.17 -11.48 -7.42
N ASN D 1250 -26.00 -11.23 -6.40
CA ASN D 1250 -27.43 -11.27 -6.59
C ASN D 1250 -27.91 -10.10 -7.43
N ASP D 1251 -29.04 -10.29 -8.11
CA ASP D 1251 -29.61 -9.26 -8.96
C ASP D 1251 -30.27 -8.14 -8.19
N LYS D 1252 -30.50 -8.31 -6.89
CA LYS D 1252 -31.13 -7.26 -6.09
C LYS D 1252 -30.21 -6.07 -5.87
N HIS D 1253 -28.90 -6.27 -5.96
CA HIS D 1253 -27.95 -5.18 -5.77
C HIS D 1253 -27.71 -4.39 -7.05
N ILE D 1254 -27.82 -5.03 -8.21
CA ILE D 1254 -27.63 -4.32 -9.47
C ILE D 1254 -28.86 -3.47 -9.79
N GLU D 1255 -30.06 -4.01 -9.55
CA GLU D 1255 -31.27 -3.25 -9.80
C GLU D 1255 -31.49 -2.15 -8.77
N THR D 1256 -30.84 -2.23 -7.61
CA THR D 1256 -30.96 -1.19 -6.61
C THR D 1256 -30.30 0.10 -7.08
N ILE D 1257 -29.14 -0.01 -7.73
CA ILE D 1257 -28.47 1.18 -8.26
C ILE D 1257 -29.23 1.73 -9.46
N LEU D 1258 -29.91 0.86 -10.21
CA LEU D 1258 -30.70 1.30 -11.36
C LEU D 1258 -31.88 2.16 -10.95
N ARG D 1259 -32.36 2.03 -9.71
CA ARG D 1259 -33.48 2.84 -9.27
C ARG D 1259 -33.09 4.30 -9.11
N GLN D 1260 -31.86 4.57 -8.68
CA GLN D 1260 -31.42 5.95 -8.48
C GLN D 1260 -31.09 6.64 -9.80
N MET D 1261 -30.62 5.90 -10.79
CA MET D 1261 -30.30 6.51 -12.08
C MET D 1261 -31.56 6.83 -12.87
N LEU D 1262 -32.66 6.11 -12.62
CA LEU D 1262 -33.93 6.35 -13.27
C LEU D 1262 -34.86 7.20 -12.40
N ARG D 1263 -34.32 7.96 -11.47
CA ARG D 1263 -35.15 8.75 -10.57
C ARG D 1263 -35.61 10.05 -11.23
N LYS D 1264 -34.68 10.82 -11.77
CA LYS D 1264 -35.04 12.08 -12.41
C LYS D 1264 -35.72 11.83 -13.75
N VAL D 1265 -36.71 12.67 -14.07
CA VAL D 1265 -37.45 12.57 -15.31
C VAL D 1265 -37.47 13.93 -15.99
N GLU D 1266 -37.84 13.93 -17.26
CA GLU D 1266 -37.93 15.14 -18.06
C GLU D 1266 -39.40 15.52 -18.26
N VAL D 1267 -39.60 16.74 -18.74
CA VAL D 1267 -40.94 17.28 -18.99
C VAL D 1267 -40.99 17.77 -20.43
N SER D 1268 -42.15 17.58 -21.08
CA SER D 1268 -42.34 18.01 -22.46
C SER D 1268 -43.56 18.92 -22.63
N GLU D 1269 -44.18 19.36 -21.54
CA GLU D 1269 -45.34 20.22 -21.61
C GLU D 1269 -45.25 21.26 -20.51
N SER D 1270 -45.46 22.53 -20.87
CA SER D 1270 -45.37 23.63 -19.91
C SER D 1270 -46.65 23.71 -19.09
N GLY D 1271 -46.78 24.78 -18.30
CA GLY D 1271 -47.94 24.97 -17.46
C GLY D 1271 -47.58 25.14 -16.00
N ASP D 1272 -46.57 24.40 -15.54
CA ASP D 1272 -46.09 24.50 -14.17
C ASP D 1272 -44.61 24.82 -14.06
N SER D 1273 -43.80 24.46 -15.05
CA SER D 1273 -42.37 24.73 -15.04
C SER D 1273 -41.95 25.12 -16.45
N SER D 1274 -40.64 25.15 -16.69
CA SER D 1274 -40.11 25.48 -18.00
C SER D 1274 -40.34 24.33 -18.98
N PHE D 1275 -39.82 24.50 -20.20
CA PHE D 1275 -40.01 23.49 -21.23
C PHE D 1275 -39.14 22.26 -20.97
N ILE D 1276 -37.84 22.46 -20.79
CA ILE D 1276 -36.90 21.37 -20.56
C ILE D 1276 -36.30 21.56 -19.17
N LYS D 1277 -36.73 20.75 -18.21
CA LYS D 1277 -36.22 20.80 -16.85
C LYS D 1277 -36.14 19.39 -16.29
N GLY D 1278 -35.04 19.11 -15.58
CA GLY D 1278 -34.86 17.80 -14.97
C GLY D 1278 -35.42 17.74 -13.57
N ASP D 1279 -36.61 17.19 -13.42
CA ASP D 1279 -37.28 17.07 -12.13
C ASP D 1279 -37.35 15.60 -11.70
N GLN D 1280 -37.31 15.39 -10.39
CA GLN D 1280 -37.39 14.04 -9.86
C GLN D 1280 -38.80 13.49 -10.00
N VAL D 1281 -38.90 12.16 -10.07
CA VAL D 1281 -40.20 11.53 -10.20
C VAL D 1281 -41.03 11.68 -8.93
N GLU D 1282 -40.38 11.91 -7.78
CA GLU D 1282 -41.14 12.14 -6.56
C GLU D 1282 -41.79 13.50 -6.54
N LEU D 1283 -41.22 14.48 -7.26
CA LEU D 1283 -41.81 15.81 -7.32
C LEU D 1283 -42.92 15.90 -8.36
N THR D 1284 -42.87 15.07 -9.40
CA THR D 1284 -43.89 15.10 -10.43
C THR D 1284 -45.13 14.30 -10.04
N GLN D 1285 -44.95 13.24 -9.24
CA GLN D 1285 -46.10 12.43 -8.86
C GLN D 1285 -46.95 13.12 -7.81
N VAL D 1286 -46.34 13.94 -6.95
CA VAL D 1286 -47.11 14.67 -5.94
C VAL D 1286 -47.85 15.87 -6.54
N LEU D 1287 -47.47 16.29 -7.75
CA LEU D 1287 -48.16 17.39 -8.43
C LEU D 1287 -49.16 16.92 -9.47
N GLU D 1288 -48.94 15.73 -10.05
CA GLU D 1288 -49.89 15.21 -11.04
C GLU D 1288 -51.17 14.74 -10.37
N GLU D 1289 -51.06 14.07 -9.22
CA GLU D 1289 -52.23 13.60 -8.49
C GLU D 1289 -52.95 14.74 -7.76
N ASN D 1290 -52.30 15.88 -7.58
CA ASN D 1290 -52.94 17.01 -6.90
C ASN D 1290 -53.77 17.85 -7.85
N GLU D 1291 -53.34 17.95 -9.11
CA GLU D 1291 -54.08 18.74 -10.10
C GLU D 1291 -55.36 18.05 -10.57
N GLN D 1292 -55.48 16.74 -10.33
CA GLN D 1292 -56.69 16.03 -10.76
C GLN D 1292 -57.88 16.39 -9.87
N LEU D 1293 -57.63 16.76 -8.62
CA LEU D 1293 -58.68 17.16 -7.68
C LEU D 1293 -58.43 18.61 -7.30
N GLY D 1294 -58.99 19.53 -8.10
CA GLY D 1294 -58.81 20.95 -7.85
C GLY D 1294 -59.66 21.82 -8.76
N THR D 1295 -59.13 22.98 -9.13
CA THR D 1295 -59.86 23.90 -9.99
C THR D 1295 -59.75 23.49 -11.46
N GLU D 1296 -58.52 23.44 -11.97
CA GLU D 1296 -58.26 23.09 -13.36
C GLU D 1296 -57.55 21.75 -13.44
N ASP D 1297 -58.13 20.82 -14.21
CA ASP D 1297 -57.56 19.49 -14.35
C ASP D 1297 -56.57 19.39 -15.51
N LYS D 1298 -56.55 20.37 -16.40
CA LYS D 1298 -55.63 20.35 -17.54
C LYS D 1298 -54.26 20.92 -17.20
N PHE D 1299 -54.06 21.41 -15.98
CA PHE D 1299 -52.78 21.97 -15.56
C PHE D 1299 -51.72 20.87 -15.49
N PRO D 1300 -52.12 19.62 -15.25
CA PRO D 1300 -51.13 18.55 -15.15
C PRO D 1300 -50.49 18.26 -16.50
N ALA D 1301 -49.19 17.99 -16.48
CA ALA D 1301 -48.41 17.70 -17.67
C ALA D 1301 -47.79 16.32 -17.57
N LYS D 1302 -47.49 15.74 -18.72
CA LYS D 1302 -46.89 14.41 -18.78
C LYS D 1302 -45.37 14.50 -18.59
N TYR D 1303 -44.79 13.36 -18.23
CA TYR D 1303 -43.35 13.27 -18.01
C TYR D 1303 -42.79 12.07 -18.76
N GLU D 1304 -41.47 12.07 -18.94
CA GLU D 1304 -40.78 11.00 -19.63
C GLU D 1304 -39.51 10.64 -18.86
N ARG D 1305 -39.26 9.34 -18.72
CA ARG D 1305 -38.09 8.88 -17.97
C ARG D 1305 -36.82 9.12 -18.78
N VAL D 1306 -35.77 9.56 -18.08
CA VAL D 1306 -34.47 9.78 -18.67
C VAL D 1306 -33.42 9.02 -17.87
N LEU D 1307 -32.34 8.64 -18.54
CA LEU D 1307 -31.26 7.88 -17.94
C LEU D 1307 -30.08 8.80 -17.63
N LEU D 1308 -29.55 8.69 -16.41
CA LEU D 1308 -28.42 9.48 -15.98
C LEU D 1308 -27.31 8.56 -15.47
N GLY D 1309 -26.07 9.03 -15.58
CA GLY D 1309 -24.95 8.26 -15.10
C GLY D 1309 -24.80 8.31 -13.60
N ILE D 1310 -23.88 7.49 -13.09
CA ILE D 1310 -23.62 7.46 -11.65
C ILE D 1310 -22.95 8.74 -11.17
N THR D 1311 -22.27 9.47 -12.05
CA THR D 1311 -21.65 10.73 -11.69
C THR D 1311 -22.59 11.91 -11.86
N LYS D 1312 -23.52 11.83 -12.82
CA LYS D 1312 -24.47 12.92 -13.03
C LYS D 1312 -25.62 12.88 -12.03
N ALA D 1313 -26.07 11.68 -11.65
CA ALA D 1313 -27.17 11.57 -10.70
C ALA D 1313 -26.76 11.95 -9.28
N SER D 1314 -25.46 11.97 -8.99
CA SER D 1314 -24.98 12.35 -7.67
C SER D 1314 -24.93 13.86 -7.45
N LEU D 1315 -25.06 14.65 -8.51
CA LEU D 1315 -25.05 16.11 -8.41
C LEU D 1315 -26.41 16.70 -8.08
N SER D 1316 -27.44 15.87 -7.92
CA SER D 1316 -28.79 16.32 -7.60
C SER D 1316 -29.10 16.25 -6.12
N THR D 1317 -28.08 16.43 -5.27
CA THR D 1317 -28.29 16.39 -3.83
C THR D 1317 -28.86 17.71 -3.34
N GLU D 1318 -29.97 17.64 -2.61
CA GLU D 1318 -30.59 18.86 -2.09
C GLU D 1318 -29.76 19.47 -0.97
N SER D 1319 -28.95 18.68 -0.29
CA SER D 1319 -28.12 19.18 0.80
C SER D 1319 -26.83 19.76 0.26
N PHE D 1320 -26.24 20.69 1.03
CA PHE D 1320 -24.96 21.28 0.68
C PHE D 1320 -23.79 20.66 1.43
N ILE D 1321 -24.03 20.10 2.62
CA ILE D 1321 -22.94 19.46 3.35
C ILE D 1321 -22.57 18.12 2.72
N SER D 1322 -23.54 17.45 2.09
CA SER D 1322 -23.25 16.20 1.40
C SER D 1322 -22.80 16.41 -0.04
N ALA D 1323 -23.05 17.60 -0.61
CA ALA D 1323 -22.62 17.90 -1.96
C ALA D 1323 -21.23 18.54 -2.00
N ALA D 1324 -20.76 19.10 -0.89
CA ALA D 1324 -19.44 19.72 -0.83
C ALA D 1324 -18.33 18.71 -0.58
N SER D 1325 -18.66 17.42 -0.48
CA SER D 1325 -17.64 16.41 -0.23
C SER D 1325 -16.87 16.06 -1.50
N PHE D 1326 -17.59 15.73 -2.57
CA PHE D 1326 -16.96 15.35 -3.83
C PHE D 1326 -16.92 16.48 -4.85
N GLN D 1327 -17.88 17.41 -4.80
CA GLN D 1327 -17.91 18.53 -5.72
C GLN D 1327 -17.07 19.68 -5.17
N GLU D 1328 -16.94 20.74 -5.97
CA GLU D 1328 -16.18 21.90 -5.54
C GLU D 1328 -16.89 22.63 -4.41
N THR D 1329 -16.12 23.11 -3.44
CA THR D 1329 -16.69 23.76 -2.27
C THR D 1329 -17.24 25.14 -2.64
N THR D 1330 -16.46 25.94 -3.36
CA THR D 1330 -16.89 27.27 -3.74
C THR D 1330 -18.03 27.27 -4.75
N ARG D 1331 -18.32 26.13 -5.38
CA ARG D 1331 -19.42 26.05 -6.33
C ARG D 1331 -20.74 25.73 -5.66
N VAL D 1332 -20.73 24.97 -4.56
CA VAL D 1332 -21.95 24.63 -3.86
C VAL D 1332 -22.35 25.70 -2.86
N LEU D 1333 -21.37 26.29 -2.16
CA LEU D 1333 -21.67 27.32 -1.18
C LEU D 1333 -22.14 28.61 -1.84
N THR D 1334 -21.66 28.90 -3.05
CA THR D 1334 -22.10 30.11 -3.74
C THR D 1334 -23.55 30.00 -4.20
N GLU D 1335 -23.95 28.83 -4.69
CA GLU D 1335 -25.34 28.64 -5.11
C GLU D 1335 -26.27 28.58 -3.92
N ALA D 1336 -25.83 27.98 -2.82
CA ALA D 1336 -26.65 27.90 -1.63
C ALA D 1336 -26.79 29.24 -0.92
N ALA D 1337 -25.88 30.19 -1.17
CA ALA D 1337 -25.96 31.50 -0.54
C ALA D 1337 -26.97 32.39 -1.25
N VAL D 1338 -26.87 32.50 -2.57
CA VAL D 1338 -27.78 33.36 -3.33
C VAL D 1338 -29.19 32.81 -3.39
N THR D 1339 -29.40 31.55 -3.01
CA THR D 1339 -30.72 30.94 -3.01
C THR D 1339 -31.40 30.98 -1.65
N GLY D 1340 -30.63 30.82 -0.57
CA GLY D 1340 -31.20 30.86 0.76
C GLY D 1340 -32.06 29.65 1.10
N LYS D 1341 -31.69 28.48 0.60
CA LYS D 1341 -32.47 27.27 0.83
C LYS D 1341 -32.14 26.69 2.21
N ARG D 1342 -33.15 26.65 3.08
CA ARG D 1342 -32.98 26.06 4.40
C ARG D 1342 -33.00 24.54 4.27
N ASP D 1343 -31.83 23.92 4.39
CA ASP D 1343 -31.69 22.48 4.19
C ASP D 1343 -31.75 21.75 5.53
N PHE D 1344 -32.50 20.65 5.55
CA PHE D 1344 -32.62 19.82 6.73
C PHE D 1344 -31.53 18.76 6.75
N LEU D 1345 -31.46 18.01 7.86
CA LEU D 1345 -30.46 16.98 8.05
C LEU D 1345 -31.00 15.58 7.76
N ARG D 1346 -31.91 15.45 6.80
CA ARG D 1346 -32.45 14.16 6.43
C ARG D 1346 -31.47 13.42 5.52
N GLY D 1347 -31.29 12.13 5.77
CA GLY D 1347 -30.39 11.29 5.01
C GLY D 1347 -29.36 10.65 5.91
N LEU D 1348 -28.31 10.12 5.29
CA LEU D 1348 -27.24 9.43 5.99
C LEU D 1348 -25.92 10.17 5.95
N LYS D 1349 -25.58 10.78 4.82
CA LYS D 1349 -24.31 11.50 4.71
C LYS D 1349 -24.35 12.86 5.40
N GLU D 1350 -25.54 13.39 5.69
CA GLU D 1350 -25.64 14.69 6.34
C GLU D 1350 -25.29 14.60 7.82
N ASN D 1351 -25.76 13.56 8.51
CA ASN D 1351 -25.52 13.43 9.94
C ASN D 1351 -24.09 13.02 10.28
N VAL D 1352 -23.32 12.56 9.30
CA VAL D 1352 -21.93 12.19 9.58
C VAL D 1352 -21.07 13.43 9.78
N VAL D 1353 -21.25 14.43 8.92
CA VAL D 1353 -20.48 15.66 9.05
C VAL D 1353 -20.98 16.48 10.24
N VAL D 1354 -22.29 16.49 10.48
CA VAL D 1354 -22.84 17.24 11.59
C VAL D 1354 -22.49 16.58 12.91
N GLY D 1355 -22.82 15.29 13.05
CA GLY D 1355 -22.50 14.55 14.24
C GLY D 1355 -23.71 14.01 14.98
N ARG D 1356 -24.86 14.01 14.32
CA ARG D 1356 -26.08 13.51 14.94
C ARG D 1356 -26.25 12.03 14.62
N LEU D 1357 -27.33 11.43 15.13
CA LEU D 1357 -27.59 10.02 14.92
C LEU D 1357 -27.99 9.76 13.46
N ILE D 1358 -27.72 8.55 13.01
CA ILE D 1358 -28.02 8.12 11.65
C ILE D 1358 -29.37 7.42 11.65
N PRO D 1359 -30.32 7.82 10.79
CA PRO D 1359 -31.64 7.18 10.80
C PRO D 1359 -31.61 5.72 10.35
N ALA D 1360 -30.57 5.29 9.64
CA ALA D 1360 -30.50 3.92 9.16
C ALA D 1360 -30.13 2.99 10.30
N GLY D 1361 -30.94 1.96 10.52
CA GLY D 1361 -30.67 0.98 11.55
C GLY D 1361 -31.45 1.29 12.83
N THR D 1362 -30.74 1.26 13.96
CA THR D 1362 -31.37 1.51 15.25
C THR D 1362 -31.73 2.98 15.45
N GLY D 1363 -31.18 3.88 14.63
CA GLY D 1363 -31.48 5.28 14.74
C GLY D 1363 -32.77 5.73 14.12
N LEU D 1364 -33.58 4.81 13.59
CA LEU D 1364 -34.86 5.18 13.00
C LEU D 1364 -35.88 5.56 14.06
N ALA D 1365 -35.80 4.93 15.24
CA ALA D 1365 -36.71 5.27 16.33
C ALA D 1365 -36.41 6.64 16.93
N TYR D 1366 -35.18 7.13 16.79
CA TYR D 1366 -34.84 8.45 17.31
C TYR D 1366 -35.38 9.57 16.42
N HIS D 1367 -35.19 9.45 15.10
CA HIS D 1367 -35.70 10.46 14.19
C HIS D 1367 -37.22 10.42 14.06
N SER D 1368 -37.84 9.27 14.35
CA SER D 1368 -39.30 9.20 14.31
C SER D 1368 -39.93 9.97 15.45
N GLU D 1369 -39.34 9.90 16.64
CA GLU D 1369 -39.86 10.65 17.78
C GLU D 1369 -39.54 12.13 17.68
N ARG D 1370 -38.45 12.48 16.99
CA ARG D 1370 -38.11 13.89 16.82
C ARG D 1370 -39.06 14.57 15.84
N LYS D 1371 -39.45 13.87 14.78
CA LYS D 1371 -40.38 14.45 13.81
C LYS D 1371 -41.81 14.43 14.32
N ARG D 1372 -42.16 13.48 15.20
CA ARG D 1372 -43.51 13.42 15.73
C ARG D 1372 -43.80 14.59 16.65
N GLN D 1373 -42.86 14.91 17.54
CA GLN D 1373 -43.01 16.02 18.47
C GLN D 1373 -42.44 17.31 17.90
N ARG D 1374 -42.91 17.68 16.69
CA ARG D 1374 -42.43 18.90 16.04
C ARG D 1374 -43.62 19.50 15.28
N ASP D 1375 -44.31 20.44 15.91
CA ASP D 1375 -45.47 21.14 15.33
C ASP D 1375 -46.55 20.16 14.88
N LEU D 1376 -46.67 19.03 15.58
CA LEU D 1376 -47.67 18.03 15.25
C LEU D 1376 -48.52 17.63 16.46
N GLY D 1377 -47.92 17.58 17.65
CA GLY D 1377 -48.66 17.21 18.84
C GLY D 1377 -48.60 15.72 19.14
N ALA E 2 -29.17 -22.26 30.24
CA ALA E 2 -28.19 -21.61 31.11
C ALA E 2 -27.11 -20.91 30.31
N ARG E 3 -27.35 -20.77 29.01
CA ARG E 3 -26.42 -20.12 28.10
C ARG E 3 -27.07 -18.90 27.47
N VAL E 4 -26.25 -18.10 26.79
CA VAL E 4 -26.76 -16.90 26.12
C VAL E 4 -27.52 -17.30 24.87
N THR E 5 -28.69 -16.70 24.67
CA THR E 5 -29.55 -16.97 23.52
C THR E 5 -29.83 -15.65 22.82
N VAL E 6 -28.97 -15.28 21.87
CA VAL E 6 -29.14 -14.05 21.12
C VAL E 6 -29.80 -14.26 19.76
N GLU E 7 -29.95 -15.51 19.33
CA GLU E 7 -30.57 -15.82 18.05
C GLU E 7 -32.05 -16.15 18.16
N ASP E 8 -32.48 -16.77 19.26
CA ASP E 8 -33.89 -17.12 19.40
C ASP E 8 -34.74 -15.90 19.70
N CYS E 9 -34.18 -14.88 20.35
CA CYS E 9 -34.94 -13.67 20.66
C CYS E 9 -35.12 -12.78 19.45
N LEU E 10 -34.21 -12.87 18.47
CA LEU E 10 -34.32 -12.05 17.26
C LEU E 10 -35.43 -12.54 16.33
N ASP E 11 -35.78 -13.82 16.40
CA ASP E 11 -36.84 -14.35 15.54
C ASP E 11 -38.23 -13.99 16.02
N ASN E 12 -38.37 -13.59 17.29
CA ASN E 12 -39.69 -13.21 17.81
C ASN E 12 -40.11 -11.85 17.29
N VAL E 13 -39.20 -10.87 17.31
CA VAL E 13 -39.51 -9.54 16.80
C VAL E 13 -39.24 -9.43 15.30
N ASP E 14 -38.29 -10.20 14.78
CA ASP E 14 -37.93 -10.20 13.35
C ASP E 14 -37.54 -8.81 12.86
N ASN E 15 -36.94 -8.02 13.73
CA ASN E 15 -36.52 -6.66 13.38
C ASN E 15 -35.05 -6.40 13.68
N ARG E 16 -34.52 -6.97 14.76
CA ARG E 16 -33.14 -6.78 15.21
C ARG E 16 -32.81 -5.33 15.51
N PHE E 17 -33.80 -4.44 15.52
CA PHE E 17 -33.60 -3.03 15.85
C PHE E 17 -34.41 -2.61 17.07
N GLU E 18 -35.65 -3.07 17.19
CA GLU E 18 -36.42 -2.82 18.41
C GLU E 18 -35.90 -3.63 19.59
N LEU E 19 -35.21 -4.74 19.32
CA LEU E 19 -34.61 -5.53 20.40
C LEU E 19 -33.45 -4.77 21.05
N VAL E 20 -32.72 -3.97 20.28
CA VAL E 20 -31.63 -3.18 20.86
C VAL E 20 -32.19 -2.03 21.67
N MET E 21 -33.27 -1.40 21.18
CA MET E 21 -33.90 -0.32 21.94
C MET E 21 -34.61 -0.84 23.18
N LEU E 22 -35.12 -2.07 23.13
CA LEU E 22 -35.77 -2.65 24.30
C LEU E 22 -34.75 -3.11 25.33
N ALA E 23 -33.61 -3.63 24.89
CA ALA E 23 -32.56 -4.06 25.81
C ALA E 23 -31.78 -2.89 26.38
N THR E 24 -31.75 -1.75 25.69
CA THR E 24 -31.05 -0.58 26.21
C THR E 24 -31.79 0.01 27.40
N LYS E 25 -33.09 0.22 27.27
CA LYS E 25 -33.89 0.74 28.38
C LYS E 25 -33.98 -0.24 29.52
N ARG E 26 -33.81 -1.54 29.27
CA ARG E 26 -33.85 -2.53 30.33
C ARG E 26 -32.51 -2.66 31.04
N ALA E 27 -31.40 -2.48 30.33
CA ALA E 27 -30.09 -2.60 30.95
C ALA E 27 -29.78 -1.43 31.86
N ARG E 28 -30.33 -0.24 31.56
CA ARG E 28 -30.09 0.91 32.42
C ARG E 28 -30.84 0.80 33.74
N GLN E 29 -31.93 0.04 33.77
CA GLN E 29 -32.65 -0.16 35.03
C GLN E 29 -31.94 -1.14 35.95
N LEU E 30 -31.05 -1.97 35.42
CA LEU E 30 -30.28 -2.91 36.22
C LEU E 30 -28.91 -2.38 36.63
N ALA E 31 -28.32 -1.50 35.82
CA ALA E 31 -27.02 -0.93 36.16
C ALA E 31 -27.14 0.15 37.23
N THR E 32 -28.23 0.90 37.23
CA THR E 32 -28.48 1.93 38.24
C THR E 32 -29.10 1.39 39.51
N GLY E 33 -29.49 0.12 39.54
CA GLY E 33 -30.10 -0.46 40.71
C GLY E 33 -31.55 -0.08 40.93
N GLY E 34 -32.27 0.29 39.87
CA GLY E 34 -33.65 0.69 40.01
C GLY E 34 -34.61 -0.48 40.11
N LYS E 35 -34.41 -1.50 39.29
CA LYS E 35 -35.27 -2.68 39.25
C LYS E 35 -34.44 -3.93 39.48
N GLU E 36 -35.16 -5.04 39.70
CA GLU E 36 -34.54 -6.35 39.90
C GLU E 36 -34.85 -7.26 38.72
N PRO E 37 -33.85 -8.00 38.22
CA PRO E 37 -34.09 -8.88 37.07
C PRO E 37 -34.87 -10.12 37.47
N LYS E 38 -35.68 -10.61 36.52
CA LYS E 38 -36.45 -11.82 36.77
C LYS E 38 -35.56 -13.06 36.76
N VAL E 39 -34.65 -13.14 35.78
CA VAL E 39 -33.72 -14.25 35.70
C VAL E 39 -32.63 -14.08 36.75
N ALA E 40 -32.24 -15.18 37.38
CA ALA E 40 -31.21 -15.13 38.40
C ALA E 40 -29.86 -14.74 37.80
N TRP E 41 -28.94 -14.33 38.67
CA TRP E 41 -27.63 -13.90 38.23
C TRP E 41 -26.70 -15.11 38.09
N GLU E 42 -26.01 -15.18 36.96
CA GLU E 42 -25.02 -16.22 36.70
C GLU E 42 -23.64 -15.63 36.51
N ASN E 43 -23.29 -14.65 37.36
CA ASN E 43 -22.02 -13.92 37.28
C ASN E 43 -21.85 -13.28 35.91
N ASP E 44 -22.91 -12.62 35.44
CA ASP E 44 -22.92 -11.95 34.15
C ASP E 44 -23.06 -10.45 34.34
N LYS E 45 -22.82 -9.72 33.25
CA LYS E 45 -22.88 -8.26 33.28
C LYS E 45 -24.30 -7.78 32.98
N PRO E 46 -24.54 -6.47 33.02
CA PRO E 46 -25.92 -5.98 32.82
C PRO E 46 -26.36 -5.97 31.36
N THR E 47 -25.43 -6.02 30.40
CA THR E 47 -25.82 -5.98 29.00
C THR E 47 -26.28 -7.35 28.50
N VAL E 48 -25.58 -8.42 28.89
CA VAL E 48 -25.93 -9.75 28.42
C VAL E 48 -27.13 -10.34 29.16
N VAL E 49 -27.40 -9.87 30.39
CA VAL E 49 -28.53 -10.39 31.14
C VAL E 49 -29.86 -9.84 30.62
N ALA E 50 -29.84 -8.69 29.95
CA ALA E 50 -31.08 -8.13 29.41
C ALA E 50 -31.57 -8.93 28.21
N LEU E 51 -30.65 -9.55 27.46
CA LEU E 51 -31.03 -10.38 26.31
C LEU E 51 -31.58 -11.74 26.74
N ARG E 52 -31.28 -12.18 27.96
CA ARG E 52 -31.81 -13.46 28.42
C ARG E 52 -33.29 -13.37 28.73
N GLU E 53 -33.78 -12.19 29.12
CA GLU E 53 -35.20 -12.02 29.42
C GLU E 53 -36.04 -11.83 28.16
N ILE E 54 -35.42 -11.45 27.04
CA ILE E 54 -36.17 -11.28 25.81
C ILE E 54 -36.52 -12.62 25.18
N ALA E 55 -35.59 -13.58 25.24
CA ALA E 55 -35.84 -14.88 24.65
C ALA E 55 -36.83 -15.70 25.47
N SER E 56 -36.87 -15.48 26.79
CA SER E 56 -37.79 -16.20 27.65
C SER E 56 -39.21 -15.63 27.61
N GLY E 57 -39.39 -14.43 27.08
CA GLY E 57 -40.71 -13.83 27.01
C GLY E 57 -41.22 -13.27 28.31
N LEU E 58 -40.38 -13.15 29.34
CA LEU E 58 -40.82 -12.62 30.62
C LEU E 58 -40.96 -11.11 30.62
N VAL E 59 -40.30 -10.42 29.69
CA VAL E 59 -40.36 -8.97 29.60
C VAL E 59 -40.67 -8.57 28.16
N ASP E 60 -41.31 -7.42 28.01
CA ASP E 60 -41.67 -6.90 26.69
C ASP E 60 -41.67 -5.38 26.76
N GLU E 61 -42.26 -4.74 25.75
CA GLU E 61 -42.30 -3.28 25.70
C GLU E 61 -43.24 -2.68 26.74
N ASN E 62 -44.10 -3.49 27.37
CA ASN E 62 -45.03 -2.97 28.38
C ASN E 62 -44.46 -3.03 29.78
N VAL E 63 -43.63 -4.04 30.09
CA VAL E 63 -43.07 -4.15 31.43
C VAL E 63 -42.01 -3.09 31.67
N VAL E 64 -41.23 -2.73 30.64
CA VAL E 64 -40.20 -1.72 30.79
C VAL E 64 -40.82 -0.35 31.03
N GLN E 65 -41.94 -0.06 30.34
CA GLN E 65 -42.61 1.22 30.54
C GLN E 65 -43.29 1.29 31.91
N GLN E 66 -43.71 0.15 32.44
CA GLN E 66 -44.35 0.12 33.75
C GLN E 66 -43.34 0.18 34.90
N GLU E 67 -42.09 -0.25 34.65
CA GLU E 67 -41.07 -0.23 35.69
C GLU E 67 -40.50 1.16 35.94
N ASP E 68 -40.81 2.14 35.10
CA ASP E 68 -40.28 3.49 35.27
C ASP E 68 -41.21 4.37 36.10
N ILE E 69 -42.52 4.15 36.03
CA ILE E 69 -43.45 4.97 36.81
C ILE E 69 -43.46 4.52 38.27
N VAL E 70 -43.28 3.23 38.54
CA VAL E 70 -43.28 2.72 39.90
C VAL E 70 -41.95 3.07 40.56
N GLU E 71 -41.90 2.94 41.89
CA GLU E 71 -40.68 3.23 42.63
C GLU E 71 -40.59 2.38 43.89
N GLU F 62 36.15 22.69 -25.75
CA GLU F 62 36.49 22.95 -27.15
C GLU F 62 36.82 24.42 -27.38
N ALA F 63 35.82 25.29 -27.16
CA ALA F 63 36.04 26.72 -27.36
C ALA F 63 36.64 27.38 -26.12
N LYS F 64 36.26 26.94 -24.92
CA LYS F 64 36.80 27.54 -23.71
C LYS F 64 38.26 27.17 -23.51
N GLN F 65 38.62 25.90 -23.78
CA GLN F 65 40.01 25.49 -23.65
C GLN F 65 40.89 26.13 -24.72
N LYS F 66 40.31 26.42 -25.89
CA LYS F 66 41.08 27.09 -26.95
C LYS F 66 41.36 28.54 -26.60
N GLU F 67 40.49 29.17 -25.83
CA GLU F 67 40.69 30.57 -25.45
C GLU F 67 41.90 30.70 -24.53
N ARG F 68 41.98 29.88 -23.49
CA ARG F 68 43.12 29.93 -22.58
C ARG F 68 44.39 29.39 -23.24
N ASP F 69 44.25 28.47 -24.19
CA ASP F 69 45.41 27.96 -24.90
C ASP F 69 46.08 29.06 -25.71
N ALA F 70 45.29 29.93 -26.34
CA ALA F 70 45.86 31.08 -27.05
C ALA F 70 46.47 32.08 -26.08
N LEU F 71 45.87 32.24 -24.89
CA LEU F 71 46.44 33.13 -23.89
C LEU F 71 47.71 32.52 -23.29
N ALA F 72 47.75 31.20 -23.12
CA ALA F 72 48.95 30.55 -22.63
C ALA F 72 50.11 30.72 -23.61
N LYS F 73 49.83 30.67 -24.91
CA LYS F 73 50.86 30.95 -25.89
C LYS F 73 51.19 32.43 -25.95
N ALA F 74 50.22 33.29 -25.63
CA ALA F 74 50.49 34.73 -25.61
C ALA F 74 51.32 35.11 -24.40
N MET F 75 51.02 34.52 -23.23
CA MET F 75 51.82 34.79 -22.04
C MET F 75 53.24 34.27 -22.19
N GLU F 76 53.42 33.17 -22.91
CA GLU F 76 54.77 32.66 -23.15
C GLU F 76 55.57 33.59 -24.04
N GLU F 77 54.89 34.35 -24.91
CA GLU F 77 55.60 35.32 -25.76
C GLU F 77 56.21 36.45 -24.94
N PHE F 78 55.58 36.80 -23.80
CA PHE F 78 56.15 37.83 -22.94
C PHE F 78 57.44 37.36 -22.28
N LEU F 79 57.59 36.05 -22.09
CA LEU F 79 58.82 35.53 -21.50
C LEU F 79 60.01 35.75 -22.41
N SER F 80 59.81 35.64 -23.73
CA SER F 80 60.90 35.87 -24.67
C SER F 80 61.22 37.36 -24.78
N ARG F 81 60.18 38.19 -24.88
CA ARG F 81 60.40 39.64 -24.97
C ARG F 81 60.83 40.25 -23.65
N GLY F 82 60.65 39.53 -22.53
CA GLY F 82 61.03 40.04 -21.23
C GLY F 82 59.85 40.33 -20.33
N GLY F 83 59.57 39.41 -19.41
CA GLY F 83 58.47 39.56 -18.49
C GLY F 83 58.38 38.44 -17.48
N LYS F 84 58.21 38.78 -16.21
CA LYS F 84 58.13 37.80 -15.12
C LYS F 84 56.77 37.92 -14.44
N VAL F 85 56.07 36.79 -14.33
CA VAL F 85 54.79 36.77 -13.65
C VAL F 85 54.99 36.99 -12.16
N GLN F 86 54.13 37.81 -11.56
CA GLN F 86 54.23 38.12 -10.15
C GLN F 86 53.94 36.88 -9.31
N GLU F 87 54.71 36.71 -8.23
CA GLU F 87 54.55 35.59 -7.33
C GLU F 87 54.13 36.10 -5.95
N ILE F 88 53.15 35.42 -5.35
CA ILE F 88 52.63 35.79 -4.04
C ILE F 88 52.79 34.61 -3.10
N GLU F 89 53.01 34.91 -1.83
CA GLU F 89 53.20 33.90 -0.80
C GLU F 89 51.86 33.26 -0.46
N PRO F 90 51.85 32.30 0.46
CA PRO F 90 50.59 31.63 0.81
C PRO F 90 49.61 32.58 1.47
N ASN F 91 48.33 32.23 1.38
CA ASN F 91 47.26 33.05 1.90
C ASN F 91 47.05 32.76 3.39
N VAL F 92 45.96 33.26 3.95
CA VAL F 92 45.66 33.05 5.36
C VAL F 92 45.33 31.58 5.62
N THR G 61 -11.32 41.89 -24.74
CA THR G 61 -10.66 41.52 -23.49
C THR G 61 -9.33 42.27 -23.34
N ARG G 62 -9.30 43.21 -22.40
CA ARG G 62 -8.12 44.01 -22.14
C ARG G 62 -7.30 43.40 -21.00
N ALA G 63 -6.07 43.87 -20.87
CA ALA G 63 -5.18 43.39 -19.82
C ALA G 63 -5.56 44.02 -18.49
N LEU G 64 -5.82 43.19 -17.49
CA LEU G 64 -6.21 43.64 -16.16
C LEU G 64 -5.02 43.45 -15.22
N ASP G 65 -4.52 44.56 -14.67
CA ASP G 65 -3.38 44.52 -13.76
C ASP G 65 -3.50 45.68 -12.78
N ALA G 66 -2.66 45.65 -11.75
CA ALA G 66 -2.64 46.67 -10.72
C ALA G 66 -1.45 47.62 -10.86
N THR G 67 -0.25 47.08 -11.07
CA THR G 67 0.93 47.93 -11.23
C THR G 67 0.98 48.56 -12.62
N GLN G 68 0.36 47.93 -13.61
CA GLN G 68 0.36 48.48 -14.97
C GLN G 68 -0.62 49.63 -15.12
N LEU G 69 -1.74 49.58 -14.39
CA LEU G 69 -2.73 50.65 -14.50
C LEU G 69 -2.26 51.93 -13.85
N TYR G 70 -1.45 51.82 -12.78
CA TYR G 70 -0.93 53.01 -12.11
C TYR G 70 0.20 53.67 -12.89
N LEU G 71 0.99 52.89 -13.63
CA LEU G 71 2.08 53.47 -14.40
C LEU G 71 1.57 54.29 -15.58
N ASN G 72 0.43 53.91 -16.14
CA ASN G 72 -0.16 54.67 -17.23
C ASN G 72 -0.92 55.91 -16.76
N GLU G 73 -1.36 55.93 -15.50
CA GLU G 73 -2.09 57.08 -14.98
C GLU G 73 -1.17 58.25 -14.69
N ILE G 74 0.08 57.97 -14.27
CA ILE G 74 1.03 59.04 -13.97
C ILE G 74 1.74 59.57 -15.21
N GLY G 75 1.61 58.89 -16.35
CA GLY G 75 2.25 59.35 -17.56
C GLY G 75 1.61 60.58 -18.17
N PHE G 76 0.34 60.83 -17.88
CA PHE G 76 -0.37 62.00 -18.41
C PHE G 76 -0.28 63.17 -17.42
N SER G 77 0.96 63.56 -17.14
CA SER G 77 1.22 64.66 -16.22
C SER G 77 2.09 65.72 -16.88
N PRO G 78 1.83 67.00 -16.60
CA PRO G 78 2.63 68.06 -17.22
C PRO G 78 4.03 68.13 -16.62
N LEU G 79 4.94 68.70 -17.40
CA LEU G 79 6.32 68.84 -16.96
C LEU G 79 6.44 69.96 -15.93
N LEU G 80 7.33 69.75 -14.96
CA LEU G 80 7.58 70.72 -13.90
C LEU G 80 8.91 71.40 -14.16
N THR G 81 8.87 72.67 -14.53
CA THR G 81 10.04 73.47 -14.81
C THR G 81 10.43 74.29 -13.58
N PRO G 82 11.63 74.86 -13.57
CA PRO G 82 12.06 75.62 -12.38
C PRO G 82 11.41 76.99 -12.26
N GLU G 83 10.96 77.58 -13.36
CA GLU G 83 10.35 78.90 -13.31
C GLU G 83 8.89 78.88 -12.87
N GLU G 84 8.26 77.71 -12.82
CA GLU G 84 6.87 77.60 -12.42
C GLU G 84 6.69 77.07 -11.01
N GLU G 85 7.57 76.18 -10.55
CA GLU G 85 7.45 75.64 -9.20
C GLU G 85 7.70 76.69 -8.13
N VAL G 86 8.38 77.78 -8.46
CA VAL G 86 8.59 78.84 -7.48
C VAL G 86 7.28 79.59 -7.21
N HIS G 87 6.41 79.69 -8.21
CA HIS G 87 5.12 80.36 -8.01
C HIS G 87 4.09 79.44 -7.39
N PHE G 88 4.13 78.15 -7.72
CA PHE G 88 3.18 77.21 -7.15
C PHE G 88 3.45 76.99 -5.66
N ALA G 89 4.73 76.93 -5.26
CA ALA G 89 5.06 76.80 -3.85
C ALA G 89 4.77 78.08 -3.06
N ARG G 90 4.77 79.23 -3.73
CA ARG G 90 4.46 80.48 -3.04
C ARG G 90 2.96 80.59 -2.75
N LEU G 91 2.12 80.12 -3.68
CA LEU G 91 0.68 80.18 -3.47
C LEU G 91 0.20 79.11 -2.51
N ALA G 92 0.91 77.99 -2.40
CA ALA G 92 0.52 76.93 -1.48
C ALA G 92 0.82 77.28 -0.03
N GLN G 93 1.74 78.22 0.21
CA GLN G 93 2.05 78.61 1.58
C GLN G 93 0.93 79.45 2.19
N LYS G 94 0.28 80.28 1.37
CA LYS G 94 -0.81 81.11 1.87
C LYS G 94 -2.07 80.29 2.14
N GLY G 95 -2.24 79.18 1.43
CA GLY G 95 -3.40 78.34 1.62
C GLY G 95 -4.43 78.48 0.52
N ASP G 96 -4.47 77.51 -0.39
CA ASP G 96 -5.40 77.51 -1.51
C ASP G 96 -5.74 76.07 -1.86
N PRO G 97 -6.93 75.83 -2.44
CA PRO G 97 -7.30 74.46 -2.79
C PRO G 97 -6.60 73.97 -4.06
N ALA G 98 -6.37 74.89 -5.00
CA ALA G 98 -5.70 74.54 -6.25
C ALA G 98 -4.19 74.45 -6.12
N GLY G 99 -3.62 74.97 -5.02
CA GLY G 99 -2.17 74.90 -4.85
C GLY G 99 -1.68 73.53 -4.46
N ARG G 100 -2.46 72.79 -3.67
CA ARG G 100 -2.06 71.47 -3.23
C ARG G 100 -2.29 70.41 -4.30
N LYS G 101 -3.22 70.63 -5.23
CA LYS G 101 -3.50 69.64 -6.26
C LYS G 101 -2.46 69.68 -7.38
N ARG G 102 -2.09 70.89 -7.83
CA ARG G 102 -1.13 71.00 -8.92
C ARG G 102 0.30 70.70 -8.48
N MET G 103 0.62 70.95 -7.21
CA MET G 103 1.97 70.70 -6.73
C MET G 103 2.22 69.23 -6.43
N ILE G 104 1.20 68.51 -5.96
CA ILE G 104 1.38 67.10 -5.63
C ILE G 104 1.30 66.24 -6.88
N GLU G 105 0.51 66.64 -7.87
CA GLU G 105 0.38 65.84 -9.09
C GLU G 105 1.57 65.99 -10.03
N SER G 106 2.30 67.11 -9.94
CA SER G 106 3.45 67.32 -10.83
C SER G 106 4.67 66.53 -10.40
N ASN G 107 4.74 66.10 -9.13
CA ASN G 107 5.88 65.37 -8.62
C ASN G 107 5.59 63.88 -8.45
N LEU G 108 4.60 63.36 -9.16
CA LEU G 108 4.27 61.94 -9.06
C LEU G 108 5.27 61.05 -9.79
N ARG G 109 6.02 61.61 -10.75
CA ARG G 109 7.01 60.85 -11.49
C ARG G 109 8.31 60.65 -10.72
N LEU G 110 8.43 61.21 -9.51
CA LEU G 110 9.63 61.09 -8.70
C LEU G 110 9.56 59.94 -7.70
N VAL G 111 8.38 59.71 -7.10
CA VAL G 111 8.26 58.68 -6.09
C VAL G 111 8.27 57.28 -6.71
N VAL G 112 8.02 57.16 -8.01
CA VAL G 112 8.02 55.85 -8.65
C VAL G 112 9.45 55.33 -8.79
N LYS G 113 10.41 56.22 -9.01
CA LYS G 113 11.80 55.80 -9.13
C LYS G 113 12.46 55.57 -7.78
N ILE G 114 12.01 56.29 -6.74
CA ILE G 114 12.60 56.11 -5.42
C ILE G 114 12.08 54.83 -4.76
N ALA G 115 10.79 54.54 -4.93
CA ALA G 115 10.23 53.33 -4.34
C ALA G 115 10.71 52.07 -5.05
N ARG G 116 11.05 52.17 -6.34
CA ARG G 116 11.57 51.04 -7.08
C ARG G 116 13.03 50.73 -6.74
N ARG G 117 13.73 51.63 -6.04
CA ARG G 117 15.11 51.38 -5.68
C ARG G 117 15.21 50.36 -4.55
N TYR G 118 14.20 50.28 -3.69
CA TYR G 118 14.19 49.34 -2.57
C TYR G 118 13.47 48.05 -2.98
N VAL G 119 14.06 47.35 -3.94
CA VAL G 119 13.51 46.10 -4.44
C VAL G 119 13.96 44.96 -3.54
N ASN G 120 13.24 43.83 -3.63
CA ASN G 120 13.54 42.63 -2.86
C ASN G 120 13.54 42.92 -1.35
N ARG G 121 12.51 43.62 -0.91
CA ARG G 121 12.34 43.98 0.50
C ARG G 121 11.05 43.36 1.03
N GLY G 122 10.71 43.71 2.28
CA GLY G 122 9.51 43.17 2.89
C GLY G 122 8.23 43.66 2.25
N LEU G 123 8.23 44.91 1.77
CA LEU G 123 7.05 45.48 1.15
C LEU G 123 7.03 45.17 -0.35
N SER G 124 5.82 45.20 -0.91
CA SER G 124 5.63 44.90 -2.33
C SER G 124 5.88 46.17 -3.16
N LEU G 125 5.54 46.11 -4.45
CA LEU G 125 5.76 47.26 -5.32
C LEU G 125 4.73 48.36 -5.04
N LEU G 126 3.46 47.97 -4.92
CA LEU G 126 2.40 48.94 -4.64
C LEU G 126 2.46 49.46 -3.21
N ASP G 127 3.08 48.72 -2.29
CA ASP G 127 3.17 49.17 -0.90
C ASP G 127 4.21 50.25 -0.72
N LEU G 128 5.27 50.25 -1.55
CA LEU G 128 6.31 51.25 -1.42
C LEU G 128 5.95 52.55 -2.12
N ILE G 129 5.24 52.47 -3.25
CA ILE G 129 4.87 53.68 -3.97
C ILE G 129 3.78 54.43 -3.24
N GLU G 130 2.80 53.71 -2.68
CA GLU G 130 1.70 54.36 -1.98
C GLU G 130 2.18 54.99 -0.68
N GLU G 131 3.08 54.32 0.05
CA GLU G 131 3.59 54.88 1.29
C GLU G 131 4.48 56.09 1.02
N GLY G 132 5.19 56.10 -0.10
CA GLY G 132 6.01 57.24 -0.45
C GLY G 132 5.23 58.47 -0.85
N ASN G 133 3.95 58.30 -1.20
CA ASN G 133 3.12 59.45 -1.54
C ASN G 133 2.70 60.25 -0.31
N LEU G 134 2.64 59.60 0.85
CA LEU G 134 2.31 60.32 2.08
C LEU G 134 3.40 61.30 2.47
N GLY G 135 4.67 60.97 2.17
CA GLY G 135 5.76 61.89 2.46
C GLY G 135 5.78 63.09 1.53
N LEU G 136 5.26 62.97 0.32
CA LEU G 136 5.21 64.09 -0.60
C LEU G 136 4.13 65.11 -0.20
N ILE G 137 3.02 64.64 0.37
CA ILE G 137 1.99 65.56 0.82
C ILE G 137 2.45 66.35 2.04
N ARG G 138 3.22 65.70 2.92
CA ARG G 138 3.76 66.39 4.08
C ARG G 138 4.93 67.30 3.73
N ALA G 139 5.64 67.01 2.64
CA ALA G 139 6.77 67.84 2.26
C ALA G 139 6.32 69.19 1.71
N VAL G 140 5.26 69.20 0.91
CA VAL G 140 4.76 70.44 0.34
C VAL G 140 4.02 71.30 1.36
N GLU G 141 3.68 70.74 2.52
CA GLU G 141 3.02 71.50 3.58
C GLU G 141 4.01 72.12 4.56
N LYS G 142 5.25 71.65 4.59
CA LYS G 142 6.27 72.17 5.49
C LYS G 142 7.45 72.78 4.73
N PHE G 143 7.31 73.00 3.43
CA PHE G 143 8.40 73.58 2.65
C PHE G 143 8.53 75.07 2.93
N ASP G 144 9.76 75.55 2.94
CA ASP G 144 10.05 76.96 3.21
C ASP G 144 10.53 77.63 1.93
N PRO G 145 9.67 78.34 1.20
CA PRO G 145 10.12 79.00 -0.03
C PRO G 145 11.08 80.15 0.21
N GLU G 146 11.06 80.76 1.39
CA GLU G 146 11.96 81.87 1.69
C GLU G 146 13.37 81.42 2.04
N ARG G 147 13.56 80.13 2.34
CA ARG G 147 14.89 79.63 2.66
C ARG G 147 15.78 79.43 1.44
N GLY G 148 15.19 79.37 0.24
CA GLY G 148 15.95 79.18 -0.97
C GLY G 148 16.25 77.74 -1.33
N PHE G 149 15.68 76.78 -0.60
CA PHE G 149 15.94 75.38 -0.89
C PHE G 149 15.12 74.93 -2.10
N ARG G 150 15.62 73.89 -2.77
CA ARG G 150 14.94 73.35 -3.94
C ARG G 150 13.72 72.54 -3.52
N PHE G 151 12.64 72.68 -4.30
CA PHE G 151 11.42 71.94 -3.99
C PHE G 151 11.60 70.45 -4.20
N SER G 152 12.44 70.05 -5.17
CA SER G 152 12.69 68.63 -5.40
C SER G 152 13.67 68.06 -4.39
N THR G 153 14.62 68.86 -3.92
CA THR G 153 15.59 68.38 -2.94
C THR G 153 14.98 68.30 -1.54
N TYR G 154 14.03 69.19 -1.22
CA TYR G 154 13.40 69.15 0.09
C TYR G 154 12.43 67.97 0.21
N ALA G 155 11.78 67.59 -0.89
CA ALA G 155 10.86 66.46 -0.88
C ALA G 155 11.58 65.11 -0.96
N THR G 156 12.88 65.10 -1.29
CA THR G 156 13.61 63.85 -1.37
C THR G 156 13.86 63.27 0.02
N TRP G 157 14.12 64.13 1.01
CA TRP G 157 14.35 63.65 2.37
C TRP G 157 13.07 63.13 2.99
N TRP G 158 11.93 63.72 2.66
CA TRP G 158 10.66 63.25 3.20
C TRP G 158 10.19 61.96 2.52
N ILE G 159 10.56 61.75 1.26
CA ILE G 159 10.17 60.52 0.57
C ILE G 159 11.02 59.35 1.06
N ARG G 160 12.29 59.59 1.40
CA ARG G 160 13.15 58.53 1.89
C ARG G 160 12.89 58.23 3.36
N GLN G 161 12.39 59.21 4.11
CA GLN G 161 12.12 58.98 5.54
C GLN G 161 10.90 58.09 5.74
N THR G 162 9.85 58.31 4.95
CA THR G 162 8.64 57.51 5.10
C THR G 162 8.81 56.07 4.61
N ILE G 163 9.77 55.84 3.72
CA ILE G 163 10.00 54.48 3.22
C ILE G 163 10.66 53.63 4.29
N GLU G 164 11.69 54.17 4.96
CA GLU G 164 12.40 53.42 5.97
C GLU G 164 11.55 53.15 7.21
N ARG G 165 10.53 53.98 7.47
CA ARG G 165 9.67 53.77 8.62
C ARG G 165 8.71 52.61 8.40
N ALA G 166 8.22 52.44 7.18
CA ALA G 166 7.30 51.35 6.89
C ALA G 166 7.99 49.99 6.87
N ILE G 167 9.29 49.95 6.60
CA ILE G 167 10.00 48.67 6.57
C ILE G 167 10.23 48.15 7.99
N MET G 168 10.54 49.04 8.93
CA MET G 168 10.81 48.66 10.30
C MET G 168 9.55 48.53 11.14
N ASN G 169 8.37 48.66 10.54
CA ASN G 169 7.11 48.58 11.28
C ASN G 169 6.06 47.70 10.62
N GLN G 170 6.23 47.31 9.36
CA GLN G 170 5.25 46.49 8.66
C GLN G 170 5.80 45.21 8.06
N THR G 171 7.13 45.03 8.03
CA THR G 171 7.69 43.82 7.45
C THR G 171 7.55 42.64 8.40
N ARG G 172 8.02 42.78 9.64
CA ARG G 172 7.95 41.71 10.61
C ARG G 172 6.55 41.62 11.21
N THR G 173 6.18 40.42 11.66
CA THR G 173 4.88 40.20 12.26
C THR G 173 4.78 40.78 13.67
N ILE G 174 5.89 41.15 14.28
CA ILE G 174 5.92 41.75 15.62
C ILE G 174 6.52 43.14 15.49
N ARG G 175 5.72 44.16 15.80
CA ARG G 175 6.18 45.54 15.68
C ARG G 175 7.21 45.84 16.75
N LEU G 176 8.39 46.31 16.31
CA LEU G 176 9.46 46.66 17.23
C LEU G 176 9.54 48.17 17.40
N PRO G 177 9.88 48.65 18.60
CA PRO G 177 10.04 50.09 18.79
C PRO G 177 11.16 50.67 17.94
N ILE G 178 11.13 51.98 17.78
CA ILE G 178 12.10 52.65 16.91
C ILE G 178 13.46 52.76 17.59
N HIS G 179 13.47 52.99 18.91
CA HIS G 179 14.73 53.18 19.62
C HIS G 179 15.54 51.89 19.77
N VAL G 180 14.95 50.74 19.45
CA VAL G 180 15.68 49.48 19.51
C VAL G 180 15.87 48.84 18.14
N VAL G 181 15.09 49.23 17.14
CA VAL G 181 15.24 48.66 15.80
C VAL G 181 16.45 49.25 15.07
N LYS G 182 16.91 50.44 15.47
CA LYS G 182 18.07 51.02 14.83
C LYS G 182 19.37 50.34 15.23
N GLU G 183 19.37 49.65 16.37
CA GLU G 183 20.58 48.93 16.79
C GLU G 183 20.78 47.66 15.97
N LEU G 184 19.70 47.10 15.43
CA LEU G 184 19.82 45.90 14.60
C LEU G 184 20.18 46.21 13.16
N ASN G 185 20.05 47.48 12.74
CA ASN G 185 20.42 47.83 11.38
C ASN G 185 21.94 47.84 11.19
N VAL G 186 22.67 48.32 12.21
CA VAL G 186 24.13 48.32 12.13
C VAL G 186 24.71 46.94 12.43
N TYR G 187 23.96 46.07 13.12
CA TYR G 187 24.45 44.72 13.38
C TYR G 187 24.37 43.85 12.14
N LEU G 188 23.34 44.03 11.31
CA LEU G 188 23.26 43.26 10.07
C LEU G 188 24.28 43.73 9.05
N ARG G 189 24.58 45.03 9.02
CA ARG G 189 25.59 45.53 8.09
C ARG G 189 27.00 45.13 8.53
N ALA G 190 27.23 45.05 9.84
CA ALA G 190 28.54 44.61 10.32
C ALA G 190 28.75 43.12 10.10
N ALA G 191 27.67 42.33 10.15
CA ALA G 191 27.77 40.91 9.89
C ALA G 191 27.88 40.59 8.40
N ARG G 192 27.46 41.51 7.53
CA ARG G 192 27.57 41.29 6.10
C ARG G 192 29.00 41.44 5.62
N GLU G 193 29.72 42.44 6.12
CA GLU G 193 31.11 42.63 5.73
C GLU G 193 32.00 41.55 6.35
N LEU G 194 31.71 41.15 7.58
CA LEU G 194 32.50 40.11 8.25
C LEU G 194 32.22 38.71 7.71
N THR G 195 31.18 38.55 6.89
CA THR G 195 30.89 37.23 6.32
C THR G 195 31.89 36.87 5.23
N HIS G 196 32.16 37.82 4.33
CA HIS G 196 33.11 37.60 3.24
C HIS G 196 34.55 37.92 3.64
N LYS G 197 34.77 38.61 4.75
CA LYS G 197 36.12 38.94 5.17
C LYS G 197 36.84 37.75 5.80
N LEU G 198 36.10 36.89 6.49
CA LEU G 198 36.69 35.72 7.14
C LEU G 198 36.49 34.44 6.34
N ASP G 199 35.66 34.45 5.30
CA ASP G 199 35.39 33.28 4.47
C ASP G 199 34.89 32.11 5.30
N HIS G 200 34.02 32.40 6.26
CA HIS G 200 33.46 31.38 7.14
C HIS G 200 32.07 31.82 7.57
N GLU G 201 31.45 31.00 8.42
CA GLU G 201 30.12 31.32 8.93
C GLU G 201 30.22 32.42 9.99
N PRO G 202 29.24 33.33 10.04
CA PRO G 202 29.28 34.39 11.05
C PRO G 202 28.99 33.88 12.44
N SER G 203 30.02 33.82 13.28
CA SER G 203 29.86 33.31 14.64
C SER G 203 29.29 34.40 15.55
N PRO G 204 28.57 34.01 16.61
CA PRO G 204 28.03 35.03 17.52
C PRO G 204 29.09 35.70 18.38
N GLU G 205 30.14 34.97 18.76
CA GLU G 205 31.21 35.55 19.56
C GLU G 205 32.26 36.27 18.72
N GLU G 206 32.26 36.07 17.40
CA GLU G 206 33.23 36.73 16.55
C GLU G 206 32.88 38.19 16.31
N ILE G 207 31.58 38.51 16.23
CA ILE G 207 31.18 39.90 16.02
C ILE G 207 31.35 40.71 17.30
N ALA G 208 31.33 40.05 18.45
CA ALA G 208 31.48 40.77 19.72
C ALA G 208 32.88 41.33 19.88
N ASN G 209 33.89 40.60 19.39
CA ASN G 209 35.27 41.07 19.49
C ASN G 209 35.58 42.14 18.46
N LEU G 210 34.93 42.10 17.29
CA LEU G 210 35.19 43.09 16.25
C LEU G 210 34.53 44.42 16.58
N LEU G 211 33.30 44.38 17.10
CA LEU G 211 32.56 45.60 17.42
C LEU G 211 32.79 46.08 18.85
N GLU G 212 33.68 45.43 19.59
CA GLU G 212 33.99 45.79 20.98
C GLU G 212 32.73 45.80 21.84
N LYS G 213 32.09 44.64 21.91
CA LYS G 213 30.87 44.45 22.67
C LYS G 213 30.96 43.18 23.49
N PRO G 214 30.31 43.14 24.65
CA PRO G 214 30.33 41.93 25.47
C PRO G 214 29.59 40.78 24.79
N VAL G 215 29.87 39.57 25.28
CA VAL G 215 29.24 38.38 24.69
C VAL G 215 27.78 38.29 25.10
N ALA G 216 27.43 38.78 26.27
CA ALA G 216 26.03 38.72 26.73
C ALA G 216 25.14 39.72 26.02
N GLU G 217 25.72 40.79 25.46
CA GLU G 217 24.92 41.79 24.75
C GLU G 217 24.65 41.36 23.31
N VAL G 218 25.63 40.78 22.64
CA VAL G 218 25.45 40.36 21.26
C VAL G 218 24.55 39.13 21.19
N LYS G 219 24.56 38.29 22.23
CA LYS G 219 23.74 37.09 22.22
C LYS G 219 22.25 37.42 22.23
N ARG G 220 21.87 38.48 22.96
CA ARG G 220 20.46 38.85 23.03
C ARG G 220 20.03 39.70 21.84
N MET G 221 20.92 40.56 21.33
CA MET G 221 20.55 41.42 20.21
C MET G 221 20.45 40.62 18.92
N LEU G 222 21.45 39.77 18.63
CA LEU G 222 21.39 38.94 17.44
C LEU G 222 20.32 37.87 17.54
N GLY G 223 19.97 37.46 18.76
CA GLY G 223 18.90 36.50 18.97
C GLY G 223 17.51 37.09 18.99
N LEU G 224 17.38 38.40 18.86
CA LEU G 224 16.06 39.02 18.86
C LEU G 224 15.33 38.77 17.56
N ASN G 225 16.06 38.74 16.44
CA ASN G 225 15.47 38.45 15.13
C ASN G 225 15.12 36.97 15.07
N GLU G 226 13.85 36.65 15.32
CA GLU G 226 13.44 35.25 15.36
C GLU G 226 13.24 34.66 13.96
N ARG G 227 12.85 35.48 12.99
CA ARG G 227 12.57 35.03 11.62
C ARG G 227 11.53 33.91 11.62
N VAL G 228 10.33 34.25 12.08
CA VAL G 228 9.26 33.27 12.20
C VAL G 228 8.82 32.80 10.82
N THR G 229 8.57 31.50 10.71
CA THR G 229 8.13 30.90 9.45
C THR G 229 6.66 30.52 9.54
N SER G 230 6.12 30.13 8.38
CA SER G 230 4.72 29.73 8.30
C SER G 230 4.51 28.38 8.97
N VAL G 231 3.24 28.07 9.23
CA VAL G 231 2.86 26.82 9.87
C VAL G 231 2.15 25.87 8.90
N ASP G 232 1.30 26.42 8.04
CA ASP G 232 0.58 25.58 7.08
C ASP G 232 1.49 24.97 6.02
N VAL G 233 2.66 25.57 5.78
CA VAL G 233 3.59 25.04 4.80
C VAL G 233 4.25 23.78 5.38
N SER G 234 4.08 22.65 4.69
CA SER G 234 4.64 21.39 5.14
C SER G 234 6.02 21.17 4.51
N LEU G 235 6.85 20.44 5.24
CA LEU G 235 8.21 20.14 4.79
C LEU G 235 8.26 18.76 4.15
N GLY G 236 9.14 18.62 3.15
CA GLY G 236 9.30 17.37 2.44
C GLY G 236 8.78 17.45 1.03
N PRO G 237 8.99 16.38 0.25
CA PRO G 237 8.51 16.37 -1.14
C PRO G 237 7.02 16.11 -1.24
N ASP G 238 6.49 15.30 -0.32
CA ASP G 238 5.07 14.96 -0.30
C ASP G 238 4.39 15.75 0.82
N SER G 239 3.29 16.42 0.47
CA SER G 239 2.53 17.22 1.43
C SER G 239 1.36 16.38 1.93
N ASP G 240 1.66 15.43 2.82
CA ASP G 240 0.65 14.56 3.38
C ASP G 240 0.00 15.15 4.63
N LYS G 241 0.75 15.91 5.43
CA LYS G 241 0.22 16.52 6.63
C LYS G 241 1.01 17.80 6.92
N THR G 242 0.30 18.82 7.37
CA THR G 242 0.91 20.10 7.70
C THR G 242 1.41 20.07 9.14
N LEU G 243 1.88 21.22 9.64
CA LEU G 243 2.35 21.32 11.00
C LEU G 243 1.24 21.52 12.01
N LEU G 244 0.00 21.72 11.56
CA LEU G 244 -1.11 21.90 12.48
C LEU G 244 -1.45 20.62 13.23
N ASP G 245 -1.20 19.47 12.62
CA ASP G 245 -1.51 18.17 13.22
C ASP G 245 -0.34 17.58 13.99
N THR G 246 0.74 18.33 14.17
CA THR G 246 1.91 17.85 14.89
C THR G 246 2.16 18.61 16.19
N LEU G 247 1.39 19.66 16.47
CA LEU G 247 1.57 20.45 17.67
C LEU G 247 0.66 19.94 18.80
N THR G 248 1.07 20.25 20.03
CA THR G 248 0.33 19.85 21.21
C THR G 248 0.23 21.03 22.17
N ASP G 249 -0.69 20.91 23.12
CA ASP G 249 -0.92 21.96 24.10
C ASP G 249 -0.01 21.77 25.31
N ASP G 250 0.19 22.87 26.05
CA ASP G 250 1.04 22.83 27.25
C ASP G 250 0.24 22.55 28.51
N ARG G 251 -1.04 22.89 28.53
CA ARG G 251 -1.89 22.65 29.69
C ARG G 251 -2.40 21.22 29.68
N PRO G 252 -3.13 20.82 30.71
CA PRO G 252 -3.66 19.43 30.76
C PRO G 252 -4.86 19.27 29.84
N THR G 253 -4.65 18.54 28.75
CA THR G 253 -5.72 18.29 27.78
C THR G 253 -6.26 16.87 27.79
N ASP G 254 -5.55 15.94 28.42
CA ASP G 254 -6.02 14.57 28.47
C ASP G 254 -7.17 14.42 29.46
N PRO G 255 -8.15 13.57 29.17
CA PRO G 255 -9.27 13.39 30.11
C PRO G 255 -8.86 12.77 31.44
N CYS G 256 -7.75 12.04 31.48
CA CYS G 256 -7.30 11.43 32.73
C CYS G 256 -6.68 12.47 33.66
N GLU G 257 -5.94 13.44 33.11
CA GLU G 257 -5.32 14.45 33.93
C GLU G 257 -6.35 15.45 34.46
N LEU G 258 -7.41 15.71 33.69
CA LEU G 258 -8.44 16.63 34.14
C LEU G 258 -9.33 16.02 35.22
N LEU G 259 -9.37 14.69 35.32
CA LEU G 259 -10.20 14.04 36.33
C LEU G 259 -9.46 13.87 37.66
N GLN G 260 -8.13 13.80 37.64
CA GLN G 260 -7.38 13.65 38.88
C GLN G 260 -7.40 14.94 39.69
N ASP G 261 -7.35 16.09 39.03
CA ASP G 261 -7.40 17.36 39.74
C ASP G 261 -8.79 17.64 40.29
N ASP G 262 -9.83 17.14 39.63
CA ASP G 262 -11.19 17.34 40.13
C ASP G 262 -11.53 16.39 41.26
N ASP G 263 -11.08 15.13 41.16
CA ASP G 263 -11.35 14.16 42.21
C ASP G 263 -10.55 14.46 43.48
N LEU G 264 -9.34 14.99 43.34
CA LEU G 264 -8.54 15.32 44.51
C LEU G 264 -9.06 16.56 45.22
N SER G 265 -9.62 17.51 44.47
CA SER G 265 -10.18 18.71 45.09
C SER G 265 -11.44 18.38 45.88
N GLU G 266 -12.24 17.44 45.38
CA GLU G 266 -13.44 17.03 46.11
C GLU G 266 -13.13 16.17 47.32
N SER G 267 -11.92 15.61 47.40
CA SER G 267 -11.54 14.80 48.55
C SER G 267 -10.79 15.59 49.60
N ILE G 268 -10.08 16.65 49.20
CA ILE G 268 -9.36 17.46 50.18
C ILE G 268 -10.35 18.24 51.05
N ASP G 269 -11.34 18.88 50.41
CA ASP G 269 -12.35 19.61 51.17
C ASP G 269 -13.22 18.67 51.99
N GLN G 270 -13.41 17.43 51.52
CA GLN G 270 -14.20 16.46 52.28
C GLN G 270 -13.42 15.91 53.47
N TRP G 271 -12.10 15.75 53.34
CA TRP G 271 -11.30 15.23 54.45
C TRP G 271 -11.15 16.27 55.56
N LEU G 272 -11.21 17.57 55.21
CA LEU G 272 -11.09 18.60 56.23
C LEU G 272 -12.35 18.72 57.07
N THR G 273 -13.52 18.48 56.47
CA THR G 273 -14.77 18.56 57.22
C THR G 273 -14.98 17.37 58.13
N GLU G 274 -14.31 16.25 57.86
CA GLU G 274 -14.44 15.04 58.67
C GLU G 274 -13.26 14.83 59.59
N LEU G 275 -12.22 15.66 59.50
CA LEU G 275 -11.05 15.49 60.36
C LEU G 275 -11.34 15.97 61.78
N THR G 276 -11.69 17.24 61.94
CA THR G 276 -12.01 17.80 63.24
C THR G 276 -12.92 19.00 63.03
N ASP G 277 -13.28 19.66 64.14
CA ASP G 277 -14.13 20.84 64.12
C ASP G 277 -13.36 22.12 64.38
N LYS G 278 -12.60 22.18 65.47
CA LYS G 278 -11.82 23.38 65.78
C LYS G 278 -10.59 23.49 64.89
N GLN G 279 -9.98 22.37 64.52
CA GLN G 279 -8.80 22.39 63.66
C GLN G 279 -9.14 22.58 62.19
N ARG G 280 -10.40 22.41 61.80
CA ARG G 280 -10.77 22.58 60.40
C ARG G 280 -10.82 24.05 59.99
N GLU G 281 -11.25 24.92 60.90
CA GLU G 281 -11.32 26.35 60.60
C GLU G 281 -9.97 27.02 60.62
N VAL G 282 -8.95 26.38 61.20
CA VAL G 282 -7.61 26.97 61.22
C VAL G 282 -6.89 26.72 59.90
N VAL G 283 -7.03 25.51 59.34
CA VAL G 283 -6.40 25.20 58.08
C VAL G 283 -7.10 25.92 56.93
N ILE G 284 -8.41 26.16 57.06
CA ILE G 284 -9.13 26.88 56.03
C ILE G 284 -8.80 28.36 56.07
N ARG G 285 -8.44 28.89 57.24
CA ARG G 285 -8.07 30.29 57.34
C ARG G 285 -6.66 30.53 56.83
N ARG G 286 -5.76 29.59 57.03
CA ARG G 286 -4.39 29.74 56.55
C ARG G 286 -4.31 29.53 55.04
N PHE G 287 -5.03 28.55 54.52
CA PHE G 287 -5.07 28.24 53.10
C PHE G 287 -6.52 28.26 52.64
N GLY G 288 -6.83 29.13 51.67
CA GLY G 288 -8.19 29.27 51.19
C GLY G 288 -8.62 28.17 50.25
N LEU G 289 -8.79 26.96 50.80
CA LEU G 289 -9.23 25.82 49.99
C LEU G 289 -10.74 25.79 49.78
N ARG G 290 -11.50 26.44 50.65
CA ARG G 290 -12.96 26.50 50.54
C ARG G 290 -13.44 27.78 49.87
N GLY G 291 -12.57 28.48 49.15
CA GLY G 291 -12.92 29.71 48.48
C GLY G 291 -12.51 30.98 49.20
N HIS G 292 -11.94 30.86 50.40
CA HIS G 292 -11.51 32.03 51.16
C HIS G 292 -10.19 32.57 50.60
N GLU G 293 -9.87 33.80 51.01
CA GLU G 293 -8.64 34.45 50.59
C GLU G 293 -7.49 34.07 51.53
N SER G 294 -6.29 34.00 50.96
CA SER G 294 -5.12 33.66 51.75
C SER G 294 -4.69 34.85 52.62
N SER G 295 -4.26 34.54 53.84
CA SER G 295 -3.84 35.55 54.79
C SER G 295 -2.57 35.11 55.49
N THR G 296 -1.84 36.06 56.04
CA THR G 296 -0.60 35.78 56.73
C THR G 296 -0.89 35.33 58.17
N LEU G 297 0.17 35.02 58.91
CA LEU G 297 0.01 34.57 60.29
C LEU G 297 -0.40 35.71 61.21
N GLU G 298 0.10 36.93 60.96
CA GLU G 298 -0.26 38.08 61.78
C GLU G 298 -1.65 38.60 61.45
N GLU G 299 -2.09 38.46 60.19
CA GLU G 299 -3.42 38.93 59.83
C GLU G 299 -4.51 37.96 60.29
N VAL G 300 -4.22 36.66 60.25
CA VAL G 300 -5.21 35.68 60.70
C VAL G 300 -5.27 35.62 62.22
N GLY G 301 -4.14 35.85 62.90
CA GLY G 301 -4.12 35.80 64.35
C GLY G 301 -4.71 37.03 65.02
N GLN G 302 -4.85 38.13 64.28
CA GLN G 302 -5.39 39.36 64.86
C GLN G 302 -6.89 39.27 65.10
N GLU G 303 -7.59 38.40 64.36
CA GLU G 303 -9.04 38.24 64.52
C GLU G 303 -9.43 36.90 65.13
N ILE G 304 -8.49 35.96 65.28
CA ILE G 304 -8.77 34.66 65.87
C ILE G 304 -7.52 34.18 66.60
N GLY G 305 -7.67 33.85 67.88
CA GLY G 305 -6.58 33.41 68.70
C GLY G 305 -5.87 34.50 69.48
N LEU G 306 -5.83 35.72 68.92
CA LEU G 306 -5.20 36.87 69.56
C LEU G 306 -3.73 36.62 69.88
N THR G 307 -3.06 35.81 69.07
CA THR G 307 -1.66 35.50 69.27
C THR G 307 -1.06 35.04 67.96
N ARG G 308 0.28 35.08 67.90
CA ARG G 308 1.01 34.66 66.71
C ARG G 308 1.56 33.25 66.81
N GLU G 309 1.64 32.68 68.02
CA GLU G 309 2.14 31.33 68.21
C GLU G 309 1.05 30.32 68.48
N ARG G 310 -0.15 30.76 68.85
CA ARG G 310 -1.24 29.82 69.09
C ARG G 310 -1.80 29.27 67.79
N VAL G 311 -1.75 30.05 66.70
CA VAL G 311 -2.24 29.57 65.43
C VAL G 311 -1.26 28.63 64.74
N ARG G 312 0.01 28.64 65.15
CA ARG G 312 1.01 27.76 64.56
C ARG G 312 1.12 26.43 65.29
N GLN G 313 0.79 26.39 66.59
CA GLN G 313 0.85 25.14 67.34
C GLN G 313 -0.23 24.18 66.87
N ILE G 314 -1.42 24.69 66.55
CA ILE G 314 -2.49 23.83 66.06
C ILE G 314 -2.23 23.40 64.62
N GLN G 315 -1.46 24.19 63.88
CA GLN G 315 -1.17 23.86 62.49
C GLN G 315 -0.30 22.61 62.39
N VAL G 316 0.71 22.49 63.25
CA VAL G 316 1.58 21.32 63.22
C VAL G 316 0.85 20.09 63.74
N GLU G 317 -0.07 20.27 64.71
CA GLU G 317 -0.82 19.14 65.22
C GLU G 317 -1.79 18.60 64.18
N ALA G 318 -2.45 19.50 63.44
CA ALA G 318 -3.37 19.04 62.39
C ALA G 318 -2.62 18.53 61.18
N LEU G 319 -1.38 18.99 60.96
CA LEU G 319 -0.60 18.50 59.83
C LEU G 319 -0.14 17.07 60.06
N LYS G 320 0.20 16.72 61.30
CA LYS G 320 0.60 15.35 61.60
C LYS G 320 -0.59 14.40 61.56
N ARG G 321 -1.80 14.90 61.83
CA ARG G 321 -2.98 14.06 61.76
C ARG G 321 -3.35 13.73 60.31
N LEU G 322 -3.32 14.74 59.44
CA LEU G 322 -3.60 14.50 58.03
C LEU G 322 -2.49 13.68 57.36
N ARG G 323 -1.27 13.72 57.91
CA ARG G 323 -0.19 12.90 57.36
C ARG G 323 -0.47 11.41 57.57
N GLU G 324 -1.08 11.05 58.70
CA GLU G 324 -1.41 9.66 58.96
C GLU G 324 -2.66 9.20 58.21
N ILE G 325 -3.53 10.12 57.81
CA ILE G 325 -4.72 9.75 57.07
C ILE G 325 -4.36 9.33 55.64
N LEU G 326 -3.50 10.12 54.99
CA LEU G 326 -3.10 9.80 53.63
C LEU G 326 -2.23 8.55 53.55
N GLU G 327 -1.59 8.17 54.65
CA GLU G 327 -0.78 6.95 54.65
C GLU G 327 -1.63 5.70 54.72
N LYS G 328 -2.66 5.70 55.57
CA LYS G 328 -3.52 4.54 55.72
C LYS G 328 -4.61 4.47 54.65
N ASN G 329 -4.88 5.58 53.95
CA ASN G 329 -5.89 5.57 52.91
C ASN G 329 -5.40 4.90 51.64
N GLY G 330 -4.11 5.01 51.33
CA GLY G 330 -3.55 4.38 50.15
C GLY G 330 -3.02 5.38 49.14
N LEU G 331 -2.77 6.62 49.59
CA LEU G 331 -2.24 7.64 48.70
C LEU G 331 -0.78 7.38 48.35
N SER G 332 -0.02 6.82 49.28
CA SER G 332 1.39 6.47 49.07
C SER G 332 2.21 7.69 48.65
N SER G 333 2.27 8.66 49.57
CA SER G 333 3.04 9.87 49.32
C SER G 333 4.54 9.61 49.27
N ASP G 334 5.01 8.55 49.94
CA ASP G 334 6.42 8.21 49.91
C ASP G 334 6.87 7.73 48.54
N ALA G 335 5.95 7.23 47.71
CA ALA G 335 6.28 6.77 46.37
C ALA G 335 6.04 7.82 45.30
N LEU G 336 5.11 8.75 45.53
CA LEU G 336 4.84 9.79 44.54
C LEU G 336 5.96 10.83 44.53
N PHE G 337 6.23 11.43 45.69
CA PHE G 337 7.32 12.41 45.79
C PHE G 337 8.69 11.74 45.79
N GLN G 338 8.76 10.49 46.25
CA GLN G 338 10.02 9.73 46.31
C GLN G 338 11.09 10.47 47.10
#